data_9CQD
#
_entry.id   9CQD
#
_cell.length_a   74.654
_cell.length_b   184.339
_cell.length_c   161.236
_cell.angle_alpha   90.000
_cell.angle_beta   96.880
_cell.angle_gamma   90.000
#
_symmetry.space_group_name_H-M   'P 1 21 1'
#
loop_
_entity.id
_entity.type
_entity.pdbx_description
1 polymer 'Mature secreted glycoprotein G'
2 polymer 'Fab 2B11 Heavy Chain'
3 polymer 'Fab 2B11 Light Chain'
#
loop_
_entity_poly.entity_id
_entity_poly.type
_entity_poly.pdbx_seq_one_letter_code
_entity_poly.pdbx_strand_id
1 'polypeptide(L)' MGSKPNNDFHFEVFNFVPCSICSNNPTCWAICKRIPNKKPGKKHHHHHH M,N,S,T,U,V,j,A
2 'polypeptide(L)'
;QVQLVQSGAEVKKPGSSVKVPCKASGGTFSTYPISWVRQAPGQGLEWMGRIIPDPPMANIAQKFQGRVSFSADKSTTIVY
MELSSLRSEDTAVYFCAREILQSPPFAVDVWGQGTMVAVSSASTKGPSVFPLAPSSKSTSGGTAALGCLVKDYFPEPVTV
SWNSGALTSGVHTFPAVLQSSGLYSLSSVVTVPSSSLGTQTYICNVNHKPSNTKVDKKVEPKSCASLVPRGSGWSHPQFE
KGGGSGGGSGGGSWSHPQFEK
;
B,J,L,P,R,X,Z,H
3 'polypeptide(L)'
;QSALTQPASVSGSPGQSITISCTGSSSDVGGYSHVSWYQQHPGKVPKLIISEVSNRPSGISNRFSGSKSANTASLTISGL
QPEDEADYYCGSYASTNILHYVFGTGTKVTVLSRTVAAPSVFIFPPSDEQLKSGTASVVCLLNNFYPREAKVQWKVDNAL
QSGNSQESVTEQDSKDSTYSLSSTLTLSKADYEKHKVYACEVTHQGLSSPVTKSFNRGEC
;
F,G,I,K,O,Q,W,Y
#
# COMPACT_ATOMS: atom_id res chain seq x y z
N PHE A 9 7.57 -1.87 11.31
CA PHE A 9 8.65 -0.89 11.21
C PHE A 9 8.83 -0.41 9.78
N HIS A 10 9.21 0.85 9.62
CA HIS A 10 9.42 1.46 8.31
C HIS A 10 10.93 1.61 8.09
N PHE A 11 11.52 0.64 7.41
CA PHE A 11 12.94 0.65 7.13
C PHE A 11 13.31 1.82 6.24
N GLU A 12 14.54 2.31 6.40
CA GLU A 12 15.00 3.45 5.61
C GLU A 12 16.05 3.02 4.60
N VAL A 13 16.19 3.83 3.56
CA VAL A 13 17.15 3.60 2.49
C VAL A 13 18.43 4.36 2.81
N PHE A 14 19.55 3.66 2.87
CA PHE A 14 20.81 4.26 3.25
C PHE A 14 21.88 4.19 2.17
N ASN A 15 21.65 3.45 1.09
CA ASN A 15 22.56 3.40 -0.06
C ASN A 15 23.96 2.90 0.34
N PHE A 16 24.04 2.08 1.39
CA PHE A 16 25.28 1.42 1.75
C PHE A 16 24.94 0.06 2.38
N VAL A 17 25.96 -0.76 2.56
CA VAL A 17 25.82 -2.10 3.12
C VAL A 17 26.59 -2.13 4.44
N PRO A 18 26.00 -2.62 5.53
CA PRO A 18 26.76 -2.75 6.79
C PRO A 18 27.58 -4.04 6.82
N CYS A 19 28.75 -3.96 7.45
CA CYS A 19 29.65 -5.15 7.51
C CYS A 19 29.19 -6.08 8.65
N SER A 20 28.13 -5.71 9.39
CA SER A 20 27.62 -6.61 10.42
C SER A 20 26.88 -7.80 9.79
N ILE A 21 26.12 -7.55 8.73
CA ILE A 21 25.39 -8.62 8.03
C ILE A 21 26.25 -9.32 6.99
N CYS A 22 27.53 -8.97 6.86
CA CYS A 22 28.43 -9.46 5.83
C CYS A 22 29.39 -10.49 6.44
N SER A 23 29.15 -11.75 6.16
CA SER A 23 30.04 -12.82 6.60
C SER A 23 30.27 -13.76 5.43
N ASN A 24 31.51 -14.23 5.29
CA ASN A 24 31.98 -15.10 4.21
C ASN A 24 31.80 -14.47 2.83
N ASN A 25 31.26 -13.25 2.74
CA ASN A 25 31.08 -12.60 1.45
C ASN A 25 32.19 -11.58 1.24
N PRO A 26 33.03 -11.74 0.22
CA PRO A 26 34.17 -10.83 0.06
C PRO A 26 33.77 -9.49 -0.57
N THR A 27 32.76 -9.51 -1.45
CA THR A 27 32.30 -8.27 -2.08
C THR A 27 31.86 -7.24 -1.06
N CYS A 28 31.34 -7.70 0.02
CA CYS A 28 31.02 -6.83 1.14
C CYS A 28 32.22 -6.01 1.58
N TRP A 29 33.30 -6.68 1.95
CA TRP A 29 34.48 -5.96 2.41
C TRP A 29 35.03 -5.04 1.32
N ALA A 30 34.78 -5.38 0.06
CA ALA A 30 35.17 -4.47 -1.02
C ALA A 30 34.38 -3.18 -0.97
N ILE A 31 33.12 -3.25 -0.55
CA ILE A 31 32.26 -2.07 -0.45
C ILE A 31 31.40 -2.17 0.80
N CYS A 32 31.96 -1.79 1.95
CA CYS A 32 31.13 -1.76 3.19
C CYS A 32 31.51 -0.55 4.04
N LYS A 33 30.59 -0.08 4.87
CA LYS A 33 30.76 1.09 5.72
C LYS A 33 30.20 0.76 7.12
N ARG A 34 30.12 1.78 7.97
CA ARG A 34 29.55 1.65 9.31
C ARG A 34 29.31 3.05 9.87
N ILE A 35 28.44 3.13 10.88
CA ILE A 35 28.00 4.38 11.50
C ILE A 35 29.07 5.47 11.57
N ASP B 8 -12.04 75.29 35.81
CA ASP B 8 -11.13 74.29 35.32
C ASP B 8 -9.77 74.90 35.02
N PHE B 9 -8.71 74.18 35.38
CA PHE B 9 -7.36 74.60 35.05
C PHE B 9 -7.15 74.51 33.55
N HIS B 10 -6.44 75.50 33.01
CA HIS B 10 -6.07 75.53 31.60
C HIS B 10 -4.56 75.32 31.54
N PHE B 11 -4.18 74.25 30.83
CA PHE B 11 -2.74 73.92 30.70
C PHE B 11 -2.13 74.87 29.69
N GLU B 12 -0.94 75.38 29.97
CA GLU B 12 -0.34 76.37 29.10
C GLU B 12 0.33 75.64 27.94
N VAL B 13 0.16 76.18 26.74
CA VAL B 13 0.73 75.57 25.55
C VAL B 13 2.14 76.09 25.34
N PHE B 14 3.10 75.17 25.20
CA PHE B 14 4.50 75.53 25.02
C PHE B 14 5.01 74.81 23.76
N ASN B 15 6.17 75.25 23.26
CA ASN B 15 6.76 74.64 22.06
C ASN B 15 8.01 73.82 22.40
N PHE B 16 8.11 73.29 23.61
CA PHE B 16 9.22 72.44 23.99
C PHE B 16 8.78 71.37 24.98
N VAL B 17 9.63 70.36 25.17
CA VAL B 17 9.37 69.27 26.09
C VAL B 17 10.42 69.35 27.18
N PRO B 18 10.03 69.34 28.46
CA PRO B 18 11.02 69.49 29.54
C PRO B 18 11.87 68.26 29.77
N CYS B 19 13.08 68.46 30.27
CA CYS B 19 14.00 67.30 30.52
C CYS B 19 13.59 66.58 31.80
N SER B 20 12.94 67.28 32.73
CA SER B 20 12.63 66.66 34.00
C SER B 20 11.93 65.32 33.84
N ILE B 21 11.13 65.17 32.79
CA ILE B 21 10.45 63.90 32.58
C ILE B 21 10.65 63.41 31.15
N CYS B 22 11.88 63.52 30.64
CA CYS B 22 12.31 62.77 29.46
C CYS B 22 12.87 61.40 29.78
N SER B 23 12.66 60.89 31.00
CA SER B 23 13.39 59.70 31.43
C SER B 23 13.20 58.52 30.48
N ASN B 24 14.28 57.73 30.35
CA ASN B 24 14.35 56.52 29.53
C ASN B 24 14.28 56.71 28.02
N ASN B 25 13.88 57.88 27.52
CA ASN B 25 13.62 58.01 26.09
C ASN B 25 14.75 58.80 25.44
N PRO B 26 15.46 58.23 24.44
CA PRO B 26 16.59 58.97 23.85
C PRO B 26 16.14 60.12 22.98
N THR B 27 14.94 60.05 22.41
CA THR B 27 14.45 61.13 21.57
C THR B 27 14.13 62.36 22.41
N CYS B 28 13.56 62.13 23.58
CA CYS B 28 13.16 63.25 24.43
C CYS B 28 14.38 63.99 24.98
N TRP B 29 15.40 63.26 25.45
CA TRP B 29 16.59 63.92 26.02
C TRP B 29 17.27 64.86 25.04
N ALA B 30 17.35 64.48 23.78
CA ALA B 30 17.99 65.32 22.79
C ALA B 30 17.23 66.62 22.60
N ILE B 31 15.90 66.53 22.44
CA ILE B 31 15.07 67.74 22.11
C ILE B 31 14.57 68.47 23.37
N CYS B 32 15.15 68.14 24.53
CA CYS B 32 14.65 68.73 25.79
C CYS B 32 15.56 69.84 26.33
N LYS B 33 14.99 70.81 27.04
CA LYS B 33 15.73 71.89 27.68
C LYS B 33 15.18 72.10 29.08
N ARG B 34 16.06 72.04 30.08
CA ARG B 34 15.61 72.18 31.46
C ARG B 34 14.85 73.49 31.62
N ILE B 35 13.69 73.40 32.27
CA ILE B 35 12.78 74.53 32.46
C ILE B 35 13.50 75.60 33.28
N PRO B 36 13.52 76.87 32.85
CA PRO B 36 14.30 77.88 33.57
C PRO B 36 13.89 78.00 35.04
N ASN B 37 14.89 78.05 35.91
CA ASN B 37 14.69 78.16 37.35
C ASN B 37 15.39 79.42 37.85
N LYS B 38 14.86 79.98 38.93
CA LYS B 38 15.44 81.18 39.53
C LYS B 38 16.79 80.87 40.19
N PHE C 9 1.16 56.99 -46.22
CA PHE C 9 2.11 57.82 -45.48
C PHE C 9 3.18 56.96 -44.83
N HIS C 10 4.43 57.43 -44.87
CA HIS C 10 5.55 56.75 -44.24
C HIS C 10 6.09 57.63 -43.12
N PHE C 11 6.17 57.06 -41.92
CA PHE C 11 6.67 57.81 -40.77
C PHE C 11 8.19 57.76 -40.74
N GLU C 12 8.81 58.93 -40.59
CA GLU C 12 10.28 59.02 -40.56
C GLU C 12 10.80 58.85 -39.14
N VAL C 13 11.95 58.19 -39.02
CA VAL C 13 12.62 57.99 -37.74
C VAL C 13 13.49 59.21 -37.47
N PHE C 14 13.36 59.75 -36.25
CA PHE C 14 14.02 61.00 -35.89
C PHE C 14 14.98 60.85 -34.72
N ASN C 15 14.95 59.72 -34.03
CA ASN C 15 15.86 59.41 -32.92
C ASN C 15 15.78 60.43 -31.80
N PHE C 16 14.62 61.07 -31.64
CA PHE C 16 14.36 61.91 -30.48
C PHE C 16 12.88 61.78 -30.16
N VAL C 17 12.50 62.21 -28.97
CA VAL C 17 11.11 62.11 -28.52
C VAL C 17 10.58 63.53 -28.36
N PRO C 18 9.45 63.86 -28.97
CA PRO C 18 8.92 65.23 -28.88
C PRO C 18 8.31 65.51 -27.52
N CYS C 19 8.42 66.76 -27.07
CA CYS C 19 7.92 67.06 -25.69
C CYS C 19 6.39 67.21 -25.72
N SER C 20 5.77 67.55 -26.86
CA SER C 20 4.31 67.64 -26.85
C SER C 20 3.68 66.32 -26.42
N ILE C 21 4.32 65.19 -26.71
CA ILE C 21 3.72 63.92 -26.36
C ILE C 21 4.07 63.47 -24.95
N CYS C 22 4.81 64.28 -24.17
CA CYS C 22 5.29 63.81 -22.89
C CYS C 22 4.18 63.77 -21.85
N SER C 23 3.30 64.76 -21.92
CA SER C 23 2.28 64.98 -20.89
C SER C 23 2.86 64.73 -19.50
N ASN C 24 2.19 63.87 -18.74
CA ASN C 24 2.60 63.60 -17.37
C ASN C 24 3.92 62.87 -17.25
N ASN C 25 4.44 62.25 -18.30
CA ASN C 25 5.58 61.36 -18.13
C ASN C 25 6.85 62.16 -17.82
N PRO C 26 7.48 61.94 -16.66
CA PRO C 26 8.64 62.76 -16.28
C PRO C 26 9.93 62.35 -16.95
N THR C 27 10.04 61.07 -17.33
CA THR C 27 11.25 60.64 -18.00
C THR C 27 11.32 61.25 -19.39
N CYS C 28 10.16 61.42 -20.01
CA CYS C 28 10.06 62.07 -21.30
C CYS C 28 10.53 63.52 -21.21
N TRP C 29 10.15 64.21 -20.13
CA TRP C 29 10.60 65.57 -19.90
C TRP C 29 12.12 65.63 -19.77
N ALA C 30 12.72 64.64 -19.11
CA ALA C 30 14.17 64.65 -18.91
C ALA C 30 14.90 64.60 -20.24
N ILE C 31 14.41 63.74 -21.13
CA ILE C 31 15.04 63.62 -22.48
C ILE C 31 14.01 63.80 -23.61
N CYS C 32 13.54 65.03 -23.87
CA CYS C 32 12.67 65.28 -25.05
C CYS C 32 13.08 66.61 -25.70
N LYS C 33 13.28 66.62 -27.01
CA LYS C 33 13.77 67.84 -27.70
C LYS C 33 12.61 68.62 -28.33
N ARG C 34 12.61 69.95 -28.20
CA ARG C 34 11.58 70.79 -28.79
C ARG C 34 11.72 70.88 -30.30
N ILE C 35 10.60 70.75 -30.98
CA ILE C 35 10.58 70.78 -32.45
C ILE C 35 11.13 72.12 -32.96
N PRO C 36 12.03 72.10 -33.95
CA PRO C 36 12.69 73.34 -34.40
C PRO C 36 11.73 74.44 -34.81
N ASN C 37 10.69 74.13 -35.58
CA ASN C 37 9.71 75.12 -36.04
C ASN C 37 10.48 76.15 -36.88
N LYS C 38 10.18 77.44 -36.76
CA LYS C 38 10.83 78.47 -37.55
C LYS C 38 10.47 79.86 -37.02
N PHE D 9 -30.29 -6.05 28.26
CA PHE D 9 -29.55 -5.02 28.96
C PHE D 9 -30.12 -3.65 28.57
N HIS D 10 -30.31 -2.77 29.56
CA HIS D 10 -30.82 -1.42 29.32
C HIS D 10 -29.76 -0.41 29.75
N PHE D 11 -29.39 0.48 28.83
CA PHE D 11 -28.40 1.53 29.09
C PHE D 11 -29.09 2.72 29.74
N GLU D 12 -28.48 3.24 30.80
CA GLU D 12 -29.06 4.33 31.58
C GLU D 12 -28.66 5.69 31.03
N VAL D 13 -29.56 6.65 31.11
CA VAL D 13 -29.26 8.03 30.73
C VAL D 13 -28.61 8.71 31.91
N PHE D 14 -27.46 9.34 31.69
CA PHE D 14 -26.70 9.89 32.81
C PHE D 14 -26.44 11.39 32.70
N ASN D 15 -26.70 12.02 31.55
CA ASN D 15 -26.53 13.45 31.36
C ASN D 15 -25.12 13.93 31.62
N PHE D 16 -24.13 13.05 31.49
CA PHE D 16 -22.73 13.45 31.56
C PHE D 16 -21.93 12.53 30.67
N VAL D 17 -20.70 12.94 30.35
CA VAL D 17 -19.83 12.12 29.45
C VAL D 17 -18.63 11.59 30.24
N PRO D 18 -18.37 10.27 30.23
CA PRO D 18 -17.22 9.71 30.94
C PRO D 18 -15.90 10.23 30.34
N CYS D 19 -14.91 10.47 31.24
CA CYS D 19 -13.56 11.00 30.88
C CYS D 19 -12.75 9.97 30.06
N SER D 20 -12.95 8.74 30.37
CA SER D 20 -12.12 7.67 29.74
C SER D 20 -12.40 7.61 28.23
N ILE D 21 -13.65 7.77 27.82
CA ILE D 21 -14.02 7.75 26.37
C ILE D 21 -13.38 8.95 25.65
N CYS D 22 -13.03 10.02 26.36
CA CYS D 22 -12.55 11.25 25.67
C CYS D 22 -11.31 10.97 24.82
N SER D 23 -10.34 10.21 25.35
CA SER D 23 -9.18 9.84 24.51
C SER D 23 -8.53 11.09 23.92
N ASN D 24 -8.32 11.12 22.60
CA ASN D 24 -7.61 12.27 21.95
C ASN D 24 -8.57 13.45 21.76
N ASN D 25 -9.87 13.24 21.95
CA ASN D 25 -10.84 14.30 21.69
C ASN D 25 -10.80 15.36 22.79
N PRO D 26 -10.50 16.63 22.47
CA PRO D 26 -10.41 17.68 23.50
C PRO D 26 -11.72 18.28 23.97
N THR D 27 -12.76 18.26 23.12
CA THR D 27 -14.03 18.84 23.55
C THR D 27 -14.63 18.00 24.67
N CYS D 28 -14.37 16.70 24.63
CA CYS D 28 -14.77 15.82 25.70
C CYS D 28 -14.05 16.19 26.99
N TRP D 29 -12.76 16.52 26.90
CA TRP D 29 -12.01 16.94 28.08
C TRP D 29 -12.60 18.21 28.69
N ALA D 30 -13.02 19.16 27.84
CA ALA D 30 -13.53 20.42 28.35
C ALA D 30 -14.77 20.22 29.21
N ILE D 31 -15.77 19.54 28.67
CA ILE D 31 -16.97 19.20 29.42
C ILE D 31 -16.84 17.74 29.81
N CYS D 32 -16.30 17.50 31.02
CA CYS D 32 -15.91 16.13 31.46
C CYS D 32 -16.24 15.89 32.94
N LYS D 33 -16.88 14.77 33.29
CA LYS D 33 -17.11 14.42 34.68
C LYS D 33 -16.56 13.03 34.93
N ARG D 34 -15.54 12.94 35.78
CA ARG D 34 -14.98 11.65 36.11
C ARG D 34 -16.02 10.76 36.77
N ILE D 35 -16.10 9.50 36.36
CA ILE D 35 -17.08 8.56 36.95
C ILE D 35 -16.86 8.48 38.44
N PRO D 36 -17.91 8.66 39.26
CA PRO D 36 -17.71 8.67 40.71
C PRO D 36 -17.08 7.38 41.21
N ASN D 37 -16.31 7.50 42.30
CA ASN D 37 -15.61 6.40 42.94
C ASN D 37 -16.13 6.23 44.36
N LYS D 38 -15.83 5.07 44.95
CA LYS D 38 -16.36 4.76 46.29
C LYS D 38 -15.23 4.28 47.21
N PHE E 9 -2.26 -48.55 28.20
CA PHE E 9 -3.04 -49.51 27.44
C PHE E 9 -4.52 -49.10 27.30
N HIS E 10 -5.07 -49.30 26.10
CA HIS E 10 -6.42 -48.89 25.76
C HIS E 10 -7.30 -50.07 25.41
N PHE E 11 -8.47 -50.16 26.06
CA PHE E 11 -9.49 -51.15 25.72
C PHE E 11 -10.38 -50.62 24.60
N GLU E 12 -10.67 -51.49 23.62
CA GLU E 12 -11.43 -51.11 22.44
C GLU E 12 -12.94 -51.28 22.63
N VAL E 13 -13.71 -50.34 22.07
CA VAL E 13 -15.17 -50.37 22.10
C VAL E 13 -15.71 -51.15 20.91
N PHE E 14 -16.60 -52.12 21.17
CA PHE E 14 -17.08 -53.00 20.11
C PHE E 14 -18.58 -53.10 19.90
N ASN E 15 -19.41 -52.48 20.73
CA ASN E 15 -20.87 -52.49 20.55
C ASN E 15 -21.44 -53.90 20.41
N PHE E 16 -20.76 -54.92 20.96
CA PHE E 16 -21.34 -56.25 21.01
C PHE E 16 -20.83 -56.92 22.28
N VAL E 17 -21.46 -58.03 22.64
CA VAL E 17 -21.08 -58.76 23.89
C VAL E 17 -20.57 -60.15 23.52
N PRO E 18 -19.32 -60.51 23.87
CA PRO E 18 -18.75 -61.81 23.51
C PRO E 18 -19.48 -62.99 24.17
N CYS E 19 -19.53 -64.11 23.43
CA CYS E 19 -20.26 -65.34 23.83
C CYS E 19 -19.56 -66.08 24.98
N SER E 20 -18.24 -65.88 25.13
CA SER E 20 -17.47 -66.57 26.20
C SER E 20 -17.82 -65.99 27.57
N ILE E 21 -17.98 -64.68 27.67
CA ILE E 21 -18.34 -64.01 28.97
C ILE E 21 -19.76 -64.44 29.40
N CYS E 22 -20.61 -64.89 28.47
CA CYS E 22 -22.02 -65.17 28.82
C CYS E 22 -22.13 -66.23 29.92
N SER E 23 -21.37 -67.32 29.83
CA SER E 23 -21.41 -68.32 30.94
C SER E 23 -22.87 -68.75 31.14
N ASN E 24 -23.38 -68.66 32.36
CA ASN E 24 -24.77 -69.10 32.66
C ASN E 24 -25.78 -67.98 32.37
N ASN E 25 -25.31 -66.77 32.05
CA ASN E 25 -26.22 -65.65 31.84
C ASN E 25 -27.03 -65.86 30.57
N PRO E 26 -28.37 -65.97 30.68
CA PRO E 26 -29.19 -66.29 29.50
C PRO E 26 -29.44 -65.11 28.59
N THR E 27 -29.46 -63.90 29.16
CA THR E 27 -29.71 -62.73 28.32
C THR E 27 -28.51 -62.50 27.41
N CYS E 28 -27.32 -62.81 27.90
CA CYS E 28 -26.11 -62.69 27.11
C CYS E 28 -26.17 -63.64 25.92
N TRP E 29 -26.68 -64.87 26.15
CA TRP E 29 -26.85 -65.81 25.04
C TRP E 29 -27.82 -65.27 24.01
N ALA E 30 -28.90 -64.63 24.48
CA ALA E 30 -29.91 -64.08 23.55
C ALA E 30 -29.23 -63.13 22.58
N ILE E 31 -28.22 -62.38 23.05
CA ILE E 31 -27.57 -61.35 22.18
C ILE E 31 -26.05 -61.42 22.33
N CYS E 32 -25.45 -62.57 21.98
CA CYS E 32 -23.96 -62.64 22.01
C CYS E 32 -23.44 -63.02 20.62
N LYS E 33 -22.64 -62.14 20.00
CA LYS E 33 -22.04 -62.47 18.68
C LYS E 33 -20.67 -63.11 18.92
N ARG E 34 -20.56 -64.43 18.72
CA ARG E 34 -19.29 -65.14 19.05
C ARG E 34 -18.08 -64.37 18.52
N ILE E 35 -17.10 -64.13 19.41
CA ILE E 35 -15.86 -63.41 19.00
C ILE E 35 -15.42 -63.94 17.63
N PRO E 36 -15.35 -63.08 16.59
CA PRO E 36 -15.04 -63.53 15.22
C PRO E 36 -13.75 -64.33 15.17
N ASN E 37 -13.89 -65.60 14.84
CA ASN E 37 -12.75 -66.48 14.72
C ASN E 37 -11.97 -66.19 13.44
N LYS E 38 -10.99 -67.04 13.15
CA LYS E 38 -10.18 -66.92 11.95
C LYS E 38 -10.37 -68.14 11.05
N PHE F 9 39.80 -69.49 48.17
CA PHE F 9 40.41 -68.40 48.91
C PHE F 9 39.82 -67.04 48.53
N HIS F 10 39.59 -66.20 49.52
CA HIS F 10 39.07 -64.87 49.35
C HIS F 10 40.11 -63.84 49.78
N PHE F 11 40.40 -62.89 48.89
CA PHE F 11 41.35 -61.83 49.23
C PHE F 11 40.62 -60.74 49.99
N GLU F 12 41.19 -60.32 51.11
CA GLU F 12 40.56 -59.34 51.99
C GLU F 12 40.91 -57.92 51.56
N VAL F 13 39.94 -57.02 51.69
CA VAL F 13 40.15 -55.60 51.40
C VAL F 13 40.70 -54.94 52.66
N PHE F 14 41.80 -54.20 52.53
CA PHE F 14 42.48 -53.63 53.68
C PHE F 14 42.65 -52.13 53.66
N ASN F 15 42.25 -51.44 52.59
CA ASN F 15 42.32 -49.98 52.51
C ASN F 15 43.74 -49.43 52.75
N PHE F 16 44.77 -50.24 52.49
CA PHE F 16 46.14 -49.74 52.54
C PHE F 16 46.96 -50.50 51.52
N VAL F 17 48.13 -49.96 51.21
CA VAL F 17 49.05 -50.58 50.25
C VAL F 17 50.30 -50.99 51.01
N PRO F 18 50.71 -52.26 50.95
CA PRO F 18 51.90 -52.69 51.68
C PRO F 18 53.17 -52.17 51.04
N CYS F 19 54.19 -51.96 51.88
CA CYS F 19 55.44 -51.37 51.40
C CYS F 19 56.30 -52.40 50.68
N SER F 20 56.14 -53.68 51.01
CA SER F 20 56.92 -54.74 50.37
C SER F 20 56.64 -54.84 48.88
N ILE F 21 55.42 -54.52 48.45
CA ILE F 21 55.09 -54.63 47.03
C ILE F 21 55.43 -53.35 46.28
N CYS F 22 56.05 -52.36 46.92
CA CYS F 22 56.29 -51.08 46.27
C CYS F 22 57.45 -51.19 45.30
N SER F 23 58.46 -51.95 45.68
CA SER F 23 59.73 -51.98 44.97
C SER F 23 60.10 -50.57 44.55
N ASN F 24 60.39 -50.44 43.26
CA ASN F 24 60.85 -49.20 42.66
C ASN F 24 59.85 -48.06 42.73
N ASN F 25 58.59 -48.34 42.98
CA ASN F 25 57.57 -47.31 42.80
C ASN F 25 57.63 -46.28 43.92
N PRO F 26 57.89 -45.01 43.60
CA PRO F 26 58.01 -43.98 44.65
C PRO F 26 56.66 -43.53 45.20
N THR F 27 55.62 -43.62 44.39
CA THR F 27 54.30 -43.21 44.86
C THR F 27 53.82 -44.18 45.92
N CYS F 28 54.17 -45.44 45.75
CA CYS F 28 53.82 -46.44 46.73
C CYS F 28 54.52 -46.16 48.07
N TRP F 29 55.80 -45.74 48.01
CA TRP F 29 56.52 -45.36 49.23
C TRP F 29 55.86 -44.18 49.93
N ALA F 30 55.39 -43.19 49.16
CA ALA F 30 54.81 -42.00 49.77
C ALA F 30 53.59 -42.34 50.61
N ILE F 31 52.63 -43.05 50.02
CA ILE F 31 51.45 -43.51 50.73
C ILE F 31 51.66 -44.97 51.07
N CYS F 32 52.42 -45.26 52.16
CA CYS F 32 52.74 -46.69 52.46
C CYS F 32 52.73 -47.00 53.97
N LYS F 33 52.02 -48.07 54.37
CA LYS F 33 51.86 -48.53 55.74
C LYS F 33 52.50 -49.91 55.81
N ARG F 34 53.56 -50.03 56.59
CA ARG F 34 54.25 -51.30 56.71
C ARG F 34 53.31 -52.33 57.28
N ILE F 35 53.29 -53.52 56.69
CA ILE F 35 52.38 -54.54 57.21
C ILE F 35 52.71 -54.80 58.66
N PRO F 36 51.73 -54.73 59.57
CA PRO F 36 52.03 -54.91 61.01
C PRO F 36 52.71 -56.23 61.31
N ASN F 37 52.34 -57.28 60.60
CA ASN F 37 52.86 -58.64 60.70
C ASN F 37 54.27 -58.78 61.26
N ASN G 7 49.17 7.57 11.77
CA ASN G 7 47.94 7.17 11.09
C ASN G 7 47.00 8.34 10.90
N ASP G 8 46.59 8.56 9.65
CA ASP G 8 45.57 9.55 9.32
C ASP G 8 44.23 8.82 9.17
N PHE G 9 43.29 9.14 10.05
CA PHE G 9 41.97 8.52 9.98
C PHE G 9 41.27 8.95 8.68
N HIS G 10 40.58 8.01 8.05
CA HIS G 10 39.80 8.31 6.85
C HIS G 10 38.33 8.21 7.19
N PHE G 11 37.59 9.30 6.94
CA PHE G 11 36.17 9.35 7.18
C PHE G 11 35.42 8.76 5.99
N GLU G 12 34.43 7.91 6.28
CA GLU G 12 33.71 7.27 5.20
C GLU G 12 32.63 8.21 4.68
N VAL G 13 32.41 8.17 3.37
CA VAL G 13 31.43 9.03 2.72
C VAL G 13 30.06 8.36 2.76
N PHE G 14 29.07 9.11 3.22
CA PHE G 14 27.70 8.62 3.34
C PHE G 14 26.75 9.55 2.59
N ASN G 15 25.70 8.97 2.04
CA ASN G 15 24.67 9.70 1.30
C ASN G 15 23.55 10.20 2.19
N PHE G 16 23.82 10.34 3.48
CA PHE G 16 22.86 10.88 4.43
C PHE G 16 23.60 11.64 5.53
N VAL G 17 22.83 12.39 6.33
CA VAL G 17 23.41 13.18 7.45
C VAL G 17 22.87 12.60 8.77
N PRO G 18 23.73 12.33 9.78
CA PRO G 18 23.28 11.73 11.03
C PRO G 18 22.41 12.72 11.81
N CYS G 19 21.59 12.21 12.75
CA CYS G 19 20.66 13.09 13.49
C CYS G 19 21.30 13.61 14.77
N SER G 20 22.39 12.98 15.21
CA SER G 20 23.10 13.44 16.43
C SER G 20 23.70 14.83 16.16
N ILE G 21 24.19 15.07 14.93
CA ILE G 21 24.82 16.34 14.64
C ILE G 21 23.82 17.38 14.19
N CYS G 22 22.55 16.98 14.12
CA CYS G 22 21.52 17.87 13.57
C CYS G 22 21.11 18.93 14.56
N SER G 23 21.11 18.60 15.85
CA SER G 23 20.64 19.48 16.92
C SER G 23 19.35 20.20 16.55
N ASN G 24 19.29 21.51 16.73
CA ASN G 24 18.05 22.26 16.52
C ASN G 24 17.79 22.69 15.09
N ASN G 25 18.59 22.27 14.11
CA ASN G 25 18.38 22.79 12.76
C ASN G 25 17.10 22.23 12.19
N PRO G 26 16.14 23.06 11.79
CA PRO G 26 14.83 22.51 11.42
C PRO G 26 14.84 21.83 10.06
N THR G 27 15.72 22.23 9.15
CA THR G 27 15.78 21.64 7.82
C THR G 27 16.40 20.24 7.83
N CYS G 28 17.45 20.05 8.63
CA CYS G 28 18.16 18.78 8.66
C CYS G 28 17.27 17.64 9.15
N TRP G 29 16.39 17.92 10.12
CA TRP G 29 15.48 16.89 10.64
C TRP G 29 14.67 16.22 9.53
N ALA G 30 14.26 17.00 8.53
CA ALA G 30 13.44 16.47 7.45
C ALA G 30 14.15 15.35 6.69
N ILE G 31 15.42 15.57 6.33
CA ILE G 31 16.17 14.59 5.54
C ILE G 31 16.99 13.58 6.33
N CYS G 32 16.96 13.70 7.67
CA CYS G 32 17.84 12.84 8.53
C CYS G 32 17.19 11.49 8.88
N LYS G 33 17.92 10.39 8.64
CA LYS G 33 17.46 9.04 8.94
C LYS G 33 18.50 8.46 9.88
N ARG G 34 18.07 8.07 11.08
CA ARG G 34 18.99 7.54 12.07
C ARG G 34 19.61 6.22 11.62
N ILE G 35 20.94 6.10 11.79
CA ILE G 35 21.62 4.86 11.42
C ILE G 35 21.10 3.72 12.27
N PRO G 36 20.70 2.60 11.68
CA PRO G 36 20.09 1.51 12.46
C PRO G 36 21.03 0.98 13.52
N ASN G 37 20.62 1.13 14.77
CA ASN G 37 21.37 0.62 15.92
C ASN G 37 20.95 -0.82 16.25
N LYS G 38 20.95 -1.68 15.23
CA LYS G 38 20.59 -3.09 15.38
C LYS G 38 19.24 -3.28 16.05
N PHE H 9 10.49 -79.21 -28.76
CA PHE H 9 9.06 -79.40 -28.90
C PHE H 9 8.56 -78.91 -30.27
N HIS H 10 7.66 -79.67 -30.88
CA HIS H 10 7.07 -79.31 -32.15
C HIS H 10 5.57 -79.07 -31.95
N PHE H 11 5.11 -77.90 -32.35
CA PHE H 11 3.70 -77.56 -32.20
C PHE H 11 2.91 -78.12 -33.37
N GLU H 12 1.80 -78.81 -33.06
CA GLU H 12 0.96 -79.41 -34.08
C GLU H 12 -0.12 -78.44 -34.55
N VAL H 13 -0.42 -78.49 -35.85
CA VAL H 13 -1.45 -77.67 -36.44
C VAL H 13 -2.80 -78.38 -36.28
N PHE H 14 -3.79 -77.65 -35.80
CA PHE H 14 -5.08 -78.22 -35.45
C PHE H 14 -6.23 -77.63 -36.24
N ASN H 15 -5.99 -76.53 -36.96
CA ASN H 15 -6.99 -75.88 -37.82
C ASN H 15 -8.23 -75.46 -37.03
N PHE H 16 -8.09 -75.18 -35.75
CA PHE H 16 -9.16 -74.57 -34.98
C PHE H 16 -8.49 -73.66 -33.95
N VAL H 17 -9.29 -72.79 -33.35
CA VAL H 17 -8.77 -71.83 -32.37
C VAL H 17 -9.40 -72.17 -31.02
N PRO H 18 -8.61 -72.35 -29.97
CA PRO H 18 -9.16 -72.73 -28.66
C PRO H 18 -9.85 -71.55 -28.00
N CYS H 19 -10.91 -71.84 -27.23
CA CYS H 19 -11.67 -70.70 -26.63
C CYS H 19 -10.93 -70.19 -25.39
N SER H 20 -10.09 -70.99 -24.72
CA SER H 20 -9.38 -70.44 -23.58
C SER H 20 -8.55 -69.22 -23.97
N ILE H 21 -8.06 -69.17 -25.21
CA ILE H 21 -7.23 -68.04 -25.59
C ILE H 21 -8.04 -66.86 -26.12
N CYS H 22 -9.38 -66.94 -26.11
CA CYS H 22 -10.17 -65.90 -26.77
C CYS H 22 -10.21 -64.64 -25.93
N SER H 23 -10.26 -64.80 -24.61
CA SER H 23 -10.49 -63.69 -23.69
C SER H 23 -11.52 -62.73 -24.26
N ASN H 24 -11.15 -61.46 -24.32
CA ASN H 24 -12.06 -60.41 -24.76
C ASN H 24 -12.43 -60.50 -26.23
N ASN H 25 -11.68 -61.23 -27.05
CA ASN H 25 -11.89 -61.13 -28.49
C ASN H 25 -13.21 -61.78 -28.90
N PRO H 26 -14.14 -61.02 -29.49
CA PRO H 26 -15.47 -61.58 -29.80
C PRO H 26 -15.50 -62.44 -31.05
N THR H 27 -14.59 -62.16 -32.00
CA THR H 27 -14.56 -62.98 -33.21
C THR H 27 -14.08 -64.37 -32.88
N CYS H 28 -13.18 -64.46 -31.91
CA CYS H 28 -12.69 -65.75 -31.44
C CYS H 28 -13.82 -66.55 -30.82
N TRP H 29 -14.69 -65.89 -30.05
CA TRP H 29 -15.86 -66.55 -29.48
C TRP H 29 -16.79 -67.09 -30.57
N ALA H 30 -16.94 -66.33 -31.66
CA ALA H 30 -17.85 -66.76 -32.72
C ALA H 30 -17.38 -68.07 -33.34
N ILE H 31 -16.07 -68.17 -33.55
CA ILE H 31 -15.52 -69.45 -34.09
C ILE H 31 -14.35 -69.98 -33.26
N CYS H 32 -14.63 -70.58 -32.09
CA CYS H 32 -13.56 -71.26 -31.30
C CYS H 32 -14.13 -72.56 -30.74
N LYS H 33 -13.44 -73.69 -30.95
CA LYS H 33 -13.98 -75.01 -30.52
C LYS H 33 -13.42 -75.39 -29.15
N ARG H 34 -14.27 -75.93 -28.27
CA ARG H 34 -13.82 -76.38 -26.96
C ARG H 34 -13.00 -77.66 -27.04
N ILE H 35 -11.79 -77.60 -26.53
CA ILE H 35 -10.91 -78.78 -26.70
C ILE H 35 -11.52 -79.91 -25.89
N PRO H 36 -11.77 -81.08 -26.50
CA PRO H 36 -12.40 -82.18 -25.79
C PRO H 36 -11.74 -82.42 -24.43
N ASN H 37 -12.55 -82.45 -23.37
CA ASN H 37 -12.01 -82.78 -22.02
C ASN H 37 -12.48 -84.19 -21.66
N LYS H 38 -11.59 -85.17 -21.84
CA LYS H 38 -11.90 -86.58 -21.49
C LYS H 38 -12.45 -86.66 -20.07
N LYS H 39 -13.28 -87.67 -19.81
CA LYS H 39 -13.85 -87.84 -18.45
C LYS H 39 -12.89 -87.27 -17.40
N VAL I 2 -17.00 -2.82 8.48
CA VAL I 2 -17.99 -2.42 9.46
C VAL I 2 -19.19 -1.76 8.78
N GLN I 3 -20.38 -2.33 9.00
CA GLN I 3 -21.61 -1.80 8.42
C GLN I 3 -22.75 -2.02 9.41
N LEU I 4 -23.69 -1.09 9.43
CA LEU I 4 -24.83 -1.11 10.34
C LEU I 4 -26.10 -1.50 9.60
N VAL I 5 -26.88 -2.39 10.20
CA VAL I 5 -28.10 -2.93 9.61
C VAL I 5 -29.30 -2.45 10.42
N GLN I 6 -30.29 -1.90 9.74
CA GLN I 6 -31.53 -1.48 10.36
C GLN I 6 -32.71 -2.19 9.73
N SER I 7 -33.82 -2.26 10.47
CA SER I 7 -35.01 -2.94 9.98
C SER I 7 -35.77 -2.05 8.99
N GLY I 8 -36.83 -2.63 8.40
CA GLY I 8 -37.63 -1.92 7.44
C GLY I 8 -38.61 -0.96 8.10
N ALA I 9 -39.27 -0.15 7.26
CA ALA I 9 -40.21 0.83 7.76
C ALA I 9 -41.31 0.17 8.57
N GLU I 10 -41.76 0.87 9.62
CA GLU I 10 -42.76 0.33 10.55
C GLU I 10 -43.79 1.41 10.82
N VAL I 11 -45.03 1.19 10.39
CA VAL I 11 -46.14 2.08 10.70
C VAL I 11 -46.69 1.72 12.07
N LYS I 12 -46.85 2.72 12.92
CA LYS I 12 -47.27 2.51 14.30
C LYS I 12 -48.51 3.35 14.61
N LYS I 13 -49.28 2.86 15.57
CA LYS I 13 -50.50 3.50 16.04
C LYS I 13 -50.15 4.60 17.04
N PRO I 14 -50.87 5.72 17.01
CA PRO I 14 -50.57 6.80 17.98
C PRO I 14 -50.70 6.31 19.42
N GLY I 15 -49.65 6.57 20.21
CA GLY I 15 -49.57 6.14 21.58
C GLY I 15 -48.84 4.84 21.84
N SER I 16 -48.31 4.21 20.79
CA SER I 16 -47.64 2.91 20.94
C SER I 16 -46.14 3.14 21.19
N SER I 17 -45.34 2.11 20.94
CA SER I 17 -43.90 2.19 21.12
C SER I 17 -43.22 1.30 20.08
N VAL I 18 -42.17 1.83 19.47
CA VAL I 18 -41.40 1.13 18.45
C VAL I 18 -39.96 1.02 18.94
N LYS I 19 -39.35 -0.15 18.75
CA LYS I 19 -37.97 -0.42 19.15
C LYS I 19 -37.14 -0.70 17.90
N VAL I 20 -36.56 0.36 17.32
CA VAL I 20 -35.78 0.20 16.09
C VAL I 20 -34.46 -0.49 16.41
N PRO I 21 -34.08 -1.53 15.66
CA PRO I 21 -32.84 -2.25 15.97
C PRO I 21 -31.66 -1.78 15.13
N CYS I 22 -30.45 -2.11 15.58
CA CYS I 22 -29.23 -1.77 14.87
C CYS I 22 -28.21 -2.89 15.09
N LYS I 23 -27.82 -3.56 14.02
CA LYS I 23 -26.89 -4.67 14.08
C LYS I 23 -25.54 -4.27 13.51
N ALA I 24 -24.46 -4.78 14.11
CA ALA I 24 -23.10 -4.47 13.67
C ALA I 24 -22.61 -5.63 12.81
N SER I 25 -22.73 -5.48 11.50
CA SER I 25 -22.18 -6.45 10.57
C SER I 25 -20.70 -6.15 10.37
N GLY I 26 -19.84 -6.99 10.93
CA GLY I 26 -18.41 -6.75 10.93
C GLY I 26 -17.92 -5.93 12.10
N GLY I 27 -18.81 -5.18 12.76
CA GLY I 27 -18.44 -4.46 13.96
C GLY I 27 -18.66 -5.27 15.23
N THR I 28 -18.16 -4.73 16.34
CA THR I 28 -18.25 -5.40 17.62
C THR I 28 -19.12 -4.66 18.64
N PHE I 29 -19.44 -3.39 18.39
CA PHE I 29 -20.20 -2.56 19.33
C PHE I 29 -19.57 -2.59 20.71
N SER I 30 -18.26 -2.39 20.76
CA SER I 30 -17.52 -2.46 22.01
C SER I 30 -16.45 -1.38 22.17
N THR I 31 -16.31 -0.45 21.23
CA THR I 31 -15.30 0.58 21.34
C THR I 31 -15.87 1.96 21.03
N TYR I 32 -16.42 2.13 19.83
CA TYR I 32 -16.90 3.44 19.38
C TYR I 32 -18.36 3.63 19.73
N PRO I 33 -18.77 4.78 20.26
CA PRO I 33 -20.18 5.00 20.57
C PRO I 33 -21.04 4.95 19.32
N ILE I 34 -22.29 4.56 19.50
CA ILE I 34 -23.26 4.46 18.41
C ILE I 34 -24.28 5.56 18.62
N SER I 35 -24.20 6.61 17.81
CA SER I 35 -25.15 7.71 17.90
C SER I 35 -26.40 7.42 17.10
N TRP I 36 -27.51 8.02 17.52
CA TRP I 36 -28.81 7.89 16.88
C TRP I 36 -29.26 9.25 16.40
N VAL I 37 -29.52 9.38 15.10
CA VAL I 37 -29.95 10.62 14.46
C VAL I 37 -31.33 10.42 13.85
N ARG I 38 -32.22 11.38 14.08
CA ARG I 38 -33.59 11.36 13.58
C ARG I 38 -33.76 12.36 12.45
N GLN I 39 -34.38 11.93 11.36
CA GLN I 39 -34.65 12.84 10.24
C GLN I 39 -36.03 12.50 9.68
N ALA I 40 -36.96 13.44 9.82
CA ALA I 40 -38.29 13.33 9.25
C ALA I 40 -38.28 13.72 7.76
N PRO I 41 -39.28 13.27 7.01
CA PRO I 41 -39.32 13.61 5.58
C PRO I 41 -39.29 15.10 5.29
N GLY I 42 -39.95 15.93 6.09
CA GLY I 42 -39.83 17.36 5.88
C GLY I 42 -39.01 18.05 6.94
N GLN I 43 -37.90 17.44 7.33
CA GLN I 43 -36.98 18.01 8.31
C GLN I 43 -35.55 17.65 7.95
N GLY I 44 -34.62 18.28 8.67
CA GLY I 44 -33.20 17.99 8.57
C GLY I 44 -32.74 17.00 9.63
N LEU I 45 -31.48 16.59 9.50
CA LEU I 45 -30.87 15.67 10.46
C LEU I 45 -30.88 16.27 11.86
N GLU I 46 -31.16 15.42 12.85
CA GLU I 46 -31.26 15.83 14.25
C GLU I 46 -30.64 14.74 15.11
N TRP I 47 -29.53 15.06 15.77
CA TRP I 47 -28.88 14.11 16.69
C TRP I 47 -29.79 13.86 17.90
N MET I 48 -30.13 12.59 18.15
CA MET I 48 -30.96 12.21 19.30
C MET I 48 -30.11 11.92 20.53
N GLY I 49 -29.09 11.08 20.38
CA GLY I 49 -28.28 10.71 21.52
C GLY I 49 -27.24 9.69 21.11
N ARG I 50 -26.62 9.05 22.10
CA ARG I 50 -25.53 8.07 21.81
C ARG I 50 -25.42 7.03 22.91
N ILE I 51 -25.03 5.80 22.55
CA ILE I 51 -24.93 4.70 23.55
C ILE I 51 -23.47 4.23 23.59
N ILE I 52 -22.73 4.66 24.61
CA ILE I 52 -21.30 4.25 24.74
C ILE I 52 -21.28 2.74 24.99
N PRO I 53 -20.63 1.94 24.12
CA PRO I 53 -20.67 0.47 24.25
C PRO I 53 -19.87 -0.09 25.43
N ASP I 54 -18.69 0.45 25.69
CA ASP I 54 -17.81 -0.11 26.76
C ASP I 54 -18.56 -0.12 28.10
N PRO I 55 -19.11 1.01 28.61
CA PRO I 55 -19.88 1.02 29.85
C PRO I 55 -21.41 1.03 29.60
N PRO I 56 -22.26 0.99 30.64
CA PRO I 56 -23.70 1.10 30.46
C PRO I 56 -24.09 2.57 30.25
N MET I 57 -23.08 3.46 30.18
CA MET I 57 -23.33 4.92 30.01
C MET I 57 -24.14 5.16 28.74
N ALA I 58 -25.15 6.05 28.81
CA ALA I 58 -25.94 6.42 27.62
C ALA I 58 -26.28 7.90 27.69
N ASN I 59 -26.27 8.60 26.55
CA ASN I 59 -26.56 10.05 26.51
C ASN I 59 -27.76 10.29 25.60
N ILE I 60 -28.79 10.97 26.09
CA ILE I 60 -30.02 11.26 25.28
C ILE I 60 -30.39 12.74 25.45
N ALA I 61 -30.74 13.41 24.35
CA ALA I 61 -31.11 14.84 24.41
C ALA I 61 -32.47 14.99 25.11
N GLN I 62 -32.70 16.11 25.78
CA GLN I 62 -33.97 16.32 26.54
C GLN I 62 -35.15 16.31 25.56
N LYS I 63 -35.03 17.01 24.43
CA LYS I 63 -36.10 17.03 23.41
C LYS I 63 -36.54 15.58 23.15
N PHE I 64 -35.68 14.61 23.49
CA PHE I 64 -35.98 13.19 23.24
C PHE I 64 -36.05 12.41 24.55
N GLN I 65 -35.68 13.04 25.67
CA GLN I 65 -35.64 12.32 26.97
C GLN I 65 -37.06 11.98 27.44
N GLY I 66 -37.18 11.01 28.36
CA GLY I 66 -38.46 10.58 28.86
C GLY I 66 -39.13 9.53 28.01
N ARG I 67 -38.77 9.42 26.75
CA ARG I 67 -39.35 8.42 25.86
C ARG I 67 -38.32 7.49 25.24
N VAL I 68 -37.12 7.96 24.94
CA VAL I 68 -36.11 7.14 24.31
C VAL I 68 -35.44 6.26 25.35
N SER I 69 -35.28 4.97 25.04
CA SER I 69 -34.56 4.04 25.90
C SER I 69 -33.57 3.27 25.05
N PHE I 70 -32.31 3.24 25.48
CA PHE I 70 -31.23 2.62 24.73
C PHE I 70 -30.99 1.23 25.32
N SER I 71 -31.72 0.24 24.81
CA SER I 71 -31.48 -1.14 25.16
C SER I 71 -30.53 -1.79 24.16
N ALA I 72 -29.97 -2.94 24.54
CA ALA I 72 -29.05 -3.63 23.65
C ALA I 72 -28.85 -5.08 24.12
N ASP I 73 -29.00 -6.02 23.20
CA ASP I 73 -28.68 -7.42 23.47
C ASP I 73 -27.18 -7.62 23.30
N LYS I 74 -26.48 -7.90 24.40
CA LYS I 74 -25.02 -8.08 24.35
C LYS I 74 -24.64 -9.23 23.42
N SER I 75 -25.36 -10.34 23.50
CA SER I 75 -25.17 -11.42 22.52
C SER I 75 -25.56 -10.91 21.14
N THR I 76 -24.73 -11.22 20.15
CA THR I 76 -24.82 -10.78 18.75
C THR I 76 -24.66 -9.27 18.61
N THR I 77 -24.40 -8.53 19.70
CA THR I 77 -24.19 -7.08 19.69
C THR I 77 -25.19 -6.34 18.80
N ILE I 78 -26.46 -6.38 19.18
CA ILE I 78 -27.52 -5.65 18.50
C ILE I 78 -28.10 -4.64 19.47
N VAL I 79 -28.01 -3.36 19.14
CA VAL I 79 -28.52 -2.28 19.98
C VAL I 79 -29.90 -1.89 19.49
N TYR I 80 -30.80 -1.59 20.43
CA TYR I 80 -32.17 -1.22 20.13
C TYR I 80 -32.48 0.13 20.76
N MET I 81 -33.17 0.99 20.02
CA MET I 81 -33.65 2.26 20.55
C MET I 81 -35.18 2.22 20.51
N GLU I 82 -35.80 2.40 21.68
CA GLU I 82 -37.24 2.35 21.79
C GLU I 82 -37.78 3.73 22.11
N LEU I 83 -38.57 4.28 21.20
CA LEU I 83 -39.25 5.56 21.41
C LEU I 83 -40.65 5.27 21.94
N SER I 84 -40.87 5.56 23.21
CA SER I 84 -42.13 5.27 23.88
C SER I 84 -43.10 6.43 23.72
N SER I 85 -44.38 6.15 24.00
CA SER I 85 -45.46 7.13 23.93
C SER I 85 -45.45 7.85 22.58
N LEU I 86 -45.61 7.07 21.52
CA LEU I 86 -45.50 7.61 20.17
C LEU I 86 -46.58 8.67 19.92
N ARG I 87 -46.23 9.68 19.14
CA ARG I 87 -47.14 10.75 18.78
C ARG I 87 -46.92 11.12 17.32
N SER I 88 -47.89 11.83 16.75
CA SER I 88 -47.85 12.19 15.33
C SER I 88 -46.56 12.92 14.99
N GLU I 89 -46.08 13.79 15.87
CA GLU I 89 -44.84 14.53 15.62
C GLU I 89 -43.66 13.58 15.46
N ASP I 90 -43.72 12.42 16.12
CA ASP I 90 -42.61 11.48 16.12
C ASP I 90 -42.33 10.89 14.75
N THR I 91 -43.27 10.99 13.80
CA THR I 91 -43.09 10.41 12.47
C THR I 91 -41.81 10.89 11.81
N ALA I 92 -40.86 9.98 11.60
CA ALA I 92 -39.55 10.32 11.05
C ALA I 92 -38.80 9.03 10.73
N VAL I 93 -37.65 9.20 10.09
CA VAL I 93 -36.70 8.11 9.83
C VAL I 93 -35.61 8.15 10.88
N TYR I 94 -35.28 6.99 11.45
CA TYR I 94 -34.30 6.91 12.53
C TYR I 94 -33.07 6.16 12.07
N PHE I 95 -31.90 6.78 12.23
CA PHE I 95 -30.63 6.23 11.81
C PHE I 95 -29.75 5.92 13.00
N CYS I 96 -29.05 4.79 12.94
CA CYS I 96 -27.98 4.50 13.88
C CYS I 96 -26.65 4.60 13.14
N ALA I 97 -25.69 5.30 13.73
CA ALA I 97 -24.41 5.54 13.10
C ALA I 97 -23.29 5.36 14.11
N ARG I 98 -22.12 4.98 13.59
CA ARG I 98 -20.94 4.76 14.42
C ARG I 98 -20.25 6.11 14.67
N GLU I 99 -20.33 6.58 15.91
CA GLU I 99 -19.68 7.82 16.30
C GLU I 99 -18.22 7.56 16.67
N ILE I 100 -17.32 8.31 16.03
CA ILE I 100 -15.90 8.25 16.35
C ILE I 100 -15.59 9.42 17.27
N LEU I 101 -16.09 9.35 18.49
CA LEU I 101 -15.86 10.37 19.50
C LEU I 101 -14.37 10.61 19.72
N GLN I 102 -13.67 9.55 20.07
CA GLN I 102 -12.22 9.57 20.11
C GLN I 102 -11.67 9.57 18.68
N SER I 103 -10.35 9.72 18.57
CA SER I 103 -9.63 9.60 17.30
C SER I 103 -9.94 10.75 16.35
N PRO I 104 -9.11 10.98 15.34
CA PRO I 104 -9.22 12.20 14.51
C PRO I 104 -10.55 12.37 13.78
N PRO I 105 -11.21 11.28 13.30
CA PRO I 105 -12.46 11.51 12.54
C PRO I 105 -13.43 12.51 13.15
N PHE I 106 -13.67 12.42 14.48
CA PHE I 106 -14.55 13.34 15.20
C PHE I 106 -15.90 13.51 14.51
N ALA I 107 -16.48 12.40 14.08
CA ALA I 107 -17.71 12.44 13.30
C ALA I 107 -18.31 11.04 13.25
N VAL I 108 -19.56 10.98 12.79
CA VAL I 108 -20.26 9.72 12.56
C VAL I 108 -19.99 9.29 11.13
N ASP I 109 -19.14 8.26 10.96
CA ASP I 109 -18.69 7.83 9.65
C ASP I 109 -19.62 6.80 9.01
N VAL I 110 -19.89 5.70 9.71
CA VAL I 110 -20.69 4.62 9.17
C VAL I 110 -22.14 4.84 9.59
N TRP I 111 -23.01 5.07 8.60
CA TRP I 111 -24.43 5.25 8.84
C TRP I 111 -25.19 3.96 8.54
N GLY I 112 -26.41 3.89 9.09
CA GLY I 112 -27.27 2.74 8.88
C GLY I 112 -28.34 2.98 7.82
N GLN I 113 -29.08 1.91 7.51
CA GLN I 113 -30.10 1.99 6.47
C GLN I 113 -31.15 3.04 6.80
N GLY I 114 -31.66 3.01 8.03
CA GLY I 114 -32.67 3.96 8.43
C GLY I 114 -34.05 3.33 8.46
N THR I 115 -34.60 3.15 9.66
CA THR I 115 -35.92 2.57 9.83
C THR I 115 -36.95 3.70 9.92
N MET I 116 -37.82 3.76 8.93
CA MET I 116 -38.85 4.80 8.89
C MET I 116 -40.00 4.43 9.82
N VAL I 117 -40.37 5.36 10.70
CA VAL I 117 -41.47 5.16 11.63
C VAL I 117 -42.56 6.17 11.30
N ALA I 118 -43.77 5.68 11.02
CA ALA I 118 -44.91 6.53 10.76
C ALA I 118 -45.94 6.32 11.86
N VAL I 119 -46.36 7.43 12.48
CA VAL I 119 -47.32 7.41 13.58
C VAL I 119 -48.59 8.09 13.09
N SER I 120 -49.66 7.31 12.95
CA SER I 120 -50.93 7.85 12.49
C SER I 120 -52.02 6.85 12.82
N SER I 121 -53.22 7.36 13.03
CA SER I 121 -54.36 6.51 13.30
C SER I 121 -54.78 5.95 11.97
N ALA I 122 -55.14 4.67 11.95
CA ALA I 122 -55.38 3.99 10.69
C ALA I 122 -56.86 3.89 10.45
N SER I 123 -57.24 4.21 9.22
CA SER I 123 -58.60 4.02 8.77
C SER I 123 -58.75 2.70 8.05
N THR I 124 -57.64 2.14 7.56
CA THR I 124 -57.64 0.86 6.86
C THR I 124 -58.77 0.87 5.83
N LYS I 125 -58.69 1.87 4.95
CA LYS I 125 -59.73 2.17 3.98
C LYS I 125 -59.14 2.08 2.59
N GLY I 126 -59.93 1.57 1.65
CA GLY I 126 -59.53 1.44 0.27
C GLY I 126 -59.51 2.78 -0.43
N PRO I 127 -58.79 2.84 -1.54
CA PRO I 127 -58.66 4.10 -2.27
C PRO I 127 -59.88 4.36 -3.13
N SER I 128 -60.16 5.64 -3.32
CA SER I 128 -61.29 6.11 -4.12
C SER I 128 -60.74 6.73 -5.40
N VAL I 129 -60.86 5.99 -6.51
CA VAL I 129 -60.32 6.45 -7.79
C VAL I 129 -61.34 7.37 -8.45
N PHE I 130 -60.89 8.55 -8.87
CA PHE I 130 -61.73 9.52 -9.54
C PHE I 130 -61.07 9.93 -10.85
N PRO I 131 -61.84 10.01 -11.94
CA PRO I 131 -61.26 10.29 -13.25
C PRO I 131 -60.89 11.76 -13.42
N LEU I 132 -59.79 11.98 -14.12
CA LEU I 132 -59.33 13.32 -14.49
C LEU I 132 -59.62 13.49 -15.96
N ALA I 133 -60.73 14.18 -16.27
CA ALA I 133 -61.18 14.31 -17.65
C ALA I 133 -60.14 15.04 -18.49
N PRO I 134 -59.84 14.55 -19.69
CA PRO I 134 -58.87 15.21 -20.57
C PRO I 134 -59.46 16.39 -21.34
N SER I 135 -60.10 17.31 -20.62
CA SER I 135 -60.74 18.49 -21.20
C SER I 135 -61.74 18.11 -22.29
N GLY I 142 -52.15 17.15 -30.50
CA GLY I 142 -52.17 18.07 -29.37
C GLY I 142 -52.04 17.36 -28.04
N THR I 143 -51.09 17.80 -27.22
CA THR I 143 -50.84 17.20 -25.92
C THR I 143 -52.09 17.32 -25.04
N ALA I 144 -52.76 16.20 -24.78
CA ALA I 144 -53.93 16.16 -23.92
C ALA I 144 -53.59 15.40 -22.64
N ALA I 145 -53.97 15.97 -21.50
CA ALA I 145 -53.61 15.40 -20.20
C ALA I 145 -54.85 14.79 -19.55
N LEU I 146 -54.72 13.53 -19.14
CA LEU I 146 -55.77 12.82 -18.42
C LEU I 146 -55.10 11.97 -17.34
N GLY I 147 -55.91 11.51 -16.40
CA GLY I 147 -55.36 10.72 -15.32
C GLY I 147 -56.41 10.28 -14.33
N CYS I 148 -55.93 9.73 -13.22
CA CYS I 148 -56.77 9.20 -12.16
C CYS I 148 -56.35 9.82 -10.84
N LEU I 149 -57.33 10.08 -9.98
CA LEU I 149 -57.07 10.64 -8.65
C LEU I 149 -57.36 9.56 -7.62
N VAL I 150 -56.31 8.89 -7.15
CA VAL I 150 -56.41 7.93 -6.07
C VAL I 150 -56.41 8.69 -4.76
N LYS I 151 -57.52 8.57 -3.99
CA LYS I 151 -57.72 9.38 -2.79
C LYS I 151 -58.23 8.52 -1.65
N ASP I 152 -57.87 8.94 -0.43
CA ASP I 152 -58.37 8.37 0.82
C ASP I 152 -58.05 6.88 0.93
N TYR I 153 -56.74 6.58 0.96
CA TYR I 153 -56.26 5.22 1.15
C TYR I 153 -55.19 5.19 2.23
N PHE I 154 -55.12 4.07 2.95
CA PHE I 154 -54.15 3.87 4.01
C PHE I 154 -53.81 2.40 4.19
N PRO I 155 -52.53 2.07 4.38
CA PRO I 155 -51.35 2.91 4.17
C PRO I 155 -50.72 2.55 2.83
N GLU I 156 -49.64 3.20 2.39
CA GLU I 156 -48.94 2.77 1.18
C GLU I 156 -48.45 1.33 1.34
N PRO I 157 -48.22 0.63 0.21
CA PRO I 157 -48.19 1.14 -1.16
C PRO I 157 -49.45 0.93 -1.99
N VAL I 158 -49.59 1.79 -3.00
CA VAL I 158 -50.58 1.65 -4.06
C VAL I 158 -49.82 1.69 -5.38
N THR I 159 -50.28 0.90 -6.35
CA THR I 159 -49.61 0.81 -7.65
C THR I 159 -50.61 1.09 -8.75
N VAL I 160 -50.30 2.07 -9.60
CA VAL I 160 -51.17 2.49 -10.68
C VAL I 160 -50.46 2.25 -12.01
N SER I 161 -51.14 1.55 -12.91
CA SER I 161 -50.66 1.32 -14.25
C SER I 161 -51.70 1.84 -15.23
N TRP I 162 -51.28 2.04 -16.48
CA TRP I 162 -52.16 2.58 -17.52
C TRP I 162 -52.26 1.59 -18.67
N ASN I 163 -53.49 1.31 -19.10
CA ASN I 163 -53.77 0.36 -20.18
C ASN I 163 -53.10 -0.98 -19.90
N SER I 164 -53.15 -1.41 -18.63
CA SER I 164 -52.59 -2.68 -18.20
C SER I 164 -51.10 -2.80 -18.54
N GLY I 165 -50.36 -1.71 -18.33
CA GLY I 165 -48.93 -1.70 -18.56
C GLY I 165 -48.49 -1.31 -19.95
N ALA I 166 -49.40 -1.31 -20.93
CA ALA I 166 -49.02 -0.94 -22.28
C ALA I 166 -48.59 0.52 -22.36
N LEU I 167 -49.29 1.41 -21.66
CA LEU I 167 -49.00 2.83 -21.66
C LEU I 167 -47.95 3.11 -20.59
N THR I 168 -46.74 3.46 -21.00
CA THR I 168 -45.65 3.72 -20.07
C THR I 168 -45.13 5.15 -20.16
N SER I 169 -44.76 5.60 -21.37
CA SER I 169 -44.23 6.93 -21.54
C SER I 169 -45.33 7.98 -21.40
N GLY I 170 -44.99 9.10 -20.77
CA GLY I 170 -45.95 10.15 -20.52
C GLY I 170 -46.67 10.03 -19.21
N VAL I 171 -46.72 8.83 -18.62
CA VAL I 171 -47.32 8.64 -17.32
C VAL I 171 -46.40 9.25 -16.28
N HIS I 172 -46.88 10.27 -15.57
CA HIS I 172 -46.12 10.93 -14.51
C HIS I 172 -46.90 10.71 -13.21
N THR I 173 -46.56 9.62 -12.54
CA THR I 173 -47.18 9.27 -11.26
C THR I 173 -46.65 10.15 -10.14
N PHE I 174 -47.55 10.87 -9.45
CA PHE I 174 -47.09 11.82 -8.43
C PHE I 174 -46.96 11.14 -7.08
N PRO I 175 -46.00 11.58 -6.27
CA PRO I 175 -45.83 11.01 -4.93
C PRO I 175 -47.06 11.22 -4.06
N ALA I 176 -47.31 10.24 -3.19
CA ALA I 176 -48.44 10.31 -2.28
C ALA I 176 -48.26 11.46 -1.29
N VAL I 177 -49.37 12.12 -0.96
CA VAL I 177 -49.36 13.24 -0.03
C VAL I 177 -50.28 12.88 1.14
N LEU I 178 -49.74 12.87 2.34
CA LEU I 178 -50.53 12.63 3.54
C LEU I 178 -51.30 13.88 3.92
N GLN I 179 -52.64 13.78 3.98
CA GLN I 179 -53.53 14.87 4.35
C GLN I 179 -53.89 14.80 5.83
N SER I 180 -54.60 15.84 6.30
CA SER I 180 -54.99 15.95 7.70
C SER I 180 -55.74 14.72 8.21
N SER I 181 -56.49 14.04 7.34
CA SER I 181 -57.23 12.87 7.80
C SER I 181 -56.30 11.76 8.27
N GLY I 182 -55.07 11.71 7.77
CA GLY I 182 -54.20 10.61 8.05
C GLY I 182 -54.12 9.62 6.92
N LEU I 183 -54.83 9.89 5.83
CA LEU I 183 -54.88 9.05 4.64
C LEU I 183 -54.01 9.63 3.55
N TYR I 184 -53.64 8.79 2.59
CA TYR I 184 -52.81 9.24 1.49
C TYR I 184 -53.67 9.48 0.24
N SER I 185 -53.09 10.22 -0.69
CA SER I 185 -53.73 10.57 -1.94
C SER I 185 -52.64 10.75 -2.98
N LEU I 186 -52.87 10.22 -4.17
CA LEU I 186 -51.93 10.38 -5.25
C LEU I 186 -52.68 10.68 -6.53
N SER I 187 -51.98 11.30 -7.47
CA SER I 187 -52.52 11.59 -8.78
C SER I 187 -51.57 11.02 -9.82
N SER I 188 -52.11 10.28 -10.77
CA SER I 188 -51.33 9.77 -11.89
C SER I 188 -51.85 10.46 -13.15
N VAL I 189 -50.95 11.10 -13.89
CA VAL I 189 -51.35 11.76 -15.11
C VAL I 189 -50.58 11.13 -16.27
N VAL I 190 -51.12 11.28 -17.47
CA VAL I 190 -50.49 10.79 -18.69
C VAL I 190 -50.82 11.74 -19.83
N THR I 191 -49.80 12.09 -20.61
CA THR I 191 -49.95 12.96 -21.76
C THR I 191 -50.13 12.12 -23.02
N VAL I 192 -51.24 12.33 -23.72
CA VAL I 192 -51.55 11.58 -24.93
C VAL I 192 -51.94 12.56 -26.03
N PRO I 193 -51.89 12.14 -27.29
CA PRO I 193 -52.38 13.01 -28.38
C PRO I 193 -53.89 13.21 -28.26
N SER I 194 -54.32 14.47 -28.39
CA SER I 194 -55.74 14.77 -28.27
C SER I 194 -56.57 14.18 -29.40
N SER I 195 -55.94 13.81 -30.53
CA SER I 195 -56.69 13.16 -31.59
C SER I 195 -57.16 11.78 -31.18
N SER I 196 -56.39 11.08 -30.36
CA SER I 196 -56.73 9.72 -29.94
C SER I 196 -57.71 9.68 -28.78
N LEU I 197 -58.11 10.84 -28.23
CA LEU I 197 -59.00 10.86 -27.08
C LEU I 197 -60.27 10.03 -27.32
N GLY I 198 -60.90 10.19 -28.48
CA GLY I 198 -62.10 9.45 -28.78
C GLY I 198 -61.86 8.01 -29.19
N THR I 199 -60.86 7.80 -30.05
CA THR I 199 -60.61 6.46 -30.58
C THR I 199 -59.98 5.55 -29.53
N GLN I 200 -58.92 6.02 -28.88
CA GLN I 200 -58.22 5.22 -27.87
C GLN I 200 -59.00 5.14 -26.57
N THR I 201 -58.87 3.99 -25.91
CA THR I 201 -59.47 3.73 -24.61
C THR I 201 -58.36 3.74 -23.56
N TYR I 202 -58.45 4.65 -22.60
CA TYR I 202 -57.43 4.80 -21.56
C TYR I 202 -58.01 4.33 -20.24
N ILE I 203 -57.34 3.35 -19.61
CA ILE I 203 -57.81 2.77 -18.36
C ILE I 203 -56.63 2.70 -17.39
N CYS I 204 -56.82 3.20 -16.18
CA CYS I 204 -55.81 3.16 -15.12
C CYS I 204 -56.13 2.01 -14.17
N ASN I 205 -55.12 1.21 -13.87
CA ASN I 205 -55.26 0.06 -12.99
C ASN I 205 -54.56 0.38 -11.67
N VAL I 206 -55.35 0.64 -10.63
CA VAL I 206 -54.83 0.98 -9.32
C VAL I 206 -54.99 -0.23 -8.42
N ASN I 207 -53.94 -0.56 -7.68
CA ASN I 207 -53.94 -1.72 -6.80
C ASN I 207 -53.43 -1.30 -5.43
N HIS I 208 -54.27 -1.48 -4.41
CA HIS I 208 -53.92 -1.22 -3.03
C HIS I 208 -53.80 -2.58 -2.34
N LYS I 209 -52.61 -3.17 -2.43
CA LYS I 209 -52.41 -4.51 -1.86
C LYS I 209 -52.76 -4.62 -0.38
N PRO I 210 -52.42 -3.66 0.50
CA PRO I 210 -52.88 -3.78 1.90
C PRO I 210 -54.37 -4.01 2.07
N SER I 211 -55.22 -3.26 1.38
CA SER I 211 -56.67 -3.45 1.47
C SER I 211 -57.22 -4.37 0.39
N ASN I 212 -56.36 -4.93 -0.47
CA ASN I 212 -56.81 -5.79 -1.56
C ASN I 212 -57.87 -5.11 -2.41
N THR I 213 -57.65 -3.84 -2.73
CA THR I 213 -58.56 -3.03 -3.53
C THR I 213 -57.87 -2.80 -4.87
N LYS I 214 -58.35 -3.48 -5.92
CA LYS I 214 -57.81 -3.37 -7.27
C LYS I 214 -58.87 -2.72 -8.15
N VAL I 215 -58.64 -1.48 -8.57
CA VAL I 215 -59.61 -0.68 -9.32
C VAL I 215 -59.10 -0.39 -10.73
N ASP I 216 -59.95 -0.62 -11.73
CA ASP I 216 -59.65 -0.31 -13.14
C ASP I 216 -60.62 0.76 -13.65
N LYS I 217 -60.41 2.01 -13.24
CA LYS I 217 -61.29 3.10 -13.71
C LYS I 217 -60.83 3.51 -15.11
N LYS I 218 -61.73 4.10 -15.88
CA LYS I 218 -61.40 4.50 -17.27
C LYS I 218 -61.69 5.99 -17.42
N VAL I 219 -60.85 6.69 -18.18
CA VAL I 219 -60.99 8.17 -18.29
C VAL I 219 -61.61 8.52 -19.63
N GLU I 220 -62.56 9.46 -19.64
CA GLU I 220 -63.27 9.83 -20.89
C GLU I 220 -63.50 11.34 -20.90
N PRO I 221 -63.67 11.99 -22.06
CA PRO I 221 -63.83 13.43 -22.12
C PRO I 221 -65.07 13.87 -21.33
N LYS I 222 -65.08 15.14 -20.92
CA LYS I 222 -66.22 15.64 -20.13
C LYS I 222 -67.34 16.06 -21.07
N SER I 223 -68.46 16.54 -20.53
CA SER I 223 -69.63 16.93 -21.36
C SER I 223 -70.23 18.25 -20.82
N LEU J 4 -25.64 25.11 14.42
CA LEU J 4 -25.07 25.44 13.13
C LEU J 4 -26.11 25.77 12.06
N THR J 5 -25.92 26.91 11.41
CA THR J 5 -26.84 27.40 10.40
C THR J 5 -26.14 27.41 9.04
N GLN J 6 -26.84 26.93 8.03
CA GLN J 6 -26.37 26.90 6.66
C GLN J 6 -27.33 27.65 5.76
N PRO J 7 -26.86 28.15 4.62
CA PRO J 7 -27.79 28.71 3.63
C PRO J 7 -28.75 27.65 3.15
N ALA J 8 -30.01 28.06 2.95
CA ALA J 8 -31.06 27.12 2.56
C ALA J 8 -30.74 26.45 1.23
N SER J 9 -30.34 27.24 0.24
CA SER J 9 -30.05 26.71 -1.08
C SER J 9 -28.92 27.50 -1.70
N VAL J 10 -28.12 26.81 -2.50
CA VAL J 10 -27.01 27.43 -3.21
C VAL J 10 -27.04 26.89 -4.63
N SER J 11 -27.38 27.74 -5.58
CA SER J 11 -27.42 27.36 -6.98
C SER J 11 -26.10 27.74 -7.66
N GLY J 12 -25.72 26.95 -8.66
CA GLY J 12 -24.47 27.13 -9.35
C GLY J 12 -24.50 26.57 -10.76
N SER J 13 -23.71 27.18 -11.65
CA SER J 13 -23.53 26.76 -13.02
C SER J 13 -22.52 25.60 -13.12
N PRO J 14 -22.67 24.73 -14.11
CA PRO J 14 -21.75 23.60 -14.25
C PRO J 14 -20.33 24.07 -14.48
N GLY J 15 -19.41 23.52 -13.71
CA GLY J 15 -18.00 23.83 -13.83
C GLY J 15 -17.48 24.84 -12.82
N GLN J 16 -18.36 25.66 -12.25
CA GLN J 16 -17.94 26.68 -11.31
C GLN J 16 -17.80 26.11 -9.90
N SER J 17 -17.42 26.97 -8.95
CA SER J 17 -17.21 26.56 -7.57
C SER J 17 -18.16 27.32 -6.66
N ILE J 18 -18.98 26.60 -5.92
CA ILE J 18 -19.88 27.19 -4.94
C ILE J 18 -19.33 26.96 -3.54
N THR J 19 -19.76 27.78 -2.59
CA THR J 19 -19.29 27.68 -1.21
C THR J 19 -20.49 27.70 -0.26
N ILE J 20 -20.42 26.88 0.79
CA ILE J 20 -21.48 26.73 1.77
C ILE J 20 -20.97 27.14 3.15
N SER J 21 -21.66 28.06 3.80
CA SER J 21 -21.30 28.54 5.13
C SER J 21 -21.97 27.72 6.21
N CYS J 22 -21.34 27.67 7.39
CA CYS J 22 -21.89 26.90 8.53
C CYS J 22 -21.70 27.73 9.81
N THR J 23 -22.18 28.98 9.80
CA THR J 23 -21.99 29.89 10.95
C THR J 23 -22.72 29.33 12.18
N GLY J 24 -22.14 29.48 13.37
CA GLY J 24 -22.80 29.02 14.61
C GLY J 24 -23.05 30.18 15.55
N SER J 25 -24.29 30.32 16.05
CA SER J 25 -24.66 31.44 16.94
C SER J 25 -23.82 32.69 16.58
N TYR J 32 -15.99 26.32 14.46
CA TYR J 32 -14.54 26.30 14.80
C TYR J 32 -13.88 25.06 14.22
N SER J 33 -13.10 24.36 15.03
CA SER J 33 -12.34 23.19 14.51
C SER J 33 -13.19 21.93 14.48
N HIS J 34 -12.74 20.88 13.80
CA HIS J 34 -13.43 19.57 13.81
C HIS J 34 -14.82 19.62 13.15
N VAL J 35 -15.10 20.63 12.35
CA VAL J 35 -16.40 20.70 11.63
C VAL J 35 -16.34 19.77 10.42
N SER J 36 -17.37 18.95 10.26
CA SER J 36 -17.40 17.97 9.18
C SER J 36 -18.60 18.24 8.28
N TRP J 37 -18.51 17.78 7.04
CA TRP J 37 -19.52 18.04 6.03
C TRP J 37 -20.11 16.72 5.56
N TYR J 38 -21.43 16.65 5.52
CA TYR J 38 -22.15 15.46 5.12
C TYR J 38 -22.98 15.76 3.88
N GLN J 39 -23.03 14.82 2.95
CA GLN J 39 -23.83 14.94 1.75
C GLN J 39 -24.88 13.84 1.75
N GLN J 40 -26.14 14.25 1.61
CA GLN J 40 -27.27 13.31 1.61
C GLN J 40 -28.03 13.48 0.30
N HIS J 41 -27.79 12.57 -0.63
CA HIS J 41 -28.55 12.55 -1.87
C HIS J 41 -29.96 12.05 -1.60
N PRO J 42 -30.95 12.49 -2.38
CA PRO J 42 -32.34 12.11 -2.12
C PRO J 42 -32.53 10.60 -2.10
N GLY J 43 -33.16 10.11 -1.03
CA GLY J 43 -33.43 8.70 -0.88
C GLY J 43 -32.25 7.87 -0.41
N LYS J 44 -31.15 8.50 -0.03
CA LYS J 44 -29.96 7.78 0.40
C LYS J 44 -29.52 8.32 1.76
N VAL J 45 -28.65 7.56 2.42
CA VAL J 45 -28.17 7.90 3.76
C VAL J 45 -27.10 8.99 3.68
N PRO J 46 -26.92 9.79 4.72
CA PRO J 46 -25.85 10.80 4.69
C PRO J 46 -24.49 10.16 4.58
N LYS J 47 -23.58 10.86 3.90
CA LYS J 47 -22.23 10.38 3.66
C LYS J 47 -21.23 11.45 4.11
N LEU J 48 -20.22 11.04 4.87
CA LEU J 48 -19.17 11.96 5.29
C LEU J 48 -18.30 12.32 4.09
N ILE J 49 -18.23 13.62 3.79
CA ILE J 49 -17.49 14.11 2.63
C ILE J 49 -16.19 14.80 3.04
N ILE J 50 -16.23 15.62 4.07
CA ILE J 50 -15.06 16.32 4.57
C ILE J 50 -15.07 16.22 6.09
N SER J 51 -13.89 15.99 6.67
CA SER J 51 -13.72 15.91 8.12
C SER J 51 -12.64 16.88 8.56
N GLU J 52 -12.62 17.17 9.86
CA GLU J 52 -11.61 18.03 10.47
C GLU J 52 -11.40 19.30 9.64
N VAL J 53 -12.50 20.03 9.43
CA VAL J 53 -12.52 21.29 8.69
C VAL J 53 -12.24 21.07 7.21
N SER J 54 -11.07 20.52 6.88
CA SER J 54 -10.69 20.33 5.49
C SER J 54 -10.21 18.92 5.14
N ASN J 55 -9.91 18.06 6.11
CA ASN J 55 -9.45 16.71 5.80
C ASN J 55 -10.51 15.95 5.02
N ARG J 56 -10.09 15.33 3.93
CA ARG J 56 -11.01 14.66 3.03
C ARG J 56 -10.92 13.15 3.23
N PRO J 57 -11.98 12.49 3.69
CA PRO J 57 -11.95 11.03 3.81
C PRO J 57 -11.56 10.36 2.49
N SER J 58 -10.90 9.21 2.62
CA SER J 58 -10.46 8.47 1.44
C SER J 58 -11.65 8.04 0.59
N GLY J 59 -11.52 8.20 -0.71
CA GLY J 59 -12.58 7.88 -1.64
C GLY J 59 -13.47 9.03 -2.02
N ILE J 60 -13.24 10.22 -1.46
CA ILE J 60 -14.02 11.41 -1.76
C ILE J 60 -13.27 12.24 -2.81
N SER J 61 -14.02 12.80 -3.76
CA SER J 61 -13.42 13.56 -4.84
C SER J 61 -12.75 14.82 -4.32
N ASN J 62 -11.68 15.23 -5.00
CA ASN J 62 -10.88 16.38 -4.60
C ASN J 62 -11.58 17.72 -4.83
N ARG J 63 -12.70 17.74 -5.55
CA ARG J 63 -13.42 18.99 -5.75
C ARG J 63 -13.95 19.59 -4.45
N PHE J 64 -14.01 18.81 -3.36
CA PHE J 64 -14.56 19.27 -2.09
C PHE J 64 -13.43 19.71 -1.17
N SER J 65 -13.52 20.94 -0.68
CA SER J 65 -12.52 21.49 0.23
C SER J 65 -13.21 22.14 1.41
N GLY J 66 -12.41 22.49 2.42
CA GLY J 66 -12.93 23.07 3.64
C GLY J 66 -12.10 24.19 4.23
N SER J 67 -12.76 25.23 4.73
CA SER J 67 -12.10 26.38 5.33
C SER J 67 -12.84 26.81 6.58
N LYS J 68 -12.14 27.54 7.45
CA LYS J 68 -12.69 27.98 8.73
C LYS J 68 -12.29 29.42 8.99
N SER J 69 -13.28 30.30 9.05
CA SER J 69 -13.08 31.70 9.37
C SER J 69 -13.97 32.08 10.54
N ALA J 70 -13.38 32.67 11.58
CA ALA J 70 -14.10 33.00 12.81
C ALA J 70 -14.86 31.79 13.34
N ASN J 71 -16.19 31.88 13.36
CA ASN J 71 -17.04 30.74 13.69
C ASN J 71 -17.79 30.20 12.48
N THR J 72 -17.35 30.57 11.27
CA THR J 72 -17.99 30.15 10.03
C THR J 72 -17.12 29.11 9.32
N ALA J 73 -17.68 27.92 9.10
CA ALA J 73 -17.02 26.89 8.32
C ALA J 73 -17.58 26.87 6.90
N SER J 74 -16.69 26.74 5.92
CA SER J 74 -17.05 26.86 4.51
C SER J 74 -16.71 25.59 3.77
N LEU J 75 -17.67 25.10 2.99
CA LEU J 75 -17.49 23.96 2.10
C LEU J 75 -17.58 24.45 0.66
N THR J 76 -16.49 24.29 -0.09
CA THR J 76 -16.42 24.73 -1.47
C THR J 76 -16.40 23.51 -2.38
N ILE J 77 -17.37 23.45 -3.28
CA ILE J 77 -17.46 22.38 -4.28
C ILE J 77 -17.00 23.00 -5.60
N SER J 78 -15.78 22.66 -6.00
CA SER J 78 -15.21 23.14 -7.24
C SER J 78 -15.65 22.24 -8.39
N GLY J 79 -15.50 22.76 -9.61
CA GLY J 79 -15.84 22.02 -10.81
C GLY J 79 -17.20 21.36 -10.68
N LEU J 80 -18.23 22.17 -10.46
CA LEU J 80 -19.57 21.68 -10.20
C LEU J 80 -20.02 20.66 -11.24
N GLN J 81 -20.48 19.53 -10.76
CA GLN J 81 -21.01 18.49 -11.62
C GLN J 81 -22.50 18.39 -11.38
N PRO J 82 -23.29 18.00 -12.39
CA PRO J 82 -24.73 17.83 -12.16
C PRO J 82 -25.06 16.81 -11.10
N GLU J 83 -24.12 15.92 -10.79
CA GLU J 83 -24.28 14.90 -9.76
C GLU J 83 -24.07 15.46 -8.36
N ASP J 84 -23.49 16.66 -8.26
CA ASP J 84 -23.22 17.28 -6.97
C ASP J 84 -24.50 17.69 -6.25
N GLU J 85 -25.58 17.93 -6.98
CA GLU J 85 -26.83 18.40 -6.38
C GLU J 85 -27.28 17.43 -5.28
N ALA J 86 -27.32 17.93 -4.05
CA ALA J 86 -27.76 17.16 -2.89
C ALA J 86 -27.93 18.12 -1.72
N ASP J 87 -28.41 17.57 -0.61
CA ASP J 87 -28.51 18.33 0.64
C ASP J 87 -27.23 18.13 1.43
N TYR J 88 -26.53 19.22 1.71
CA TYR J 88 -25.24 19.19 2.39
C TYR J 88 -25.40 19.72 3.81
N TYR J 89 -24.87 18.98 4.78
CA TYR J 89 -24.98 19.29 6.20
C TYR J 89 -23.60 19.39 6.84
N CYS J 90 -23.42 20.35 7.73
CA CYS J 90 -22.21 20.47 8.54
C CYS J 90 -22.49 20.02 9.96
N GLY J 91 -21.52 19.33 10.55
CA GLY J 91 -21.68 18.82 11.91
C GLY J 91 -20.42 18.88 12.76
N SER J 92 -20.60 19.20 14.04
CA SER J 92 -19.50 19.22 14.99
C SER J 92 -20.07 19.06 16.39
N TYR J 93 -19.18 18.70 17.32
CA TYR J 93 -19.58 18.60 18.72
C TYR J 93 -19.78 19.98 19.32
N ALA J 94 -20.65 20.04 20.34
CA ALA J 94 -21.10 21.30 20.90
C ALA J 94 -20.58 21.55 22.31
N SER J 95 -19.65 20.73 22.79
CA SER J 95 -19.04 20.91 24.10
C SER J 95 -20.10 21.09 25.19
N THR J 96 -21.08 20.21 25.19
CA THR J 96 -22.15 20.22 26.16
C THR J 96 -21.99 19.05 27.12
N ASN J 97 -22.86 19.02 28.13
CA ASN J 97 -22.79 18.00 29.18
C ASN J 97 -22.74 16.59 28.61
N ILE J 98 -23.57 16.29 27.62
CA ILE J 98 -23.57 14.98 27.00
C ILE J 98 -22.84 14.98 25.65
N LEU J 99 -22.07 16.02 25.37
CA LEU J 99 -21.29 16.17 24.14
C LEU J 99 -22.17 15.97 22.91
N HIS J 100 -23.10 16.90 22.79
CA HIS J 100 -23.97 16.95 21.63
C HIS J 100 -23.17 17.08 20.36
N TYR J 101 -23.54 16.29 19.36
CA TYR J 101 -23.08 16.46 17.99
C TYR J 101 -24.18 17.20 17.26
N VAL J 102 -23.96 18.47 16.99
CA VAL J 102 -24.97 19.31 16.35
C VAL J 102 -24.82 19.23 14.84
N PHE J 103 -25.95 19.04 14.16
CA PHE J 103 -26.01 19.01 12.70
C PHE J 103 -26.51 20.34 12.18
N GLY J 104 -26.07 20.69 10.96
CA GLY J 104 -26.45 21.94 10.37
C GLY J 104 -27.88 21.93 9.84
N THR J 105 -28.37 23.12 9.48
CA THR J 105 -29.73 23.24 8.98
C THR J 105 -29.88 22.47 7.67
N GLY J 106 -28.90 22.59 6.78
CA GLY J 106 -28.97 21.92 5.50
C GLY J 106 -28.89 22.90 4.34
N THR J 107 -28.21 22.50 3.27
CA THR J 107 -28.09 23.32 2.07
C THR J 107 -28.41 22.47 0.85
N LYS J 108 -29.44 22.87 0.11
CA LYS J 108 -29.85 22.19 -1.11
C LYS J 108 -29.09 22.83 -2.27
N VAL J 109 -27.91 22.26 -2.57
CA VAL J 109 -27.12 22.77 -3.69
C VAL J 109 -27.78 22.34 -4.99
N THR J 110 -27.78 23.25 -5.97
CA THR J 110 -28.38 22.98 -7.27
C THR J 110 -27.38 23.36 -8.34
N VAL J 111 -27.06 22.40 -9.20
CA VAL J 111 -26.28 22.66 -10.40
C VAL J 111 -27.24 22.79 -11.56
N LEU J 112 -27.14 23.88 -12.32
CA LEU J 112 -28.09 24.15 -13.38
C LEU J 112 -27.42 23.62 -14.63
N SER J 113 -27.69 22.35 -14.91
CA SER J 113 -27.02 21.65 -16.04
C SER J 113 -27.75 21.85 -17.35
N ARG J 114 -29.08 21.90 -17.32
CA ARG J 114 -29.85 21.97 -18.57
C ARG J 114 -30.41 23.38 -18.78
N THR J 115 -31.15 23.59 -19.87
CA THR J 115 -31.77 24.92 -20.14
C THR J 115 -33.12 25.01 -19.46
N VAL J 116 -33.65 26.22 -19.37
CA VAL J 116 -34.94 26.42 -18.71
C VAL J 116 -36.08 25.95 -19.59
N ALA J 117 -37.05 25.27 -18.96
CA ALA J 117 -38.26 24.79 -19.62
C ALA J 117 -39.47 25.31 -18.86
N ALA J 118 -40.56 25.53 -19.58
CA ALA J 118 -41.79 26.05 -19.00
C ALA J 118 -42.77 24.92 -18.69
N PRO J 119 -43.50 25.04 -17.57
CA PRO J 119 -44.48 24.00 -17.23
C PRO J 119 -45.69 24.08 -18.15
N SER J 120 -46.15 22.93 -18.62
CA SER J 120 -47.39 22.85 -19.38
C SER J 120 -48.55 22.74 -18.41
N VAL J 121 -49.30 23.83 -18.27
CA VAL J 121 -50.33 23.94 -17.24
C VAL J 121 -51.62 23.33 -17.74
N PHE J 122 -52.18 22.40 -16.97
CA PHE J 122 -53.45 21.75 -17.27
C PHE J 122 -54.28 21.71 -16.00
N ILE J 123 -55.52 22.20 -16.07
CA ILE J 123 -56.43 22.26 -14.94
C ILE J 123 -57.51 21.21 -15.10
N PHE J 124 -57.87 20.56 -14.00
CA PHE J 124 -58.87 19.50 -14.01
C PHE J 124 -60.00 19.87 -13.07
N PRO J 125 -61.21 20.15 -13.57
CA PRO J 125 -62.33 20.43 -12.68
C PRO J 125 -62.70 19.18 -11.90
N PRO J 126 -63.33 19.33 -10.73
CA PRO J 126 -63.67 18.16 -9.92
C PRO J 126 -64.64 17.23 -10.63
N SER J 127 -64.38 15.94 -10.54
CA SER J 127 -65.25 14.96 -11.17
C SER J 127 -66.60 14.91 -10.44
N ASP J 128 -67.68 14.93 -11.23
CA ASP J 128 -69.02 14.90 -10.65
C ASP J 128 -69.23 13.68 -9.77
N GLU J 129 -68.59 12.56 -10.09
CA GLU J 129 -68.63 11.41 -9.21
C GLU J 129 -68.08 11.73 -7.83
N GLN J 130 -66.91 12.37 -7.78
CA GLN J 130 -66.36 12.78 -6.50
C GLN J 130 -67.22 13.85 -5.84
N LEU J 131 -67.80 14.76 -6.64
CA LEU J 131 -68.73 15.74 -6.08
C LEU J 131 -69.87 15.06 -5.35
N LYS J 132 -70.33 13.93 -5.89
CA LYS J 132 -71.39 13.17 -5.22
C LYS J 132 -70.91 12.65 -3.86
N SER J 133 -69.64 12.22 -3.78
CA SER J 133 -69.07 11.79 -2.50
C SER J 133 -69.07 12.92 -1.48
N GLY J 134 -69.00 14.17 -1.93
CA GLY J 134 -69.01 15.32 -1.07
C GLY J 134 -67.75 16.17 -1.10
N THR J 135 -66.69 15.72 -1.77
CA THR J 135 -65.44 16.45 -1.86
C THR J 135 -65.20 16.92 -3.29
N ALA J 136 -64.55 18.06 -3.42
CA ALA J 136 -64.24 18.66 -4.72
C ALA J 136 -62.73 18.85 -4.80
N SER J 137 -62.08 18.10 -5.68
CA SER J 137 -60.63 18.17 -5.86
C SER J 137 -60.32 18.81 -7.20
N VAL J 138 -59.93 20.07 -7.17
CA VAL J 138 -59.45 20.78 -8.36
C VAL J 138 -57.95 20.56 -8.46
N VAL J 139 -57.50 19.96 -9.57
CA VAL J 139 -56.11 19.59 -9.77
C VAL J 139 -55.51 20.49 -10.85
N CYS J 140 -54.42 21.16 -10.52
CA CYS J 140 -53.66 21.97 -11.46
C CYS J 140 -52.36 21.22 -11.77
N LEU J 141 -52.13 20.92 -13.04
CA LEU J 141 -51.00 20.11 -13.45
C LEU J 141 -49.99 20.95 -14.23
N LEU J 142 -48.74 20.97 -13.74
CA LEU J 142 -47.59 21.58 -14.41
C LEU J 142 -46.65 20.49 -14.85
N ASN J 143 -46.30 20.45 -16.15
CA ASN J 143 -45.58 19.31 -16.69
C ASN J 143 -44.24 19.67 -17.34
N ASN J 144 -43.22 18.86 -17.06
CA ASN J 144 -41.91 18.90 -17.70
C ASN J 144 -41.30 20.31 -17.71
N PHE J 145 -41.02 20.81 -16.51
CA PHE J 145 -40.38 22.10 -16.29
C PHE J 145 -39.09 21.93 -15.51
N TYR J 146 -38.17 22.89 -15.69
CA TYR J 146 -36.87 22.93 -15.03
C TYR J 146 -36.42 24.36 -14.74
N PRO J 147 -36.13 24.69 -13.47
CA PRO J 147 -36.13 23.82 -12.29
C PRO J 147 -37.44 23.89 -11.52
N ARG J 148 -37.49 23.39 -10.28
CA ARG J 148 -38.75 23.39 -9.53
C ARG J 148 -38.78 24.54 -8.52
N GLU J 149 -38.77 25.76 -9.06
CA GLU J 149 -38.98 26.92 -8.22
C GLU J 149 -40.24 27.64 -8.70
N ALA J 150 -41.31 26.89 -8.89
CA ALA J 150 -42.54 27.39 -9.49
C ALA J 150 -43.56 27.74 -8.42
N LYS J 151 -44.31 28.81 -8.66
CA LYS J 151 -45.32 29.30 -7.73
C LYS J 151 -46.70 29.12 -8.36
N VAL J 152 -47.61 28.50 -7.61
CA VAL J 152 -48.98 28.28 -8.05
C VAL J 152 -49.91 28.92 -7.04
N GLN J 153 -50.74 29.84 -7.51
CA GLN J 153 -51.71 30.55 -6.68
C GLN J 153 -53.13 30.14 -7.09
N TRP J 154 -53.89 29.61 -6.14
CA TRP J 154 -55.25 29.20 -6.39
C TRP J 154 -56.19 30.40 -6.21
N LYS J 155 -56.84 30.81 -7.30
CA LYS J 155 -57.72 31.97 -7.31
C LYS J 155 -59.15 31.50 -7.53
N VAL J 156 -59.97 31.57 -6.49
CA VAL J 156 -61.39 31.22 -6.56
C VAL J 156 -62.19 32.51 -6.50
N ASP J 157 -62.92 32.81 -7.57
CA ASP J 157 -63.67 34.05 -7.70
C ASP J 157 -62.79 35.26 -7.43
N ASN J 158 -61.60 35.26 -8.03
CA ASN J 158 -60.63 36.33 -7.86
C ASN J 158 -60.23 36.50 -6.40
N ALA J 159 -60.02 35.39 -5.70
CA ALA J 159 -59.60 35.41 -4.31
C ALA J 159 -58.59 34.30 -4.08
N LEU J 160 -57.43 34.64 -3.52
CA LEU J 160 -56.39 33.65 -3.29
C LEU J 160 -56.82 32.68 -2.19
N GLN J 161 -56.58 31.40 -2.44
CA GLN J 161 -56.87 30.34 -1.47
C GLN J 161 -55.55 29.79 -0.94
N SER J 162 -55.35 29.91 0.37
CA SER J 162 -54.19 29.34 1.03
C SER J 162 -54.66 28.47 2.18
N GLY J 163 -54.07 27.29 2.32
CA GLY J 163 -54.48 26.34 3.33
C GLY J 163 -55.35 25.22 2.81
N ASN J 164 -55.75 25.26 1.55
CA ASN J 164 -56.48 24.15 0.93
C ASN J 164 -55.72 23.55 -0.25
N SER J 165 -54.42 23.85 -0.38
CA SER J 165 -53.61 23.39 -1.50
C SER J 165 -52.48 22.50 -1.01
N GLN J 166 -52.40 21.29 -1.55
CA GLN J 166 -51.29 20.37 -1.29
C GLN J 166 -50.62 20.03 -2.61
N GLU J 167 -49.28 20.01 -2.61
CA GLU J 167 -48.52 19.85 -3.83
C GLU J 167 -47.59 18.65 -3.74
N SER J 168 -47.34 18.02 -4.88
CA SER J 168 -46.37 16.94 -5.00
C SER J 168 -45.66 17.08 -6.33
N VAL J 169 -44.38 16.73 -6.36
CA VAL J 169 -43.55 16.84 -7.54
C VAL J 169 -42.95 15.48 -7.85
N THR J 170 -42.90 15.12 -9.12
CA THR J 170 -42.19 13.92 -9.51
C THR J 170 -40.79 14.34 -9.93
N GLU J 171 -39.81 13.53 -9.52
CA GLU J 171 -38.40 13.80 -9.84
C GLU J 171 -38.06 13.19 -11.19
N GLN J 172 -38.41 13.92 -12.25
CA GLN J 172 -38.06 13.48 -13.61
C GLN J 172 -36.65 13.98 -13.91
N ASP J 173 -35.71 13.55 -13.08
CA ASP J 173 -34.31 13.90 -13.23
C ASP J 173 -33.56 12.89 -14.08
N SER J 174 -34.26 11.92 -14.68
CA SER J 174 -33.59 10.76 -15.27
C SER J 174 -33.11 11.05 -16.68
N LYS J 175 -34.04 11.42 -17.57
CA LYS J 175 -33.72 11.62 -18.98
C LYS J 175 -33.55 13.09 -19.30
N ASP J 176 -34.66 13.82 -19.42
CA ASP J 176 -34.62 15.25 -19.70
C ASP J 176 -34.37 16.09 -18.46
N SER J 177 -34.31 15.47 -17.29
CA SER J 177 -34.08 16.19 -16.03
C SER J 177 -35.16 17.23 -15.78
N THR J 178 -36.41 16.88 -16.10
CA THR J 178 -37.53 17.80 -15.95
C THR J 178 -38.26 17.55 -14.63
N TYR J 179 -39.36 18.28 -14.43
CA TYR J 179 -40.14 18.21 -13.21
C TYR J 179 -41.62 18.29 -13.56
N SER J 180 -42.46 17.82 -12.65
CA SER J 180 -43.91 17.95 -12.82
C SER J 180 -44.56 18.13 -11.46
N LEU J 181 -45.51 19.06 -11.38
CA LEU J 181 -46.16 19.44 -10.13
C LEU J 181 -47.66 19.26 -10.23
N SER J 182 -48.28 18.82 -9.12
CA SER J 182 -49.73 18.58 -9.04
C SER J 182 -50.30 19.29 -7.82
N SER J 183 -50.81 20.51 -8.02
CA SER J 183 -51.51 21.24 -6.97
C SER J 183 -52.96 20.82 -6.93
N THR J 184 -53.40 20.28 -5.78
CA THR J 184 -54.76 19.79 -5.59
C THR J 184 -55.47 20.68 -4.58
N LEU J 185 -56.48 21.43 -5.05
CA LEU J 185 -57.28 22.30 -4.18
C LEU J 185 -58.53 21.54 -3.77
N THR J 186 -58.61 21.14 -2.50
CA THR J 186 -59.73 20.34 -2.01
C THR J 186 -60.71 21.23 -1.25
N LEU J 187 -61.95 21.28 -1.74
CA LEU J 187 -63.02 22.04 -1.11
C LEU J 187 -64.23 21.12 -0.94
N SER J 188 -65.14 21.52 -0.05
CA SER J 188 -66.37 20.77 0.13
C SER J 188 -67.32 21.01 -1.04
N LYS J 189 -68.20 20.03 -1.29
CA LYS J 189 -69.19 20.16 -2.35
C LYS J 189 -70.00 21.45 -2.19
N ALA J 190 -70.43 21.74 -0.96
CA ALA J 190 -71.18 22.96 -0.70
C ALA J 190 -70.36 24.20 -1.06
N ASP J 191 -69.15 24.31 -0.49
CA ASP J 191 -68.31 25.47 -0.77
C ASP J 191 -67.96 25.56 -2.25
N TYR J 192 -67.73 24.42 -2.91
CA TYR J 192 -67.44 24.41 -4.33
C TYR J 192 -68.60 25.03 -5.13
N GLU J 193 -69.83 24.61 -4.84
CA GLU J 193 -71.00 25.14 -5.54
C GLU J 193 -71.26 26.60 -5.17
N LYS J 194 -70.81 27.04 -4.00
CA LYS J 194 -71.02 28.43 -3.58
C LYS J 194 -70.31 29.42 -4.51
N HIS J 195 -69.26 28.98 -5.20
CA HIS J 195 -68.46 29.84 -6.04
C HIS J 195 -68.56 29.41 -7.50
N LYS J 196 -68.11 30.30 -8.39
CA LYS J 196 -68.21 30.09 -9.82
C LYS J 196 -66.86 29.83 -10.49
N VAL J 197 -65.94 30.79 -10.44
CA VAL J 197 -64.70 30.75 -11.20
C VAL J 197 -63.59 30.12 -10.37
N TYR J 198 -62.90 29.12 -10.94
CA TYR J 198 -61.79 28.45 -10.28
C TYR J 198 -60.58 28.50 -11.19
N ALA J 199 -59.48 29.06 -10.70
CA ALA J 199 -58.27 29.22 -11.50
C ALA J 199 -57.04 28.97 -10.64
N CYS J 200 -55.93 28.59 -11.30
CA CYS J 200 -54.63 28.40 -10.65
C CYS J 200 -53.58 29.17 -11.46
N GLU J 201 -53.28 30.40 -11.03
CA GLU J 201 -52.22 31.18 -11.65
C GLU J 201 -50.85 30.55 -11.37
N VAL J 202 -50.02 30.45 -12.42
CA VAL J 202 -48.72 29.80 -12.34
C VAL J 202 -47.64 30.76 -12.87
N THR J 203 -46.55 30.91 -12.13
CA THR J 203 -45.40 31.72 -12.53
C THR J 203 -44.13 30.87 -12.47
N HIS J 204 -43.42 30.79 -13.58
CA HIS J 204 -42.20 30.01 -13.64
C HIS J 204 -41.23 30.70 -14.59
N GLN J 205 -39.99 30.22 -14.60
CA GLN J 205 -38.97 30.83 -15.44
C GLN J 205 -39.27 30.66 -16.92
N GLY J 206 -39.69 29.47 -17.34
CA GLY J 206 -39.99 29.24 -18.76
C GLY J 206 -41.10 30.16 -19.25
N LEU J 207 -42.18 30.26 -18.48
CA LEU J 207 -43.28 31.17 -18.80
C LEU J 207 -43.16 32.33 -17.82
N SER J 208 -42.30 33.28 -18.18
CA SER J 208 -42.05 34.45 -17.33
C SER J 208 -43.32 35.22 -17.06
N SER J 209 -44.15 35.43 -18.08
CA SER J 209 -45.43 36.09 -17.87
C SER J 209 -46.39 35.15 -17.16
N PRO J 210 -47.12 35.63 -16.16
CA PRO J 210 -47.98 34.73 -15.37
C PRO J 210 -49.01 34.03 -16.24
N VAL J 211 -49.04 32.71 -16.13
CA VAL J 211 -49.95 31.86 -16.89
C VAL J 211 -51.02 31.36 -15.93
N THR J 212 -52.28 31.61 -16.26
CA THR J 212 -53.41 31.23 -15.41
C THR J 212 -54.36 30.37 -16.22
N LYS J 213 -54.83 29.28 -15.61
CA LYS J 213 -55.84 28.40 -16.20
C LYS J 213 -57.10 28.46 -15.35
N SER J 214 -58.21 28.87 -15.95
CA SER J 214 -59.47 29.08 -15.26
C SER J 214 -60.57 28.21 -15.83
N PHE J 215 -61.51 27.82 -14.97
CA PHE J 215 -62.72 27.12 -15.38
C PHE J 215 -63.87 27.72 -14.59
N ASN J 216 -65.04 27.79 -15.23
CA ASN J 216 -66.24 28.31 -14.61
C ASN J 216 -67.18 27.14 -14.34
N ARG J 217 -67.84 27.15 -13.19
CA ARG J 217 -68.64 26.00 -12.79
C ARG J 217 -70.11 26.25 -13.10
N GLN K 1 -10.18 -66.94 -45.70
CA GLN K 1 -9.96 -65.58 -45.14
C GLN K 1 -10.88 -64.57 -45.85
N SER K 2 -10.80 -63.29 -45.47
CA SER K 2 -11.65 -62.24 -46.09
C SER K 2 -10.85 -61.53 -47.20
N ALA K 3 -11.26 -60.31 -47.57
CA ALA K 3 -10.59 -59.56 -48.64
C ALA K 3 -10.50 -58.08 -48.27
N LEU K 4 -9.56 -57.71 -47.39
CA LEU K 4 -9.36 -56.28 -47.05
C LEU K 4 -8.73 -55.60 -48.26
N THR K 5 -9.47 -54.68 -48.90
CA THR K 5 -8.95 -54.01 -50.11
C THR K 5 -8.36 -52.65 -49.75
N GLN K 6 -7.62 -52.03 -50.69
CA GLN K 6 -6.99 -50.72 -50.44
C GLN K 6 -6.65 -50.09 -51.79
N PRO K 7 -6.80 -48.76 -51.99
CA PRO K 7 -6.37 -48.14 -53.25
C PRO K 7 -4.90 -48.43 -53.53
N ALA K 8 -4.56 -48.41 -54.82
CA ALA K 8 -3.22 -48.84 -55.23
C ALA K 8 -2.15 -47.88 -54.72
N SER K 9 -2.25 -46.60 -55.09
CA SER K 9 -1.20 -45.64 -54.77
C SER K 9 -1.83 -44.29 -54.47
N VAL K 10 -1.04 -43.45 -53.80
CA VAL K 10 -1.44 -42.13 -53.31
C VAL K 10 -0.22 -41.21 -53.38
N SER K 11 -0.20 -40.27 -54.33
CA SER K 11 0.96 -39.40 -54.54
C SER K 11 0.59 -37.96 -54.14
N GLY K 12 0.64 -37.64 -52.82
CA GLY K 12 0.07 -36.42 -52.33
C GLY K 12 1.01 -35.21 -52.28
N SER K 13 0.40 -33.98 -52.09
CA SER K 13 1.17 -32.76 -51.97
C SER K 13 1.56 -32.49 -50.52
N PRO K 14 2.73 -31.89 -50.28
CA PRO K 14 3.20 -31.68 -48.91
C PRO K 14 2.28 -30.73 -48.14
N GLY K 15 1.81 -31.20 -46.98
CA GLY K 15 0.97 -30.41 -46.09
C GLY K 15 -0.50 -30.72 -46.15
N GLN K 16 -0.95 -31.50 -47.14
CA GLN K 16 -2.36 -31.81 -47.32
C GLN K 16 -2.74 -33.08 -46.54
N SER K 17 -4.03 -33.37 -46.53
CA SER K 17 -4.56 -34.55 -45.85
C SER K 17 -5.02 -35.57 -46.90
N ILE K 18 -4.53 -36.79 -46.77
CA ILE K 18 -4.95 -37.88 -47.63
C ILE K 18 -5.62 -38.94 -46.77
N THR K 19 -6.50 -39.71 -47.39
CA THR K 19 -7.21 -40.79 -46.73
C THR K 19 -7.04 -42.07 -47.56
N ILE K 20 -6.85 -43.18 -46.87
CA ILE K 20 -6.71 -44.50 -47.48
C ILE K 20 -7.90 -45.33 -47.04
N SER K 21 -8.56 -45.99 -48.00
CA SER K 21 -9.76 -46.77 -47.73
C SER K 21 -9.41 -48.25 -47.58
N CYS K 22 -10.18 -48.95 -46.72
CA CYS K 22 -9.98 -50.36 -46.41
C CYS K 22 -11.33 -51.07 -46.46
N THR K 23 -11.77 -51.45 -47.66
CA THR K 23 -13.07 -52.13 -47.81
C THR K 23 -12.89 -53.65 -47.79
N GLY K 24 -13.35 -54.33 -46.74
CA GLY K 24 -13.27 -55.80 -46.73
C GLY K 24 -14.46 -56.43 -47.44
N HIS K 34 -12.03 -53.94 -35.73
CA HIS K 34 -10.72 -53.89 -35.10
C HIS K 34 -9.65 -53.73 -36.16
N VAL K 35 -9.93 -52.91 -37.16
CA VAL K 35 -9.00 -52.73 -38.28
C VAL K 35 -7.79 -51.94 -37.81
N SER K 36 -6.61 -52.51 -38.01
CA SER K 36 -5.34 -51.92 -37.57
C SER K 36 -4.54 -51.48 -38.79
N TRP K 37 -4.00 -50.28 -38.73
CA TRP K 37 -3.25 -49.71 -39.84
C TRP K 37 -1.75 -49.82 -39.57
N TYR K 38 -1.01 -50.29 -40.56
CA TYR K 38 0.43 -50.52 -40.44
C TYR K 38 1.18 -49.66 -41.46
N GLN K 39 2.36 -49.21 -41.07
CA GLN K 39 3.24 -48.47 -41.98
C GLN K 39 4.55 -49.24 -42.10
N GLN K 40 4.97 -49.46 -43.33
CA GLN K 40 6.23 -50.15 -43.61
C GLN K 40 7.05 -49.30 -44.57
N HIS K 41 8.04 -48.60 -44.03
CA HIS K 41 8.97 -47.87 -44.87
C HIS K 41 9.83 -48.87 -45.66
N PRO K 42 10.31 -48.47 -46.84
CA PRO K 42 11.07 -49.41 -47.67
C PRO K 42 12.31 -49.91 -46.95
N GLY K 43 12.43 -51.24 -46.85
CA GLY K 43 13.55 -51.86 -46.20
C GLY K 43 13.49 -51.86 -44.68
N LYS K 44 12.36 -51.50 -44.09
CA LYS K 44 12.19 -51.52 -42.66
C LYS K 44 11.01 -52.42 -42.30
N VAL K 45 10.89 -52.71 -41.01
CA VAL K 45 9.84 -53.62 -40.54
C VAL K 45 8.51 -52.87 -40.51
N PRO K 46 7.39 -53.54 -40.68
CA PRO K 46 6.09 -52.87 -40.57
C PRO K 46 5.87 -52.36 -39.15
N LYS K 47 5.16 -51.25 -39.05
CA LYS K 47 4.95 -50.57 -37.77
C LYS K 47 3.48 -50.21 -37.63
N LEU K 48 2.87 -50.65 -36.54
CA LEU K 48 1.48 -50.32 -36.27
C LEU K 48 1.33 -48.82 -36.06
N ILE K 49 0.39 -48.22 -36.79
CA ILE K 49 0.16 -46.78 -36.75
C ILE K 49 -1.16 -46.45 -36.07
N ILE K 50 -2.22 -47.17 -36.43
CA ILE K 50 -3.54 -46.98 -35.85
C ILE K 50 -4.13 -48.36 -35.56
N SER K 51 -4.69 -48.52 -34.36
CA SER K 51 -5.33 -49.77 -33.98
C SER K 51 -6.77 -49.49 -33.56
N GLU K 52 -7.55 -50.56 -33.45
CA GLU K 52 -8.93 -50.49 -32.97
C GLU K 52 -9.68 -49.32 -33.59
N VAL K 53 -9.60 -49.23 -34.92
CA VAL K 53 -10.21 -48.17 -35.71
C VAL K 53 -9.53 -46.82 -35.45
N SER K 54 -9.55 -46.36 -34.19
CA SER K 54 -9.08 -45.02 -33.88
C SER K 54 -7.95 -44.95 -32.87
N ASN K 55 -7.66 -46.05 -32.15
CA ASN K 55 -6.54 -46.05 -31.21
C ASN K 55 -5.26 -45.64 -31.90
N ARG K 56 -4.50 -44.77 -31.25
CA ARG K 56 -3.18 -44.39 -31.74
C ARG K 56 -2.14 -44.89 -30.76
N PRO K 57 -1.30 -45.85 -31.15
CA PRO K 57 -0.20 -46.27 -30.27
C PRO K 57 0.69 -45.09 -29.89
N SER K 58 1.27 -45.18 -28.69
CA SER K 58 2.13 -44.12 -28.19
C SER K 58 3.35 -43.96 -29.10
N GLY K 59 3.68 -42.71 -29.40
CA GLY K 59 4.78 -42.39 -30.27
C GLY K 59 4.39 -42.06 -31.70
N ILE K 60 3.16 -42.41 -32.09
CA ILE K 60 2.66 -42.12 -33.44
C ILE K 60 2.12 -40.70 -33.48
N SER K 61 2.39 -40.00 -34.58
CA SER K 61 1.95 -38.61 -34.71
C SER K 61 0.43 -38.51 -34.71
N ASN K 62 -0.07 -37.41 -34.14
CA ASN K 62 -1.52 -37.18 -34.12
C ASN K 62 -2.09 -36.92 -35.50
N ARG K 63 -1.24 -36.66 -36.50
CA ARG K 63 -1.75 -36.49 -37.86
C ARG K 63 -2.43 -37.76 -38.36
N PHE K 64 -1.96 -38.92 -37.92
CA PHE K 64 -2.56 -40.19 -38.33
C PHE K 64 -3.87 -40.39 -37.57
N SER K 65 -4.98 -40.38 -38.30
CA SER K 65 -6.31 -40.60 -37.73
C SER K 65 -6.97 -41.77 -38.45
N GLY K 66 -7.66 -42.60 -37.69
CA GLY K 66 -8.34 -43.77 -38.24
C GLY K 66 -9.83 -43.68 -38.03
N SER K 67 -10.60 -44.04 -39.06
CA SER K 67 -12.05 -43.98 -39.03
C SER K 67 -12.63 -45.24 -39.65
N LYS K 68 -13.89 -45.50 -39.35
CA LYS K 68 -14.59 -46.68 -39.86
C LYS K 68 -15.96 -46.28 -40.34
N SER K 69 -16.31 -46.68 -41.56
CA SER K 69 -17.61 -46.40 -42.14
C SER K 69 -18.12 -47.69 -42.78
N ALA K 70 -19.14 -48.30 -42.16
CA ALA K 70 -19.69 -49.56 -42.62
C ALA K 70 -18.62 -50.63 -42.75
N ASN K 71 -18.35 -51.06 -43.98
CA ASN K 71 -17.32 -52.05 -44.27
C ASN K 71 -16.04 -51.41 -44.79
N THR K 72 -15.94 -50.08 -44.74
CA THR K 72 -14.77 -49.36 -45.23
C THR K 72 -14.10 -48.65 -44.06
N ALA K 73 -12.85 -49.05 -43.78
CA ALA K 73 -12.03 -48.38 -42.78
C ALA K 73 -11.16 -47.32 -43.44
N SER K 74 -11.11 -46.14 -42.83
CA SER K 74 -10.42 -44.99 -43.41
C SER K 74 -9.23 -44.59 -42.54
N LEU K 75 -8.10 -44.31 -43.18
CA LEU K 75 -6.90 -43.81 -42.52
C LEU K 75 -6.56 -42.46 -43.13
N THR K 76 -6.74 -41.39 -42.35
CA THR K 76 -6.46 -40.04 -42.82
C THR K 76 -5.15 -39.54 -42.24
N ILE K 77 -4.21 -39.20 -43.12
CA ILE K 77 -2.91 -38.68 -42.73
C ILE K 77 -2.95 -37.18 -43.00
N SER K 78 -3.16 -36.39 -41.95
CA SER K 78 -3.10 -34.95 -42.08
C SER K 78 -1.65 -34.49 -42.08
N GLY K 79 -1.46 -33.22 -42.44
CA GLY K 79 -0.14 -32.60 -42.49
C GLY K 79 0.93 -33.45 -43.14
N LEU K 80 0.71 -33.84 -44.40
CA LEU K 80 1.61 -34.77 -45.08
C LEU K 80 3.01 -34.21 -45.18
N GLN K 81 3.98 -35.05 -44.83
CA GLN K 81 5.40 -34.74 -44.88
C GLN K 81 6.13 -35.86 -45.61
N PRO K 82 7.31 -35.57 -46.17
CA PRO K 82 8.08 -36.62 -46.85
C PRO K 82 8.32 -37.87 -46.01
N GLU K 83 8.34 -37.72 -44.68
CA GLU K 83 8.56 -38.86 -43.79
C GLU K 83 7.36 -39.80 -43.73
N ASP K 84 6.25 -39.45 -44.38
CA ASP K 84 5.06 -40.29 -44.43
C ASP K 84 5.03 -41.20 -45.64
N GLU K 85 5.90 -41.00 -46.62
CA GLU K 85 5.92 -41.84 -47.82
C GLU K 85 6.33 -43.26 -47.44
N ALA K 86 5.38 -44.18 -47.43
CA ALA K 86 5.66 -45.59 -47.14
C ALA K 86 4.55 -46.44 -47.76
N ASP K 87 4.53 -47.72 -47.43
CA ASP K 87 3.48 -48.63 -47.85
C ASP K 87 2.54 -48.87 -46.67
N TYR K 88 1.27 -48.50 -46.84
CA TYR K 88 0.31 -48.53 -45.74
C TYR K 88 -0.63 -49.72 -45.92
N TYR K 89 -0.78 -50.52 -44.86
CA TYR K 89 -1.62 -51.71 -44.87
C TYR K 89 -2.62 -51.63 -43.74
N CYS K 90 -3.84 -52.11 -43.99
CA CYS K 90 -4.85 -52.28 -42.96
C CYS K 90 -5.03 -53.77 -42.70
N GLY K 91 -5.39 -54.10 -41.47
CA GLY K 91 -5.47 -55.49 -41.06
C GLY K 91 -6.57 -55.68 -40.04
N SER K 92 -7.13 -56.88 -40.06
CA SER K 92 -8.11 -57.29 -39.07
C SER K 92 -8.21 -58.80 -39.11
N TYR K 93 -9.06 -59.35 -38.24
CA TYR K 93 -9.34 -60.78 -38.26
C TYR K 93 -10.49 -61.08 -39.23
N ALA K 94 -10.55 -62.33 -39.67
CA ALA K 94 -11.47 -62.74 -40.74
C ALA K 94 -12.61 -63.63 -40.26
N SER K 95 -12.71 -63.89 -38.96
CA SER K 95 -13.82 -64.68 -38.41
C SER K 95 -13.89 -66.06 -39.06
N THR K 96 -12.74 -66.70 -39.22
CA THR K 96 -12.61 -68.00 -39.85
C THR K 96 -12.32 -69.05 -38.79
N ASN K 97 -12.10 -70.28 -39.24
CA ASN K 97 -11.85 -71.39 -38.32
C ASN K 97 -10.55 -71.16 -37.54
N ILE K 98 -9.50 -70.69 -38.21
CA ILE K 98 -8.24 -70.40 -37.55
C ILE K 98 -8.09 -68.91 -37.30
N LEU K 99 -9.14 -68.12 -37.50
CA LEU K 99 -9.17 -66.68 -37.24
C LEU K 99 -8.02 -65.97 -37.96
N HIS K 100 -8.06 -66.04 -39.30
CA HIS K 100 -7.02 -65.42 -40.11
C HIS K 100 -6.88 -63.95 -39.78
N TYR K 101 -5.64 -63.48 -39.68
CA TYR K 101 -5.37 -62.04 -39.57
C TYR K 101 -5.05 -61.57 -41.00
N VAL K 102 -6.03 -60.97 -41.66
CA VAL K 102 -5.90 -60.57 -43.05
C VAL K 102 -5.22 -59.21 -43.11
N PHE K 103 -4.25 -59.06 -44.01
CA PHE K 103 -3.63 -57.78 -44.28
C PHE K 103 -4.20 -57.17 -45.56
N GLY K 104 -4.24 -55.85 -45.60
CA GLY K 104 -4.74 -55.14 -46.76
C GLY K 104 -3.84 -55.28 -47.98
N THR K 105 -4.38 -54.89 -49.13
CA THR K 105 -3.62 -55.00 -50.38
C THR K 105 -2.43 -54.05 -50.37
N GLY K 106 -2.54 -52.95 -49.68
CA GLY K 106 -1.41 -52.03 -49.56
C GLY K 106 -1.63 -50.78 -50.38
N THR K 107 -1.26 -49.64 -49.80
CA THR K 107 -1.35 -48.35 -50.46
C THR K 107 0.00 -47.67 -50.38
N LYS K 108 0.53 -47.25 -51.51
CA LYS K 108 1.85 -46.62 -51.58
C LYS K 108 1.66 -45.11 -51.60
N VAL K 109 1.75 -44.48 -50.42
CA VAL K 109 1.64 -43.04 -50.34
C VAL K 109 2.95 -42.40 -50.81
N THR K 110 2.83 -41.31 -51.58
CA THR K 110 3.99 -40.69 -52.23
C THR K 110 3.84 -39.16 -52.18
N VAL K 111 4.31 -38.56 -51.08
CA VAL K 111 4.23 -37.11 -50.97
C VAL K 111 5.07 -36.47 -52.07
N LEU K 112 4.47 -35.53 -52.80
CA LEU K 112 5.13 -34.86 -53.92
C LEU K 112 6.13 -33.84 -53.38
N SER K 113 7.28 -34.35 -52.94
CA SER K 113 8.31 -33.49 -52.38
C SER K 113 9.64 -33.66 -53.15
N GLN L 1 20.69 20.44 -5.16
CA GLN L 1 19.98 20.72 -6.43
C GLN L 1 19.45 22.17 -6.40
N SER L 2 18.50 22.46 -5.51
CA SER L 2 17.90 23.82 -5.44
C SER L 2 19.03 24.86 -5.44
N ALA L 3 18.99 25.84 -6.34
CA ALA L 3 20.10 26.81 -6.45
C ALA L 3 19.62 28.21 -6.08
N LEU L 4 20.52 29.04 -5.54
CA LEU L 4 20.18 30.44 -5.20
C LEU L 4 20.74 31.34 -6.32
N THR L 5 19.88 32.18 -6.91
CA THR L 5 20.33 33.01 -8.05
C THR L 5 20.45 34.48 -7.64
N GLN L 6 21.52 35.15 -8.06
CA GLN L 6 21.72 36.55 -7.74
C GLN L 6 21.91 37.33 -9.03
N PRO L 7 21.64 38.63 -9.01
CA PRO L 7 22.02 39.48 -10.15
C PRO L 7 23.52 39.47 -10.37
N ALA L 8 23.92 39.46 -11.63
CA ALA L 8 25.35 39.38 -11.96
C ALA L 8 26.10 40.59 -11.40
N SER L 9 25.56 41.79 -11.62
CA SER L 9 26.23 43.02 -11.17
C SER L 9 25.17 44.03 -10.76
N VAL L 10 25.54 44.84 -9.75
CA VAL L 10 24.69 45.91 -9.23
C VAL L 10 25.58 47.13 -9.03
N SER L 11 25.41 48.13 -9.87
CA SER L 11 26.18 49.36 -9.74
C SER L 11 25.37 50.39 -8.96
N GLY L 12 26.08 51.24 -8.23
CA GLY L 12 25.42 52.22 -7.37
C GLY L 12 26.30 53.43 -7.16
N SER L 13 25.65 54.56 -6.94
CA SER L 13 26.33 55.79 -6.63
C SER L 13 26.70 55.85 -5.15
N PRO L 14 27.80 56.52 -4.81
CA PRO L 14 28.20 56.61 -3.40
C PRO L 14 27.13 57.32 -2.56
N GLY L 15 26.75 56.68 -1.46
CA GLY L 15 25.77 57.22 -0.54
C GLY L 15 24.38 56.61 -0.68
N GLN L 16 24.05 56.04 -1.84
CA GLN L 16 22.73 55.47 -2.04
C GLN L 16 22.72 54.03 -1.51
N SER L 17 21.57 53.37 -1.64
CA SER L 17 21.38 52.01 -1.14
C SER L 17 21.08 51.09 -2.30
N ILE L 18 21.90 50.05 -2.45
CA ILE L 18 21.67 49.02 -3.44
C ILE L 18 21.13 47.79 -2.74
N THR L 19 20.47 46.91 -3.51
CA THR L 19 19.90 45.68 -2.98
C THR L 19 20.25 44.52 -3.91
N ILE L 20 20.53 43.37 -3.33
CA ILE L 20 20.89 42.16 -4.06
C ILE L 20 19.83 41.10 -3.78
N SER L 21 19.25 40.55 -4.85
CA SER L 21 18.24 39.51 -4.73
C SER L 21 18.90 38.13 -4.68
N CYS L 22 18.22 37.19 -4.04
CA CYS L 22 18.69 35.82 -3.92
C CYS L 22 17.47 34.91 -4.11
N THR L 23 17.02 34.80 -5.37
CA THR L 23 15.82 33.97 -5.65
C THR L 23 16.22 32.50 -5.70
N GLY L 24 15.43 31.63 -5.06
CA GLY L 24 15.72 30.18 -5.09
C GLY L 24 14.46 29.38 -5.42
N SER L 25 14.63 28.20 -6.00
CA SER L 25 13.45 27.34 -6.33
C SER L 25 12.77 26.92 -5.03
N SER L 33 14.13 29.42 6.89
CA SER L 33 15.02 30.41 6.26
C SER L 33 16.30 30.61 7.05
N HIS L 34 17.38 30.14 6.47
CA HIS L 34 18.73 30.31 6.98
C HIS L 34 19.61 31.01 5.96
N VAL L 35 19.15 32.12 5.40
CA VAL L 35 19.91 32.73 4.32
C VAL L 35 20.94 33.67 4.92
N SER L 36 22.17 33.54 4.46
CA SER L 36 23.29 34.34 4.94
C SER L 36 23.95 35.02 3.76
N TRP L 37 24.63 36.12 4.05
CA TRP L 37 25.28 36.92 3.01
C TRP L 37 26.78 36.97 3.25
N TYR L 38 27.55 36.69 2.22
CA TYR L 38 29.00 36.64 2.29
C TYR L 38 29.59 37.71 1.38
N GLN L 39 30.66 38.35 1.84
CA GLN L 39 31.39 39.33 1.05
C GLN L 39 32.81 38.83 0.83
N GLN L 40 33.21 38.74 -0.44
CA GLN L 40 34.54 38.27 -0.80
C GLN L 40 35.24 39.37 -1.60
N HIS L 41 36.13 40.11 -0.94
CA HIS L 41 36.93 41.10 -1.64
C HIS L 41 37.97 40.39 -2.51
N PRO L 42 38.37 41.00 -3.63
CA PRO L 42 39.31 40.34 -4.54
C PRO L 42 40.60 39.97 -3.82
N GLY L 43 41.00 38.72 -3.95
CA GLY L 43 42.21 38.22 -3.32
C GLY L 43 42.09 37.88 -1.85
N LYS L 44 40.89 37.91 -1.28
CA LYS L 44 40.68 37.62 0.12
C LYS L 44 39.61 36.53 0.25
N VAL L 45 39.54 35.95 1.45
CA VAL L 45 38.61 34.86 1.73
C VAL L 45 37.20 35.43 1.92
N PRO L 46 36.16 34.62 1.67
CA PRO L 46 34.80 35.11 1.91
C PRO L 46 34.55 35.38 3.38
N LYS L 47 33.72 36.39 3.65
CA LYS L 47 33.42 36.82 5.01
C LYS L 47 31.92 36.85 5.22
N LEU L 48 31.48 36.26 6.32
CA LEU L 48 30.06 36.29 6.67
C LEU L 48 29.66 37.69 7.09
N ILE L 49 28.68 38.27 6.39
CA ILE L 49 28.26 39.64 6.63
C ILE L 49 26.91 39.68 7.33
N ILE L 50 25.94 38.86 6.90
CA ILE L 50 24.63 38.78 7.49
C ILE L 50 24.25 37.32 7.64
N SER L 51 23.64 36.96 8.77
CA SER L 51 23.15 35.61 9.01
C SER L 51 21.69 35.67 9.37
N GLU L 52 21.01 34.53 9.27
CA GLU L 52 19.58 34.40 9.57
C GLU L 52 18.76 35.54 8.96
N VAL L 53 18.86 35.66 7.64
CA VAL L 53 18.12 36.63 6.83
C VAL L 53 18.60 38.05 7.12
N SER L 54 18.48 38.51 8.37
CA SER L 54 18.84 39.88 8.73
C SER L 54 19.81 40.03 9.90
N ASN L 55 20.02 38.99 10.71
CA ASN L 55 20.93 39.11 11.84
C ASN L 55 22.34 39.44 11.38
N ARG L 56 22.95 40.42 12.02
CA ARG L 56 24.27 40.92 11.64
C ARG L 56 25.33 40.42 12.61
N PRO L 57 26.27 39.59 12.20
CA PRO L 57 27.37 39.19 13.09
C PRO L 57 28.09 40.40 13.67
N SER L 58 28.59 40.24 14.90
CA SER L 58 29.29 41.33 15.57
C SER L 58 30.54 41.72 14.79
N GLY L 59 30.77 43.03 14.69
CA GLY L 59 31.89 43.56 13.94
C GLY L 59 31.58 43.95 12.52
N ILE L 60 30.35 43.75 12.06
CA ILE L 60 29.94 44.12 10.71
C ILE L 60 29.21 45.45 10.78
N SER L 61 29.45 46.30 9.78
CA SER L 61 28.86 47.63 9.78
C SER L 61 27.34 47.54 9.63
N ASN L 62 26.65 48.49 10.25
CA ASN L 62 25.18 48.51 10.23
C ASN L 62 24.60 48.87 8.87
N ARG L 63 25.42 49.31 7.93
CA ARG L 63 24.93 49.62 6.60
C ARG L 63 24.38 48.40 5.86
N PHE L 64 24.65 47.20 6.34
CA PHE L 64 24.23 45.96 5.70
C PHE L 64 22.96 45.45 6.39
N SER L 65 21.91 45.23 5.61
CA SER L 65 20.66 44.72 6.14
C SER L 65 20.16 43.57 5.27
N GLY L 66 19.16 42.85 5.80
CA GLY L 66 18.64 41.70 5.11
C GLY L 66 17.14 41.60 5.20
N SER L 67 16.51 41.19 4.10
CA SER L 67 15.06 41.02 4.01
C SER L 67 14.75 39.75 3.26
N LYS L 68 13.55 39.23 3.48
CA LYS L 68 13.11 37.98 2.87
C LYS L 68 11.65 38.13 2.43
N SER L 69 11.41 38.01 1.13
CA SER L 69 10.07 38.00 0.57
C SER L 69 9.93 36.74 -0.26
N ALA L 70 8.90 35.94 0.05
CA ALA L 70 8.69 34.65 -0.60
C ALA L 70 9.95 33.79 -0.57
N ASN L 71 10.51 33.52 -1.75
CA ASN L 71 11.77 32.79 -1.85
C ASN L 71 12.93 33.69 -2.30
N THR L 72 12.77 35.00 -2.24
CA THR L 72 13.82 35.94 -2.61
C THR L 72 14.36 36.59 -1.35
N ALA L 73 15.66 36.44 -1.12
CA ALA L 73 16.36 37.09 -0.02
C ALA L 73 17.06 38.33 -0.54
N SER L 74 16.95 39.43 0.22
CA SER L 74 17.45 40.72 -0.21
C SER L 74 18.49 41.23 0.77
N LEU L 75 19.63 41.65 0.24
CA LEU L 75 20.69 42.27 1.01
C LEU L 75 20.79 43.72 0.57
N THR L 76 20.54 44.65 1.50
CA THR L 76 20.54 46.07 1.20
C THR L 76 21.77 46.71 1.84
N ILE L 77 22.61 47.32 1.01
CA ILE L 77 23.80 48.03 1.46
C ILE L 77 23.47 49.52 1.39
N SER L 78 23.20 50.12 2.54
CA SER L 78 22.95 51.56 2.65
C SER L 78 24.26 52.32 2.76
N GLY L 79 24.18 53.62 2.48
CA GLY L 79 25.35 54.50 2.56
C GLY L 79 26.55 53.94 1.83
N LEU L 80 26.41 53.69 0.53
CA LEU L 80 27.45 53.04 -0.26
C LEU L 80 28.80 53.73 -0.10
N GLN L 81 29.81 52.92 0.23
CA GLN L 81 31.18 53.38 0.34
C GLN L 81 31.98 52.77 -0.79
N PRO L 82 33.02 53.46 -1.28
CA PRO L 82 33.86 52.88 -2.34
C PRO L 82 34.53 51.58 -1.93
N GLU L 83 34.64 51.32 -0.62
CA GLU L 83 35.20 50.10 -0.08
C GLU L 83 34.21 48.94 -0.11
N ASP L 84 32.94 49.22 -0.34
CA ASP L 84 31.92 48.19 -0.37
C ASP L 84 32.03 47.29 -1.60
N GLU L 85 32.62 47.79 -2.70
CA GLU L 85 32.72 47.04 -3.95
C GLU L 85 33.38 45.70 -3.72
N ALA L 86 32.63 44.63 -3.96
CA ALA L 86 33.13 43.26 -3.83
C ALA L 86 32.07 42.33 -4.41
N ASP L 87 32.38 41.04 -4.43
CA ASP L 87 31.43 40.02 -4.84
C ASP L 87 30.68 39.52 -3.61
N TYR L 88 29.36 39.67 -3.64
CA TYR L 88 28.50 39.30 -2.51
C TYR L 88 27.76 38.02 -2.86
N TYR L 89 27.78 37.05 -1.95
CA TYR L 89 27.18 35.74 -2.17
C TYR L 89 26.15 35.46 -1.08
N CYS L 90 25.03 34.86 -1.47
CA CYS L 90 24.03 34.38 -0.53
C CYS L 90 24.12 32.86 -0.44
N GLY L 91 23.94 32.34 0.76
CA GLY L 91 24.04 30.91 0.95
C GLY L 91 23.04 30.37 1.96
N SER L 92 22.52 29.17 1.71
CA SER L 92 21.64 28.53 2.67
C SER L 92 21.66 27.02 2.43
N TYR L 93 21.18 26.28 3.43
CA TYR L 93 21.05 24.83 3.29
C TYR L 93 19.90 24.50 2.35
N ALA L 94 20.01 23.35 1.69
CA ALA L 94 19.11 22.98 0.58
C ALA L 94 18.17 21.83 0.90
N SER L 95 18.07 21.38 2.14
CA SER L 95 17.12 20.33 2.52
C SER L 95 17.27 19.10 1.62
N THR L 96 18.51 18.66 1.41
CA THR L 96 18.81 17.48 0.61
C THR L 96 19.31 16.36 1.53
N ASN L 97 19.57 15.19 0.92
CA ASN L 97 19.98 14.02 1.69
C ASN L 97 21.17 14.30 2.59
N ILE L 98 22.20 14.95 2.03
CA ILE L 98 23.40 15.30 2.78
C ILE L 98 23.41 16.77 3.18
N LEU L 99 22.26 17.44 3.11
CA LEU L 99 22.12 18.86 3.48
C LEU L 99 23.19 19.72 2.82
N HIS L 100 23.08 19.81 1.48
CA HIS L 100 23.97 20.67 0.74
C HIS L 100 23.85 22.11 1.23
N TYR L 101 24.98 22.80 1.37
CA TYR L 101 24.98 24.23 1.61
C TYR L 101 25.17 24.90 0.26
N VAL L 102 24.11 25.48 -0.27
CA VAL L 102 24.16 26.05 -1.61
C VAL L 102 24.60 27.51 -1.49
N PHE L 103 25.56 27.90 -2.32
CA PHE L 103 26.04 29.27 -2.41
C PHE L 103 25.40 29.94 -3.61
N GLY L 104 25.23 31.26 -3.54
CA GLY L 104 24.61 31.99 -4.61
C GLY L 104 25.51 32.14 -5.81
N THR L 105 24.91 32.64 -6.91
CA THR L 105 25.67 32.82 -8.14
C THR L 105 26.75 33.88 -7.97
N GLY L 106 26.42 34.99 -7.30
CA GLY L 106 27.40 36.03 -7.12
C GLY L 106 26.96 37.34 -7.70
N THR L 107 27.26 38.44 -7.01
CA THR L 107 26.90 39.78 -7.46
C THR L 107 28.11 40.68 -7.35
N LYS L 108 28.56 41.22 -8.48
CA LYS L 108 29.71 42.13 -8.48
C LYS L 108 29.17 43.54 -8.27
N VAL L 109 29.05 43.93 -7.00
CA VAL L 109 28.58 45.28 -6.70
C VAL L 109 29.69 46.27 -7.03
N THR L 110 29.30 47.40 -7.62
CA THR L 110 30.27 48.43 -7.97
C THR L 110 29.75 49.77 -7.46
N VAL L 111 30.58 50.45 -6.69
CA VAL L 111 30.30 51.83 -6.31
C VAL L 111 31.05 52.67 -7.32
N LEU L 112 30.33 53.57 -7.99
CA LEU L 112 30.92 54.22 -9.15
C LEU L 112 31.72 55.40 -8.64
N SER L 113 33.03 55.21 -8.57
CA SER L 113 33.92 56.32 -8.14
C SER L 113 33.84 57.48 -9.12
N ARG L 114 34.36 57.28 -10.34
CA ARG L 114 34.28 58.32 -11.39
C ARG L 114 33.07 58.03 -12.28
N THR L 115 32.80 58.89 -13.25
CA THR L 115 31.69 58.62 -14.21
C THR L 115 31.93 57.47 -15.17
N VAL L 116 30.93 57.16 -15.99
CA VAL L 116 31.07 56.01 -16.94
C VAL L 116 32.13 56.35 -18.00
N ALA L 117 32.85 55.35 -18.48
CA ALA L 117 33.89 55.57 -19.51
C ALA L 117 33.69 54.55 -20.62
N ALA L 118 34.13 54.86 -21.84
CA ALA L 118 33.81 53.94 -22.91
C ALA L 118 35.00 53.06 -23.24
N PRO L 119 34.77 51.76 -23.45
CA PRO L 119 35.88 50.86 -23.74
C PRO L 119 36.43 51.12 -25.13
N SER L 120 37.76 51.18 -25.22
CA SER L 120 38.44 51.31 -26.50
C SER L 120 38.61 49.92 -27.09
N VAL L 121 37.76 49.59 -28.06
CA VAL L 121 37.75 48.27 -28.67
C VAL L 121 38.69 48.28 -29.87
N PHE L 122 39.61 47.32 -29.90
CA PHE L 122 40.58 47.16 -30.98
C PHE L 122 40.71 45.70 -31.36
N ILE L 123 40.73 45.43 -32.66
CA ILE L 123 40.82 44.08 -33.17
C ILE L 123 42.25 43.82 -33.61
N PHE L 124 42.77 42.65 -33.28
CA PHE L 124 44.15 42.27 -33.58
C PHE L 124 44.15 40.98 -34.40
N PRO L 125 44.58 41.03 -35.66
CA PRO L 125 44.64 39.81 -36.46
C PRO L 125 45.66 38.82 -35.91
N PRO L 126 45.48 37.53 -36.16
CA PRO L 126 46.48 36.55 -35.68
C PRO L 126 47.83 36.76 -36.34
N SER L 127 48.88 36.56 -35.56
CA SER L 127 50.24 36.73 -36.09
C SER L 127 50.56 35.63 -37.10
N ASP L 128 51.09 36.04 -38.26
CA ASP L 128 51.41 35.09 -39.31
C ASP L 128 52.47 34.10 -38.85
N GLU L 129 53.40 34.53 -37.99
CA GLU L 129 54.37 33.62 -37.38
C GLU L 129 53.65 32.56 -36.53
N GLN L 130 52.70 33.00 -35.71
CA GLN L 130 51.95 32.07 -34.88
C GLN L 130 51.11 31.12 -35.73
N LEU L 131 50.55 31.61 -36.84
CA LEU L 131 49.84 30.73 -37.78
C LEU L 131 50.76 29.62 -38.27
N LYS L 132 52.02 29.95 -38.53
CA LYS L 132 53.00 28.94 -38.94
C LYS L 132 53.22 27.92 -37.83
N SER L 133 53.26 28.40 -36.57
CA SER L 133 53.41 27.48 -35.44
C SER L 133 52.24 26.50 -35.35
N GLY L 134 51.07 26.90 -35.85
CA GLY L 134 49.89 26.04 -35.83
C GLY L 134 48.72 26.58 -35.04
N THR L 135 48.90 27.67 -34.30
CA THR L 135 47.84 28.25 -33.48
C THR L 135 47.46 29.63 -34.02
N ALA L 136 46.19 29.99 -33.86
CA ALA L 136 45.66 31.28 -34.30
C ALA L 136 45.04 31.98 -33.11
N SER L 137 45.65 33.09 -32.67
CA SER L 137 45.18 33.85 -31.52
C SER L 137 44.63 35.19 -31.99
N VAL L 138 43.32 35.30 -32.02
CA VAL L 138 42.64 36.57 -32.31
C VAL L 138 42.42 37.29 -30.98
N VAL L 139 42.96 38.50 -30.86
CA VAL L 139 42.93 39.26 -29.62
C VAL L 139 41.99 40.44 -29.80
N CYS L 140 40.98 40.54 -28.94
CA CYS L 140 40.07 41.68 -28.90
C CYS L 140 40.40 42.48 -27.64
N LEU L 141 40.74 43.76 -27.82
CA LEU L 141 41.24 44.60 -26.75
C LEU L 141 40.21 45.64 -26.39
N LEU L 142 39.83 45.67 -25.11
CA LEU L 142 38.95 46.71 -24.56
C LEU L 142 39.76 47.54 -23.58
N ASN L 143 39.85 48.85 -23.85
CA ASN L 143 40.71 49.74 -23.08
C ASN L 143 39.89 50.89 -22.50
N ASN L 144 40.27 51.31 -21.30
CA ASN L 144 39.68 52.46 -20.61
C ASN L 144 38.16 52.33 -20.48
N PHE L 145 37.74 51.27 -19.81
CA PHE L 145 36.33 51.09 -19.49
C PHE L 145 36.17 50.92 -17.98
N TYR L 146 35.04 51.44 -17.49
CA TYR L 146 34.71 51.40 -16.08
C TYR L 146 33.19 51.40 -15.98
N PRO L 147 32.58 50.41 -15.31
CA PRO L 147 33.17 49.34 -14.51
C PRO L 147 33.46 48.07 -15.31
N ARG L 148 33.57 46.95 -14.62
CA ARG L 148 33.88 45.68 -15.25
C ARG L 148 32.61 44.89 -15.57
N GLN L 153 31.49 39.08 -27.30
CA GLN L 153 30.94 37.98 -28.09
C GLN L 153 31.82 37.72 -29.30
N TRP L 154 32.37 36.52 -29.40
CA TRP L 154 33.20 36.13 -30.54
C TRP L 154 32.30 35.60 -31.66
N LYS L 155 32.27 36.33 -32.78
CA LYS L 155 31.43 35.98 -33.92
C LYS L 155 32.32 35.61 -35.10
N VAL L 156 32.38 34.32 -35.42
CA VAL L 156 33.13 33.80 -36.56
C VAL L 156 32.12 33.39 -37.62
N ASP L 157 32.15 34.05 -38.77
CA ASP L 157 31.20 33.82 -39.87
C ASP L 157 29.76 33.88 -39.37
N ASN L 158 29.47 34.93 -38.57
CA ASN L 158 28.16 35.13 -37.97
C ASN L 158 27.74 33.94 -37.10
N ALA L 159 28.69 33.43 -36.33
CA ALA L 159 28.42 32.32 -35.41
C ALA L 159 29.18 32.56 -34.12
N LEU L 160 28.46 32.48 -32.99
CA LEU L 160 29.05 32.71 -31.68
C LEU L 160 30.00 31.58 -31.29
N ASN L 164 36.38 28.89 -25.94
CA ASN L 164 37.66 29.05 -26.61
C ASN L 164 38.22 30.46 -26.40
N SER L 165 37.66 31.20 -25.45
CA SER L 165 38.03 32.57 -25.19
C SER L 165 38.55 32.69 -23.76
N GLN L 166 39.73 33.28 -23.62
CA GLN L 166 40.33 33.56 -22.31
C GLN L 166 40.55 35.06 -22.17
N GLU L 167 40.18 35.61 -21.01
CA GLU L 167 40.20 37.04 -20.77
C GLU L 167 41.06 37.38 -19.56
N SER L 168 41.61 38.59 -19.57
CA SER L 168 42.39 39.11 -18.45
C SER L 168 42.07 40.58 -18.24
N VAL L 169 42.02 41.02 -16.98
CA VAL L 169 41.63 42.38 -16.63
C VAL L 169 42.68 43.00 -15.71
N THR L 170 43.01 44.28 -15.96
CA THR L 170 43.92 45.07 -15.13
C THR L 170 43.31 46.43 -14.78
N GLU L 171 43.65 46.93 -13.59
CA GLU L 171 43.23 48.26 -13.16
C GLU L 171 44.19 49.34 -13.63
N GLN L 172 43.65 50.41 -14.24
CA GLN L 172 44.45 51.58 -14.64
C GLN L 172 44.60 52.52 -13.45
N ASP L 173 45.42 52.08 -12.50
CA ASP L 173 45.81 52.80 -11.29
C ASP L 173 44.92 53.97 -10.88
N ASP L 176 43.59 56.83 -14.81
CA ASP L 176 42.28 56.93 -15.42
C ASP L 176 41.25 56.20 -14.55
N SER L 177 41.75 55.41 -13.61
CA SER L 177 40.91 54.56 -12.76
C SER L 177 39.96 53.70 -13.58
N THR L 178 40.38 53.32 -14.77
CA THR L 178 39.61 52.49 -15.68
C THR L 178 40.14 51.06 -15.66
N TYR L 179 39.68 50.25 -16.60
CA TYR L 179 40.06 48.84 -16.70
C TYR L 179 40.40 48.49 -18.13
N SER L 180 41.06 47.35 -18.30
CA SER L 180 41.46 46.86 -19.60
C SER L 180 41.23 45.35 -19.69
N LEU L 181 40.68 44.91 -20.83
CA LEU L 181 40.29 43.53 -21.05
C LEU L 181 40.93 43.01 -22.34
N SER L 182 41.39 41.75 -22.31
CA SER L 182 42.01 41.11 -23.46
C SER L 182 41.35 39.75 -23.68
N SER L 183 40.36 39.72 -24.56
CA SER L 183 39.73 38.46 -24.94
C SER L 183 40.52 37.82 -26.08
N THR L 184 41.05 36.61 -25.83
CA THR L 184 41.89 35.91 -26.79
C THR L 184 41.15 34.70 -27.31
N LEU L 185 40.82 34.70 -28.60
CA LEU L 185 40.15 33.59 -29.26
C LEU L 185 41.22 32.74 -29.94
N THR L 186 41.45 31.54 -29.41
CA THR L 186 42.49 30.65 -29.92
C THR L 186 41.86 29.55 -30.77
N SER L 188 42.80 26.62 -34.20
CA SER L 188 43.85 25.96 -34.95
C SER L 188 44.03 26.62 -36.31
N LYS L 189 45.25 26.51 -36.86
CA LYS L 189 45.53 27.07 -38.18
C LYS L 189 44.54 26.57 -39.22
N ALA L 190 44.26 25.26 -39.21
CA ALA L 190 43.30 24.68 -40.15
C ALA L 190 41.92 25.30 -39.97
N ASP L 191 41.40 25.26 -38.74
CA ASP L 191 40.08 25.82 -38.47
C ASP L 191 40.05 27.31 -38.77
N TYR L 192 41.15 28.03 -38.46
CA TYR L 192 41.22 29.45 -38.76
C TYR L 192 41.04 29.70 -40.26
N GLU L 193 41.76 28.95 -41.08
CA GLU L 193 41.64 29.10 -42.54
C GLU L 193 40.30 28.61 -43.06
N LYS L 194 39.62 27.71 -42.34
CA LYS L 194 38.32 27.21 -42.76
C LYS L 194 37.27 28.31 -42.83
N HIS L 195 37.45 29.39 -42.09
CA HIS L 195 36.49 30.49 -41.99
C HIS L 195 37.08 31.75 -42.59
N LYS L 196 36.21 32.74 -42.83
CA LYS L 196 36.63 34.00 -43.44
C LYS L 196 36.56 35.18 -42.48
N VAL L 197 35.37 35.52 -41.98
CA VAL L 197 35.15 36.75 -41.22
C VAL L 197 35.34 36.47 -39.73
N TYR L 198 36.12 37.31 -39.06
CA TYR L 198 36.35 37.22 -37.62
C TYR L 198 36.03 38.56 -36.96
N CYS L 200 34.53 40.56 -33.05
CA CYS L 200 34.26 40.50 -31.62
C CYS L 200 33.29 41.63 -31.26
N GLU L 201 32.00 41.32 -31.18
CA GLU L 201 31.01 42.27 -30.72
C GLU L 201 31.20 42.56 -29.24
N VAL L 202 31.14 43.84 -28.87
CA VAL L 202 31.39 44.29 -27.50
C VAL L 202 30.20 45.13 -27.04
N THR L 203 29.66 44.80 -25.87
CA THR L 203 28.56 45.53 -25.25
C THR L 203 28.96 45.94 -23.83
N HIS L 204 28.89 47.24 -23.54
CA HIS L 204 29.25 47.78 -22.25
C HIS L 204 28.31 48.94 -21.92
N GLN L 205 28.38 49.39 -20.65
CA GLN L 205 27.51 50.46 -20.20
C GLN L 205 27.83 51.77 -20.91
N GLY L 206 29.12 52.05 -21.11
CA GLY L 206 29.51 53.29 -21.77
C GLY L 206 28.95 53.40 -23.18
N LEU L 207 29.07 52.33 -23.96
CA LEU L 207 28.53 52.27 -25.32
C LEU L 207 27.32 51.33 -25.31
N SER L 208 26.14 51.91 -25.05
CA SER L 208 24.91 51.13 -25.03
C SER L 208 24.70 50.39 -26.34
N SER L 209 24.96 51.06 -27.46
CA SER L 209 24.86 50.40 -28.76
C SER L 209 26.00 49.39 -28.92
N PRO L 210 25.71 48.15 -29.32
CA PRO L 210 26.78 47.15 -29.44
C PRO L 210 27.82 47.59 -30.45
N VAL L 211 29.09 47.51 -30.05
CA VAL L 211 30.24 47.88 -30.86
C VAL L 211 30.97 46.60 -31.26
N THR L 212 31.15 46.39 -32.55
CA THR L 212 31.81 45.19 -33.07
C THR L 212 32.97 45.58 -33.96
N LYS L 213 34.10 44.88 -33.77
CA LYS L 213 35.29 45.04 -34.58
C LYS L 213 35.54 43.76 -35.36
N SER L 214 35.56 43.86 -36.69
CA SER L 214 35.68 42.71 -37.57
C SER L 214 36.91 42.85 -38.47
N PHE L 215 37.49 41.70 -38.81
CA PHE L 215 38.57 41.64 -39.79
C PHE L 215 38.32 40.44 -40.69
N ASN L 216 38.61 40.61 -41.98
CA ASN L 216 38.46 39.53 -42.95
C ASN L 216 39.84 39.09 -43.43
N ARG L 217 40.05 37.77 -43.47
CA ARG L 217 41.35 37.23 -43.87
C ARG L 217 41.27 36.57 -45.24
N VAL M 2 39.39 30.55 17.38
CA VAL M 2 39.39 29.49 16.39
C VAL M 2 39.72 30.05 15.02
N GLN M 3 40.77 29.50 14.40
CA GLN M 3 41.20 29.90 13.08
C GLN M 3 41.72 28.67 12.34
N LEU M 4 41.51 28.65 11.02
CA LEU M 4 41.90 27.52 10.20
C LEU M 4 43.13 27.87 9.37
N VAL M 5 44.08 26.94 9.31
CA VAL M 5 45.36 27.12 8.62
C VAL M 5 45.40 26.20 7.42
N GLN M 6 45.74 26.76 6.25
CA GLN M 6 45.90 25.99 5.03
C GLN M 6 47.30 26.22 4.48
N SER M 7 47.75 25.27 3.66
CA SER M 7 49.06 25.36 3.06
C SER M 7 49.05 26.34 1.88
N GLY M 8 50.24 26.57 1.31
CA GLY M 8 50.38 27.46 0.18
C GLY M 8 49.94 26.83 -1.14
N ALA M 9 50.03 27.64 -2.19
CA ALA M 9 49.67 27.17 -3.52
C ALA M 9 50.40 25.87 -3.82
N GLU M 10 49.86 25.07 -4.74
CA GLU M 10 50.48 23.75 -4.99
C GLU M 10 50.15 23.32 -6.42
N LYS M 12 50.12 21.06 -9.54
CA LYS M 12 50.32 19.60 -9.66
C LYS M 12 50.26 19.19 -11.13
N LYS M 13 50.56 17.92 -11.43
CA LYS M 13 50.60 17.45 -12.83
C LYS M 13 49.24 16.88 -13.22
N PRO M 14 48.77 17.03 -14.47
CA PRO M 14 47.49 16.41 -14.85
C PRO M 14 47.50 14.90 -14.62
N GLY M 15 46.49 14.42 -13.91
CA GLY M 15 46.40 13.02 -13.56
C GLY M 15 46.95 12.67 -12.20
N SER M 16 47.48 13.65 -11.47
CA SER M 16 48.08 13.39 -10.16
C SER M 16 47.01 13.54 -9.08
N SER M 17 47.42 13.74 -7.84
CA SER M 17 46.50 13.91 -6.73
C SER M 17 47.12 14.85 -5.70
N VAL M 18 46.31 15.76 -5.17
CA VAL M 18 46.75 16.74 -4.19
C VAL M 18 45.92 16.56 -2.92
N LYS M 19 46.57 16.65 -1.77
CA LYS M 19 45.93 16.52 -0.46
C LYS M 19 46.05 17.84 0.30
N VAL M 20 45.08 18.71 0.14
CA VAL M 20 45.13 20.02 0.82
C VAL M 20 44.87 19.83 2.30
N PRO M 21 45.68 20.41 3.18
CA PRO M 21 45.49 20.23 4.63
C PRO M 21 44.71 21.37 5.27
N CYS M 22 44.18 21.13 6.46
CA CYS M 22 43.46 22.13 7.22
C CYS M 22 43.73 21.91 8.70
N LYS M 23 44.36 22.87 9.35
CA LYS M 23 44.72 22.77 10.76
C LYS M 23 43.86 23.71 11.58
N ALA M 24 43.47 23.26 12.78
CA ALA M 24 42.62 24.02 13.69
C ALA M 24 43.51 24.67 14.75
N SER M 25 43.85 25.94 14.51
CA SER M 25 44.59 26.72 15.50
C SER M 25 43.62 27.26 16.54
N GLY M 26 43.66 26.68 17.74
CA GLY M 26 42.71 27.01 18.79
C GLY M 26 41.45 26.17 18.77
N GLY M 27 41.13 25.54 17.64
CA GLY M 27 39.99 24.64 17.57
C GLY M 27 40.38 23.20 17.89
N THR M 28 39.35 22.36 18.04
CA THR M 28 39.55 20.96 18.39
C THR M 28 39.12 20.00 17.30
N PHE M 29 38.36 20.48 16.30
CA PHE M 29 37.82 19.62 15.23
C PHE M 29 37.08 18.41 15.82
N SER M 30 36.18 18.69 16.76
CA SER M 30 35.45 17.63 17.42
C SER M 30 33.98 17.95 17.61
N THR M 31 33.57 19.16 17.28
CA THR M 31 32.17 19.57 17.56
C THR M 31 31.50 20.13 16.32
N TYR M 32 32.17 21.05 15.62
CA TYR M 32 31.53 21.71 14.47
C TYR M 32 31.99 21.07 13.15
N PRO M 33 31.06 20.70 12.25
CA PRO M 33 31.41 20.14 10.95
C PRO M 33 32.32 21.07 10.14
N ILE M 34 33.22 20.50 9.35
CA ILE M 34 34.18 21.28 8.57
C ILE M 34 33.83 21.09 7.11
N SER M 35 33.21 22.11 6.51
CA SER M 35 32.83 22.07 5.12
C SER M 35 34.00 22.53 4.26
N TRP M 36 34.04 22.03 3.03
CA TRP M 36 35.07 22.37 2.06
C TRP M 36 34.41 23.04 0.86
N VAL M 37 34.85 24.26 0.57
CA VAL M 37 34.29 25.09 -0.50
C VAL M 37 35.35 25.31 -1.57
N ARG M 38 34.95 25.13 -2.82
CA ARG M 38 35.83 25.32 -3.96
C ARG M 38 35.42 26.57 -4.72
N GLN M 39 36.40 27.34 -5.18
CA GLN M 39 36.16 28.53 -6.00
C GLN M 39 37.15 28.50 -7.15
N ALA M 40 36.62 28.40 -8.37
CA ALA M 40 37.46 28.41 -9.54
C ALA M 40 37.94 29.82 -9.85
N PRO M 41 39.06 29.95 -10.56
CA PRO M 41 39.57 31.29 -10.94
C PRO M 41 38.53 32.06 -11.74
N GLY M 42 38.07 33.18 -11.17
CA GLY M 42 37.10 34.03 -11.82
C GLY M 42 35.70 33.45 -11.83
N GLN M 43 35.34 32.73 -10.76
CA GLN M 43 34.04 32.11 -10.61
C GLN M 43 33.64 32.27 -9.15
N GLY M 44 32.41 31.86 -8.85
CA GLY M 44 31.91 31.93 -7.49
C GLY M 44 32.14 30.68 -6.68
N LEU M 45 31.87 30.83 -5.37
CA LEU M 45 32.05 29.76 -4.40
C LEU M 45 31.18 28.55 -4.72
N GLU M 46 31.71 27.36 -4.49
CA GLU M 46 31.02 26.11 -4.76
C GLU M 46 31.30 25.13 -3.61
N TRP M 47 30.27 24.82 -2.83
CA TRP M 47 30.39 23.87 -1.72
C TRP M 47 30.72 22.47 -2.26
N MET M 48 31.81 21.89 -1.76
CA MET M 48 32.21 20.55 -2.17
C MET M 48 31.59 19.47 -1.29
N GLY M 49 31.74 19.62 0.03
CA GLY M 49 31.23 18.62 0.94
C GLY M 49 31.61 18.99 2.36
N ARG M 50 31.39 18.06 3.29
CA ARG M 50 31.67 18.37 4.71
C ARG M 50 32.24 17.12 5.41
N ILE M 51 32.95 17.31 6.52
CA ILE M 51 33.42 16.15 7.33
C ILE M 51 32.93 16.40 8.77
N ILE M 52 32.23 15.42 9.35
CA ILE M 52 31.59 15.63 10.70
C ILE M 52 32.37 14.87 11.77
N PRO M 53 33.02 15.56 12.72
CA PRO M 53 33.80 14.91 13.78
C PRO M 53 33.12 14.00 14.81
N ASP M 54 31.93 14.36 15.31
CA ASP M 54 31.35 13.56 16.43
C ASP M 54 31.20 12.12 15.94
N PRO M 55 30.42 11.82 14.88
CA PRO M 55 30.43 10.49 14.26
C PRO M 55 31.28 10.58 12.99
N PRO M 56 32.26 9.69 12.74
CA PRO M 56 33.08 9.96 11.57
C PRO M 56 32.07 9.86 10.42
N MET M 57 32.09 10.84 9.51
CA MET M 57 31.21 10.79 8.31
C MET M 57 31.80 11.67 7.21
N ALA M 58 31.39 11.47 5.96
CA ALA M 58 31.81 12.40 4.89
C ALA M 58 30.59 12.64 3.98
N ASN M 59 30.22 13.92 3.80
CA ASN M 59 29.07 14.23 2.91
C ASN M 59 29.62 14.98 1.70
N ILE M 60 29.79 14.30 0.55
CA ILE M 60 30.43 14.94 -0.63
C ILE M 60 29.40 15.03 -1.75
N ALA M 61 29.46 16.09 -2.56
CA ALA M 61 28.54 16.26 -3.70
C ALA M 61 28.86 15.19 -4.75
N GLN M 62 27.85 14.75 -5.51
CA GLN M 62 28.08 13.64 -6.48
C GLN M 62 29.12 14.04 -7.53
N LYS M 63 29.07 15.28 -8.02
CA LYS M 63 30.02 15.68 -9.08
C LYS M 63 31.44 15.56 -8.52
N PHE M 64 31.65 16.04 -7.29
CA PHE M 64 32.97 15.91 -6.60
C PHE M 64 33.26 14.44 -6.31
N GLN M 65 32.22 13.65 -5.98
CA GLN M 65 32.43 12.25 -5.54
C GLN M 65 33.29 11.43 -6.50
N GLY M 66 33.82 10.32 -6.01
CA GLY M 66 34.70 9.47 -6.78
C GLY M 66 36.15 9.92 -6.79
N ARG M 67 36.41 11.19 -6.52
CA ARG M 67 37.77 11.71 -6.48
C ARG M 67 38.15 12.30 -5.14
N VAL M 68 37.20 12.92 -4.44
CA VAL M 68 37.50 13.56 -3.16
C VAL M 68 37.52 12.50 -2.07
N SER M 69 38.57 12.54 -1.24
CA SER M 69 38.69 11.66 -0.10
C SER M 69 39.05 12.49 1.13
N PHE M 70 38.27 12.32 2.20
CA PHE M 70 38.40 13.12 3.42
C PHE M 70 39.18 12.36 4.47
N SER M 71 40.50 12.54 4.48
CA SER M 71 41.37 12.02 5.51
C SER M 71 41.54 13.04 6.64
N ALA M 72 42.03 12.57 7.79
CA ALA M 72 42.24 13.48 8.94
C ALA M 72 43.18 12.81 9.94
N ASP M 73 44.07 13.59 10.57
CA ASP M 73 44.95 13.02 11.62
C ASP M 73 44.43 13.46 12.98
N LYS M 74 44.12 12.51 13.85
CA LYS M 74 43.57 12.86 15.19
C LYS M 74 44.62 13.67 15.95
N SER M 75 45.89 13.26 15.85
CA SER M 75 46.97 14.05 16.48
C SER M 75 47.14 15.37 15.71
N THR M 76 47.25 16.49 16.41
CA THR M 76 47.51 17.83 15.78
C THR M 76 46.20 18.40 15.21
N THR M 77 45.08 17.68 15.37
CA THR M 77 43.76 18.22 14.93
C THR M 77 43.81 18.68 13.47
N ILE M 78 44.41 17.89 12.57
CA ILE M 78 44.54 18.34 11.15
C ILE M 78 43.69 17.43 10.24
N VAL M 79 42.85 18.03 9.39
CA VAL M 79 42.01 17.25 8.45
C VAL M 79 42.57 17.41 7.03
N TYR M 80 42.44 16.38 6.19
CA TYR M 80 42.99 16.45 4.84
C TYR M 80 41.93 16.05 3.81
N MET M 81 41.89 16.80 2.71
CA MET M 81 41.05 16.48 1.57
C MET M 81 41.95 16.17 0.39
N GLU M 82 41.79 14.98 -0.18
CA GLU M 82 42.60 14.54 -1.31
C GLU M 82 41.72 14.48 -2.54
N LEU M 83 42.03 15.31 -3.53
CA LEU M 83 41.36 15.29 -4.82
C LEU M 83 42.17 14.41 -5.76
N SER M 84 41.63 13.24 -6.09
CA SER M 84 42.35 12.27 -6.91
C SER M 84 42.06 12.50 -8.38
N SER M 85 42.91 11.90 -9.22
CA SER M 85 42.78 11.94 -10.67
C SER M 85 42.59 13.38 -11.18
N LEU M 86 43.59 14.21 -10.90
CA LEU M 86 43.50 15.63 -11.23
C LEU M 86 43.37 15.86 -12.73
N ARG M 87 42.61 16.89 -13.09
CA ARG M 87 42.39 17.28 -14.47
C ARG M 87 42.41 18.80 -14.56
N SER M 88 42.58 19.30 -15.80
CA SER M 88 42.70 20.74 -16.01
C SER M 88 41.55 21.52 -15.39
N GLU M 89 40.33 20.99 -15.49
CA GLU M 89 39.16 21.65 -14.93
C GLU M 89 39.29 21.83 -13.42
N ASP M 90 40.02 20.95 -12.76
CA ASP M 90 40.15 20.97 -11.30
C ASP M 90 40.85 22.22 -10.79
N THR M 91 41.56 22.95 -11.64
CA THR M 91 42.30 24.14 -11.23
C THR M 91 41.39 25.15 -10.52
N ALA M 92 41.61 25.35 -9.22
CA ALA M 92 40.77 26.24 -8.42
C ALA M 92 41.45 26.45 -7.06
N VAL M 93 40.87 27.37 -6.28
CA VAL M 93 41.27 27.60 -4.90
C VAL M 93 40.31 26.85 -3.99
N TYR M 94 40.86 26.11 -3.03
CA TYR M 94 40.05 25.24 -2.17
C TYR M 94 40.10 25.76 -0.73
N PHE M 95 38.92 25.96 -0.15
CA PHE M 95 38.78 26.51 1.18
C PHE M 95 38.23 25.46 2.13
N CYS M 96 38.75 25.43 3.34
CA CYS M 96 38.13 24.67 4.43
C CYS M 96 37.54 25.66 5.42
N ALA M 97 36.28 25.44 5.81
CA ALA M 97 35.59 26.37 6.68
C ALA M 97 34.83 25.58 7.74
N ARG M 98 34.63 26.22 8.89
CA ARG M 98 33.89 25.61 9.98
C ARG M 98 32.41 25.80 9.73
N GLU M 99 31.73 24.71 9.39
CA GLU M 99 30.29 24.77 9.19
C GLU M 99 29.58 24.65 10.53
N ILE M 100 28.69 25.60 10.83
CA ILE M 100 27.91 25.54 12.06
C ILE M 100 26.54 24.98 11.70
N LEU M 101 26.50 23.70 11.33
CA LEU M 101 25.24 23.03 10.97
C LEU M 101 24.22 23.14 12.08
N GLN M 102 24.57 22.66 13.28
CA GLN M 102 23.81 22.94 14.47
C GLN M 102 24.03 24.39 14.90
N SER M 103 23.31 24.82 15.93
CA SER M 103 23.53 26.13 16.55
C SER M 103 23.05 27.27 15.66
N PRO M 104 22.83 28.45 16.22
CA PRO M 104 22.16 29.54 15.47
C PRO M 104 22.91 30.01 14.23
N PRO M 105 24.25 30.06 14.22
CA PRO M 105 24.92 30.62 13.02
C PRO M 105 24.39 30.11 11.69
N PHE M 106 24.17 28.80 11.54
CA PHE M 106 23.63 28.20 10.30
C PHE M 106 24.37 28.71 9.08
N ALA M 107 25.69 28.76 9.18
CA ALA M 107 26.55 29.30 8.13
C ALA M 107 27.97 28.88 8.44
N VAL M 108 28.86 29.09 7.48
CA VAL M 108 30.29 28.86 7.66
C VAL M 108 30.89 30.18 8.14
N ASP M 109 31.23 30.25 9.42
CA ASP M 109 31.72 31.50 10.00
C ASP M 109 33.24 31.63 9.87
N VAL M 110 33.98 30.64 10.33
CA VAL M 110 35.44 30.66 10.30
C VAL M 110 35.89 30.00 9.00
N TRP M 111 36.50 30.78 8.12
CA TRP M 111 37.03 30.29 6.86
C TRP M 111 38.53 30.08 6.96
N GLY M 112 39.08 29.31 6.03
CA GLY M 112 40.50 29.07 5.96
C GLY M 112 41.16 29.97 4.94
N GLN M 113 42.50 29.93 4.93
CA GLN M 113 43.26 30.80 4.03
C GLN M 113 42.95 30.48 2.57
N GLY M 114 42.91 29.20 2.22
CA GLY M 114 42.64 28.81 0.83
C GLY M 114 43.85 28.35 0.08
N THR M 115 43.92 27.06 -0.23
CA THR M 115 45.05 26.48 -0.96
C THR M 115 44.73 26.43 -2.44
N MET M 116 45.48 27.20 -3.24
CA MET M 116 45.29 27.22 -4.67
C MET M 116 45.97 26.00 -5.30
N VAL M 117 45.22 25.27 -6.10
CA VAL M 117 45.74 24.09 -6.80
C VAL M 117 45.65 24.34 -8.30
N ALA M 118 46.80 24.26 -8.97
CA ALA M 118 46.91 24.47 -10.41
C ALA M 118 47.37 23.17 -11.08
N VAL M 119 46.75 22.82 -12.20
CA VAL M 119 47.07 21.59 -12.91
C VAL M 119 47.80 21.93 -14.20
N SER M 123 57.24 20.97 -18.56
CA SER M 123 58.20 21.62 -17.62
C SER M 123 58.42 23.07 -18.05
N THR M 124 59.59 23.63 -17.72
CA THR M 124 59.90 25.04 -18.07
C THR M 124 59.93 25.17 -19.59
N LYS M 125 59.33 26.23 -20.13
CA LYS M 125 59.33 26.45 -21.60
C LYS M 125 59.65 27.91 -21.92
N GLY M 126 60.36 28.15 -23.02
CA GLY M 126 60.66 29.54 -23.45
C GLY M 126 59.40 30.27 -23.88
N PRO M 127 59.26 31.57 -23.61
CA PRO M 127 58.10 32.34 -24.05
C PRO M 127 58.10 32.58 -25.57
N SER M 128 56.93 32.53 -26.21
CA SER M 128 56.83 32.78 -27.66
C SER M 128 56.21 34.15 -27.88
N VAL M 129 57.03 35.17 -28.18
CA VAL M 129 56.51 36.53 -28.31
C VAL M 129 56.04 36.72 -29.75
N PHE M 130 54.77 37.09 -29.91
CA PHE M 130 54.23 37.34 -31.25
C PHE M 130 53.75 38.79 -31.28
N PRO M 131 54.05 39.56 -32.33
CA PRO M 131 53.71 40.97 -32.34
C PRO M 131 52.22 41.23 -32.58
N LEU M 132 51.51 41.78 -31.59
CA LEU M 132 50.11 42.16 -31.85
C LEU M 132 50.18 43.44 -32.67
N ALA M 133 49.89 43.38 -33.97
CA ALA M 133 50.09 44.53 -34.86
C ALA M 133 49.07 45.64 -34.68
N PRO M 134 49.31 46.86 -35.22
CA PRO M 134 48.35 47.95 -35.14
C PRO M 134 47.54 48.14 -36.43
N SER M 135 46.28 48.54 -36.29
CA SER M 135 45.38 48.72 -37.47
C SER M 135 45.80 47.80 -38.62
N GLY M 142 45.46 60.03 -33.40
CA GLY M 142 44.51 58.94 -33.22
C GLY M 142 45.06 57.78 -32.42
N THR M 143 44.34 57.35 -31.40
CA THR M 143 44.77 56.27 -30.53
C THR M 143 44.95 54.97 -31.31
N ALA M 144 46.20 54.53 -31.49
CA ALA M 144 46.52 53.29 -32.17
C ALA M 144 47.09 52.30 -31.16
N ALA M 145 46.59 51.07 -31.17
CA ALA M 145 46.95 50.07 -30.18
C ALA M 145 47.88 49.03 -30.81
N LEU M 146 49.01 48.79 -30.16
CA LEU M 146 49.97 47.78 -30.57
C LEU M 146 50.49 47.09 -29.33
N GLY M 147 51.11 45.93 -29.52
CA GLY M 147 51.60 45.18 -28.37
C GLY M 147 52.25 43.88 -28.77
N CYS M 148 52.51 43.07 -27.74
CA CYS M 148 53.17 41.78 -27.89
C CYS M 148 52.35 40.72 -27.19
N LEU M 149 52.31 39.51 -27.77
CA LEU M 149 51.57 38.37 -27.23
C LEU M 149 52.57 37.35 -26.72
N VAL M 150 52.79 37.34 -25.42
CA VAL M 150 53.62 36.32 -24.80
C VAL M 150 52.76 35.08 -24.59
N LYS M 151 53.13 33.98 -25.25
CA LYS M 151 52.33 32.77 -25.25
C LYS M 151 53.22 31.56 -25.04
N ASP M 152 52.64 30.54 -24.41
CA ASP M 152 53.28 29.22 -24.25
C ASP M 152 54.62 29.35 -23.52
N TYR M 153 54.55 29.82 -22.28
CA TYR M 153 55.74 29.92 -21.45
C TYR M 153 55.47 29.26 -20.10
N PHE M 154 56.51 28.68 -19.53
CA PHE M 154 56.37 28.05 -18.24
C PHE M 154 57.71 28.12 -17.54
N PRO M 155 57.73 28.38 -16.22
CA PRO M 155 56.60 28.84 -15.43
C PRO M 155 56.62 30.34 -15.22
N GLU M 156 55.56 30.91 -14.62
CA GLU M 156 55.59 32.31 -14.23
C GLU M 156 56.67 32.52 -13.18
N PRO M 157 57.20 33.75 -13.05
CA PRO M 157 56.78 35.01 -13.68
C PRO M 157 57.60 35.45 -14.91
N VAL M 158 57.02 36.33 -15.72
CA VAL M 158 57.67 36.98 -16.85
C VAL M 158 57.51 38.49 -16.73
N THR M 159 58.48 39.22 -17.29
CA THR M 159 58.50 40.68 -17.26
C THR M 159 58.62 41.24 -18.68
N VAL M 160 57.68 42.12 -19.04
CA VAL M 160 57.63 42.74 -20.38
C VAL M 160 57.73 44.25 -20.22
N SER M 161 58.67 44.85 -20.94
CA SER M 161 58.84 46.30 -20.97
C SER M 161 58.72 46.83 -22.38
N TRP M 162 58.48 48.14 -22.50
CA TRP M 162 58.30 48.80 -23.78
C TRP M 162 59.34 49.89 -23.96
N ASN M 163 60.02 49.86 -25.11
CA ASN M 163 61.08 50.83 -25.44
C ASN M 163 62.14 50.88 -24.34
N SER M 164 62.46 49.70 -23.80
CA SER M 164 63.47 49.56 -22.74
C SER M 164 63.16 50.44 -21.54
N GLY M 165 61.88 50.51 -21.17
CA GLY M 165 61.44 51.28 -20.04
C GLY M 165 61.07 52.72 -20.33
N ALA M 166 61.41 53.23 -21.52
CA ALA M 166 61.08 54.61 -21.86
C ALA M 166 59.57 54.79 -21.98
N LEU M 167 58.88 53.84 -22.61
CA LEU M 167 57.44 53.91 -22.82
C LEU M 167 56.75 53.33 -21.59
N THR M 168 56.09 54.18 -20.82
CA THR M 168 55.39 53.79 -19.60
C THR M 168 53.89 54.05 -19.66
N SER M 169 53.50 55.27 -20.04
CA SER M 169 52.08 55.59 -20.12
C SER M 169 51.45 54.90 -21.32
N GLY M 170 50.25 54.37 -21.11
CA GLY M 170 49.54 53.61 -22.10
C GLY M 170 49.81 52.13 -22.09
N VAL M 171 50.94 51.71 -21.52
CA VAL M 171 51.26 50.29 -21.44
C VAL M 171 50.35 49.65 -20.40
N HIS M 172 49.50 48.73 -20.85
CA HIS M 172 48.59 47.99 -19.98
C HIS M 172 48.92 46.52 -20.19
N THR M 173 49.83 46.01 -19.38
CA THR M 173 50.22 44.61 -19.44
C THR M 173 49.15 43.76 -18.74
N PHE M 174 48.62 42.79 -19.44
CA PHE M 174 47.50 42.01 -18.93
C PHE M 174 47.98 40.82 -18.10
N PRO M 175 47.19 40.45 -17.10
CA PRO M 175 47.56 39.31 -16.24
C PRO M 175 47.70 38.01 -17.03
N ALA M 176 48.63 37.18 -16.58
CA ALA M 176 48.86 35.89 -17.21
C ALA M 176 47.64 34.99 -17.01
N VAL M 177 47.30 34.23 -18.05
CA VAL M 177 46.17 33.30 -18.03
C VAL M 177 46.71 31.91 -18.31
N LEU M 178 46.40 30.97 -17.43
CA LEU M 178 46.78 29.58 -17.66
C LEU M 178 46.00 29.03 -18.84
N GLN M 179 46.72 28.48 -19.83
CA GLN M 179 46.06 27.93 -21.01
C GLN M 179 45.65 26.49 -20.74
N SER M 180 44.72 26.00 -21.56
CA SER M 180 44.28 24.62 -21.44
C SER M 180 45.44 23.64 -21.57
N SER M 181 46.46 24.01 -22.35
CA SER M 181 47.65 23.18 -22.50
C SER M 181 48.41 23.00 -21.20
N GLY M 182 48.26 23.91 -20.24
CA GLY M 182 49.05 23.93 -19.04
C GLY M 182 50.10 25.01 -19.03
N LEU M 183 50.17 25.82 -20.08
CA LEU M 183 51.09 26.94 -20.19
C LEU M 183 50.33 28.24 -19.98
N TYR M 184 51.08 29.30 -19.77
CA TYR M 184 50.52 30.63 -19.58
C TYR M 184 50.64 31.46 -20.85
N SER M 185 49.82 32.51 -20.92
CA SER M 185 49.88 33.43 -22.05
C SER M 185 49.35 34.79 -21.57
N LEU M 186 50.06 35.85 -21.93
CA LEU M 186 49.63 37.20 -21.62
C LEU M 186 49.93 38.10 -22.80
N SER M 187 49.24 39.24 -22.82
CA SER M 187 49.45 40.25 -23.84
C SER M 187 49.72 41.60 -23.18
N SER M 188 50.73 42.30 -23.68
CA SER M 188 51.04 43.66 -23.23
C SER M 188 50.71 44.58 -24.40
N VAL M 189 49.84 45.56 -24.17
CA VAL M 189 49.42 46.50 -25.20
C VAL M 189 49.79 47.90 -24.74
N VAL M 190 49.87 48.80 -25.71
CA VAL M 190 50.17 50.21 -25.42
C VAL M 190 49.45 51.07 -26.44
N THR M 191 48.84 52.16 -25.95
CA THR M 191 48.15 53.11 -26.82
C THR M 191 49.13 54.23 -27.20
N VAL M 192 49.34 54.40 -28.49
CA VAL M 192 50.28 55.40 -29.01
C VAL M 192 49.57 56.22 -30.09
N PRO M 193 50.08 57.41 -30.39
CA PRO M 193 49.52 58.18 -31.52
C PRO M 193 49.76 57.47 -32.84
N SER M 194 48.69 57.38 -33.65
CA SER M 194 48.82 56.72 -34.94
C SER M 194 49.71 57.49 -35.90
N SER M 195 49.92 58.78 -35.66
CA SER M 195 50.86 59.55 -36.48
C SER M 195 52.29 59.04 -36.30
N SER M 196 52.63 58.61 -35.10
CA SER M 196 53.98 58.14 -34.79
C SER M 196 54.23 56.69 -35.20
N LEU M 197 53.21 55.99 -35.73
CA LEU M 197 53.35 54.58 -36.07
C LEU M 197 54.57 54.32 -36.95
N GLY M 198 54.74 55.12 -38.01
CA GLY M 198 55.87 54.94 -38.90
C GLY M 198 57.18 55.51 -38.37
N THR M 199 57.11 56.73 -37.83
CA THR M 199 58.33 57.43 -37.41
C THR M 199 58.90 56.83 -36.12
N GLN M 200 58.07 56.71 -35.09
CA GLN M 200 58.53 56.24 -33.80
C GLN M 200 58.74 54.72 -33.84
N THR M 201 59.75 54.24 -33.13
CA THR M 201 60.08 52.81 -33.10
C THR M 201 59.63 52.21 -31.77
N TYR M 202 58.75 51.22 -31.83
CA TYR M 202 58.21 50.55 -30.66
C TYR M 202 58.72 49.11 -30.60
N ILE M 203 59.38 48.77 -29.50
CA ILE M 203 59.97 47.45 -29.29
C ILE M 203 59.62 47.00 -27.88
N CYS M 204 59.11 45.77 -27.75
CA CYS M 204 58.77 45.18 -26.45
C CYS M 204 59.89 44.24 -26.01
N ASN M 205 60.32 44.40 -24.76
CA ASN M 205 61.39 43.59 -24.18
C ASN M 205 60.77 42.63 -23.16
N VAL M 206 60.70 41.35 -23.51
CA VAL M 206 60.13 40.32 -22.65
C VAL M 206 61.26 39.48 -22.08
N ASN M 207 61.22 39.20 -20.78
CA ASN M 207 62.24 38.42 -20.11
C ASN M 207 61.59 37.36 -19.24
N HIS M 208 61.90 36.10 -19.53
CA HIS M 208 61.41 34.94 -18.76
C HIS M 208 62.60 34.40 -17.97
N LYS M 209 62.81 34.97 -16.78
CA LYS M 209 63.96 34.59 -15.96
C LYS M 209 64.01 33.10 -15.61
N PRO M 210 62.90 32.42 -15.27
CA PRO M 210 62.96 30.96 -15.08
C PRO M 210 63.63 30.20 -16.23
N SER M 211 63.25 30.53 -17.47
CA SER M 211 63.89 29.91 -18.64
C SER M 211 65.07 30.73 -19.16
N ASN M 212 65.38 31.85 -18.49
CA ASN M 212 66.49 32.73 -18.88
C ASN M 212 66.39 33.11 -20.37
N THR M 213 65.18 33.41 -20.81
CA THR M 213 64.88 33.79 -22.19
C THR M 213 64.50 35.26 -22.23
N LYS M 214 65.38 36.08 -22.80
CA LYS M 214 65.15 37.51 -22.95
C LYS M 214 64.99 37.81 -24.44
N VAL M 215 63.76 38.12 -24.85
CA VAL M 215 63.43 38.39 -26.25
C VAL M 215 63.04 39.85 -26.39
N ASP M 216 63.64 40.52 -27.36
CA ASP M 216 63.33 41.91 -27.66
C ASP M 216 62.62 41.96 -29.00
N LYS M 217 61.35 41.56 -28.99
CA LYS M 217 60.55 41.59 -30.20
C LYS M 217 60.21 43.03 -30.56
N LYS M 218 60.07 43.29 -31.85
CA LYS M 218 59.80 44.64 -32.33
C LYS M 218 58.45 44.66 -33.06
N VAL M 219 57.66 45.70 -32.80
CA VAL M 219 56.31 45.81 -33.37
C VAL M 219 56.23 47.18 -34.03
N GLU M 220 56.56 47.23 -35.33
CA GLU M 220 56.43 48.47 -36.11
C GLU M 220 55.81 48.21 -37.48
N PRO M 221 54.70 47.45 -37.56
CA PRO M 221 54.12 47.22 -38.89
C PRO M 221 53.63 48.52 -39.55
N SER N 2 -37.41 -51.52 28.65
CA SER N 2 -36.42 -50.62 28.10
C SER N 2 -35.92 -49.61 29.14
N ALA N 3 -36.84 -49.08 29.95
CA ALA N 3 -36.52 -48.07 30.96
C ALA N 3 -37.35 -48.35 32.21
N LEU N 4 -36.74 -48.97 33.23
CA LEU N 4 -37.45 -49.30 34.45
C LEU N 4 -37.89 -48.02 35.16
N THR N 5 -39.16 -47.96 35.52
CA THR N 5 -39.72 -46.79 36.20
C THR N 5 -40.20 -47.17 37.59
N GLN N 6 -39.92 -46.31 38.55
CA GLN N 6 -40.30 -46.49 39.94
C GLN N 6 -41.14 -45.32 40.43
N PRO N 7 -41.96 -45.53 41.46
CA PRO N 7 -42.63 -44.40 42.12
C PRO N 7 -41.61 -43.46 42.71
N ALA N 8 -41.90 -42.16 42.63
CA ALA N 8 -40.95 -41.15 43.08
C ALA N 8 -40.65 -41.27 44.57
N SER N 9 -41.72 -41.34 45.36
CA SER N 9 -41.56 -41.38 46.83
C SER N 9 -42.58 -42.32 47.47
N VAL N 10 -42.19 -43.01 48.53
CA VAL N 10 -43.10 -43.92 49.26
C VAL N 10 -42.89 -43.68 50.75
N SER N 11 -43.67 -42.80 51.36
CA SER N 11 -43.56 -42.55 52.82
C SER N 11 -44.11 -43.74 53.60
N GLY N 12 -43.67 -43.93 54.84
CA GLY N 12 -44.10 -45.12 55.60
C GLY N 12 -44.16 -44.89 57.10
N SER N 13 -45.11 -45.54 57.77
CA SER N 13 -45.22 -45.46 59.24
C SER N 13 -44.34 -46.55 59.85
N PRO N 14 -43.75 -46.40 61.03
CA PRO N 14 -42.82 -47.41 61.56
C PRO N 14 -43.52 -48.74 61.81
N GLY N 15 -42.93 -49.80 61.25
CA GLY N 15 -43.46 -51.13 61.41
C GLY N 15 -44.26 -51.65 60.22
N GLN N 16 -44.79 -50.76 59.38
CA GLN N 16 -45.63 -51.21 58.28
C GLN N 16 -44.76 -51.72 57.14
N SER N 17 -45.43 -52.15 56.07
CA SER N 17 -44.78 -52.72 54.89
C SER N 17 -45.11 -51.86 53.68
N ILE N 18 -44.07 -51.33 53.04
CA ILE N 18 -44.22 -50.58 51.81
C ILE N 18 -43.74 -51.44 50.65
N THR N 19 -44.21 -51.10 49.45
CA THR N 19 -43.85 -51.82 48.24
C THR N 19 -43.48 -50.81 47.16
N ILE N 20 -42.46 -51.15 46.37
CA ILE N 20 -41.97 -50.30 45.29
C ILE N 20 -42.12 -51.05 43.98
N SER N 21 -42.78 -50.42 43.00
CA SER N 21 -42.97 -51.07 41.67
C SER N 21 -41.81 -50.71 40.74
N CYS N 22 -41.37 -51.62 39.89
CA CYS N 22 -40.28 -51.31 38.93
C CYS N 22 -40.75 -51.68 37.53
N THR N 23 -41.76 -50.99 37.04
CA THR N 23 -42.37 -51.36 35.74
C THR N 23 -41.46 -50.98 34.58
N GLY N 24 -41.32 -51.87 33.61
CA GLY N 24 -40.54 -51.57 32.40
C GLY N 24 -41.51 -51.36 31.26
N SER N 25 -41.40 -50.23 30.56
CA SER N 25 -42.43 -49.92 29.54
C SER N 25 -42.49 -51.04 28.50
N SER N 26 -41.33 -51.44 27.98
CA SER N 26 -41.31 -52.56 27.01
C SER N 26 -41.33 -53.89 27.76
N SER N 27 -41.54 -54.99 27.05
CA SER N 27 -41.47 -56.30 27.72
C SER N 27 -40.55 -57.22 26.94
N ASP N 28 -39.97 -58.21 27.60
CA ASP N 28 -39.08 -59.19 26.93
C ASP N 28 -37.73 -58.52 26.75
N VAL N 29 -37.60 -57.29 27.25
CA VAL N 29 -36.28 -56.62 27.20
C VAL N 29 -35.50 -57.13 28.42
N GLY N 30 -35.07 -58.39 28.38
CA GLY N 30 -34.38 -59.00 29.53
C GLY N 30 -34.80 -60.43 29.71
N GLY N 31 -35.85 -60.86 29.01
CA GLY N 31 -36.32 -62.25 29.09
C GLY N 31 -36.50 -62.68 30.53
N SER N 33 -36.25 -62.91 34.41
CA SER N 33 -36.14 -61.72 35.28
C SER N 33 -34.90 -61.79 36.19
N HIS N 34 -33.89 -60.98 35.90
CA HIS N 34 -32.71 -60.87 36.74
C HIS N 34 -32.72 -59.55 37.47
N VAL N 35 -33.86 -59.18 38.03
CA VAL N 35 -33.97 -57.82 38.53
C VAL N 35 -33.48 -57.80 39.96
N SER N 36 -32.69 -56.78 40.26
CA SER N 36 -32.11 -56.64 41.57
C SER N 36 -32.49 -55.29 42.14
N TRP N 37 -32.41 -55.18 43.45
CA TRP N 37 -32.81 -53.97 44.14
C TRP N 37 -31.61 -53.41 44.88
N TYR N 38 -31.37 -52.10 44.70
CA TYR N 38 -30.22 -51.44 45.29
C TYR N 38 -30.72 -50.37 46.24
N GLN N 39 -30.04 -50.24 47.38
CA GLN N 39 -30.34 -49.21 48.36
C GLN N 39 -29.13 -48.30 48.48
N GLN N 40 -29.36 -47.00 48.30
CA GLN N 40 -28.32 -46.00 48.37
C GLN N 40 -28.71 -45.00 49.45
N HIS N 41 -28.09 -45.14 50.62
CA HIS N 41 -28.28 -44.17 51.67
C HIS N 41 -27.58 -42.87 51.29
N PRO N 42 -28.07 -41.73 51.78
CA PRO N 42 -27.48 -40.44 51.41
C PRO N 42 -26.00 -40.36 51.78
N GLY N 43 -25.18 -40.00 50.80
CA GLY N 43 -23.75 -39.88 51.00
C GLY N 43 -23.00 -41.18 50.99
N LYS N 44 -23.65 -42.29 50.66
CA LYS N 44 -23.01 -43.59 50.64
C LYS N 44 -23.24 -44.24 49.28
N VAL N 45 -22.44 -45.27 49.00
CA VAL N 45 -22.50 -45.95 47.71
C VAL N 45 -23.72 -46.88 47.68
N PRO N 46 -24.28 -47.17 46.50
CA PRO N 46 -25.42 -48.09 46.44
C PRO N 46 -25.00 -49.49 46.89
N LYS N 47 -25.97 -50.19 47.48
CA LYS N 47 -25.75 -51.53 48.03
C LYS N 47 -26.78 -52.50 47.47
N LEU N 48 -26.32 -53.67 47.02
CA LEU N 48 -27.23 -54.70 46.55
C LEU N 48 -28.01 -55.29 47.72
N ILE N 49 -29.33 -55.18 47.67
CA ILE N 49 -30.19 -55.62 48.75
C ILE N 49 -30.92 -56.91 48.39
N ILE N 50 -31.46 -57.00 47.17
CA ILE N 50 -32.17 -58.17 46.68
C ILE N 50 -31.70 -58.48 45.27
N SER N 51 -31.50 -59.76 44.97
CA SER N 51 -31.08 -60.20 43.64
C SER N 51 -32.04 -61.26 43.14
N GLU N 52 -31.98 -61.51 41.83
CA GLU N 52 -32.79 -62.54 41.17
C GLU N 52 -34.24 -62.48 41.63
N VAL N 53 -34.83 -61.30 41.47
CA VAL N 53 -36.23 -61.02 41.82
C VAL N 53 -36.42 -61.04 43.33
N SER N 54 -36.15 -62.18 43.97
CA SER N 54 -36.38 -62.33 45.39
C SER N 54 -35.17 -62.83 46.19
N ASN N 55 -34.14 -63.37 45.54
CA ASN N 55 -32.96 -63.85 46.26
C ASN N 55 -32.30 -62.72 47.03
N ARG N 56 -32.01 -62.99 48.31
CA ARG N 56 -31.45 -61.98 49.20
C ARG N 56 -29.98 -62.24 49.44
N PRO N 57 -29.08 -61.35 49.02
CA PRO N 57 -27.67 -61.51 49.33
C PRO N 57 -27.43 -61.68 50.83
N SER N 58 -26.36 -62.40 51.18
CA SER N 58 -26.03 -62.64 52.57
C SER N 58 -25.76 -61.33 53.31
N GLY N 59 -26.27 -61.24 54.53
CA GLY N 59 -26.07 -60.05 55.32
C GLY N 59 -27.18 -59.02 55.19
N ILE N 60 -28.17 -59.28 54.36
CA ILE N 60 -29.28 -58.36 54.17
C ILE N 60 -30.43 -58.83 55.05
N SER N 61 -31.14 -57.89 55.65
CA SER N 61 -32.21 -58.22 56.57
C SER N 61 -33.35 -58.92 55.83
N ASN N 62 -34.01 -59.85 56.53
CA ASN N 62 -35.10 -60.61 55.97
C ASN N 62 -36.36 -59.77 55.73
N ARG N 63 -36.39 -58.54 56.25
CA ARG N 63 -37.54 -57.67 56.03
C ARG N 63 -37.72 -57.29 54.56
N PHE N 64 -36.70 -57.50 53.74
CA PHE N 64 -36.71 -57.12 52.33
C PHE N 64 -37.05 -58.35 51.48
N SER N 65 -38.09 -58.23 50.66
CA SER N 65 -38.53 -59.31 49.79
C SER N 65 -38.74 -58.78 48.38
N GLY N 66 -38.87 -59.72 47.43
CA GLY N 66 -39.02 -59.34 46.05
C GLY N 66 -40.05 -60.16 45.31
N SER N 67 -40.83 -59.51 44.45
CA SER N 67 -41.83 -60.19 43.66
C SER N 67 -41.81 -59.61 42.25
N LYS N 68 -42.34 -60.39 41.31
CA LYS N 68 -42.35 -60.02 39.90
C LYS N 68 -43.70 -60.40 39.30
N SER N 69 -44.47 -59.42 38.86
CA SER N 69 -45.74 -59.68 38.19
C SER N 69 -45.69 -59.04 36.81
N ALA N 70 -45.93 -59.84 35.77
CA ALA N 70 -45.80 -59.38 34.40
C ALA N 70 -44.44 -58.72 34.17
N ASN N 71 -44.45 -57.41 33.93
CA ASN N 71 -43.21 -56.64 33.82
C ASN N 71 -42.99 -55.70 35.01
N THR N 72 -43.70 -55.91 36.12
CA THR N 72 -43.56 -55.07 37.30
C THR N 72 -42.83 -55.85 38.38
N ALA N 73 -41.70 -55.33 38.83
CA ALA N 73 -40.96 -55.90 39.96
C ALA N 73 -41.29 -55.11 41.22
N SER N 74 -41.52 -55.82 42.31
CA SER N 74 -41.97 -55.22 43.58
C SER N 74 -40.97 -55.55 44.68
N LEU N 75 -40.58 -54.53 45.43
CA LEU N 75 -39.74 -54.66 46.61
C LEU N 75 -40.56 -54.29 47.84
N THR N 76 -40.82 -55.27 48.70
CA THR N 76 -41.63 -55.07 49.91
C THR N 76 -40.76 -55.21 51.14
N ILE N 77 -40.75 -54.16 51.97
CA ILE N 77 -39.98 -54.11 53.22
C ILE N 77 -40.96 -54.27 54.39
N SER N 78 -40.89 -55.39 55.08
CA SER N 78 -41.72 -55.51 56.27
C SER N 78 -41.04 -54.82 57.45
N GLY N 79 -41.83 -54.43 58.42
CA GLY N 79 -41.23 -53.83 59.63
C GLY N 79 -40.35 -52.65 59.29
N LEU N 80 -40.94 -51.61 58.71
CA LEU N 80 -40.16 -50.41 58.38
C LEU N 80 -39.52 -49.88 59.65
N GLN N 81 -38.21 -49.79 59.69
CA GLN N 81 -37.50 -49.19 60.85
C GLN N 81 -36.85 -47.90 60.35
N PRO N 82 -36.58 -46.87 61.17
CA PRO N 82 -36.09 -45.59 60.65
C PRO N 82 -34.82 -45.72 59.82
N GLU N 83 -34.02 -46.76 60.06
CA GLU N 83 -32.83 -47.00 59.26
C GLU N 83 -33.17 -47.49 57.85
N ASP N 84 -34.42 -47.90 57.61
CA ASP N 84 -34.79 -48.43 56.30
C ASP N 84 -34.82 -47.37 55.21
N GLU N 85 -35.17 -46.13 55.56
CA GLU N 85 -35.31 -45.08 54.56
C GLU N 85 -34.00 -44.78 53.83
N ALA N 86 -34.06 -44.87 52.51
CA ALA N 86 -32.95 -44.58 51.62
C ALA N 86 -33.53 -44.47 50.22
N ASP N 87 -32.68 -44.17 49.25
CA ASP N 87 -33.08 -44.14 47.86
C ASP N 87 -32.89 -45.55 47.28
N TYR N 88 -33.99 -46.13 46.80
CA TYR N 88 -34.02 -47.50 46.31
C TYR N 88 -34.10 -47.53 44.80
N TYR N 89 -33.21 -48.30 44.18
CA TYR N 89 -33.11 -48.41 42.72
C TYR N 89 -33.22 -49.87 42.32
N CYS N 90 -33.97 -50.14 41.26
CA CYS N 90 -34.07 -51.46 40.66
C CYS N 90 -33.33 -51.49 39.33
N GLY N 91 -32.64 -52.60 39.08
CA GLY N 91 -31.84 -52.71 37.88
C GLY N 91 -31.87 -54.08 37.25
N SER N 92 -31.82 -54.13 35.92
CA SER N 92 -31.73 -55.39 35.21
C SER N 92 -31.11 -55.14 33.85
N TYR N 93 -30.64 -56.21 33.22
CA TYR N 93 -30.12 -56.13 31.87
C TYR N 93 -31.25 -55.91 30.87
N ALA N 94 -30.91 -55.28 29.76
CA ALA N 94 -31.90 -54.84 28.78
C ALA N 94 -31.85 -55.60 27.46
N SER N 95 -31.07 -56.67 27.38
CA SER N 95 -31.02 -57.53 26.18
C SER N 95 -30.80 -56.71 24.90
N THR N 96 -29.83 -55.81 24.94
CA THR N 96 -29.47 -54.95 23.82
C THR N 96 -28.13 -55.44 23.27
N ASN N 97 -27.65 -54.76 22.23
CA ASN N 97 -26.41 -55.17 21.57
C ASN N 97 -25.25 -55.32 22.54
N ILE N 98 -25.08 -54.34 23.43
CA ILE N 98 -24.04 -54.38 24.44
C ILE N 98 -24.60 -54.77 25.81
N LEU N 99 -25.81 -55.32 25.85
CA LEU N 99 -26.47 -55.75 27.08
C LEU N 99 -26.42 -54.65 28.14
N HIS N 100 -27.13 -53.55 27.86
CA HIS N 100 -27.20 -52.47 28.83
C HIS N 100 -27.77 -52.97 30.15
N TYR N 101 -27.17 -52.54 31.24
CA TYR N 101 -27.72 -52.75 32.58
C TYR N 101 -28.50 -51.48 32.93
N VAL N 102 -29.81 -51.54 32.86
CA VAL N 102 -30.64 -50.36 33.08
C VAL N 102 -31.00 -50.27 34.56
N PHE N 103 -30.83 -49.08 35.13
CA PHE N 103 -31.17 -48.80 36.51
C PHE N 103 -32.51 -48.07 36.58
N GLY N 104 -33.20 -48.24 37.69
CA GLY N 104 -34.51 -47.64 37.86
C GLY N 104 -34.44 -46.15 38.12
N THR N 105 -35.60 -45.50 38.08
CA THR N 105 -35.67 -44.06 38.27
C THR N 105 -35.26 -43.67 39.69
N GLY N 106 -35.71 -44.43 40.68
CA GLY N 106 -35.39 -44.14 42.08
C GLY N 106 -36.63 -43.92 42.91
N THR N 107 -36.62 -44.42 44.14
CA THR N 107 -37.75 -44.27 45.06
C THR N 107 -37.22 -43.78 46.40
N LYS N 108 -37.69 -42.62 46.84
CA LYS N 108 -37.27 -42.03 48.11
C LYS N 108 -38.21 -42.51 49.22
N VAL N 109 -37.86 -43.65 49.84
CA VAL N 109 -38.67 -44.16 50.94
C VAL N 109 -38.42 -43.33 52.20
N THR N 110 -39.48 -43.06 52.96
CA THR N 110 -39.43 -42.23 54.16
C THR N 110 -40.13 -42.93 55.32
N VAL N 111 -39.48 -42.95 56.48
CA VAL N 111 -40.12 -43.53 57.69
C VAL N 111 -40.49 -42.38 58.63
N LEU N 112 -41.79 -42.03 58.69
CA LEU N 112 -42.24 -40.88 59.51
C LEU N 112 -41.88 -41.13 60.98
N SER N 113 -41.34 -40.12 61.66
CA SER N 113 -40.91 -40.28 63.08
C SER N 113 -41.93 -39.68 64.05
N ARG N 114 -41.87 -38.31 64.18
CA ARG N 114 -42.78 -37.58 65.10
C ARG N 114 -44.12 -37.35 64.41
N THR N 115 -45.07 -36.70 65.09
CA THR N 115 -46.42 -36.46 64.52
C THR N 115 -46.35 -35.44 63.38
N VAL N 116 -47.48 -35.18 62.72
CA VAL N 116 -47.51 -34.24 61.61
C VAL N 116 -47.89 -32.82 62.06
N ALA N 117 -47.15 -31.84 61.52
CA ALA N 117 -47.31 -30.42 61.81
C ALA N 117 -47.47 -29.65 60.49
N ALA N 118 -48.11 -28.48 60.58
CA ALA N 118 -48.45 -27.63 59.45
C ALA N 118 -47.38 -26.56 59.21
N PRO N 119 -47.07 -26.29 57.94
CA PRO N 119 -46.03 -25.30 57.61
C PRO N 119 -46.49 -23.87 57.86
N SER N 120 -45.57 -23.07 58.40
CA SER N 120 -45.79 -21.65 58.60
C SER N 120 -45.45 -20.92 57.31
N VAL N 121 -46.46 -20.45 56.58
CA VAL N 121 -46.28 -19.85 55.27
C VAL N 121 -46.01 -18.36 55.40
N PHE N 122 -44.89 -17.90 54.82
CA PHE N 122 -44.51 -16.49 54.76
C PHE N 122 -43.96 -16.20 53.38
N ILE N 123 -44.48 -15.15 52.73
CA ILE N 123 -44.08 -14.77 51.38
C ILE N 123 -43.21 -13.53 51.45
N PHE N 124 -42.17 -13.48 50.61
CA PHE N 124 -41.22 -12.37 50.62
C PHE N 124 -41.16 -11.72 49.24
N PRO N 125 -41.58 -10.46 49.10
CA PRO N 125 -41.53 -9.77 47.82
C PRO N 125 -40.10 -9.53 47.37
N PRO N 126 -39.86 -9.38 46.07
CA PRO N 126 -38.50 -9.08 45.61
C PRO N 126 -38.05 -7.73 46.16
N SER N 127 -36.81 -7.67 46.62
CA SER N 127 -36.27 -6.43 47.15
C SER N 127 -36.04 -5.43 46.02
N ASP N 128 -36.47 -4.19 46.23
CA ASP N 128 -36.31 -3.17 45.21
C ASP N 128 -34.87 -3.00 44.80
N GLU N 129 -33.93 -3.26 45.72
CA GLU N 129 -32.52 -3.29 45.35
C GLU N 129 -32.27 -4.37 44.30
N GLN N 130 -32.80 -5.58 44.53
CA GLN N 130 -32.67 -6.64 43.53
C GLN N 130 -33.44 -6.30 42.26
N LEU N 131 -34.62 -5.68 42.41
CA LEU N 131 -35.35 -5.21 41.23
C LEU N 131 -34.50 -4.26 40.40
N LYS N 132 -33.71 -3.40 41.06
CA LYS N 132 -32.81 -2.52 40.34
C LYS N 132 -31.75 -3.32 39.59
N SER N 133 -31.26 -4.40 40.19
CA SER N 133 -30.30 -5.27 39.49
C SER N 133 -30.90 -5.88 38.23
N GLY N 134 -32.21 -6.07 38.20
CA GLY N 134 -32.90 -6.61 37.04
C GLY N 134 -33.63 -7.93 37.27
N THR N 135 -33.46 -8.57 38.42
CA THR N 135 -34.12 -9.84 38.72
C THR N 135 -35.10 -9.65 39.87
N ALA N 136 -36.17 -10.43 39.85
CA ALA N 136 -37.22 -10.37 40.87
C ALA N 136 -37.35 -11.76 41.48
N SER N 137 -36.98 -11.89 42.75
CA SER N 137 -37.05 -13.17 43.45
C SER N 137 -38.16 -13.09 44.48
N VAL N 138 -39.28 -13.73 44.19
CA VAL N 138 -40.38 -13.87 45.14
C VAL N 138 -40.11 -15.12 45.95
N VAL N 139 -39.99 -14.98 47.26
CA VAL N 139 -39.63 -16.08 48.15
C VAL N 139 -40.85 -16.45 48.99
N CYS N 140 -41.27 -17.71 48.90
CA CYS N 140 -42.34 -18.27 49.72
C CYS N 140 -41.70 -19.21 50.73
N LEU N 141 -41.94 -18.95 52.01
CA LEU N 141 -41.28 -19.67 53.09
C LEU N 141 -42.27 -20.59 53.79
N LEU N 142 -41.93 -21.87 53.85
CA LEU N 142 -42.67 -22.86 54.63
C LEU N 142 -41.75 -23.32 55.76
N ASN N 143 -42.18 -23.10 57.01
CA ASN N 143 -41.34 -23.35 58.16
C ASN N 143 -42.05 -24.26 59.16
N ASN N 144 -41.27 -25.13 59.79
CA ASN N 144 -41.73 -26.04 60.85
C ASN N 144 -42.91 -26.89 60.40
N PHE N 145 -42.68 -27.66 59.35
CA PHE N 145 -43.64 -28.65 58.88
C PHE N 145 -42.98 -30.03 58.85
N TYR N 146 -43.80 -31.04 59.04
CA TYR N 146 -43.36 -32.43 59.02
C TYR N 146 -44.53 -33.28 58.54
N PRO N 147 -44.37 -34.09 57.48
CA PRO N 147 -43.16 -34.42 56.72
C PRO N 147 -42.91 -33.56 55.47
N ARG N 148 -42.07 -34.05 54.57
CA ARG N 148 -41.70 -33.34 53.33
C ARG N 148 -42.54 -33.80 52.14
N ALA N 150 -45.05 -31.57 50.84
CA ALA N 150 -45.79 -30.33 50.70
C ALA N 150 -45.73 -29.83 49.27
N LYS N 151 -46.85 -29.29 48.80
CA LYS N 151 -46.98 -28.77 47.44
C LYS N 151 -47.12 -27.25 47.49
N VAL N 152 -46.31 -26.55 46.71
CA VAL N 152 -46.37 -25.09 46.60
C VAL N 152 -46.66 -24.73 45.17
N GLN N 153 -47.73 -23.97 44.95
CA GLN N 153 -48.16 -23.56 43.61
C GLN N 153 -47.99 -22.05 43.50
N TRP N 154 -47.18 -21.61 42.53
CA TRP N 154 -46.97 -20.19 42.29
C TRP N 154 -48.08 -19.68 41.37
N LYS N 155 -48.91 -18.76 41.90
CA LYS N 155 -50.05 -18.21 41.15
C LYS N 155 -49.80 -16.74 40.90
N VAL N 156 -49.49 -16.40 39.65
CA VAL N 156 -49.29 -15.01 39.22
C VAL N 156 -50.50 -14.59 38.40
N ASP N 157 -51.24 -13.60 38.92
CA ASP N 157 -52.47 -13.13 38.30
C ASP N 157 -53.41 -14.30 37.97
N ALA N 159 -52.59 -17.44 37.59
CA ALA N 159 -51.98 -18.30 36.58
C ALA N 159 -50.81 -19.04 37.20
N LEU N 160 -50.81 -20.37 37.08
CA LEU N 160 -49.75 -21.17 37.64
C LEU N 160 -48.44 -20.96 36.88
N GLN N 161 -47.34 -20.84 37.62
CA GLN N 161 -46.01 -20.69 37.05
C GLN N 161 -45.19 -21.93 37.35
N SER N 162 -44.62 -22.53 36.32
CA SER N 162 -43.83 -23.76 36.45
C SER N 162 -42.52 -23.63 35.68
N GLY N 163 -41.49 -24.30 36.19
CA GLY N 163 -40.17 -24.25 35.62
C GLY N 163 -39.32 -23.08 36.07
N ASN N 164 -39.87 -22.17 36.87
CA ASN N 164 -39.16 -20.99 37.35
C ASN N 164 -39.02 -20.95 38.86
N SER N 165 -39.27 -22.07 39.54
CA SER N 165 -39.24 -22.14 41.00
C SER N 165 -38.16 -23.11 41.44
N GLN N 166 -37.29 -22.67 42.36
CA GLN N 166 -36.27 -23.50 42.96
C GLN N 166 -36.50 -23.55 44.46
N GLU N 167 -36.41 -24.76 45.03
CA GLU N 167 -36.73 -25.01 46.43
C GLU N 167 -35.54 -25.63 47.16
N SER N 168 -35.46 -25.37 48.47
CA SER N 168 -34.45 -25.95 49.35
C SER N 168 -35.08 -26.29 50.70
N VAL N 169 -34.66 -27.41 51.29
CA VAL N 169 -35.23 -27.91 52.53
C VAL N 169 -34.14 -28.15 53.58
N THR N 170 -34.40 -27.78 54.83
CA THR N 170 -33.50 -28.00 55.95
C THR N 170 -34.20 -28.71 57.11
N GLU N 171 -33.44 -29.51 57.85
CA GLU N 171 -33.89 -30.23 59.02
C GLU N 171 -33.87 -29.35 60.27
N GLN N 172 -34.88 -29.54 61.12
CA GLN N 172 -34.99 -28.79 62.38
C GLN N 172 -34.29 -29.43 63.57
N ASP N 173 -33.30 -30.30 63.35
CA ASP N 173 -32.51 -30.87 64.46
C ASP N 173 -33.47 -31.58 65.43
N SER N 174 -33.44 -31.27 66.72
CA SER N 174 -34.38 -31.86 67.69
C SER N 174 -35.74 -31.19 67.58
N SER N 177 -37.73 -31.32 65.04
CA SER N 177 -37.55 -32.39 64.08
C SER N 177 -38.45 -32.18 62.86
N THR N 178 -38.69 -30.93 62.51
CA THR N 178 -39.53 -30.55 61.39
C THR N 178 -38.63 -30.17 60.21
N TYR N 179 -39.21 -29.53 59.20
CA TYR N 179 -38.52 -29.17 57.97
C TYR N 179 -38.82 -27.71 57.65
N SER N 180 -38.01 -27.13 56.76
CA SER N 180 -38.24 -25.77 56.32
C SER N 180 -37.96 -25.67 54.82
N LEU N 181 -38.84 -24.98 54.11
CA LEU N 181 -38.79 -24.91 52.66
C LEU N 181 -38.77 -23.46 52.20
N SER N 183 -39.42 -21.57 48.43
CA SER N 183 -39.73 -21.52 46.97
C SER N 183 -39.42 -20.12 46.45
N THR N 184 -38.47 -20.03 45.51
CA THR N 184 -38.06 -18.69 45.00
C THR N 184 -38.51 -18.50 43.56
N LEU N 185 -39.67 -17.89 43.36
CA LEU N 185 -40.11 -17.57 41.98
C LEU N 185 -39.21 -16.45 41.46
N THR N 186 -38.35 -16.76 40.49
CA THR N 186 -37.42 -15.73 39.95
C THR N 186 -37.93 -15.23 38.58
N LEU N 187 -38.30 -13.96 38.47
CA LEU N 187 -38.81 -13.36 37.24
C LEU N 187 -37.98 -12.13 36.89
N SER N 188 -38.07 -11.73 35.63
CA SER N 188 -37.39 -10.51 35.20
C SER N 188 -38.13 -9.28 35.72
N LYS N 189 -37.38 -8.19 35.89
CA LYS N 189 -37.98 -6.93 36.33
C LYS N 189 -39.14 -6.53 35.43
N ALA N 190 -38.94 -6.63 34.12
CA ALA N 190 -40.01 -6.29 33.18
C ALA N 190 -41.21 -7.20 33.39
N ASP N 191 -41.01 -8.51 33.33
CA ASP N 191 -42.12 -9.44 33.53
C ASP N 191 -42.74 -9.28 34.91
N TYR N 192 -41.91 -9.01 35.93
CA TYR N 192 -42.45 -8.78 37.26
C TYR N 192 -43.42 -7.60 37.26
N GLU N 193 -43.02 -6.48 36.65
CA GLU N 193 -43.88 -5.31 36.60
C GLU N 193 -45.09 -5.53 35.68
N LYS N 194 -44.98 -6.43 34.71
CA LYS N 194 -46.08 -6.67 33.78
C LYS N 194 -47.32 -7.20 34.49
N HIS N 195 -47.14 -7.89 35.60
CA HIS N 195 -48.25 -8.50 36.32
C HIS N 195 -48.36 -7.81 37.67
N LYS N 196 -49.49 -8.03 38.34
CA LYS N 196 -49.80 -7.34 39.60
C LYS N 196 -49.71 -8.24 40.81
N VAL N 197 -50.54 -9.28 40.86
CA VAL N 197 -50.66 -10.12 42.04
C VAL N 197 -49.70 -11.30 41.94
N TYR N 198 -48.93 -11.52 43.00
CA TYR N 198 -48.02 -12.66 43.11
C TYR N 198 -48.36 -13.39 44.40
N ALA N 199 -48.68 -14.68 44.29
CA ALA N 199 -49.13 -15.48 45.42
C ALA N 199 -48.55 -16.87 45.33
N CYS N 200 -48.44 -17.53 46.49
CA CYS N 200 -47.97 -18.92 46.56
C CYS N 200 -48.95 -19.75 47.41
N GLU N 201 -49.84 -20.47 46.73
CA GLU N 201 -50.71 -21.43 47.39
C GLU N 201 -49.90 -22.61 47.92
N VAL N 202 -50.20 -23.02 49.15
CA VAL N 202 -49.47 -24.09 49.82
C VAL N 202 -50.47 -25.13 50.32
N THR N 203 -50.23 -26.40 49.99
CA THR N 203 -51.04 -27.52 50.45
C THR N 203 -50.14 -28.55 51.13
N HIS N 204 -50.46 -28.91 52.38
CA HIS N 204 -49.70 -29.87 53.15
C HIS N 204 -50.67 -30.69 54.01
N GLN N 205 -50.14 -31.77 54.60
CA GLN N 205 -50.96 -32.65 55.42
C GLN N 205 -51.47 -31.96 56.66
N GLY N 206 -50.63 -31.14 57.30
CA GLY N 206 -51.07 -30.44 58.50
C GLY N 206 -52.25 -29.53 58.24
N LEU N 207 -52.19 -28.75 57.18
CA LEU N 207 -53.27 -27.84 56.79
C LEU N 207 -53.96 -28.42 55.57
N SER N 208 -54.97 -29.26 55.80
CA SER N 208 -55.70 -29.88 54.70
C SER N 208 -56.29 -28.81 53.79
N SER N 209 -56.86 -27.76 54.37
CA SER N 209 -57.40 -26.66 53.58
C SER N 209 -56.28 -25.82 52.97
N VAL N 211 -53.66 -23.23 52.02
CA VAL N 211 -53.22 -21.95 52.55
C VAL N 211 -52.42 -21.19 51.49
N THR N 212 -52.85 -19.98 51.19
CA THR N 212 -52.21 -19.14 50.18
C THR N 212 -51.83 -17.79 50.76
N LYS N 213 -50.62 -17.33 50.45
CA LYS N 213 -50.12 -16.02 50.84
C LYS N 213 -49.91 -15.20 49.58
N SER N 214 -50.60 -14.06 49.49
CA SER N 214 -50.54 -13.19 48.32
C SER N 214 -50.07 -11.80 48.71
N PHE N 215 -49.38 -11.15 47.78
CA PHE N 215 -48.99 -9.75 47.92
C PHE N 215 -49.18 -9.06 46.59
N ASN N 216 -49.68 -7.81 46.64
CA ASN N 216 -49.94 -7.01 45.45
C ASN N 216 -48.95 -5.85 45.38
N ARG N 217 -48.37 -5.64 44.21
CA ARG N 217 -47.37 -4.60 44.01
C ARG N 217 -47.94 -3.45 43.18
N VAL O 2 -12.45 -58.28 48.08
CA VAL O 2 -12.45 -57.47 46.86
C VAL O 2 -13.12 -56.12 47.13
N GLN O 3 -12.38 -55.06 46.90
CA GLN O 3 -12.89 -53.70 47.09
C GLN O 3 -12.28 -52.80 46.03
N LEU O 4 -13.04 -51.79 45.62
CA LEU O 4 -12.63 -50.88 44.58
C LEU O 4 -12.25 -49.52 45.18
N VAL O 5 -11.15 -48.95 44.71
CA VAL O 5 -10.63 -47.69 45.22
C VAL O 5 -10.73 -46.63 44.13
N GLN O 6 -11.32 -45.48 44.48
CA GLN O 6 -11.42 -44.36 43.57
C GLN O 6 -10.78 -43.13 44.18
N SER O 7 -10.40 -42.20 43.32
CA SER O 7 -9.74 -40.97 43.77
C SER O 7 -10.76 -39.99 44.34
N GLY O 8 -10.24 -38.87 44.85
CA GLY O 8 -11.09 -37.85 45.41
C GLY O 8 -11.72 -36.95 44.37
N ALA O 9 -12.62 -36.09 44.83
CA ALA O 9 -13.35 -35.18 43.95
C ALA O 9 -12.38 -34.30 43.17
N GLU O 10 -12.73 -34.02 41.92
CA GLU O 10 -11.89 -33.26 41.00
C GLU O 10 -12.73 -32.25 40.26
N VAL O 11 -12.49 -30.97 40.51
CA VAL O 11 -13.16 -29.90 39.77
C VAL O 11 -12.39 -29.64 38.47
N LYS O 12 -13.12 -29.61 37.35
CA LYS O 12 -12.52 -29.50 36.04
C LYS O 12 -13.08 -28.30 35.27
N LYS O 13 -12.26 -27.80 34.35
CA LYS O 13 -12.63 -26.68 33.51
C LYS O 13 -13.46 -27.17 32.32
N PRO O 14 -14.48 -26.42 31.92
CA PRO O 14 -15.27 -26.83 30.75
C PRO O 14 -14.43 -26.95 29.50
N GLY O 15 -14.54 -28.08 28.83
CA GLY O 15 -13.76 -28.38 27.65
C GLY O 15 -12.51 -29.19 27.92
N SER O 16 -12.26 -29.55 29.18
CA SER O 16 -11.08 -30.32 29.55
C SER O 16 -11.44 -31.80 29.51
N SER O 17 -10.65 -32.62 30.19
CA SER O 17 -10.91 -34.06 30.25
C SER O 17 -10.42 -34.58 31.59
N VAL O 18 -11.21 -35.45 32.20
CA VAL O 18 -10.90 -36.05 33.49
C VAL O 18 -10.83 -37.56 33.32
N LYS O 19 -9.82 -38.18 33.94
CA LYS O 19 -9.58 -39.62 33.87
C LYS O 19 -9.73 -40.21 35.27
N VAL O 20 -10.94 -40.62 35.62
CA VAL O 20 -11.20 -41.17 36.95
C VAL O 20 -10.59 -42.57 37.06
N PRO O 21 -9.85 -42.88 38.12
CA PRO O 21 -9.22 -44.20 38.23
C PRO O 21 -10.04 -45.17 39.08
N CYS O 22 -9.74 -46.46 38.94
CA CYS O 22 -10.41 -47.49 39.74
C CYS O 22 -9.38 -48.59 40.02
N LYS O 23 -9.06 -48.80 41.29
CA LYS O 23 -8.06 -49.79 41.68
C LYS O 23 -8.73 -50.97 42.36
N ALA O 24 -8.22 -52.16 42.10
CA ALA O 24 -8.76 -53.41 42.66
C ALA O 24 -7.91 -53.80 43.86
N SER O 25 -8.37 -53.43 45.05
CA SER O 25 -7.70 -53.86 46.28
C SER O 25 -8.18 -55.27 46.62
N GLY O 26 -7.29 -56.25 46.43
CA GLY O 26 -7.64 -57.64 46.60
C GLY O 26 -8.18 -58.32 45.37
N GLY O 27 -8.69 -57.55 44.40
CA GLY O 27 -9.14 -58.12 43.14
C GLY O 27 -8.04 -58.14 42.09
N THR O 28 -8.33 -58.84 40.99
CA THR O 28 -7.41 -58.99 39.89
C THR O 28 -7.87 -58.33 38.59
N PHE O 29 -9.15 -57.97 38.49
CA PHE O 29 -9.73 -57.38 37.28
C PHE O 29 -9.44 -58.25 36.05
N SER O 30 -9.75 -59.54 36.16
CA SER O 30 -9.47 -60.48 35.08
C SER O 30 -10.58 -61.47 34.80
N THR O 31 -11.74 -61.35 35.46
CA THR O 31 -12.84 -62.29 35.23
C THR O 31 -14.17 -61.58 35.06
N TYR O 32 -14.60 -60.82 36.06
CA TYR O 32 -15.90 -60.18 36.02
C TYR O 32 -15.78 -58.77 35.43
N PRO O 33 -16.68 -58.39 34.53
CA PRO O 33 -16.61 -57.05 33.94
C PRO O 33 -16.75 -55.97 34.99
N ILE O 34 -16.16 -54.81 34.71
CA ILE O 34 -16.21 -53.67 35.61
C ILE O 34 -17.07 -52.61 34.94
N SER O 35 -18.30 -52.44 35.42
CA SER O 35 -19.20 -51.45 34.87
C SER O 35 -18.95 -50.10 35.52
N TRP O 36 -19.27 -49.04 34.77
CA TRP O 36 -19.14 -47.68 35.26
C TRP O 36 -20.53 -47.05 35.28
N VAL O 37 -20.95 -46.60 36.46
CA VAL O 37 -22.27 -46.02 36.66
C VAL O 37 -22.09 -44.56 37.05
N ARG O 38 -22.84 -43.68 36.41
CA ARG O 38 -22.78 -42.24 36.64
C ARG O 38 -24.03 -41.79 37.38
N GLN O 39 -23.84 -40.93 38.38
CA GLN O 39 -24.98 -40.38 39.11
C GLN O 39 -24.72 -38.90 39.37
N ALA O 40 -25.56 -38.05 38.82
CA ALA O 40 -25.45 -36.63 39.09
C ALA O 40 -25.94 -36.32 40.50
N PRO O 41 -25.53 -35.19 41.07
CA PRO O 41 -25.94 -34.88 42.45
C PRO O 41 -27.45 -34.90 42.65
N GLY O 42 -28.22 -34.27 41.76
CA GLY O 42 -29.67 -34.35 41.89
C GLY O 42 -30.28 -35.24 40.82
N GLN O 43 -29.70 -36.41 40.60
CA GLN O 43 -30.20 -37.36 39.61
C GLN O 43 -30.04 -38.78 40.14
N GLY O 44 -30.59 -39.74 39.39
CA GLY O 44 -30.43 -41.14 39.72
C GLY O 44 -29.26 -41.80 39.01
N LEU O 45 -28.98 -43.03 39.42
CA LEU O 45 -27.90 -43.81 38.83
C LEU O 45 -28.14 -44.05 37.34
N GLU O 46 -27.07 -43.96 36.55
CA GLU O 46 -27.15 -44.11 35.10
C GLU O 46 -25.95 -44.91 34.63
N TRP O 47 -26.19 -46.13 34.14
CA TRP O 47 -25.12 -46.97 33.64
C TRP O 47 -24.49 -46.35 32.40
N MET O 48 -23.17 -46.15 32.45
CA MET O 48 -22.41 -45.60 31.33
C MET O 48 -21.92 -46.68 30.38
N GLY O 49 -21.30 -47.72 30.92
CA GLY O 49 -20.75 -48.78 30.09
C GLY O 49 -19.99 -49.78 30.93
N ARG O 50 -19.28 -50.68 30.25
CA ARG O 50 -18.52 -51.73 30.97
C ARG O 50 -17.21 -52.05 30.25
N ILE O 51 -16.22 -52.57 30.97
CA ILE O 51 -14.95 -53.01 30.32
C ILE O 51 -14.84 -54.52 30.58
N ILE O 52 -14.60 -55.32 29.55
CA ILE O 52 -14.61 -56.81 29.73
C ILE O 52 -13.17 -57.31 29.89
N PRO O 53 -12.76 -57.75 31.10
CA PRO O 53 -11.39 -58.22 31.33
C PRO O 53 -10.93 -59.48 30.59
N ASP O 54 -11.75 -60.52 30.49
CA ASP O 54 -11.27 -61.80 29.91
C ASP O 54 -10.78 -61.49 28.49
N PRO O 55 -11.64 -61.00 27.57
CA PRO O 55 -11.19 -60.54 26.26
C PRO O 55 -11.05 -59.02 26.29
N PRO O 56 -9.91 -58.42 25.91
CA PRO O 56 -9.79 -56.98 26.07
C PRO O 56 -10.98 -56.44 25.25
N MET O 57 -11.77 -55.53 25.84
CA MET O 57 -12.99 -55.04 25.17
C MET O 57 -13.66 -53.96 26.02
N ALA O 58 -14.55 -53.17 25.41
CA ALA O 58 -15.25 -52.09 26.12
C ALA O 58 -16.63 -51.91 25.49
N ASN O 59 -17.67 -51.78 26.32
CA ASN O 59 -19.03 -51.52 25.78
C ASN O 59 -19.48 -50.16 26.34
N ILE O 60 -19.86 -49.23 25.46
CA ILE O 60 -20.24 -47.87 25.94
C ILE O 60 -21.60 -47.48 25.34
N ALA O 61 -22.46 -46.86 26.14
CA ALA O 61 -23.78 -46.41 25.63
C ALA O 61 -23.57 -45.29 24.61
N GLN O 62 -24.47 -45.18 23.63
CA GLN O 62 -24.31 -44.17 22.55
C GLN O 62 -24.29 -42.78 23.16
N LYS O 63 -25.12 -42.54 24.18
CA LYS O 63 -25.21 -41.19 24.79
C LYS O 63 -23.84 -40.80 25.35
N PHE O 64 -23.15 -41.75 25.99
CA PHE O 64 -21.80 -41.49 26.55
C PHE O 64 -20.73 -41.76 25.48
N GLN O 65 -21.12 -42.31 24.33
CA GLN O 65 -20.13 -42.66 23.29
C GLN O 65 -19.50 -41.40 22.68
N GLY O 66 -18.30 -41.52 22.12
CA GLY O 66 -17.62 -40.40 21.54
C GLY O 66 -16.76 -39.61 22.52
N ARG O 67 -17.05 -39.71 23.81
CA ARG O 67 -16.30 -39.00 24.83
C ARG O 67 -15.66 -39.91 25.86
N VAL O 68 -16.29 -41.02 26.21
CA VAL O 68 -15.74 -41.92 27.22
C VAL O 68 -14.67 -42.79 26.59
N SER O 69 -13.53 -42.89 27.26
CA SER O 69 -12.43 -43.73 26.79
C SER O 69 -11.98 -44.63 27.93
N PHE O 70 -11.93 -45.93 27.68
CA PHE O 70 -11.60 -46.92 28.70
C PHE O 70 -10.15 -47.36 28.55
N SER O 71 -9.25 -46.63 29.22
CA SER O 71 -7.87 -47.05 29.34
C SER O 71 -7.68 -47.87 30.63
N ALA O 72 -6.58 -48.62 30.67
CA ALA O 72 -6.32 -49.45 31.84
C ALA O 72 -4.86 -49.87 31.83
N ASP O 73 -4.16 -49.63 32.94
CA ASP O 73 -2.79 -50.10 33.11
C ASP O 73 -2.84 -51.56 33.58
N LYS O 74 -2.36 -52.47 32.73
CA LYS O 74 -2.36 -53.89 33.09
C LYS O 74 -1.54 -54.15 34.35
N SER O 75 -0.37 -53.54 34.46
CA SER O 75 0.41 -53.60 35.70
C SER O 75 -0.37 -52.93 36.81
N THR O 76 -0.43 -53.57 37.98
CA THR O 76 -1.19 -53.18 39.16
C THR O 76 -2.70 -53.21 38.92
N THR O 77 -3.15 -53.62 37.72
CA THR O 77 -4.56 -53.73 37.36
C THR O 77 -5.41 -52.54 37.83
N ILE O 78 -5.13 -51.36 37.28
CA ILE O 78 -5.90 -50.15 37.56
C ILE O 78 -6.55 -49.70 36.24
N VAL O 79 -7.88 -49.66 36.23
CA VAL O 79 -8.65 -49.25 35.06
C VAL O 79 -9.02 -47.77 35.22
N TYR O 80 -8.97 -47.03 34.12
CA TYR O 80 -9.28 -45.59 34.19
C TYR O 80 -10.39 -45.26 33.19
N MET O 81 -11.24 -44.28 33.51
CA MET O 81 -12.30 -43.87 32.58
C MET O 81 -12.13 -42.38 32.32
N GLU O 82 -12.10 -41.98 31.05
CA GLU O 82 -11.82 -40.56 30.74
C GLU O 82 -13.02 -40.03 29.96
N SER O 84 -14.26 -37.21 27.75
CA SER O 84 -13.58 -36.12 27.03
C SER O 84 -14.52 -34.93 26.85
N SER O 85 -13.98 -33.82 26.35
CA SER O 85 -14.82 -32.63 26.06
C SER O 85 -15.89 -32.47 27.14
N LEU O 86 -15.46 -32.27 28.39
CA LEU O 86 -16.40 -32.15 29.53
C LEU O 86 -17.50 -31.10 29.30
N ARG O 87 -18.71 -31.32 29.83
CA ARG O 87 -19.81 -30.33 29.72
C ARG O 87 -20.42 -30.04 31.10
N SER O 88 -21.20 -28.97 31.24
CA SER O 88 -21.81 -28.57 32.53
C SER O 88 -22.71 -29.77 32.85
N GLU O 89 -23.32 -30.36 31.82
CA GLU O 89 -24.21 -31.55 32.00
C GLU O 89 -23.36 -32.70 32.55
N ASP O 90 -22.11 -32.80 32.12
CA ASP O 90 -21.22 -33.92 32.52
C ASP O 90 -21.02 -33.95 34.03
N THR O 91 -21.08 -32.80 34.72
CA THR O 91 -20.74 -32.83 36.17
C THR O 91 -21.63 -33.89 36.84
N ALA O 92 -21.01 -34.82 37.57
CA ALA O 92 -21.75 -35.90 38.25
C ALA O 92 -20.81 -36.64 39.19
N VAL O 93 -21.32 -37.55 40.02
CA VAL O 93 -20.41 -38.41 40.83
C VAL O 93 -20.30 -39.72 40.06
N TYR O 94 -19.08 -40.15 39.73
CA TYR O 94 -18.92 -41.36 38.88
C TYR O 94 -18.50 -42.55 39.72
N PHE O 95 -19.12 -43.72 39.48
CA PHE O 95 -18.81 -44.91 40.25
C PHE O 95 -18.30 -46.00 39.33
N CYS O 96 -17.31 -46.75 39.81
CA CYS O 96 -16.89 -47.99 39.17
C CYS O 96 -17.34 -49.14 40.07
N ALA O 97 -17.97 -50.15 39.47
CA ALA O 97 -18.50 -51.27 40.21
C ALA O 97 -18.17 -52.57 39.49
N ARG O 98 -18.06 -53.64 40.27
CA ARG O 98 -17.76 -54.96 39.70
C ARG O 98 -19.06 -55.58 39.21
N GLU O 99 -19.22 -55.65 37.90
CA GLU O 99 -20.39 -56.27 37.30
C GLU O 99 -20.20 -57.77 37.23
N ILE O 100 -21.17 -58.51 37.76
CA ILE O 100 -21.15 -59.96 37.69
C ILE O 100 -22.08 -60.39 36.55
N LEU O 101 -21.66 -60.12 35.31
CA LEU O 101 -22.46 -60.51 34.14
C LEU O 101 -22.74 -62.01 34.13
N GLN O 102 -21.69 -62.82 34.12
CA GLN O 102 -21.83 -64.24 34.37
C GLN O 102 -22.10 -64.46 35.86
N SER O 103 -22.35 -65.72 36.23
CA SER O 103 -22.52 -66.11 37.63
C SER O 103 -23.84 -65.60 38.20
N PRO O 104 -24.35 -66.21 39.28
CA PRO O 104 -25.72 -65.93 39.74
C PRO O 104 -26.00 -64.50 40.15
N PRO O 105 -25.05 -63.77 40.76
CA PRO O 105 -25.39 -62.40 41.22
C PRO O 105 -26.14 -61.57 40.20
N PHE O 106 -25.73 -61.57 38.93
CA PHE O 106 -26.39 -60.83 37.85
C PHE O 106 -26.66 -59.39 38.26
N ALA O 107 -25.67 -58.77 38.88
CA ALA O 107 -25.81 -57.43 39.44
C ALA O 107 -24.42 -56.89 39.73
N VAL O 108 -24.35 -55.60 40.02
CA VAL O 108 -23.12 -54.97 40.46
C VAL O 108 -23.08 -55.01 41.98
N ASP O 109 -22.25 -55.91 42.52
CA ASP O 109 -22.20 -56.13 43.96
C ASP O 109 -21.21 -55.19 44.65
N VAL O 110 -19.96 -55.17 44.19
CA VAL O 110 -18.92 -54.35 44.81
C VAL O 110 -18.87 -53.02 44.09
N TRP O 111 -19.17 -51.95 44.81
CA TRP O 111 -19.12 -50.59 44.28
C TRP O 111 -17.85 -49.88 44.72
N GLY O 112 -17.53 -48.80 44.01
CA GLY O 112 -16.38 -47.99 44.33
C GLY O 112 -16.77 -46.77 45.16
N GLN O 113 -15.76 -46.06 45.65
CA GLN O 113 -15.99 -44.92 46.52
C GLN O 113 -16.79 -43.84 45.81
N GLY O 114 -16.43 -43.54 44.57
CA GLY O 114 -17.11 -42.53 43.78
C GLY O 114 -16.34 -41.23 43.70
N THR O 115 -15.81 -40.93 42.51
CA THR O 115 -15.05 -39.71 42.27
C THR O 115 -15.98 -38.63 41.73
N MET O 116 -16.16 -37.56 42.49
CA MET O 116 -17.01 -36.45 42.06
C MET O 116 -16.26 -35.56 41.08
N VAL O 117 -16.88 -35.29 39.94
CA VAL O 117 -16.30 -34.42 38.92
C VAL O 117 -17.22 -33.21 38.79
N ALA O 118 -16.66 -32.02 38.97
CA ALA O 118 -17.44 -30.80 38.84
C ALA O 118 -16.91 -30.02 37.63
N VAL O 119 -17.81 -29.71 36.71
CA VAL O 119 -17.49 -28.97 35.50
C VAL O 119 -18.25 -27.65 35.52
N SER O 120 -17.53 -26.53 35.62
CA SER O 120 -18.18 -25.22 35.68
C SER O 120 -17.23 -24.17 35.11
N SER O 121 -17.78 -23.22 34.36
CA SER O 121 -16.92 -22.19 33.70
C SER O 121 -16.95 -20.88 34.49
N ALA O 122 -17.87 -20.74 35.44
CA ALA O 122 -17.99 -19.44 36.13
C ALA O 122 -16.70 -19.14 36.91
N SER O 123 -16.18 -17.92 36.79
CA SER O 123 -14.98 -17.50 37.56
C SER O 123 -15.42 -17.17 38.99
N THR O 124 -14.49 -17.14 39.94
CA THR O 124 -14.91 -16.91 41.35
C THR O 124 -15.59 -15.54 41.39
N LYS O 125 -16.74 -15.45 42.07
CA LYS O 125 -17.51 -14.18 42.06
C LYS O 125 -18.00 -13.84 43.47
N GLY O 126 -18.08 -12.55 43.80
CA GLY O 126 -18.60 -12.12 45.10
C GLY O 126 -20.10 -12.36 45.23
N PRO O 127 -20.62 -12.61 46.45
CA PRO O 127 -22.04 -12.87 46.65
C PRO O 127 -22.90 -11.59 46.64
N SER O 128 -24.12 -11.67 46.11
CA SER O 128 -25.03 -10.53 46.08
C SER O 128 -26.12 -10.73 47.13
N VAL O 129 -25.99 -10.02 48.25
CA VAL O 129 -26.92 -10.13 49.38
C VAL O 129 -28.09 -9.18 49.17
N PHE O 130 -29.31 -9.70 49.31
CA PHE O 130 -30.54 -8.92 49.20
C PHE O 130 -31.42 -9.14 50.42
N PRO O 131 -32.01 -8.08 50.96
CA PRO O 131 -32.81 -8.21 52.19
C PRO O 131 -34.18 -8.83 51.90
N LEU O 132 -34.65 -9.64 52.86
CA LEU O 132 -36.03 -10.19 52.75
C LEU O 132 -36.88 -9.47 53.78
N ALA O 133 -37.72 -8.52 53.35
CA ALA O 133 -38.49 -7.69 54.30
C ALA O 133 -39.46 -8.56 55.11
N PRO O 134 -39.68 -8.26 56.42
CA PRO O 134 -40.55 -9.07 57.26
C PRO O 134 -41.96 -8.50 57.45
N SER O 135 -42.98 -9.32 57.17
CA SER O 135 -44.40 -8.89 57.37
C SER O 135 -44.67 -7.60 56.59
N SER O 136 -45.28 -6.60 57.24
CA SER O 136 -45.61 -5.32 56.58
C SER O 136 -45.84 -4.23 57.65
N GLY O 141 -44.92 -10.88 69.94
CA GLY O 141 -44.59 -12.29 69.96
C GLY O 141 -44.99 -12.99 68.67
N GLY O 142 -45.74 -12.29 67.81
CA GLY O 142 -46.13 -12.84 66.54
C GLY O 142 -44.95 -13.20 65.68
N THR O 143 -44.92 -14.44 65.17
CA THR O 143 -43.80 -14.92 64.38
C THR O 143 -43.62 -14.10 63.11
N ALA O 144 -42.58 -13.30 63.07
CA ALA O 144 -42.23 -12.51 61.90
C ALA O 144 -40.94 -13.07 61.31
N ALA O 145 -40.95 -13.28 59.99
CA ALA O 145 -39.84 -13.91 59.30
C ALA O 145 -39.09 -12.87 58.47
N LEU O 146 -37.78 -12.82 58.65
CA LEU O 146 -36.91 -11.94 57.88
C LEU O 146 -35.64 -12.69 57.54
N GLY O 147 -34.90 -12.18 56.56
CA GLY O 147 -33.68 -12.84 56.15
C GLY O 147 -32.98 -12.13 55.02
N CYS O 148 -31.97 -12.82 54.49
CA CYS O 148 -31.10 -12.31 53.45
C CYS O 148 -31.05 -13.32 52.31
N LEU O 149 -30.95 -12.82 51.09
CA LEU O 149 -30.87 -13.66 49.90
C LEU O 149 -29.45 -13.54 49.34
N VAL O 150 -28.61 -14.52 49.63
CA VAL O 150 -27.27 -14.59 49.05
C VAL O 150 -27.38 -15.23 47.67
N LYS O 151 -27.00 -14.46 46.63
CA LYS O 151 -27.20 -14.90 45.26
C LYS O 151 -25.96 -14.63 44.42
N ASP O 152 -25.79 -15.46 43.39
CA ASP O 152 -24.76 -15.28 42.37
C ASP O 152 -23.35 -15.29 42.96
N TYR O 153 -22.99 -16.42 43.56
CA TYR O 153 -21.66 -16.60 44.11
C TYR O 153 -21.04 -17.90 43.62
N PHE O 154 -19.73 -17.89 43.42
CA PHE O 154 -18.95 -19.03 42.98
C PHE O 154 -17.54 -18.86 43.51
N PRO O 155 -16.93 -19.92 44.03
CA PRO O 155 -17.56 -21.18 44.39
C PRO O 155 -17.88 -21.19 45.88
N GLU O 156 -18.55 -22.26 46.32
CA GLU O 156 -18.76 -22.47 47.75
C GLU O 156 -17.43 -22.61 48.48
N PRO O 157 -17.40 -22.33 49.78
CA PRO O 157 -18.53 -22.06 50.69
C PRO O 157 -18.77 -20.59 50.98
N VAL O 158 -19.99 -20.30 51.42
CA VAL O 158 -20.36 -19.02 51.98
C VAL O 158 -20.95 -19.29 53.35
N THR O 159 -20.70 -18.37 54.29
CA THR O 159 -21.15 -18.53 55.65
C THR O 159 -21.94 -17.30 56.06
N VAL O 160 -23.16 -17.52 56.56
CA VAL O 160 -24.05 -16.43 56.94
C VAL O 160 -24.29 -16.54 58.44
N SER O 161 -24.08 -15.44 59.15
CA SER O 161 -24.37 -15.32 60.57
C SER O 161 -25.35 -14.18 60.76
N TRP O 162 -26.00 -14.15 61.92
CA TRP O 162 -27.01 -13.15 62.21
C TRP O 162 -26.62 -12.35 63.44
N ASN O 163 -26.62 -11.03 63.31
CA ASN O 163 -26.21 -10.11 64.38
C ASN O 163 -24.85 -10.50 64.94
N SER O 164 -23.93 -10.88 64.04
CA SER O 164 -22.58 -11.29 64.39
C SER O 164 -22.58 -12.46 65.37
N GLY O 165 -23.44 -13.44 65.11
CA GLY O 165 -23.54 -14.60 65.95
C GLY O 165 -24.56 -14.52 67.06
N ALA O 166 -25.12 -13.34 67.32
CA ALA O 166 -26.09 -13.21 68.42
C ALA O 166 -27.33 -14.07 68.18
N LEU O 167 -27.85 -14.07 66.95
CA LEU O 167 -29.04 -14.84 66.62
C LEU O 167 -28.64 -16.23 66.14
N THR O 168 -28.97 -17.24 66.93
CA THR O 168 -28.68 -18.64 66.59
C THR O 168 -29.97 -19.44 66.45
N SER O 169 -30.84 -19.40 67.45
CA SER O 169 -32.13 -20.09 67.39
C SER O 169 -33.07 -19.31 66.47
N GLY O 170 -33.80 -20.05 65.63
CA GLY O 170 -34.68 -19.45 64.65
C GLY O 170 -34.04 -19.20 63.30
N VAL O 171 -32.71 -19.12 63.25
CA VAL O 171 -31.99 -18.94 61.99
C VAL O 171 -32.02 -20.24 61.21
N HIS O 172 -32.61 -20.21 60.02
CA HIS O 172 -32.67 -21.37 59.13
C HIS O 172 -31.98 -21.01 57.82
N THR O 173 -30.68 -21.32 57.74
CA THR O 173 -29.93 -21.15 56.51
C THR O 173 -30.28 -22.30 55.57
N PHE O 174 -30.77 -21.96 54.38
CA PHE O 174 -31.26 -22.97 53.45
C PHE O 174 -30.12 -23.46 52.55
N PRO O 175 -30.21 -24.71 52.12
CA PRO O 175 -29.15 -25.28 51.28
C PRO O 175 -28.92 -24.47 50.00
N ALA O 176 -27.65 -24.39 49.61
CA ALA O 176 -27.29 -23.69 48.39
C ALA O 176 -27.87 -24.42 47.19
N VAL O 177 -28.35 -23.66 46.22
CA VAL O 177 -28.92 -24.20 45.00
C VAL O 177 -28.13 -23.67 43.82
N LEU O 178 -27.64 -24.57 42.98
CA LEU O 178 -26.96 -24.15 41.77
C LEU O 178 -27.99 -23.54 40.81
N GLN O 179 -27.73 -22.31 40.38
CA GLN O 179 -28.68 -21.65 39.49
C GLN O 179 -28.39 -22.03 38.05
N SER O 180 -29.39 -21.81 37.20
CA SER O 180 -29.24 -22.10 35.77
C SER O 180 -28.08 -21.33 35.16
N SER O 181 -27.78 -20.14 35.69
CA SER O 181 -26.66 -19.34 35.22
C SER O 181 -25.31 -20.00 35.44
N GLY O 182 -25.21 -20.93 36.40
CA GLY O 182 -23.94 -21.52 36.78
C GLY O 182 -23.37 -21.01 38.09
N LEU O 183 -24.08 -20.10 38.76
CA LEU O 183 -23.70 -19.59 40.07
C LEU O 183 -24.58 -20.22 41.14
N TYR O 184 -24.15 -20.09 42.38
CA TYR O 184 -24.87 -20.64 43.51
C TYR O 184 -25.70 -19.57 44.20
N SER O 185 -26.72 -19.98 44.95
CA SER O 185 -27.58 -19.05 45.65
C SER O 185 -28.21 -19.74 46.86
N LEU O 186 -28.29 -19.02 47.98
CA LEU O 186 -28.97 -19.53 49.16
C LEU O 186 -29.78 -18.41 49.78
N SER O 187 -30.74 -18.79 50.62
CA SER O 187 -31.54 -17.86 51.40
C SER O 187 -31.44 -18.25 52.87
N SER O 188 -31.16 -17.27 53.73
CA SER O 188 -31.15 -17.48 55.17
C SER O 188 -32.28 -16.68 55.80
N VAL O 189 -33.12 -17.36 56.57
CA VAL O 189 -34.25 -16.73 57.25
C VAL O 189 -34.13 -16.94 58.76
N VAL O 190 -34.81 -16.08 59.51
CA VAL O 190 -34.84 -16.18 60.97
C VAL O 190 -36.21 -15.71 61.46
N THR O 191 -36.78 -16.47 62.39
CA THR O 191 -38.08 -16.15 62.97
C THR O 191 -37.90 -15.32 64.23
N VAL O 192 -38.51 -14.14 64.26
CA VAL O 192 -38.38 -13.23 65.39
C VAL O 192 -39.78 -12.75 65.79
N PRO O 193 -39.93 -12.26 67.02
CA PRO O 193 -41.21 -11.64 67.39
C PRO O 193 -41.43 -10.36 66.59
N SER O 194 -42.65 -10.22 66.04
CA SER O 194 -42.95 -9.04 65.24
C SER O 194 -42.98 -7.77 66.07
N SER O 195 -43.11 -7.88 67.40
CA SER O 195 -43.06 -6.70 68.26
C SER O 195 -41.68 -6.06 68.24
N SER O 196 -40.62 -6.87 68.15
CA SER O 196 -39.25 -6.37 68.18
C SER O 196 -38.77 -5.87 66.82
N LEU O 197 -39.59 -5.98 65.77
CA LEU O 197 -39.16 -5.58 64.43
C LEU O 197 -38.60 -4.15 64.41
N GLY O 198 -39.31 -3.21 65.03
CA GLY O 198 -38.86 -1.83 65.07
C GLY O 198 -37.73 -1.60 66.06
N THR O 199 -37.86 -2.19 67.25
CA THR O 199 -36.89 -1.95 68.32
C THR O 199 -35.56 -2.66 68.04
N GLN O 200 -35.61 -3.96 67.75
CA GLN O 200 -34.40 -4.73 67.51
C GLN O 200 -33.79 -4.45 66.15
N THR O 201 -32.46 -4.50 66.11
CA THR O 201 -31.70 -4.31 64.88
C THR O 201 -31.18 -5.67 64.41
N TYR O 202 -31.62 -6.07 63.23
CA TYR O 202 -31.28 -7.38 62.68
C TYR O 202 -30.36 -7.21 61.48
N ILE O 203 -29.19 -7.83 61.54
CA ILE O 203 -28.15 -7.76 60.53
C ILE O 203 -27.64 -9.16 60.25
N CYS O 204 -27.56 -9.53 58.97
CA CYS O 204 -27.00 -10.82 58.57
C CYS O 204 -25.55 -10.61 58.15
N ASN O 205 -24.66 -11.45 58.67
CA ASN O 205 -23.22 -11.36 58.39
C ASN O 205 -22.85 -12.51 57.46
N VAL O 206 -22.62 -12.19 56.19
CA VAL O 206 -22.30 -13.17 55.16
C VAL O 206 -20.83 -13.05 54.79
N ASN O 207 -20.16 -14.21 54.67
CA ASN O 207 -18.74 -14.25 54.31
C ASN O 207 -18.53 -15.28 53.20
N HIS O 208 -18.02 -14.81 52.07
CA HIS O 208 -17.66 -15.65 50.92
C HIS O 208 -16.13 -15.70 50.85
N LYS O 209 -15.55 -16.67 51.56
CA LYS O 209 -14.09 -16.76 51.63
C LYS O 209 -13.42 -16.87 50.26
N PRO O 210 -13.91 -17.64 49.28
CA PRO O 210 -13.30 -17.59 47.94
C PRO O 210 -13.13 -16.19 47.37
N SER O 211 -14.16 -15.35 47.42
CA SER O 211 -14.04 -13.98 46.95
C SER O 211 -13.66 -12.99 48.05
N ASN O 212 -13.51 -13.47 49.30
CA ASN O 212 -13.13 -12.63 50.44
C ASN O 212 -14.01 -11.38 50.52
N THR O 213 -15.32 -11.58 50.36
CA THR O 213 -16.31 -10.52 50.35
C THR O 213 -17.08 -10.59 51.66
N LYS O 214 -16.92 -9.58 52.49
CA LYS O 214 -17.58 -9.50 53.79
C LYS O 214 -18.66 -8.43 53.72
N VAL O 215 -19.91 -8.86 53.67
CA VAL O 215 -21.05 -7.96 53.62
C VAL O 215 -21.87 -8.19 54.88
N ASP O 216 -22.15 -7.11 55.60
CA ASP O 216 -23.02 -7.15 56.77
C ASP O 216 -24.28 -6.37 56.39
N LYS O 217 -25.13 -7.01 55.60
CA LYS O 217 -26.39 -6.38 55.24
C LYS O 217 -27.33 -6.33 56.42
N LYS O 218 -28.19 -5.33 56.40
CA LYS O 218 -29.16 -5.12 57.46
C LYS O 218 -30.55 -5.31 56.87
N VAL O 219 -31.44 -5.84 57.69
CA VAL O 219 -32.77 -6.23 57.28
C VAL O 219 -33.72 -5.40 58.13
N GLU O 220 -34.36 -4.41 57.50
CA GLU O 220 -35.19 -3.44 58.19
C GLU O 220 -36.51 -3.28 57.45
N PRO O 221 -37.64 -3.31 58.15
CA PRO O 221 -38.94 -3.17 57.48
C PRO O 221 -39.05 -1.84 56.74
N LYS O 222 -40.06 -1.75 55.89
CA LYS O 222 -40.33 -0.51 55.15
C LYS O 222 -41.81 -0.14 55.20
N ALA P 3 18.73 47.62 -18.65
CA ALA P 3 18.75 46.14 -18.81
C ALA P 3 18.16 45.48 -17.55
N LEU P 4 16.83 45.33 -17.50
CA LEU P 4 16.18 44.68 -16.33
C LEU P 4 16.53 43.19 -16.32
N THR P 5 16.89 42.64 -15.16
CA THR P 5 17.30 41.21 -15.08
C THR P 5 16.36 40.45 -14.15
N GLN P 6 15.93 39.25 -14.56
CA GLN P 6 15.04 38.44 -13.74
C GLN P 6 15.63 37.05 -13.55
N PRO P 7 15.29 36.38 -12.44
CA PRO P 7 15.70 34.98 -12.30
C PRO P 7 15.09 34.13 -13.42
N ALA P 8 15.88 33.16 -13.88
CA ALA P 8 15.48 32.37 -15.03
C ALA P 8 14.20 31.57 -14.77
N SER P 9 14.14 30.88 -13.63
CA SER P 9 13.01 30.00 -13.33
C SER P 9 12.69 30.05 -11.84
N VAL P 10 11.40 29.92 -11.53
CA VAL P 10 10.90 29.92 -10.16
C VAL P 10 9.85 28.82 -10.01
N SER P 11 10.17 27.77 -9.27
CA SER P 11 9.20 26.71 -8.99
C SER P 11 8.53 26.97 -7.65
N GLY P 12 7.27 26.57 -7.51
CA GLY P 12 6.50 26.85 -6.32
C GLY P 12 5.39 25.85 -6.07
N SER P 13 5.08 25.66 -4.80
CA SER P 13 3.97 24.81 -4.40
C SER P 13 2.63 25.58 -4.45
N PRO P 14 1.54 24.88 -4.76
CA PRO P 14 0.23 25.55 -4.82
C PRO P 14 -0.17 26.11 -3.46
N GLY P 15 -0.55 27.39 -3.46
CA GLY P 15 -0.98 28.07 -2.25
C GLY P 15 0.06 28.98 -1.63
N GLN P 16 1.34 28.75 -1.90
CA GLN P 16 2.40 29.57 -1.33
C GLN P 16 2.60 30.83 -2.17
N SER P 17 3.56 31.66 -1.76
CA SER P 17 3.83 32.94 -2.43
C SER P 17 5.25 32.94 -2.98
N ILE P 18 5.38 33.16 -4.28
CA ILE P 18 6.67 33.32 -4.92
C ILE P 18 6.90 34.79 -5.23
N THR P 19 8.17 35.15 -5.40
CA THR P 19 8.56 36.51 -5.77
C THR P 19 9.60 36.47 -6.88
N ILE P 20 9.48 37.41 -7.81
CA ILE P 20 10.37 37.53 -8.96
C ILE P 20 11.10 38.85 -8.84
N SER P 21 12.43 38.80 -8.92
CA SER P 21 13.22 40.02 -8.84
C SER P 21 13.42 40.62 -10.22
N CYS P 22 13.48 41.96 -10.27
CA CYS P 22 13.75 42.72 -11.52
C CYS P 22 14.83 43.73 -11.17
N THR P 23 16.07 43.29 -10.93
CA THR P 23 17.19 44.15 -10.46
C THR P 23 17.61 45.24 -11.45
N GLY P 24 17.60 44.98 -12.73
CA GLY P 24 17.89 46.10 -13.64
C GLY P 24 19.22 46.79 -13.35
N SER P 25 19.21 48.12 -13.21
CA SER P 25 20.49 48.88 -13.04
C SER P 25 20.39 49.88 -11.88
N HIS P 34 10.82 52.67 -11.68
CA HIS P 34 9.41 52.47 -11.99
C HIS P 34 9.30 51.25 -12.88
N VAL P 35 8.32 50.40 -12.63
CA VAL P 35 8.25 49.08 -13.25
C VAL P 35 6.81 48.65 -13.46
N SER P 36 6.59 47.97 -14.59
CA SER P 36 5.32 47.35 -14.90
C SER P 36 5.61 45.87 -15.12
N TRP P 37 4.60 45.03 -14.87
CA TRP P 37 4.74 43.59 -14.92
C TRP P 37 3.81 42.97 -15.94
N TYR P 38 4.36 42.09 -16.78
CA TYR P 38 3.64 41.44 -17.85
C TYR P 38 3.64 39.93 -17.67
N GLN P 39 2.50 39.31 -17.95
CA GLN P 39 2.35 37.86 -17.92
C GLN P 39 1.99 37.40 -19.33
N GLN P 40 2.76 36.46 -19.85
CA GLN P 40 2.54 35.92 -21.19
C GLN P 40 2.35 34.41 -21.07
N HIS P 41 1.09 33.96 -21.12
CA HIS P 41 0.83 32.53 -21.14
C HIS P 41 1.24 31.96 -22.49
N PRO P 42 1.67 30.69 -22.52
CA PRO P 42 2.14 30.11 -23.79
C PRO P 42 1.07 30.19 -24.88
N GLY P 43 1.47 30.70 -26.04
CA GLY P 43 0.55 30.81 -27.16
C GLY P 43 -0.41 31.96 -27.08
N LYS P 44 -0.25 32.86 -26.10
CA LYS P 44 -1.12 34.01 -25.95
C LYS P 44 -0.25 35.26 -25.85
N VAL P 45 -0.90 36.41 -25.99
CA VAL P 45 -0.21 37.69 -26.00
C VAL P 45 0.16 38.10 -24.57
N PRO P 46 1.20 38.91 -24.38
CA PRO P 46 1.53 39.38 -23.03
C PRO P 46 0.40 40.23 -22.45
N LYS P 47 0.23 40.16 -21.14
CA LYS P 47 -0.83 40.89 -20.46
C LYS P 47 -0.26 41.69 -19.30
N LEU P 48 -0.63 42.96 -19.22
CA LEU P 48 -0.22 43.80 -18.11
C LEU P 48 -0.91 43.37 -16.83
N ILE P 49 -0.13 42.98 -15.83
CA ILE P 49 -0.65 42.47 -14.57
C ILE P 49 -0.50 43.48 -13.45
N ILE P 50 0.65 44.15 -13.37
CA ILE P 50 0.90 45.16 -12.35
C ILE P 50 1.58 46.35 -13.04
N SER P 51 1.16 47.56 -12.68
CA SER P 51 1.76 48.78 -13.22
C SER P 51 2.21 49.67 -12.07
N GLU P 52 3.04 50.66 -12.40
CA GLU P 52 3.53 51.65 -11.44
C GLU P 52 4.00 50.97 -10.15
N VAL P 53 4.91 50.02 -10.32
CA VAL P 53 5.53 49.26 -9.22
C VAL P 53 4.50 48.32 -8.58
N SER P 54 3.41 48.87 -8.03
CA SER P 54 2.42 48.08 -7.33
C SER P 54 0.98 48.27 -7.79
N ASN P 55 0.67 49.31 -8.55
CA ASN P 55 -0.70 49.53 -9.00
C ASN P 55 -1.16 48.37 -9.87
N ARG P 56 -2.36 47.87 -9.57
CA ARG P 56 -2.88 46.69 -10.23
C ARG P 56 -3.97 47.11 -11.21
N PRO P 57 -3.78 46.93 -12.52
CA PRO P 57 -4.85 47.25 -13.46
C PRO P 57 -6.16 46.56 -13.08
N SER P 58 -7.27 47.21 -13.43
CA SER P 58 -8.58 46.67 -13.14
C SER P 58 -8.81 45.35 -13.88
N GLY P 59 -9.36 44.38 -13.16
CA GLY P 59 -9.56 43.05 -13.70
C GLY P 59 -8.45 42.05 -13.41
N ILE P 60 -7.41 42.47 -12.69
CA ILE P 60 -6.30 41.60 -12.33
C ILE P 60 -6.52 41.12 -10.90
N SER P 61 -6.19 39.85 -10.65
CA SER P 61 -6.41 39.27 -9.34
C SER P 61 -5.51 39.91 -8.28
N ASN P 62 -6.03 39.99 -7.05
CA ASN P 62 -5.28 40.61 -5.97
C ASN P 62 -4.09 39.77 -5.50
N ARG P 63 -3.99 38.52 -5.92
CA ARG P 63 -2.84 37.71 -5.53
C ARG P 63 -1.52 38.30 -6.02
N PHE P 64 -1.57 39.23 -6.96
CA PHE P 64 -0.39 39.86 -7.53
C PHE P 64 -0.14 41.19 -6.85
N SER P 65 1.07 41.37 -6.33
CA SER P 65 1.48 42.60 -5.66
C SER P 65 2.84 43.01 -6.19
N GLY P 66 3.24 44.25 -5.86
CA GLY P 66 4.50 44.77 -6.34
C GLY P 66 5.30 45.57 -5.32
N SER P 67 6.62 45.39 -5.32
CA SER P 67 7.49 46.10 -4.39
C SER P 67 8.75 46.55 -5.13
N LYS P 68 9.41 47.57 -4.56
CA LYS P 68 10.61 48.16 -5.14
C LYS P 68 11.61 48.44 -4.04
N SER P 69 12.76 47.79 -4.10
CA SER P 69 13.88 48.02 -3.20
C SER P 69 15.11 48.37 -4.01
N ALA P 70 15.72 49.51 -3.70
CA ALA P 70 16.85 50.02 -4.47
C ALA P 70 16.54 50.06 -5.96
N ASN P 71 17.27 49.24 -6.73
CA ASN P 71 17.01 49.06 -8.16
C ASN P 71 16.42 47.69 -8.49
N THR P 72 15.93 46.98 -7.49
CA THR P 72 15.32 45.67 -7.67
C THR P 72 13.80 45.80 -7.49
N ALA P 73 13.06 45.45 -8.53
CA ALA P 73 11.60 45.40 -8.45
C ALA P 73 11.16 43.96 -8.22
N SER P 74 10.19 43.79 -7.33
CA SER P 74 9.74 42.47 -6.89
C SER P 74 8.27 42.30 -7.19
N LEU P 75 7.92 41.18 -7.82
CA LEU P 75 6.54 40.79 -8.07
C LEU P 75 6.22 39.58 -7.23
N THR P 76 5.23 39.72 -6.34
CA THR P 76 4.84 38.66 -5.43
C THR P 76 3.50 38.08 -5.86
N ILE P 77 3.48 36.78 -6.14
CA ILE P 77 2.26 36.07 -6.50
C ILE P 77 1.88 35.24 -5.28
N SER P 78 0.87 35.69 -4.53
CA SER P 78 0.37 34.96 -3.38
C SER P 78 -0.64 33.90 -3.82
N GLY P 79 -0.90 32.95 -2.93
CA GLY P 79 -1.86 31.89 -3.21
C GLY P 79 -1.69 31.26 -4.57
N LEU P 80 -0.51 30.69 -4.82
CA LEU P 80 -0.18 30.15 -6.13
C LEU P 80 -1.26 29.19 -6.65
N GLN P 81 -1.72 29.45 -7.86
CA GLN P 81 -2.68 28.60 -8.53
C GLN P 81 -2.01 27.91 -9.71
N PRO P 82 -2.45 26.70 -10.09
CA PRO P 82 -1.84 26.03 -11.25
C PRO P 82 -1.98 26.82 -12.54
N GLU P 83 -2.91 27.76 -12.60
CA GLU P 83 -3.10 28.61 -13.76
C GLU P 83 -2.10 29.75 -13.81
N ASP P 84 -1.39 30.00 -12.72
CA ASP P 84 -0.42 31.08 -12.65
C ASP P 84 0.83 30.80 -13.47
N GLU P 85 1.14 29.52 -13.72
CA GLU P 85 2.33 29.16 -14.46
C GLU P 85 2.37 29.87 -15.81
N ALA P 86 3.36 30.73 -15.98
CA ALA P 86 3.55 31.46 -17.22
C ALA P 86 4.92 32.13 -17.15
N ASP P 87 5.30 32.77 -18.25
CA ASP P 87 6.52 33.57 -18.29
C ASP P 87 6.18 35.01 -17.94
N TYR P 88 6.78 35.52 -16.87
CA TYR P 88 6.49 36.86 -16.38
C TYR P 88 7.65 37.77 -16.71
N TYR P 89 7.35 38.94 -17.28
CA TYR P 89 8.35 39.90 -17.72
C TYR P 89 8.11 41.25 -17.04
N CYS P 90 9.20 41.91 -16.64
CA CYS P 90 9.10 43.26 -16.11
C CYS P 90 9.61 44.26 -17.14
N GLY P 91 8.96 45.41 -17.20
CA GLY P 91 9.32 46.39 -18.19
C GLY P 91 9.24 47.82 -17.69
N SER P 92 10.15 48.67 -18.17
CA SER P 92 10.13 50.08 -17.83
C SER P 92 10.84 50.87 -18.91
N TYR P 93 10.62 52.18 -18.89
CA TYR P 93 11.34 53.08 -19.76
C TYR P 93 12.79 53.22 -19.29
N ALA P 94 13.69 53.54 -20.22
CA ALA P 94 15.12 53.55 -19.95
C ALA P 94 15.73 54.96 -19.93
N SER P 95 14.91 56.01 -20.03
CA SER P 95 15.40 57.39 -19.98
C SER P 95 16.54 57.60 -20.99
N THR P 96 16.34 57.11 -22.20
CA THR P 96 17.31 57.20 -23.29
C THR P 96 16.84 58.21 -24.32
N ASN P 97 17.63 58.40 -25.38
CA ASN P 97 17.31 59.40 -26.38
C ASN P 97 15.91 59.24 -26.96
N ILE P 98 15.54 58.01 -27.33
CA ILE P 98 14.21 57.74 -27.86
C ILE P 98 13.32 57.06 -26.82
N LEU P 99 13.72 57.10 -25.55
CA LEU P 99 12.96 56.53 -24.44
C LEU P 99 12.55 55.07 -24.72
N HIS P 100 13.56 54.22 -24.84
CA HIS P 100 13.32 52.79 -25.01
C HIS P 100 12.49 52.25 -23.86
N TYR P 101 11.58 51.35 -24.16
CA TYR P 101 10.86 50.59 -23.16
C TYR P 101 11.60 49.26 -22.99
N VAL P 102 12.30 49.10 -21.88
CA VAL P 102 13.14 47.91 -21.68
C VAL P 102 12.32 46.83 -21.00
N PHE P 103 12.38 45.62 -21.54
CA PHE P 103 11.67 44.47 -21.02
C PHE P 103 12.63 43.57 -20.25
N GLY P 104 12.08 42.82 -19.30
CA GLY P 104 12.91 41.94 -18.48
C GLY P 104 13.33 40.69 -19.22
N THR P 105 14.27 39.96 -18.61
CA THR P 105 14.78 38.73 -19.23
C THR P 105 13.70 37.68 -19.30
N GLY P 106 12.92 37.52 -18.24
CA GLY P 106 11.86 36.53 -18.22
C GLY P 106 12.00 35.52 -17.11
N THR P 107 10.89 35.15 -16.49
CA THR P 107 10.88 34.17 -15.41
C THR P 107 9.78 33.16 -15.65
N LYS P 108 10.16 31.89 -15.78
CA LYS P 108 9.21 30.82 -16.01
C LYS P 108 8.74 30.28 -14.66
N VAL P 109 7.66 30.88 -14.14
CA VAL P 109 7.10 30.39 -12.88
C VAL P 109 6.39 29.06 -13.12
N THR P 110 6.56 28.14 -12.18
CA THR P 110 5.93 26.84 -12.29
C THR P 110 5.27 26.48 -10.97
N VAL P 111 3.95 26.25 -11.03
CA VAL P 111 3.21 25.79 -9.82
C VAL P 111 3.02 24.29 -9.99
N LEU P 112 3.82 23.48 -9.29
CA LEU P 112 3.77 22.00 -9.51
C LEU P 112 2.39 21.46 -9.11
N SER P 113 1.87 20.50 -9.88
CA SER P 113 0.54 19.92 -9.61
C SER P 113 0.65 18.40 -9.67
N ARG P 114 -0.28 17.68 -9.04
CA ARG P 114 -0.20 16.19 -8.99
C ARG P 114 1.11 15.80 -8.32
N THR P 115 1.89 14.90 -8.95
CA THR P 115 3.17 14.42 -8.35
C THR P 115 4.26 14.59 -9.40
N VAL P 116 5.48 14.88 -8.95
CA VAL P 116 6.63 15.03 -9.90
C VAL P 116 6.84 13.69 -10.61
N ALA P 117 7.12 13.73 -11.91
CA ALA P 117 7.29 12.48 -12.68
C ALA P 117 8.70 12.43 -13.28
N ALA P 118 9.37 11.27 -13.17
CA ALA P 118 10.69 11.11 -13.73
C ALA P 118 10.62 10.70 -15.19
N PRO P 119 11.50 11.26 -16.03
CA PRO P 119 11.44 10.94 -17.46
C PRO P 119 11.93 9.53 -17.76
N SER P 120 11.20 8.85 -18.63
CA SER P 120 11.59 7.54 -19.13
C SER P 120 12.53 7.78 -20.31
N VAL P 121 13.82 7.56 -20.09
CA VAL P 121 14.85 7.89 -21.08
C VAL P 121 15.05 6.70 -22.00
N PHE P 122 14.94 6.93 -23.31
CA PHE P 122 15.18 5.92 -24.32
C PHE P 122 15.98 6.56 -25.45
N ILE P 123 17.09 5.94 -25.85
CA ILE P 123 17.95 6.47 -26.90
C ILE P 123 17.78 5.61 -28.14
N PHE P 124 17.74 6.27 -29.30
CA PHE P 124 17.50 5.61 -30.58
C PHE P 124 18.68 5.84 -31.52
N PRO P 125 19.41 4.78 -31.91
CA PRO P 125 20.51 4.98 -32.84
C PRO P 125 19.99 5.40 -34.20
N PRO P 126 20.81 6.09 -35.01
CA PRO P 126 20.35 6.50 -36.33
C PRO P 126 20.05 5.30 -37.21
N SER P 127 18.94 5.41 -37.94
CA SER P 127 18.54 4.34 -38.85
C SER P 127 19.50 4.26 -40.04
N ASP P 128 19.92 3.04 -40.38
CA ASP P 128 20.86 2.86 -41.47
C ASP P 128 20.34 3.42 -42.78
N GLU P 129 19.02 3.41 -42.96
CA GLU P 129 18.44 4.06 -44.13
C GLU P 129 18.76 5.54 -44.14
N GLN P 130 18.59 6.22 -43.00
CA GLN P 130 18.96 7.63 -42.91
C GLN P 130 20.47 7.81 -43.07
N LEU P 131 21.26 6.88 -42.53
CA LEU P 131 22.70 6.90 -42.74
C LEU P 131 23.03 6.84 -44.22
N LYS P 132 22.27 6.05 -44.98
CA LYS P 132 22.47 6.00 -46.44
C LYS P 132 22.19 7.35 -47.08
N SER P 133 21.16 8.05 -46.62
CA SER P 133 20.87 9.38 -47.14
C SER P 133 22.01 10.36 -46.89
N GLY P 134 22.78 10.14 -45.83
CA GLY P 134 23.91 10.99 -45.47
C GLY P 134 23.81 11.68 -44.12
N THR P 135 22.68 11.61 -43.44
CA THR P 135 22.47 12.24 -42.15
C THR P 135 22.30 11.18 -41.06
N ALA P 136 22.77 11.50 -39.86
CA ALA P 136 22.68 10.61 -38.70
C ALA P 136 21.93 11.33 -37.59
N SER P 137 20.72 10.87 -37.28
CA SER P 137 19.88 11.49 -36.27
C SER P 137 19.80 10.55 -35.06
N VAL P 138 20.50 10.91 -33.99
CA VAL P 138 20.41 10.21 -32.72
C VAL P 138 19.30 10.87 -31.92
N VAL P 139 18.29 10.08 -31.55
CA VAL P 139 17.09 10.59 -30.89
C VAL P 139 17.09 10.11 -29.45
N CYS P 140 17.05 11.05 -28.51
CA CYS P 140 16.92 10.77 -27.08
C CYS P 140 15.51 11.16 -26.64
N LEU P 141 14.77 10.20 -26.10
CA LEU P 141 13.36 10.39 -25.76
C LEU P 141 13.20 10.44 -24.25
N LEU P 142 12.61 11.53 -23.75
CA LEU P 142 12.21 11.66 -22.36
C LEU P 142 10.69 11.68 -22.33
N ASN P 143 10.09 10.72 -21.64
CA ASN P 143 8.64 10.55 -21.67
C ASN P 143 8.08 10.53 -20.26
N ASN P 144 6.88 11.11 -20.12
CA ASN P 144 6.12 11.12 -18.87
C ASN P 144 6.93 11.68 -17.70
N PHE P 145 7.36 12.93 -17.86
CA PHE P 145 8.03 13.66 -16.80
C PHE P 145 7.28 14.96 -16.52
N TYR P 146 7.36 15.40 -15.28
CA TYR P 146 6.73 16.63 -14.84
C TYR P 146 7.54 17.22 -13.70
N PRO P 147 8.02 18.48 -13.79
CA PRO P 147 7.77 19.48 -14.83
C PRO P 147 8.80 19.54 -15.97
N ARG P 148 8.81 20.65 -16.70
CA ARG P 148 9.69 20.83 -17.86
C ARG P 148 10.96 21.59 -17.49
N GLU P 149 11.73 21.06 -16.55
CA GLU P 149 13.04 21.63 -16.24
C GLU P 149 14.12 20.56 -16.30
N ALA P 150 14.12 19.82 -17.42
CA ALA P 150 15.02 18.70 -17.63
C ALA P 150 16.19 19.12 -18.51
N LYS P 151 17.37 18.62 -18.17
CA LYS P 151 18.60 18.89 -18.90
C LYS P 151 19.08 17.62 -19.57
N VAL P 152 19.34 17.70 -20.87
CA VAL P 152 19.84 16.58 -21.66
C VAL P 152 21.21 16.96 -22.20
N GLN P 153 22.23 16.16 -21.89
CA GLN P 153 23.60 16.38 -22.33
C GLN P 153 23.98 15.29 -23.32
N TRP P 154 24.33 15.69 -24.54
CA TRP P 154 24.76 14.76 -25.57
C TRP P 154 26.26 14.49 -25.41
N LYS P 155 26.61 13.25 -25.09
CA LYS P 155 28.00 12.85 -24.86
C LYS P 155 28.42 11.88 -25.96
N VAL P 156 29.26 12.36 -26.88
CA VAL P 156 29.80 11.55 -27.96
C VAL P 156 31.26 11.28 -27.63
N ASP P 157 31.59 10.00 -27.41
CA ASP P 157 32.94 9.59 -27.01
C ASP P 157 33.41 10.40 -25.81
N ASN P 158 32.53 10.54 -24.82
CA ASN P 158 32.80 11.31 -23.60
C ASN P 158 33.13 12.77 -23.92
N ALA P 159 32.36 13.35 -24.84
CA ALA P 159 32.52 14.75 -25.21
C ALA P 159 31.15 15.39 -25.41
N LEU P 160 30.92 16.51 -24.74
CA LEU P 160 29.63 17.18 -24.85
C LEU P 160 29.47 17.82 -26.23
N GLN P 161 28.28 17.67 -26.80
CA GLN P 161 27.93 18.23 -28.10
C GLN P 161 26.85 19.29 -27.91
N SER P 162 27.09 20.49 -28.43
CA SER P 162 26.16 21.59 -28.30
C SER P 162 25.98 22.30 -29.64
N GLY P 163 24.79 22.84 -29.86
CA GLY P 163 24.46 23.51 -31.09
C GLY P 163 23.95 22.61 -32.20
N ASN P 164 24.00 21.30 -32.00
CA ASN P 164 23.54 20.33 -32.99
C ASN P 164 22.34 19.53 -32.50
N SER P 165 21.70 19.98 -31.42
CA SER P 165 20.59 19.26 -30.81
C SER P 165 19.36 20.14 -30.87
N GLN P 166 18.26 19.58 -31.39
CA GLN P 166 16.98 20.27 -31.42
C GLN P 166 15.97 19.46 -30.63
N GLU P 167 15.17 20.15 -29.81
CA GLU P 167 14.24 19.50 -28.90
C GLU P 167 12.83 19.99 -29.17
N SER P 168 11.86 19.11 -28.91
CA SER P 168 10.45 19.44 -29.00
C SER P 168 9.73 18.77 -27.85
N VAL P 169 8.73 19.45 -27.29
CA VAL P 169 8.02 18.98 -26.12
C VAL P 169 6.53 18.91 -26.45
N THR P 170 5.88 17.84 -26.01
CA THR P 170 4.44 17.73 -26.15
C THR P 170 3.86 17.47 -24.76
N GLU P 171 2.76 18.14 -24.45
CA GLU P 171 2.06 17.95 -23.19
C GLU P 171 1.02 16.86 -23.32
N GLN P 172 1.02 15.93 -22.38
CA GLN P 172 -0.01 14.89 -22.40
C GLN P 172 -1.29 15.45 -21.80
N ASP P 173 -2.37 14.70 -21.98
CA ASP P 173 -3.65 15.08 -21.41
C ASP P 173 -3.52 15.41 -19.93
N SER P 174 -4.28 16.42 -19.49
CA SER P 174 -4.20 16.89 -18.12
C SER P 174 -4.56 15.82 -17.09
N LYS P 175 -5.11 14.68 -17.53
CA LYS P 175 -5.37 13.58 -16.61
C LYS P 175 -4.09 13.10 -15.94
N ASP P 176 -2.96 13.11 -16.67
CA ASP P 176 -1.64 12.98 -16.08
C ASP P 176 -0.77 14.21 -16.27
N SER P 177 -1.07 15.08 -17.22
CA SER P 177 -0.40 16.37 -17.40
C SER P 177 1.11 16.24 -17.37
N THR P 178 1.62 15.15 -17.93
CA THR P 178 3.06 14.93 -17.94
C THR P 178 3.61 15.49 -19.24
N TYR P 179 4.88 15.23 -19.52
CA TYR P 179 5.53 15.82 -20.67
C TYR P 179 6.35 14.75 -21.39
N SER P 180 6.70 15.06 -22.63
CA SER P 180 7.56 14.20 -23.43
C SER P 180 8.50 15.08 -24.23
N LEU P 181 9.78 14.70 -24.25
CA LEU P 181 10.84 15.47 -24.89
C LEU P 181 11.56 14.58 -25.88
N SER P 182 11.94 15.16 -27.03
CA SER P 182 12.65 14.44 -28.08
C SER P 182 13.88 15.27 -28.48
N SER P 183 15.02 14.93 -27.87
CA SER P 183 16.29 15.56 -28.23
C SER P 183 16.89 14.82 -29.41
N THR P 184 17.09 15.52 -30.54
CA THR P 184 17.61 14.93 -31.77
C THR P 184 19.00 15.47 -32.02
N LEU P 185 20.00 14.59 -31.97
CA LEU P 185 21.39 14.93 -32.27
C LEU P 185 21.67 14.54 -33.72
N THR P 186 21.81 15.55 -34.59
CA THR P 186 22.01 15.33 -36.02
C THR P 186 23.47 15.51 -36.38
N LEU P 187 24.09 14.47 -36.91
CA LEU P 187 25.46 14.49 -37.37
C LEU P 187 25.53 13.95 -38.79
N SER P 188 26.62 14.26 -39.47
CA SER P 188 26.84 13.70 -40.81
C SER P 188 27.25 12.24 -40.71
N LYS P 189 26.96 11.48 -41.78
CA LYS P 189 27.33 10.07 -41.82
C LYS P 189 28.83 9.88 -41.55
N ALA P 190 29.66 10.72 -42.17
CA ALA P 190 31.10 10.64 -41.94
C ALA P 190 31.45 10.89 -40.48
N ASP P 191 31.00 12.03 -39.94
CA ASP P 191 31.28 12.35 -38.54
C ASP P 191 30.69 11.31 -37.60
N GLU P 193 30.32 8.06 -38.20
CA GLU P 193 31.22 6.90 -38.23
C GLU P 193 32.57 7.19 -37.59
N LYS P 194 32.99 8.46 -37.55
CA LYS P 194 34.27 8.83 -36.95
C LYS P 194 34.34 8.52 -35.46
N HIS P 195 33.20 8.44 -34.78
CA HIS P 195 33.12 8.25 -33.34
C HIS P 195 32.49 6.89 -33.03
N LYS P 196 32.61 6.46 -31.78
CA LYS P 196 32.10 5.16 -31.38
C LYS P 196 30.90 5.28 -30.45
N VAL P 197 31.07 5.88 -29.27
CA VAL P 197 30.07 5.88 -28.21
C VAL P 197 29.19 7.12 -28.34
N TYR P 198 27.88 6.91 -28.31
CA TYR P 198 26.89 7.99 -28.36
C TYR P 198 25.94 7.82 -27.18
N ALA P 199 25.84 8.86 -26.34
CA ALA P 199 25.02 8.81 -25.14
C ALA P 199 24.32 10.14 -24.92
N CYS P 200 23.21 10.11 -24.21
CA CYS P 200 22.47 11.32 -23.80
C CYS P 200 22.20 11.24 -22.30
N GLU P 201 23.06 11.88 -21.52
CA GLU P 201 22.83 12.01 -20.08
C GLU P 201 21.62 12.89 -19.82
N VAL P 202 20.75 12.47 -18.90
CA VAL P 202 19.53 13.17 -18.59
C VAL P 202 19.48 13.44 -17.10
N THR P 203 19.23 14.70 -16.73
CA THR P 203 19.11 15.11 -15.33
C THR P 203 17.77 15.81 -15.17
N HIS P 204 16.95 15.33 -14.23
CA HIS P 204 15.64 15.90 -13.97
C HIS P 204 15.37 15.81 -12.47
N GLN P 205 14.34 16.51 -12.02
CA GLN P 205 14.01 16.50 -10.59
C GLN P 205 13.58 15.13 -10.12
N GLY P 206 12.80 14.42 -10.94
CA GLY P 206 12.35 13.09 -10.55
C GLY P 206 13.50 12.13 -10.29
N LEU P 207 14.48 12.11 -11.20
CA LEU P 207 15.67 11.26 -11.06
C LEU P 207 16.85 12.18 -10.70
N SER P 208 17.05 12.39 -9.40
CA SER P 208 18.15 13.25 -8.96
C SER P 208 19.50 12.71 -9.44
N SER P 209 19.70 11.41 -9.38
CA SER P 209 20.92 10.83 -9.91
C SER P 209 20.88 10.90 -11.44
N PRO P 210 21.94 11.39 -12.09
CA PRO P 210 21.91 11.51 -13.55
C PRO P 210 21.70 10.17 -14.24
N VAL P 211 20.74 10.12 -15.15
CA VAL P 211 20.40 8.91 -15.90
C VAL P 211 20.88 9.10 -17.34
N THR P 212 21.72 8.16 -17.79
CA THR P 212 22.29 8.22 -19.13
C THR P 212 22.00 6.94 -19.90
N LYS P 213 21.62 7.10 -21.16
CA LYS P 213 21.40 5.98 -22.07
C LYS P 213 22.45 6.06 -23.18
N SER P 214 23.24 5.00 -23.30
CA SER P 214 24.36 5.04 -24.28
C SER P 214 24.23 3.90 -25.29
N PHE P 215 24.71 4.13 -26.51
CA PHE P 215 24.75 3.07 -27.57
C PHE P 215 26.09 3.23 -28.29
N ASN P 216 26.57 2.16 -28.94
CA ASN P 216 27.91 2.22 -29.59
C ASN P 216 27.76 2.07 -31.10
N ARG P 217 28.63 2.74 -31.87
CA ARG P 217 28.59 2.62 -33.35
C ARG P 217 29.59 1.54 -33.79
N VAL Q 2 -11.22 48.97 -27.14
CA VAL Q 2 -10.03 49.11 -27.98
C VAL Q 2 -9.28 47.78 -28.06
N GLN Q 3 -9.10 47.29 -29.28
CA GLN Q 3 -8.39 46.03 -29.52
C GLN Q 3 -7.58 46.15 -30.80
N LEU Q 4 -6.45 45.46 -30.84
CA LEU Q 4 -5.56 45.49 -32.00
C LEU Q 4 -5.66 44.17 -32.75
N VAL Q 5 -5.71 44.25 -34.08
CA VAL Q 5 -5.87 43.09 -34.96
C VAL Q 5 -4.60 42.92 -35.78
N GLN Q 6 -4.07 41.70 -35.80
CA GLN Q 6 -2.91 41.37 -36.62
C GLN Q 6 -3.24 40.19 -37.54
N SER Q 7 -2.48 40.08 -38.61
CA SER Q 7 -2.71 39.01 -39.59
C SER Q 7 -2.15 37.69 -39.08
N GLY Q 8 -2.38 36.63 -39.86
CA GLY Q 8 -1.90 35.32 -39.52
C GLY Q 8 -0.44 35.13 -39.85
N ALA Q 9 0.08 33.97 -39.43
CA ALA Q 9 1.49 33.65 -39.65
C ALA Q 9 1.82 33.67 -41.14
N GLU Q 10 3.02 34.15 -41.46
CA GLU Q 10 3.47 34.32 -42.84
C GLU Q 10 4.89 33.80 -42.98
N VAL Q 11 5.08 32.73 -43.74
CA VAL Q 11 6.42 32.22 -44.04
C VAL Q 11 6.99 32.99 -45.23
N LYS Q 12 8.22 33.47 -45.10
CA LYS Q 12 8.85 34.33 -46.09
C LYS Q 12 10.19 33.75 -46.53
N LYS Q 13 10.61 34.14 -47.75
CA LYS Q 13 11.86 33.71 -48.34
C LYS Q 13 13.01 34.62 -47.87
N PRO Q 14 14.20 34.07 -47.63
CA PRO Q 14 15.34 34.89 -47.20
C PRO Q 14 15.67 35.97 -48.22
N GLY Q 15 15.76 37.20 -47.74
CA GLY Q 15 16.03 38.34 -48.59
C GLY Q 15 14.80 39.08 -49.04
N SER Q 16 13.60 38.61 -48.66
CA SER Q 16 12.36 39.25 -49.06
C SER Q 16 11.98 40.30 -48.02
N SER Q 17 10.71 40.71 -48.02
CA SER Q 17 10.24 41.71 -47.06
C SER Q 17 8.79 41.40 -46.73
N VAL Q 18 8.46 41.51 -45.45
CA VAL Q 18 7.11 41.25 -44.96
C VAL Q 18 6.60 42.52 -44.30
N LYS Q 19 5.33 42.84 -44.55
CA LYS Q 19 4.69 44.03 -43.99
C LYS Q 19 3.54 43.60 -43.08
N VAL Q 20 3.84 43.41 -41.80
CA VAL Q 20 2.82 42.97 -40.83
C VAL Q 20 1.86 44.12 -40.54
N PRO Q 21 0.56 43.89 -40.59
CA PRO Q 21 -0.38 44.99 -40.37
C PRO Q 21 -0.91 45.04 -38.94
N CYS Q 22 -1.48 46.18 -38.55
CA CYS Q 22 -2.07 46.35 -37.23
C CYS Q 22 -3.29 47.25 -37.37
N LYS Q 23 -4.47 46.71 -37.08
CA LYS Q 23 -5.72 47.45 -37.21
C LYS Q 23 -6.30 47.76 -35.84
N ALA Q 24 -6.90 48.94 -35.72
CA ALA Q 24 -7.49 49.42 -34.47
C ALA Q 24 -9.01 49.21 -34.52
N SER Q 25 -9.47 48.10 -33.95
CA SER Q 25 -10.91 47.85 -33.82
C SER Q 25 -11.40 48.58 -32.57
N GLY Q 26 -12.14 49.67 -32.77
CA GLY Q 26 -12.56 50.52 -31.68
C GLY Q 26 -11.60 51.64 -31.35
N GLY Q 27 -10.33 51.52 -31.74
CA GLY Q 27 -9.36 52.59 -31.57
C GLY Q 27 -9.30 53.53 -32.76
N THR Q 28 -8.59 54.64 -32.58
CA THR Q 28 -8.45 55.65 -33.62
C THR Q 28 -7.04 55.82 -34.14
N PHE Q 29 -6.02 55.29 -33.46
CA PHE Q 29 -4.61 55.46 -33.84
C PHE Q 29 -4.27 56.93 -34.05
N SER Q 30 -4.69 57.77 -33.11
CA SER Q 30 -4.48 59.20 -33.23
C SER Q 30 -4.06 59.86 -31.92
N THR Q 31 -3.83 59.10 -30.86
CA THR Q 31 -3.46 59.69 -29.58
C THR Q 31 -2.27 59.00 -28.93
N TYR Q 32 -2.39 57.71 -28.64
CA TYR Q 32 -1.37 56.93 -27.94
C TYR Q 32 -0.43 56.25 -28.94
N PRO Q 33 0.87 56.30 -28.69
CA PRO Q 33 1.81 55.65 -29.60
C PRO Q 33 1.59 54.15 -29.67
N ILE Q 34 1.96 53.56 -30.81
CA ILE Q 34 1.79 52.14 -31.05
C ILE Q 34 3.18 51.53 -31.10
N SER Q 35 3.54 50.80 -30.04
CA SER Q 35 4.83 50.15 -29.98
C SER Q 35 4.79 48.78 -30.63
N TRP Q 36 5.94 48.35 -31.13
CA TRP Q 36 6.10 47.05 -31.77
C TRP Q 36 7.11 46.24 -30.96
N VAL Q 37 6.70 45.06 -30.51
CA VAL Q 37 7.50 44.17 -29.69
C VAL Q 37 7.73 42.87 -30.45
N ARG Q 38 8.98 42.41 -30.45
CA ARG Q 38 9.40 41.20 -31.15
C ARG Q 38 9.74 40.09 -30.16
N GLN Q 39 9.32 38.86 -30.46
CA GLN Q 39 9.65 37.71 -29.61
C GLN Q 39 9.99 36.52 -30.51
N ALA Q 40 11.25 36.11 -30.46
CA ALA Q 40 11.75 34.94 -31.20
C ALA Q 40 11.40 33.64 -30.51
N PRO Q 41 11.39 32.52 -31.25
CA PRO Q 41 11.13 31.21 -30.63
C PRO Q 41 12.10 30.93 -29.50
N GLY Q 42 11.56 30.75 -28.31
CA GLY Q 42 12.36 30.47 -27.12
C GLY Q 42 13.20 31.67 -26.77
N GLN Q 43 12.61 32.86 -26.78
CA GLN Q 43 13.31 34.08 -26.46
C GLN Q 43 12.35 34.97 -25.68
N GLY Q 44 12.84 36.10 -25.18
CA GLY Q 44 12.02 37.07 -24.51
C GLY Q 44 11.53 38.20 -25.41
N LEU Q 45 10.58 38.97 -24.86
CA LEU Q 45 10.05 40.14 -25.56
C LEU Q 45 11.15 41.16 -25.79
N GLU Q 46 11.13 41.81 -26.96
CA GLU Q 46 12.15 42.78 -27.32
C GLU Q 46 11.49 43.96 -28.01
N TRP Q 47 11.52 45.13 -27.37
CA TRP Q 47 10.94 46.34 -27.95
C TRP Q 47 11.71 46.74 -29.20
N MET Q 48 10.99 46.83 -30.32
CA MET Q 48 11.58 47.24 -31.59
C MET Q 48 11.54 48.75 -31.75
N GLY Q 49 10.37 49.34 -31.54
CA GLY Q 49 10.23 50.77 -31.72
C GLY Q 49 8.79 51.19 -31.49
N ARG Q 50 8.49 52.43 -31.87
CA ARG Q 50 7.10 52.96 -31.68
C ARG Q 50 6.76 53.93 -32.80
N ILE Q 51 5.47 54.11 -33.09
CA ILE Q 51 5.04 55.13 -34.09
C ILE Q 51 4.15 56.11 -33.33
N ILE Q 52 4.38 57.43 -33.45
CA ILE Q 52 3.59 58.36 -32.61
C ILE Q 52 2.56 59.09 -33.49
N PRO Q 53 1.25 58.97 -33.18
CA PRO Q 53 0.20 59.69 -33.93
C PRO Q 53 0.12 61.22 -33.87
N ASP Q 54 0.31 61.84 -32.71
CA ASP Q 54 0.06 63.30 -32.60
C ASP Q 54 0.99 63.98 -33.61
N PRO Q 55 2.33 63.87 -33.49
CA PRO Q 55 3.23 64.32 -34.55
C PRO Q 55 3.66 63.09 -35.36
N PRO Q 56 3.56 63.07 -36.70
CA PRO Q 56 3.90 61.82 -37.35
C PRO Q 56 5.37 61.69 -36.97
N MET Q 57 5.76 60.53 -36.43
CA MET Q 57 7.19 60.28 -36.11
C MET Q 57 7.42 58.77 -36.02
N ALA Q 58 8.65 58.33 -36.19
CA ALA Q 58 8.96 56.89 -35.96
C ALA Q 58 10.14 56.79 -34.99
N ASN Q 59 10.05 55.95 -33.96
CA ASN Q 59 11.25 55.73 -33.12
C ASN Q 59 11.62 54.25 -33.27
N ILE Q 60 12.85 53.96 -33.65
CA ILE Q 60 13.26 52.54 -33.87
C ILE Q 60 14.57 52.25 -33.14
N ALA Q 61 14.68 51.07 -32.52
CA ALA Q 61 15.96 50.67 -31.88
C ALA Q 61 17.01 50.47 -32.99
N GLN Q 62 18.27 50.81 -32.71
CA GLN Q 62 19.32 50.73 -33.77
C GLN Q 62 19.45 49.28 -34.21
N LYS Q 63 19.40 48.33 -33.27
CA LYS Q 63 19.45 46.89 -33.64
C LYS Q 63 18.42 46.63 -34.74
N PHE Q 64 17.34 47.42 -34.78
CA PHE Q 64 16.25 47.17 -35.77
C PHE Q 64 16.27 48.22 -36.88
N GLN Q 65 17.14 49.23 -36.80
CA GLN Q 65 17.15 50.33 -37.79
C GLN Q 65 17.71 49.86 -39.13
N GLY Q 66 17.40 50.56 -40.22
CA GLY Q 66 17.87 50.20 -41.53
C GLY Q 66 16.99 49.21 -42.26
N ARG Q 67 16.18 48.45 -41.54
CA ARG Q 67 15.27 47.48 -42.16
C ARG Q 67 13.81 47.74 -41.82
N VAL Q 68 13.51 48.20 -40.62
CA VAL Q 68 12.12 48.40 -40.21
C VAL Q 68 11.63 49.74 -40.73
N SER Q 69 10.43 49.74 -41.30
CA SER Q 69 9.77 50.94 -41.79
C SER Q 69 8.35 51.00 -41.26
N PHE Q 70 7.98 52.11 -40.65
CA PHE Q 70 6.66 52.28 -40.04
C PHE Q 70 5.76 53.03 -40.99
N SER Q 71 5.07 52.28 -41.86
CA SER Q 71 4.06 52.82 -42.73
C SER Q 71 2.68 52.71 -42.08
N ALA Q 72 1.72 53.47 -42.61
CA ALA Q 72 0.38 53.47 -42.06
C ALA Q 72 -0.59 54.09 -43.05
N ASP Q 73 -1.67 53.36 -43.34
CA ASP Q 73 -2.76 53.91 -44.14
C ASP Q 73 -3.64 54.73 -43.21
N THR Q 77 -7.24 53.79 -40.49
CA THR Q 77 -6.18 53.80 -39.48
C THR Q 77 -5.57 52.42 -39.27
N ILE Q 78 -4.89 51.90 -40.29
CA ILE Q 78 -4.18 50.63 -40.19
C ILE Q 78 -2.69 50.91 -40.37
N VAL Q 79 -1.90 50.59 -39.35
CA VAL Q 79 -0.47 50.81 -39.36
C VAL Q 79 0.22 49.52 -39.78
N TYR Q 80 1.29 49.67 -40.57
CA TYR Q 80 2.05 48.54 -41.09
C TYR Q 80 3.51 48.71 -40.71
N MET Q 81 4.14 47.60 -40.30
CA MET Q 81 5.57 47.55 -40.05
C MET Q 81 6.18 46.59 -41.05
N GLU Q 82 7.13 47.07 -41.85
CA GLU Q 82 7.77 46.25 -42.86
C GLU Q 82 9.23 46.01 -42.49
N LEU Q 83 9.58 44.76 -42.24
CA LEU Q 83 10.96 44.37 -41.98
C LEU Q 83 11.60 43.94 -43.28
N SER Q 84 12.51 44.77 -43.80
CA SER Q 84 13.14 44.54 -45.09
C SER Q 84 14.40 43.67 -44.94
N SER Q 85 14.86 43.14 -46.07
CA SER Q 85 16.06 42.32 -46.15
C SER Q 85 16.03 41.19 -45.11
N LEU Q 86 14.99 40.36 -45.22
CA LEU Q 86 14.76 39.32 -44.24
C LEU Q 86 15.90 38.29 -44.23
N ARG Q 87 16.20 37.80 -43.03
CA ARG Q 87 17.21 36.77 -42.81
C ARG Q 87 16.68 35.83 -41.75
N SER Q 88 17.28 34.64 -41.69
CA SER Q 88 16.83 33.66 -40.70
C SER Q 88 16.88 34.24 -39.30
N GLU Q 89 17.94 35.00 -39.00
CA GLU Q 89 18.04 35.62 -37.68
C GLU Q 89 16.93 36.64 -37.44
N ASP Q 90 16.48 37.33 -38.49
CA ASP Q 90 15.48 38.39 -38.30
C ASP Q 90 14.12 37.85 -37.91
N THR Q 91 13.80 36.63 -38.36
CA THR Q 91 12.49 36.04 -38.13
C THR Q 91 12.17 35.87 -36.65
N ALA Q 92 10.94 36.18 -36.30
CA ALA Q 92 10.43 36.14 -34.93
C ALA Q 92 8.92 36.36 -34.98
N VAL Q 93 8.29 36.29 -33.81
CA VAL Q 93 6.88 36.62 -33.69
C VAL Q 93 6.78 38.09 -33.34
N TYR Q 94 5.93 38.81 -34.07
CA TYR Q 94 5.87 40.26 -33.99
C TYR Q 94 4.52 40.71 -33.45
N PHE Q 95 4.54 41.53 -32.41
CA PHE Q 95 3.36 42.07 -31.75
C PHE Q 95 3.31 43.57 -31.94
N CYS Q 96 2.12 44.09 -32.16
CA CYS Q 96 1.87 45.53 -32.10
C CYS Q 96 1.05 45.81 -30.84
N ALA Q 97 1.46 46.81 -30.08
CA ALA Q 97 0.78 47.10 -28.82
C ALA Q 97 0.61 48.60 -28.67
N ARG Q 98 -0.42 48.99 -27.91
CA ARG Q 98 -0.69 50.40 -27.64
C ARG Q 98 0.15 50.85 -26.46
N GLU Q 99 1.18 51.67 -26.74
CA GLU Q 99 2.02 52.20 -25.69
C GLU Q 99 1.36 53.45 -25.10
N ILE Q 100 1.20 53.46 -23.78
CA ILE Q 100 0.66 54.63 -23.11
C ILE Q 100 1.84 55.43 -22.55
N LEU Q 101 2.61 56.04 -23.45
CA LEU Q 101 3.76 56.85 -23.04
C LEU Q 101 3.32 57.95 -22.08
N GLN Q 102 2.38 58.79 -22.51
CA GLN Q 102 1.73 59.72 -21.60
C GLN Q 102 0.76 58.95 -20.71
N SER Q 103 0.14 59.65 -19.75
CA SER Q 103 -0.92 59.11 -18.90
C SER Q 103 -0.38 58.10 -17.90
N PRO Q 104 -1.12 57.83 -16.82
CA PRO Q 104 -0.57 57.04 -15.70
C PRO Q 104 -0.14 55.62 -16.06
N PRO Q 105 -0.85 54.91 -16.95
CA PRO Q 105 -0.44 53.51 -17.21
C PRO Q 105 1.06 53.30 -17.43
N PHE Q 106 1.70 54.15 -18.25
CA PHE Q 106 3.14 54.05 -18.51
C PHE Q 106 3.55 52.64 -18.88
N ALA Q 107 2.76 52.01 -19.74
CA ALA Q 107 2.99 50.61 -20.09
C ALA Q 107 2.19 50.32 -21.36
N VAL Q 108 2.50 49.17 -21.97
CA VAL Q 108 1.74 48.69 -23.12
C VAL Q 108 0.62 47.81 -22.59
N ASP Q 109 -0.61 48.34 -22.62
CA ASP Q 109 -1.77 47.66 -22.07
C ASP Q 109 -2.46 46.76 -23.08
N VAL Q 110 -2.81 47.31 -24.24
CA VAL Q 110 -3.53 46.54 -25.25
C VAL Q 110 -2.51 45.96 -26.23
N TRP Q 111 -2.42 44.63 -26.28
CA TRP Q 111 -1.54 43.94 -27.19
C TRP Q 111 -2.32 43.41 -28.39
N GLY Q 112 -1.57 43.10 -29.46
CA GLY Q 112 -2.16 42.54 -30.66
C GLY Q 112 -1.96 41.03 -30.71
N GLN Q 113 -2.62 40.41 -31.69
CA GLN Q 113 -2.61 38.94 -31.82
C GLN Q 113 -1.19 38.42 -31.96
N GLY Q 114 -0.39 39.03 -32.83
CA GLY Q 114 0.96 38.58 -33.04
C GLY Q 114 1.10 37.80 -34.33
N THR Q 115 1.77 38.40 -35.31
CA THR Q 115 1.98 37.78 -36.61
C THR Q 115 3.32 37.06 -36.63
N MET Q 116 3.27 35.73 -36.76
CA MET Q 116 4.49 34.94 -36.80
C MET Q 116 5.11 35.03 -38.19
N VAL Q 117 6.40 35.37 -38.24
CA VAL Q 117 7.16 35.49 -39.48
C VAL Q 117 8.28 34.46 -39.46
N ALA Q 118 8.32 33.60 -40.48
CA ALA Q 118 9.32 32.56 -40.65
C ALA Q 118 10.09 32.79 -41.95
N VAL Q 119 11.41 32.61 -41.90
CA VAL Q 119 12.29 32.77 -43.06
C VAL Q 119 12.71 31.37 -43.50
N SER Q 120 12.26 30.97 -44.69
CA SER Q 120 12.35 29.58 -45.13
C SER Q 120 13.74 29.14 -45.59
N SER Q 121 14.13 29.64 -46.76
CA SER Q 121 15.34 29.19 -47.47
C SER Q 121 15.15 27.78 -47.99
N ALA Q 122 13.93 27.46 -48.44
CA ALA Q 122 13.61 26.11 -48.87
C ALA Q 122 12.33 26.15 -49.69
N SER Q 123 12.28 25.33 -50.74
CA SER Q 123 11.06 25.16 -51.51
C SER Q 123 10.30 23.94 -50.98
N THR Q 124 9.29 23.47 -51.71
CA THR Q 124 8.45 22.34 -51.27
C THR Q 124 9.16 21.00 -51.50
N LYS Q 125 9.50 20.31 -50.41
CA LYS Q 125 10.17 19.01 -50.47
C LYS Q 125 9.38 17.97 -49.69
N GLY Q 126 9.38 16.73 -50.20
CA GLY Q 126 8.72 15.63 -49.54
C GLY Q 126 9.51 15.11 -48.35
N PRO Q 127 8.82 14.44 -47.42
CA PRO Q 127 9.48 13.97 -46.20
C PRO Q 127 10.16 12.63 -46.39
N SER Q 128 11.23 12.41 -45.63
CA SER Q 128 11.99 11.16 -45.62
C SER Q 128 11.75 10.51 -44.26
N VAL Q 129 10.91 9.46 -44.24
CA VAL Q 129 10.55 8.80 -43.00
C VAL Q 129 11.62 7.77 -42.64
N PHE Q 130 12.07 7.81 -41.39
CA PHE Q 130 13.10 6.89 -40.91
C PHE Q 130 12.63 6.18 -39.66
N PRO Q 131 12.84 4.87 -39.57
CA PRO Q 131 12.33 4.09 -38.43
C PRO Q 131 13.16 4.29 -37.18
N LEU Q 132 12.47 4.31 -36.03
CA LEU Q 132 13.10 4.38 -34.71
C LEU Q 132 12.97 3.00 -34.07
N ALA Q 133 14.04 2.21 -34.18
CA ALA Q 133 13.98 0.80 -33.69
C ALA Q 133 13.72 0.78 -32.18
N PRO Q 134 12.87 -0.15 -31.68
CA PRO Q 134 12.63 -0.28 -30.25
C PRO Q 134 13.93 -0.65 -29.51
N SER Q 135 14.73 -1.55 -30.11
CA SER Q 135 16.02 -1.95 -29.51
C SER Q 135 15.78 -2.53 -28.11
N SER Q 136 16.53 -2.07 -27.11
CA SER Q 136 16.35 -2.55 -25.72
C SER Q 136 15.73 -1.35 -24.99
N LYS Q 137 14.64 -1.59 -24.24
CA LYS Q 137 13.93 -0.48 -23.54
C LYS Q 137 12.91 -1.07 -22.58
N GLY Q 142 6.60 -4.62 -20.52
CA GLY Q 142 7.68 -3.66 -20.43
C GLY Q 142 7.56 -2.60 -21.50
N THR Q 143 7.58 -1.34 -21.10
CA THR Q 143 7.41 -0.22 -22.01
C THR Q 143 8.53 -0.18 -23.06
N ALA Q 144 8.18 -0.46 -24.31
CA ALA Q 144 9.13 -0.37 -25.43
C ALA Q 144 8.70 0.79 -26.32
N ALA Q 145 9.67 1.64 -26.68
CA ALA Q 145 9.38 2.84 -27.45
C ALA Q 145 9.89 2.68 -28.86
N LEU Q 146 9.01 2.94 -29.84
CA LEU Q 146 9.36 2.89 -31.24
C LEU Q 146 8.67 4.04 -31.94
N GLY Q 147 9.11 4.36 -33.15
CA GLY Q 147 8.53 5.48 -33.86
C GLY Q 147 9.15 5.70 -35.21
N CYS Q 148 8.81 6.84 -35.79
CA CYS Q 148 9.26 7.24 -37.12
C CYS Q 148 9.82 8.65 -37.05
N LEU Q 149 10.84 8.91 -37.86
CA LEU Q 149 11.50 10.21 -37.92
C LEU Q 149 11.17 10.87 -39.26
N VAL Q 150 10.20 11.78 -39.24
CA VAL Q 150 9.88 12.59 -40.42
C VAL Q 150 10.87 13.74 -40.50
N LYS Q 151 11.68 13.77 -41.56
CA LYS Q 151 12.78 14.71 -41.69
C LYS Q 151 12.84 15.30 -43.09
N ASP Q 152 13.34 16.54 -43.16
CA ASP Q 152 13.65 17.22 -44.41
C ASP Q 152 12.41 17.36 -45.29
N TYR Q 153 11.41 18.07 -44.77
CA TYR Q 153 10.19 18.34 -45.51
C TYR Q 153 9.83 19.82 -45.42
N PHE Q 154 9.18 20.32 -46.47
CA PHE Q 154 8.71 21.69 -46.54
C PHE Q 154 7.51 21.71 -47.47
N PRO Q 155 6.46 22.48 -47.13
CA PRO Q 155 6.21 23.12 -45.84
C PRO Q 155 5.26 22.30 -44.98
N GLU Q 156 4.95 22.72 -43.75
CA GLU Q 156 3.90 22.07 -43.00
C GLU Q 156 2.58 22.18 -43.77
N PRO Q 157 1.63 21.27 -43.51
CA PRO Q 157 1.62 20.23 -42.49
C PRO Q 157 1.98 18.84 -42.98
N VAL Q 158 2.39 18.00 -42.05
CA VAL Q 158 2.53 16.57 -42.26
C VAL Q 158 1.73 15.89 -41.17
N THR Q 159 1.13 14.75 -41.50
CA THR Q 159 0.26 14.04 -40.57
C THR Q 159 0.75 12.60 -40.46
N VAL Q 160 0.99 12.16 -39.22
CA VAL Q 160 1.52 10.83 -38.94
C VAL Q 160 0.49 10.06 -38.13
N SER Q 161 0.15 8.86 -38.58
CA SER Q 161 -0.74 7.97 -37.86
C SER Q 161 -0.02 6.65 -37.60
N TRP Q 162 -0.56 5.87 -36.66
CA TRP Q 162 0.02 4.60 -36.28
C TRP Q 162 -0.98 3.48 -36.51
N ASN Q 163 -0.54 2.44 -37.23
CA ASN Q 163 -1.38 1.29 -37.57
C ASN Q 163 -2.69 1.72 -38.22
N SER Q 164 -2.59 2.73 -39.08
CA SER Q 164 -3.73 3.27 -39.83
C SER Q 164 -4.85 3.74 -38.89
N GLY Q 165 -4.47 4.41 -37.81
CA GLY Q 165 -5.43 4.95 -36.86
C GLY Q 165 -5.84 4.02 -35.74
N ALA Q 166 -5.55 2.73 -35.85
CA ALA Q 166 -5.91 1.79 -34.78
C ALA Q 166 -5.14 2.08 -33.51
N LEU Q 167 -3.85 2.40 -33.62
CA LEU Q 167 -2.99 2.67 -32.48
C LEU Q 167 -3.10 4.16 -32.13
N THR Q 168 -3.73 4.46 -30.99
CA THR Q 168 -3.93 5.82 -30.53
C THR Q 168 -3.26 6.11 -29.19
N SER Q 169 -3.48 5.26 -28.19
CA SER Q 169 -2.90 5.49 -26.88
C SER Q 169 -1.40 5.24 -26.92
N GLY Q 170 -0.64 6.12 -26.27
CA GLY Q 170 0.80 6.06 -26.29
C GLY Q 170 1.47 6.84 -27.40
N VAL Q 171 0.74 7.15 -28.47
CA VAL Q 171 1.30 7.91 -29.58
C VAL Q 171 1.52 9.35 -29.14
N HIS Q 172 2.78 9.78 -29.13
CA HIS Q 172 3.16 11.14 -28.78
C HIS Q 172 3.88 11.73 -29.99
N THR Q 173 3.13 12.42 -30.86
CA THR Q 173 3.72 13.09 -32.02
C THR Q 173 4.38 14.38 -31.56
N PHE Q 174 5.65 14.51 -31.86
CA PHE Q 174 6.31 15.70 -31.34
C PHE Q 174 6.19 16.86 -32.33
N PRO Q 175 6.12 18.08 -31.81
CA PRO Q 175 5.99 19.25 -32.68
C PRO Q 175 7.18 19.35 -33.64
N ALA Q 176 6.89 19.83 -34.84
CA ALA Q 176 7.90 20.00 -35.86
C ALA Q 176 8.91 21.06 -35.43
N VAL Q 177 10.18 20.83 -35.77
CA VAL Q 177 11.26 21.75 -35.45
C VAL Q 177 11.88 22.21 -36.75
N LEU Q 178 11.96 23.52 -36.95
CA LEU Q 178 12.63 24.05 -38.14
C LEU Q 178 14.11 23.75 -38.04
N GLN Q 179 14.65 23.09 -39.07
CA GLN Q 179 16.05 22.73 -39.04
C GLN Q 179 16.88 23.90 -39.56
N SER Q 180 18.18 23.87 -39.22
CA SER Q 180 19.09 24.90 -39.71
C SER Q 180 19.11 24.96 -41.22
N SER Q 181 18.88 23.83 -41.88
CA SER Q 181 18.82 23.78 -43.35
C SER Q 181 17.68 24.62 -43.93
N GLY Q 182 16.64 24.87 -43.14
CA GLY Q 182 15.44 25.53 -43.63
C GLY Q 182 14.26 24.62 -43.85
N LEU Q 183 14.42 23.33 -43.61
CA LEU Q 183 13.35 22.35 -43.71
C LEU Q 183 12.86 21.97 -42.32
N TYR Q 184 11.70 21.35 -42.27
CA TYR Q 184 11.12 20.92 -41.01
C TYR Q 184 11.34 19.43 -40.77
N SER Q 185 11.27 19.05 -39.49
CA SER Q 185 11.46 17.66 -39.09
C SER Q 185 10.73 17.42 -37.77
N LEU Q 186 10.10 16.25 -37.65
CA LEU Q 186 9.43 15.87 -36.42
C LEU Q 186 9.72 14.41 -36.12
N SER Q 187 9.47 14.03 -34.87
CA SER Q 187 9.60 12.64 -34.44
C SER Q 187 8.29 12.22 -33.79
N SER Q 188 7.77 11.07 -34.20
CA SER Q 188 6.58 10.48 -33.61
C SER Q 188 6.97 9.18 -32.91
N VAL Q 189 6.63 9.06 -31.63
CA VAL Q 189 6.91 7.86 -30.86
C VAL Q 189 5.61 7.31 -30.28
N VAL Q 190 5.62 6.03 -29.96
CA VAL Q 190 4.47 5.35 -29.35
C VAL Q 190 4.99 4.29 -28.39
N THR Q 191 4.38 4.22 -27.21
CA THR Q 191 4.76 3.24 -26.19
C THR Q 191 3.89 1.99 -26.32
N VAL Q 192 4.55 0.85 -26.52
CA VAL Q 192 3.87 -0.43 -26.69
C VAL Q 192 4.51 -1.46 -25.77
N PRO Q 193 3.82 -2.54 -25.47
CA PRO Q 193 4.45 -3.64 -24.70
C PRO Q 193 5.57 -4.30 -25.49
N SER Q 194 6.72 -4.50 -24.84
CA SER Q 194 7.86 -5.12 -25.50
C SER Q 194 7.62 -6.58 -25.84
N SER Q 195 6.65 -7.23 -25.20
CA SER Q 195 6.31 -8.60 -25.56
C SER Q 195 5.72 -8.67 -26.97
N SER Q 196 4.95 -7.65 -27.36
CA SER Q 196 4.30 -7.62 -28.66
C SER Q 196 5.20 -7.12 -29.78
N LEU Q 197 6.44 -6.73 -29.47
CA LEU Q 197 7.35 -6.21 -30.50
C LEU Q 197 7.46 -7.15 -31.69
N GLY Q 198 7.63 -8.44 -31.42
CA GLY Q 198 7.73 -9.42 -32.49
C GLY Q 198 6.39 -9.80 -33.10
N THR Q 199 5.38 -10.01 -32.26
CA THR Q 199 4.11 -10.54 -32.78
C THR Q 199 3.32 -9.50 -33.55
N GLN Q 200 3.01 -8.36 -32.92
CA GLN Q 200 2.25 -7.32 -33.59
C GLN Q 200 3.15 -6.49 -34.50
N THR Q 201 2.57 -6.05 -35.62
CA THR Q 201 3.28 -5.23 -36.59
C THR Q 201 2.83 -3.78 -36.44
N TYR Q 202 3.77 -2.89 -36.17
CA TYR Q 202 3.50 -1.48 -35.97
C TYR Q 202 4.00 -0.71 -37.19
N ILE Q 203 3.11 0.05 -37.80
CA ILE Q 203 3.39 0.78 -39.03
C ILE Q 203 2.91 2.23 -38.87
N CYS Q 204 3.78 3.18 -39.21
CA CYS Q 204 3.45 4.59 -39.17
C CYS Q 204 3.08 5.08 -40.57
N ASN Q 205 1.98 5.82 -40.67
CA ASN Q 205 1.50 6.36 -41.93
C ASN Q 205 1.74 7.86 -41.92
N VAL Q 206 2.70 8.32 -42.72
CA VAL Q 206 3.06 9.74 -42.81
C VAL Q 206 2.53 10.30 -44.12
N ASN Q 207 1.88 11.46 -44.06
CA ASN Q 207 1.28 12.09 -45.24
C ASN Q 207 1.68 13.56 -45.29
N HIS Q 208 2.36 13.96 -46.36
CA HIS Q 208 2.71 15.35 -46.63
C HIS Q 208 1.84 15.82 -47.80
N LYS Q 209 0.63 16.25 -47.49
CA LYS Q 209 -0.32 16.66 -48.53
C LYS Q 209 0.20 17.75 -49.45
N PRO Q 210 0.87 18.81 -48.97
CA PRO Q 210 1.45 19.79 -49.92
C PRO Q 210 2.29 19.16 -51.03
N SER Q 211 3.17 18.24 -50.69
CA SER Q 211 3.96 17.52 -51.69
C SER Q 211 3.30 16.21 -52.13
N ASN Q 212 2.13 15.91 -51.57
CA ASN Q 212 1.40 14.68 -51.89
C ASN Q 212 2.29 13.44 -51.74
N THR Q 213 3.06 13.41 -50.66
CA THR Q 213 3.96 12.30 -50.37
C THR Q 213 3.36 11.55 -49.18
N LYS Q 214 2.79 10.38 -49.44
CA LYS Q 214 2.19 9.56 -48.39
C LYS Q 214 3.03 8.30 -48.28
N VAL Q 215 3.78 8.19 -47.18
CA VAL Q 215 4.69 7.07 -46.95
C VAL Q 215 4.14 6.28 -45.77
N ASP Q 216 4.05 4.96 -45.93
CA ASP Q 216 3.60 4.06 -44.87
C ASP Q 216 4.82 3.25 -44.43
N LYS Q 217 5.69 3.91 -43.68
CA LYS Q 217 6.88 3.24 -43.17
C LYS Q 217 6.46 2.27 -42.07
N LYS Q 218 7.20 1.18 -41.95
CA LYS Q 218 6.92 0.15 -40.97
C LYS Q 218 8.09 0.04 -40.01
N VAL Q 219 7.77 -0.21 -38.75
CA VAL Q 219 8.75 -0.22 -37.68
C VAL Q 219 8.69 -1.59 -37.04
N GLU Q 220 9.75 -2.37 -37.23
CA GLU Q 220 9.88 -3.71 -36.71
C GLU Q 220 11.20 -3.80 -35.98
N PRO Q 221 11.30 -4.64 -34.95
CA PRO Q 221 12.54 -4.71 -34.16
C PRO Q 221 13.75 -5.09 -34.99
N LYS Q 222 14.92 -4.73 -34.46
CA LYS Q 222 16.19 -5.03 -35.10
C LYS Q 222 16.78 -6.29 -34.48
N LEU R 4 5.72 58.85 8.16
CA LEU R 4 5.81 57.43 7.83
C LEU R 4 4.80 57.05 6.75
N THR R 5 5.29 56.35 5.72
CA THR R 5 4.47 55.94 4.59
C THR R 5 4.36 54.42 4.54
N GLN R 6 3.14 53.94 4.31
CA GLN R 6 2.80 52.53 4.19
C GLN R 6 2.15 52.25 2.85
N PRO R 7 2.24 51.01 2.35
CA PRO R 7 1.47 50.63 1.17
C PRO R 7 -0.02 50.76 1.46
N ALA R 8 -0.77 51.20 0.45
CA ALA R 8 -2.20 51.46 0.63
C ALA R 8 -2.96 50.19 1.02
N SER R 9 -2.70 49.09 0.31
CA SER R 9 -3.38 47.82 0.56
C SER R 9 -2.43 46.68 0.29
N VAL R 10 -2.59 45.61 1.06
CA VAL R 10 -1.78 44.40 0.92
C VAL R 10 -2.72 43.22 0.98
N SER R 11 -2.91 42.54 -0.14
CA SER R 11 -3.77 41.37 -0.18
C SER R 11 -2.93 40.11 -0.06
N GLY R 12 -3.50 39.08 0.55
CA GLY R 12 -2.79 37.84 0.81
C GLY R 12 -3.73 36.68 0.93
N SER R 13 -3.24 35.49 0.55
CA SER R 13 -4.01 34.26 0.68
C SER R 13 -3.94 33.72 2.10
N PRO R 14 -4.98 33.02 2.56
CA PRO R 14 -4.99 32.50 3.92
C PRO R 14 -3.84 31.51 4.12
N GLY R 15 -3.10 31.71 5.20
CA GLY R 15 -1.98 30.86 5.57
C GLY R 15 -0.63 31.42 5.19
N GLN R 16 -0.56 32.32 4.21
CA GLN R 16 0.72 32.89 3.82
C GLN R 16 1.06 34.07 4.74
N SER R 17 2.22 34.68 4.50
CA SER R 17 2.71 35.77 5.32
C SER R 17 2.86 37.02 4.47
N ILE R 18 2.18 38.09 4.88
CA ILE R 18 2.30 39.38 4.22
C ILE R 18 3.18 40.29 5.06
N THR R 19 3.74 41.31 4.42
CA THR R 19 4.62 42.26 5.08
C THR R 19 4.22 43.68 4.68
N ILE R 20 4.29 44.60 5.65
CA ILE R 20 3.95 46.01 5.46
C ILE R 20 5.20 46.83 5.72
N SER R 21 5.59 47.68 4.75
CA SER R 21 6.76 48.54 4.90
C SER R 21 6.37 49.88 5.53
N CYS R 22 7.31 50.45 6.27
CA CYS R 22 7.11 51.73 6.96
C CYS R 22 8.40 52.53 6.84
N THR R 23 8.60 53.15 5.68
CA THR R 23 9.81 53.92 5.42
C THR R 23 9.67 55.31 6.02
N GLY R 24 10.75 55.80 6.61
CA GLY R 24 10.70 57.09 7.26
C GLY R 24 11.12 58.21 6.35
N SER R 25 10.34 58.42 5.30
CA SER R 25 10.57 59.47 4.29
C SER R 25 11.99 59.27 3.77
N SER R 26 12.84 60.29 3.78
CA SER R 26 14.23 60.17 3.35
C SER R 26 15.21 60.19 4.51
N SER R 27 14.73 60.24 5.76
CA SER R 27 15.59 60.40 6.91
C SER R 27 15.36 59.32 7.96
N ASP R 28 16.02 59.46 9.12
CA ASP R 28 15.99 58.47 10.20
C ASP R 28 15.80 59.19 11.54
N VAL R 29 14.60 59.74 11.75
CA VAL R 29 14.27 60.41 13.01
C VAL R 29 13.98 59.36 14.08
N GLY R 30 13.84 59.80 15.32
CA GLY R 30 13.51 58.90 16.40
C GLY R 30 14.69 58.14 16.99
N GLY R 31 15.93 58.51 16.66
CA GLY R 31 17.10 57.84 17.20
C GLY R 31 17.23 56.35 16.88
N HIS R 34 11.96 53.71 17.61
CA HIS R 34 10.80 53.46 18.47
C HIS R 34 9.56 53.21 17.64
N VAL R 35 9.66 52.37 16.61
CA VAL R 35 8.55 52.21 15.68
C VAL R 35 7.69 51.04 16.16
N SER R 36 6.38 51.29 16.19
CA SER R 36 5.37 50.36 16.68
C SER R 36 4.29 50.18 15.62
N TRP R 37 3.53 49.09 15.76
CA TRP R 37 2.49 48.75 14.82
C TRP R 37 1.14 48.72 15.53
N TYR R 38 0.16 49.38 14.92
CA TYR R 38 -1.19 49.50 15.45
C TYR R 38 -2.17 48.87 14.48
N GLN R 39 -3.15 48.15 15.02
CA GLN R 39 -4.20 47.53 14.22
C GLN R 39 -5.54 48.14 14.62
N GLN R 40 -6.27 48.65 13.63
CA GLN R 40 -7.58 49.28 13.85
C GLN R 40 -8.60 48.53 12.98
N HIS R 41 -9.36 47.65 13.62
CA HIS R 41 -10.45 46.99 12.94
C HIS R 41 -11.59 47.98 12.71
N PRO R 42 -12.39 47.78 11.65
CA PRO R 42 -13.45 48.75 11.34
C PRO R 42 -14.42 48.93 12.51
N GLY R 43 -14.64 50.18 12.89
CA GLY R 43 -15.54 50.50 13.98
C GLY R 43 -14.97 50.32 15.37
N LYS R 44 -13.67 50.05 15.48
CA LYS R 44 -13.03 49.85 16.77
C LYS R 44 -11.81 50.75 16.89
N VAL R 45 -11.33 50.91 18.12
CA VAL R 45 -10.15 51.80 18.40
C VAL R 45 -8.87 51.08 18.00
N PRO R 46 -7.79 51.82 17.71
CA PRO R 46 -6.51 51.21 17.38
C PRO R 46 -5.97 50.37 18.53
N LYS R 47 -5.07 49.44 18.23
CA LYS R 47 -4.52 48.55 19.27
C LYS R 47 -3.02 48.36 19.04
N LEU R 48 -2.22 48.52 20.09
CA LEU R 48 -0.77 48.27 19.95
C LEU R 48 -0.55 46.77 19.78
N ILE R 49 -0.03 46.38 18.61
CA ILE R 49 0.20 44.95 18.29
C ILE R 49 1.68 44.66 18.49
N ILE R 50 2.55 45.56 18.03
CA ILE R 50 3.99 45.36 18.14
C ILE R 50 4.61 46.67 18.60
N SER R 51 5.57 46.58 19.51
CA SER R 51 6.31 47.74 20.01
C SER R 51 7.80 47.48 19.86
N GLU R 52 8.57 48.56 19.99
CA GLU R 52 10.03 48.52 19.95
C GLU R 52 10.53 47.65 18.78
N VAL R 53 10.09 48.02 17.59
CA VAL R 53 10.46 47.36 16.33
C VAL R 53 9.83 45.96 16.25
N SER R 54 10.17 45.08 17.19
CA SER R 54 9.69 43.70 17.16
C SER R 54 9.05 43.21 18.47
N ASN R 55 9.24 43.90 19.58
CA ASN R 55 8.68 43.45 20.85
C ASN R 55 7.16 43.38 20.77
N ARG R 56 6.61 42.26 21.21
CA ARG R 56 5.18 42.00 21.10
C ARG R 56 4.51 42.17 22.45
N PRO R 57 3.62 43.15 22.62
CA PRO R 57 2.90 43.28 23.89
C PRO R 57 2.23 41.98 24.29
N SER R 58 2.12 41.77 25.60
CA SER R 58 1.50 40.56 26.11
C SER R 58 0.03 40.49 25.69
N GLY R 59 -0.40 39.30 25.28
CA GLY R 59 -1.74 39.10 24.79
C GLY R 59 -1.90 39.22 23.30
N ILE R 60 -0.83 39.51 22.57
CA ILE R 60 -0.86 39.62 21.11
C ILE R 60 -0.38 38.32 20.51
N SER R 61 -1.01 37.90 19.42
CA SER R 61 -0.69 36.63 18.77
C SER R 61 0.72 36.65 18.22
N ASN R 62 1.39 35.50 18.25
CA ASN R 62 2.77 35.37 17.80
C ASN R 62 2.91 35.49 16.29
N ARG R 63 1.81 35.46 15.54
CA ARG R 63 1.88 35.60 14.09
C ARG R 63 2.41 36.96 13.65
N PHE R 64 2.46 37.95 14.54
CA PHE R 64 2.90 39.31 14.21
C PHE R 64 4.36 39.49 14.63
N SER R 65 5.19 39.91 13.68
CA SER R 65 6.62 40.13 13.93
C SER R 65 7.04 41.49 13.36
N GLY R 66 8.25 41.91 13.72
CA GLY R 66 8.76 43.20 13.27
C GLY R 66 10.23 43.20 12.88
N SER R 67 10.56 43.91 11.80
CA SER R 67 11.93 44.00 11.32
C SER R 67 12.24 45.44 10.93
N LYS R 68 13.53 45.77 10.89
CA LYS R 68 13.96 47.12 10.60
C LYS R 68 15.18 47.06 9.68
N SER R 69 15.03 47.57 8.46
CA SER R 69 16.13 47.68 7.50
C SER R 69 16.20 49.12 7.02
N ALA R 70 17.41 49.70 7.08
CA ALA R 70 17.62 51.11 6.75
C ALA R 70 16.65 52.00 7.53
N ASN R 71 15.77 52.70 6.83
CA ASN R 71 14.71 53.48 7.48
C ASN R 71 13.32 52.88 7.25
N THR R 72 13.26 51.62 6.81
CA THR R 72 12.00 50.94 6.53
C THR R 72 11.72 49.93 7.64
N ALA R 73 10.58 50.09 8.30
CA ALA R 73 10.12 49.13 9.29
C ALA R 73 9.08 48.22 8.67
N SER R 74 9.19 46.92 8.94
CA SER R 74 8.38 45.90 8.30
C SER R 74 7.60 45.11 9.34
N LEU R 75 6.30 44.96 9.11
CA LEU R 75 5.42 44.16 9.94
C LEU R 75 4.98 42.94 9.14
N THR R 76 5.33 41.76 9.61
CA THR R 76 5.01 40.52 8.92
C THR R 76 3.94 39.78 9.70
N ILE R 77 2.82 39.52 9.04
CA ILE R 77 1.71 38.76 9.62
C ILE R 77 1.80 37.36 9.01
N SER R 78 2.27 36.40 9.81
CA SER R 78 2.35 35.00 9.39
C SER R 78 1.03 34.29 9.66
N GLY R 79 0.85 33.15 9.01
CA GLY R 79 -0.36 32.36 9.16
C GLY R 79 -1.61 33.20 9.04
N LEU R 80 -1.75 33.87 7.89
CA LEU R 80 -2.83 34.82 7.68
C LEU R 80 -4.20 34.22 7.99
N GLN R 81 -4.95 34.93 8.82
CA GLN R 81 -6.30 34.53 9.16
C GLN R 81 -7.28 35.52 8.56
N PRO R 82 -8.50 35.08 8.22
CA PRO R 82 -9.50 36.02 7.70
C PRO R 82 -9.83 37.13 8.69
N GLU R 83 -9.53 36.95 9.97
CA GLU R 83 -9.73 37.95 11.00
C GLU R 83 -8.62 38.99 11.02
N ASP R 84 -7.50 38.72 10.34
CA ASP R 84 -6.38 39.65 10.30
C ASP R 84 -6.70 40.90 9.47
N GLU R 85 -7.64 40.81 8.54
CA GLU R 85 -7.96 41.95 7.68
C GLU R 85 -8.34 43.15 8.53
N ALA R 86 -7.54 44.22 8.43
CA ALA R 86 -7.80 45.46 9.15
C ALA R 86 -6.84 46.51 8.58
N ASP R 87 -6.96 47.74 9.08
CA ASP R 87 -6.04 48.82 8.74
C ASP R 87 -4.91 48.84 9.75
N TYR R 88 -3.68 48.66 9.28
CA TYR R 88 -2.49 48.61 10.13
C TYR R 88 -1.69 49.90 9.97
N TYR R 89 -1.31 50.50 11.10
CA TYR R 89 -0.58 51.77 11.11
C TYR R 89 0.72 51.62 11.88
N CYS R 90 1.78 52.24 11.37
CA CYS R 90 3.05 52.30 12.08
C CYS R 90 3.24 53.69 12.64
N GLY R 91 3.78 53.75 13.86
CA GLY R 91 3.99 55.02 14.55
C GLY R 91 5.28 55.08 15.34
N SER R 92 5.92 56.25 15.35
CA SER R 92 7.12 56.46 16.14
C SER R 92 7.28 57.95 16.39
N TYR R 93 8.10 58.28 17.38
CA TYR R 93 8.40 59.69 17.64
C TYR R 93 9.27 60.26 16.53
N ALA R 94 9.16 61.58 16.33
CA ALA R 94 9.80 62.25 15.21
C ALA R 94 10.94 63.16 15.62
N SER R 95 11.36 63.10 16.88
CA SER R 95 12.51 63.87 17.37
C SER R 95 12.38 65.34 17.01
N THR R 96 11.22 65.90 17.26
CA THR R 96 10.93 67.30 16.98
C THR R 96 10.82 68.08 18.28
N ASN R 97 10.62 69.39 18.13
CA ASN R 97 10.59 70.29 19.28
C ASN R 97 9.63 69.82 20.36
N ILE R 98 8.42 69.47 19.97
CA ILE R 98 7.42 68.95 20.89
C ILE R 98 7.30 67.43 20.80
N LEU R 99 8.31 66.78 20.19
CA LEU R 99 8.38 65.33 20.03
C LEU R 99 7.08 64.78 19.45
N HIS R 100 6.82 65.16 18.20
CA HIS R 100 5.65 64.65 17.49
C HIS R 100 5.66 63.14 17.42
N TYR R 101 4.50 62.53 17.67
CA TYR R 101 4.30 61.10 17.43
C TYR R 101 3.64 60.98 16.06
N VAL R 102 4.41 60.57 15.07
CA VAL R 102 3.92 60.49 13.70
C VAL R 102 3.36 59.10 13.47
N PHE R 103 2.16 59.05 12.90
CA PHE R 103 1.48 57.82 12.52
C PHE R 103 1.64 57.59 11.03
N GLY R 104 1.59 56.32 10.63
CA GLY R 104 1.72 55.97 9.23
C GLY R 104 0.45 56.24 8.42
N THR R 105 0.60 56.12 7.10
CA THR R 105 -0.52 56.38 6.20
C THR R 105 -1.65 55.37 6.38
N GLY R 106 -1.30 54.09 6.53
CA GLY R 106 -2.32 53.07 6.69
C GLY R 106 -2.25 52.01 5.62
N THR R 107 -2.48 50.75 6.00
CA THR R 107 -2.47 49.65 5.06
C THR R 107 -3.70 48.79 5.29
N LYS R 108 -4.54 48.66 4.26
CA LYS R 108 -5.76 47.84 4.33
C LYS R 108 -5.38 46.44 3.89
N VAL R 109 -5.02 45.60 4.86
CA VAL R 109 -4.68 44.21 4.55
C VAL R 109 -5.94 43.41 4.27
N THR R 110 -5.85 42.53 3.27
CA THR R 110 -6.98 41.69 2.89
C THR R 110 -6.49 40.25 2.78
N VAL R 111 -7.16 39.35 3.48
CA VAL R 111 -6.94 37.91 3.36
C VAL R 111 -8.01 37.36 2.44
N LEU R 112 -7.60 36.56 1.46
CA LEU R 112 -8.52 36.13 0.41
C LEU R 112 -9.17 34.84 0.89
N SER R 113 -10.35 34.96 1.44
CA SER R 113 -11.03 33.80 1.98
C SER R 113 -11.99 33.29 0.92
N THR R 115 -13.89 31.91 -2.14
CA THR R 115 -13.53 31.98 -3.55
C THR R 115 -13.90 33.33 -4.13
N VAL R 116 -13.39 33.58 -5.32
CA VAL R 116 -13.63 34.85 -6.00
C VAL R 116 -14.97 34.77 -6.72
N ALA R 117 -15.73 35.86 -6.63
CA ALA R 117 -17.04 35.93 -7.25
C ALA R 117 -17.14 37.14 -8.17
N ALA R 118 -18.00 37.03 -9.17
CA ALA R 118 -18.25 38.03 -10.20
C ALA R 118 -19.48 38.86 -9.83
N PRO R 119 -19.43 40.17 -10.06
CA PRO R 119 -20.56 41.03 -9.69
C PRO R 119 -21.75 40.81 -10.63
N SER R 120 -22.94 40.75 -10.05
CA SER R 120 -24.17 40.71 -10.83
C SER R 120 -24.54 42.16 -11.14
N VAL R 121 -24.31 42.58 -12.38
CA VAL R 121 -24.47 43.98 -12.76
C VAL R 121 -25.92 44.22 -13.19
N PHE R 122 -26.55 45.21 -12.55
CA PHE R 122 -27.90 45.63 -12.89
C PHE R 122 -27.94 47.14 -12.88
N ILE R 123 -28.43 47.74 -13.97
CA ILE R 123 -28.50 49.19 -14.11
C ILE R 123 -29.96 49.62 -13.95
N PHE R 124 -30.16 50.75 -13.29
CA PHE R 124 -31.50 51.27 -13.02
C PHE R 124 -31.68 52.65 -13.62
N PRO R 125 -32.54 52.81 -14.63
CA PRO R 125 -32.79 54.14 -15.20
C PRO R 125 -33.47 55.04 -14.18
N PRO R 126 -33.33 56.36 -14.32
CA PRO R 126 -33.95 57.27 -13.34
C PRO R 126 -35.48 57.15 -13.33
N SER R 127 -36.04 57.15 -12.12
CA SER R 127 -37.50 57.10 -11.99
C SER R 127 -38.09 58.42 -12.42
N ASP R 128 -39.14 58.36 -13.24
CA ASP R 128 -39.77 59.56 -13.75
C ASP R 128 -40.24 60.47 -12.62
N GLU R 129 -40.62 59.89 -11.48
CA GLU R 129 -40.98 60.71 -10.33
C GLU R 129 -39.81 61.58 -9.89
N GLN R 130 -38.62 60.99 -9.76
CA GLN R 130 -37.45 61.78 -9.42
C GLN R 130 -37.11 62.75 -10.55
N LEU R 131 -37.30 62.33 -11.81
CA LEU R 131 -37.11 63.25 -12.93
C LEU R 131 -37.98 64.49 -12.77
N LYS R 132 -39.20 64.30 -12.25
CA LYS R 132 -40.07 65.44 -12.00
C LYS R 132 -39.49 66.39 -10.96
N SER R 133 -38.85 65.85 -9.92
CA SER R 133 -38.19 66.69 -8.93
C SER R 133 -37.07 67.53 -9.56
N GLY R 134 -36.47 67.03 -10.63
CA GLY R 134 -35.42 67.75 -11.34
C GLY R 134 -34.09 67.04 -11.37
N THR R 135 -33.93 65.93 -10.65
CA THR R 135 -32.68 65.19 -10.60
C THR R 135 -32.85 63.82 -11.24
N ALA R 136 -31.78 63.35 -11.86
CA ALA R 136 -31.78 62.05 -12.55
C ALA R 136 -30.69 61.19 -11.93
N SER R 137 -31.09 60.13 -11.23
CA SER R 137 -30.16 59.23 -10.56
C SER R 137 -30.13 57.89 -11.28
N VAL R 138 -29.07 57.67 -12.06
CA VAL R 138 -28.82 56.38 -12.68
C VAL R 138 -28.02 55.53 -11.71
N VAL R 139 -28.57 54.38 -11.32
CA VAL R 139 -27.96 53.52 -10.31
C VAL R 139 -27.48 52.26 -11.01
N CYS R 140 -26.19 51.97 -10.87
CA CYS R 140 -25.58 50.74 -11.35
C CYS R 140 -25.30 49.86 -10.14
N LEU R 141 -25.86 48.65 -10.13
CA LEU R 141 -25.77 47.77 -8.97
C LEU R 141 -24.86 46.59 -9.29
N LEU R 142 -23.82 46.42 -8.47
CA LEU R 142 -22.94 45.26 -8.52
C LEU R 142 -23.18 44.46 -7.24
N ASN R 143 -23.58 43.20 -7.39
CA ASN R 143 -23.99 42.40 -6.25
C ASN R 143 -23.20 41.10 -6.20
N ASN R 144 -22.89 40.66 -4.98
CA ASN R 144 -22.25 39.38 -4.72
C ASN R 144 -20.95 39.23 -5.51
N PHE R 145 -20.01 40.13 -5.26
CA PHE R 145 -18.68 40.03 -5.82
C PHE R 145 -17.65 40.04 -4.70
N TYR R 146 -16.52 39.38 -4.94
CA TYR R 146 -15.43 39.30 -3.98
C TYR R 146 -14.12 39.15 -4.74
N PRO R 147 -13.13 40.04 -4.54
CA PRO R 147 -13.01 41.13 -3.56
C PRO R 147 -13.48 42.53 -4.02
N ARG R 148 -13.05 43.57 -3.32
CA ARG R 148 -13.45 44.95 -3.63
C ARG R 148 -12.43 45.66 -4.52
N GLU R 149 -12.13 45.08 -5.68
CA GLU R 149 -11.24 45.80 -6.59
C GLU R 149 -11.91 45.91 -7.95
N ALA R 150 -13.16 46.38 -7.94
CA ALA R 150 -13.98 46.49 -9.13
C ALA R 150 -14.03 47.93 -9.63
N LYS R 151 -14.07 48.10 -10.94
CA LYS R 151 -14.13 49.46 -11.50
C LYS R 151 -15.47 49.65 -12.19
N VAL R 152 -16.13 50.75 -11.88
CA VAL R 152 -17.43 51.07 -12.51
C VAL R 152 -17.25 52.42 -13.20
N GLN R 153 -17.01 52.39 -14.51
CA GLN R 153 -16.84 53.64 -15.28
C GLN R 153 -18.17 53.95 -15.97
N TRP R 154 -18.58 55.22 -16.01
CA TRP R 154 -19.90 55.59 -16.57
C TRP R 154 -19.78 56.06 -18.02
N LYS R 155 -20.59 55.48 -18.91
CA LYS R 155 -20.51 55.83 -20.33
C LYS R 155 -21.85 56.40 -20.78
N VAL R 156 -21.90 57.71 -21.00
CA VAL R 156 -23.07 58.40 -21.51
C VAL R 156 -22.81 58.79 -22.95
N ASP R 157 -23.57 58.21 -23.87
CA ASP R 157 -23.39 58.42 -25.31
C ASP R 157 -21.94 58.19 -25.71
N ASN R 158 -21.38 57.08 -25.23
CA ASN R 158 -19.99 56.71 -25.50
C ASN R 158 -19.03 57.78 -25.01
N ALA R 159 -19.30 58.32 -23.82
CA ALA R 159 -18.43 59.31 -23.22
C ALA R 159 -18.34 59.04 -21.71
N LEU R 160 -17.12 58.94 -21.20
CA LEU R 160 -16.92 58.66 -19.78
C LEU R 160 -17.31 59.86 -18.93
N GLN R 161 -17.99 59.58 -17.82
CA GLN R 161 -18.41 60.60 -16.87
C GLN R 161 -17.65 60.39 -15.56
N SER R 162 -17.00 61.47 -15.08
CA SER R 162 -16.21 61.40 -13.86
C SER R 162 -16.52 62.60 -12.98
N GLY R 163 -16.48 62.38 -11.67
CA GLY R 163 -16.80 63.40 -10.69
C GLY R 163 -18.26 63.52 -10.33
N ASN R 164 -19.13 62.76 -11.00
CA ASN R 164 -20.56 62.79 -10.72
C ASN R 164 -21.07 61.44 -10.20
N SER R 165 -20.17 60.54 -9.80
CA SER R 165 -20.53 59.21 -9.35
C SER R 165 -20.10 59.02 -7.91
N GLN R 166 -21.03 58.59 -7.06
CA GLN R 166 -20.74 58.27 -5.67
C GLN R 166 -21.07 56.81 -5.42
N GLU R 167 -20.18 56.11 -4.72
CA GLU R 167 -20.29 54.68 -4.50
C GLU R 167 -20.32 54.38 -3.02
N SER R 168 -20.96 53.26 -2.68
CA SER R 168 -21.00 52.75 -1.32
C SER R 168 -20.84 51.24 -1.39
N VAL R 169 -20.17 50.65 -0.40
CA VAL R 169 -19.87 49.23 -0.40
C VAL R 169 -20.37 48.62 0.90
N THR R 170 -20.91 47.41 0.81
CA THR R 170 -21.37 46.67 1.97
C THR R 170 -20.75 45.28 2.03
N GLU R 171 -20.43 44.83 3.24
CA GLU R 171 -20.04 43.44 3.44
C GLU R 171 -21.26 42.55 3.61
N GLN R 172 -21.29 41.45 2.88
CA GLN R 172 -22.35 40.47 3.09
C GLN R 172 -22.06 39.57 4.26
N ASP R 173 -21.17 40.02 5.15
CA ASP R 173 -20.85 39.35 6.42
C ASP R 173 -20.42 37.91 6.12
N SER R 174 -21.11 36.90 6.65
CA SER R 174 -20.66 35.51 6.53
C SER R 174 -21.54 34.66 5.62
N LYS R 175 -22.70 35.16 5.17
CA LYS R 175 -23.60 34.35 4.37
C LYS R 175 -22.92 33.90 3.08
N ASP R 176 -22.27 34.83 2.38
CA ASP R 176 -21.45 34.49 1.23
C ASP R 176 -20.10 35.18 1.26
N SER R 177 -19.81 35.99 2.29
CA SER R 177 -18.57 36.77 2.37
C SER R 177 -18.33 37.59 1.12
N THR R 178 -19.41 38.06 0.50
CA THR R 178 -19.34 38.81 -0.73
C THR R 178 -19.47 40.31 -0.47
N TYR R 179 -19.57 41.08 -1.55
CA TYR R 179 -19.62 42.53 -1.50
C TYR R 179 -20.70 43.00 -2.48
N SER R 180 -21.17 44.22 -2.26
CA SER R 180 -22.16 44.84 -3.13
C SER R 180 -21.86 46.32 -3.27
N LEU R 181 -21.94 46.82 -4.50
CA LEU R 181 -21.59 48.20 -4.82
C LEU R 181 -22.75 48.88 -5.54
N SER R 182 -22.98 50.15 -5.22
CA SER R 182 -24.06 50.95 -5.80
C SER R 182 -23.48 52.25 -6.33
N SER R 183 -23.14 52.26 -7.62
CA SER R 183 -22.64 53.45 -8.31
C SER R 183 -23.82 54.29 -8.79
N THR R 184 -23.91 55.52 -8.28
CA THR R 184 -25.02 56.42 -8.58
C THR R 184 -24.51 57.60 -9.41
N LEU R 185 -24.94 57.68 -10.67
CA LEU R 185 -24.60 58.79 -11.56
C LEU R 185 -25.75 59.81 -11.52
N THR R 186 -25.50 60.97 -10.92
CA THR R 186 -26.54 61.98 -10.75
C THR R 186 -26.36 63.10 -11.78
N LEU R 187 -27.38 63.30 -12.61
CA LEU R 187 -27.40 64.38 -13.61
C LEU R 187 -28.70 65.17 -13.48
N SER R 188 -28.69 66.38 -14.02
CA SER R 188 -29.91 67.19 -14.04
C SER R 188 -30.88 66.67 -15.08
N LYS R 189 -32.18 66.94 -14.86
CA LYS R 189 -33.21 66.52 -15.80
C LYS R 189 -32.92 67.01 -17.21
N ALA R 190 -32.53 68.29 -17.33
CA ALA R 190 -32.18 68.83 -18.64
C ALA R 190 -31.03 68.07 -19.27
N ASP R 191 -29.91 67.96 -18.54
CA ASP R 191 -28.76 67.24 -19.06
C ASP R 191 -29.09 65.78 -19.33
N TYR R 192 -29.92 65.17 -18.47
CA TYR R 192 -30.33 63.79 -18.69
C TYR R 192 -31.06 63.64 -20.03
N GLU R 193 -32.02 64.53 -20.29
CA GLU R 193 -32.75 64.47 -21.56
C GLU R 193 -31.86 64.85 -22.74
N LYS R 194 -30.79 65.62 -22.51
CA LYS R 194 -29.90 66.01 -23.60
C LYS R 194 -29.22 64.80 -24.24
N HIS R 195 -29.10 63.68 -23.52
CA HIS R 195 -28.38 62.50 -23.99
C HIS R 195 -29.35 61.34 -24.18
N LYS R 196 -28.89 60.30 -24.88
CA LYS R 196 -29.71 59.14 -25.17
C LYS R 196 -29.25 57.89 -24.42
N VAL R 197 -28.03 57.42 -24.68
CA VAL R 197 -27.57 56.13 -24.18
C VAL R 197 -26.84 56.34 -22.86
N TYR R 198 -27.22 55.55 -21.85
CA TYR R 198 -26.59 55.58 -20.54
C TYR R 198 -26.16 54.17 -20.17
N ALA R 199 -24.87 53.99 -19.90
CA ALA R 199 -24.31 52.66 -19.61
C ALA R 199 -23.26 52.78 -18.52
N CYS R 200 -23.05 51.68 -17.80
CA CYS R 200 -22.02 51.57 -16.76
C CYS R 200 -21.19 50.32 -17.03
N GLU R 201 -20.07 50.50 -17.72
CA GLU R 201 -19.14 49.39 -17.92
C GLU R 201 -18.51 49.00 -16.58
N VAL R 202 -18.43 47.69 -16.32
CA VAL R 202 -17.92 47.16 -15.08
C VAL R 202 -16.81 46.16 -15.41
N THR R 203 -15.66 46.32 -14.76
CA THR R 203 -14.53 45.42 -14.91
C THR R 203 -14.14 44.91 -13.54
N HIS R 204 -14.08 43.59 -13.39
CA HIS R 204 -13.73 42.95 -12.12
C HIS R 204 -12.93 41.68 -12.41
N GLN R 205 -12.36 41.11 -11.35
CA GLN R 205 -11.54 39.91 -11.49
C GLN R 205 -12.39 38.72 -11.92
N GLY R 206 -13.58 38.57 -11.34
CA GLY R 206 -14.43 37.44 -11.66
C GLY R 206 -14.80 37.39 -13.14
N LEU R 207 -15.20 38.52 -13.71
CA LEU R 207 -15.54 38.63 -15.12
C LEU R 207 -14.42 39.42 -15.81
N SER R 208 -13.39 38.71 -16.27
CA SER R 208 -12.26 39.36 -16.93
C SER R 208 -12.72 40.18 -18.13
N SER R 209 -13.66 39.66 -18.90
CA SER R 209 -14.23 40.44 -20.00
C SER R 209 -15.11 41.55 -19.45
N PRO R 210 -14.91 42.80 -19.87
CA PRO R 210 -15.70 43.91 -19.33
C PRO R 210 -17.19 43.70 -19.58
N VAL R 211 -17.99 43.88 -18.53
CA VAL R 211 -19.44 43.69 -18.56
C VAL R 211 -20.07 45.07 -18.48
N THR R 212 -20.91 45.40 -19.46
CA THR R 212 -21.57 46.70 -19.52
C THR R 212 -23.09 46.52 -19.61
N LYS R 213 -23.81 47.31 -18.83
CA LYS R 213 -25.27 47.35 -18.84
C LYS R 213 -25.71 48.73 -19.32
N SER R 214 -26.47 48.77 -20.40
CA SER R 214 -26.88 50.02 -21.02
C SER R 214 -28.39 50.11 -21.09
N PHE R 215 -28.91 51.34 -21.03
CA PHE R 215 -30.32 51.60 -21.23
C PHE R 215 -30.46 52.84 -22.10
N ASN R 216 -31.44 52.82 -23.00
CA ASN R 216 -31.74 53.94 -23.87
C ASN R 216 -33.09 54.52 -23.49
N ARG R 217 -33.15 55.85 -23.40
CA ARG R 217 -34.39 56.53 -23.01
C ARG R 217 -35.00 57.26 -24.20
N VAL S 2 -6.54 50.64 33.90
CA VAL S 2 -6.58 51.99 33.36
C VAL S 2 -7.31 52.00 32.02
N GLN S 3 -8.37 52.80 31.95
CA GLN S 3 -9.17 52.94 30.74
C GLN S 3 -9.65 54.37 30.63
N LEU S 4 -9.77 54.85 29.39
CA LEU S 4 -10.18 56.22 29.11
C LEU S 4 -11.61 56.26 28.59
N VAL S 5 -12.40 57.19 29.09
CA VAL S 5 -13.80 57.34 28.75
C VAL S 5 -14.00 58.64 27.98
N GLN S 6 -14.66 58.55 26.83
CA GLN S 6 -15.00 59.72 26.04
C GLN S 6 -16.51 59.78 25.85
N SER S 7 -17.00 60.99 25.56
CA SER S 7 -18.42 61.21 25.39
C SER S 7 -18.86 60.75 23.99
N GLY S 8 -20.16 60.80 23.74
CA GLY S 8 -20.71 60.40 22.47
C GLY S 8 -20.52 61.46 21.39
N ALA S 9 -20.89 61.09 20.17
CA ALA S 9 -20.75 61.97 19.02
C ALA S 9 -21.49 63.28 19.25
N GLU S 10 -20.92 64.36 18.71
CA GLU S 10 -21.45 65.71 18.92
C GLU S 10 -21.48 66.41 17.56
N VAL S 11 -22.68 66.71 17.09
CA VAL S 11 -22.85 67.47 15.84
C VAL S 11 -22.75 68.96 16.15
N LYS S 12 -21.90 69.67 15.40
CA LYS S 12 -21.61 71.06 15.66
C LYS S 12 -21.79 71.88 14.39
N LYS S 13 -22.08 73.18 14.58
CA LYS S 13 -22.28 74.17 13.52
C LYS S 13 -20.94 74.75 13.09
N PRO S 14 -20.75 75.05 11.80
CA PRO S 14 -19.50 75.69 11.37
C PRO S 14 -19.29 77.01 12.09
N GLY S 15 -18.11 77.16 12.70
CA GLY S 15 -17.79 78.34 13.48
C GLY S 15 -17.99 78.23 14.97
N SER S 16 -18.44 77.07 15.47
CA SER S 16 -18.70 76.90 16.89
C SER S 16 -17.44 76.34 17.57
N SER S 17 -17.61 75.75 18.74
CA SER S 17 -16.50 75.18 19.49
C SER S 17 -17.00 73.96 20.25
N VAL S 18 -16.21 72.89 20.21
CA VAL S 18 -16.55 71.64 20.85
C VAL S 18 -15.47 71.30 21.85
N LYS S 19 -15.88 70.82 23.03
CA LYS S 19 -14.97 70.45 24.12
C LYS S 19 -15.13 68.95 24.38
N VAL S 20 -14.33 68.13 23.68
CA VAL S 20 -14.42 66.68 23.87
C VAL S 20 -13.78 66.30 25.21
N PRO S 21 -14.44 65.51 26.03
CA PRO S 21 -13.87 65.17 27.35
C PRO S 21 -13.13 63.84 27.34
N CYS S 22 -12.29 63.64 28.36
CA CYS S 22 -11.53 62.39 28.53
C CYS S 22 -11.39 62.11 30.02
N LYS S 23 -11.97 61.00 30.47
CA LYS S 23 -11.96 60.61 31.87
C LYS S 23 -11.06 59.41 32.09
N ALA S 24 -10.36 59.39 33.22
CA ALA S 24 -9.46 58.29 33.58
C ALA S 24 -10.15 57.38 34.58
N SER S 25 -10.73 56.29 34.08
CA SER S 25 -11.32 55.27 34.95
C SER S 25 -10.22 54.34 35.41
N GLY S 26 -9.85 54.44 36.69
CA GLY S 26 -8.73 53.70 37.22
C GLY S 26 -7.39 54.41 37.10
N GLY S 27 -7.28 55.37 36.19
CA GLY S 27 -6.08 56.17 36.07
C GLY S 27 -6.12 57.41 36.94
N THR S 28 -4.97 58.08 37.02
CA THR S 28 -4.85 59.28 37.85
C THR S 28 -4.57 60.54 37.07
N PHE S 29 -4.18 60.44 35.79
CA PHE S 29 -3.83 61.60 34.96
C PHE S 29 -2.79 62.48 35.67
N SER S 30 -1.76 61.83 36.19
CA SER S 30 -0.73 62.54 36.96
C SER S 30 0.69 62.07 36.67
N THR S 31 0.89 61.15 35.73
CA THR S 31 2.23 60.65 35.44
C THR S 31 2.52 60.64 33.94
N TYR S 32 1.72 59.89 33.18
CA TYR S 32 1.91 59.71 31.75
C TYR S 32 1.12 60.74 30.95
N PRO S 33 1.75 61.32 29.94
CA PRO S 33 1.06 62.32 29.11
C PRO S 33 -0.13 61.73 28.39
N ILE S 34 -1.12 62.57 28.13
CA ILE S 34 -2.34 62.15 27.45
C ILE S 34 -2.32 62.79 26.07
N SER S 35 -2.05 61.99 25.05
CA SER S 35 -2.02 62.48 23.69
C SER S 35 -3.41 62.45 23.09
N TRP S 36 -3.66 63.36 22.15
CA TRP S 36 -4.93 63.46 21.44
C TRP S 36 -4.68 63.18 19.97
N VAL S 37 -5.39 62.20 19.42
CA VAL S 37 -5.25 61.79 18.03
C VAL S 37 -6.59 62.05 17.35
N ARG S 38 -6.54 62.68 16.18
CA ARG S 38 -7.72 62.98 15.39
C ARG S 38 -7.74 62.07 14.17
N GLN S 39 -8.91 61.49 13.89
CA GLN S 39 -9.08 60.63 12.73
C GLN S 39 -10.43 60.92 12.10
N ALA S 40 -10.42 61.41 10.87
CA ALA S 40 -11.65 61.61 10.13
C ALA S 40 -12.18 60.27 9.65
N PRO S 41 -13.47 60.18 9.31
CA PRO S 41 -14.04 58.90 8.90
C PRO S 41 -13.25 58.23 7.78
N GLY S 42 -12.84 58.99 6.76
CA GLY S 42 -12.01 58.44 5.71
C GLY S 42 -10.59 58.93 5.82
N GLN S 43 -10.01 58.85 7.01
CA GLN S 43 -8.66 59.34 7.25
C GLN S 43 -7.91 58.37 8.15
N GLY S 44 -6.59 58.58 8.23
CA GLY S 44 -5.74 57.85 9.14
C GLY S 44 -5.53 58.60 10.44
N LEU S 45 -4.89 57.93 11.39
CA LEU S 45 -4.60 58.53 12.67
C LEU S 45 -3.72 59.76 12.48
N GLU S 46 -4.02 60.82 13.23
CA GLU S 46 -3.28 62.08 13.13
C GLU S 46 -3.09 62.63 14.53
N TRP S 47 -1.84 62.63 15.00
CA TRP S 47 -1.52 63.16 16.32
C TRP S 47 -1.76 64.67 16.35
N MET S 48 -2.59 65.12 17.28
CA MET S 48 -2.86 66.54 17.44
C MET S 48 -1.87 67.18 18.40
N GLY S 49 -1.71 66.58 19.57
CA GLY S 49 -0.84 67.13 20.58
C GLY S 49 -0.89 66.29 21.83
N ARG S 50 -0.32 66.81 22.91
CA ARG S 50 -0.26 66.04 24.19
C ARG S 50 -0.27 67.00 25.38
N ILE S 51 -0.80 66.53 26.52
CA ILE S 51 -0.82 67.35 27.76
C ILE S 51 0.03 66.62 28.82
N ILE S 52 1.09 67.27 29.30
CA ILE S 52 2.01 66.62 30.27
C ILE S 52 1.49 66.86 31.69
N PRO S 53 1.13 65.81 32.46
CA PRO S 53 0.56 65.98 33.80
C PRO S 53 1.59 66.40 34.86
N ASP S 54 2.76 65.75 34.89
CA ASP S 54 3.77 66.03 35.95
C ASP S 54 4.05 67.53 35.97
N PRO S 55 4.53 68.15 34.86
CA PRO S 55 4.69 69.60 34.81
C PRO S 55 3.39 69.99 34.10
N PRO S 56 2.48 70.79 34.69
CA PRO S 56 1.25 71.21 34.01
C PRO S 56 1.71 71.89 32.72
N MET S 57 1.50 71.24 31.59
CA MET S 57 2.00 71.78 30.30
C MET S 57 1.13 71.23 29.17
N ALA S 58 1.15 71.89 28.01
CA ALA S 58 0.39 71.40 26.83
C ALA S 58 1.25 71.54 25.58
N ASN S 59 1.25 70.53 24.72
CA ASN S 59 1.99 70.61 23.43
C ASN S 59 0.99 70.43 22.29
N ILE S 60 0.87 71.43 21.40
CA ILE S 60 -0.15 71.35 20.30
C ILE S 60 0.54 71.63 18.97
N ALA S 61 0.24 70.84 17.94
CA ALA S 61 0.88 70.99 16.62
C ALA S 61 0.50 72.33 16.01
N GLN S 62 1.36 72.90 15.15
CA GLN S 62 1.10 74.23 14.55
C GLN S 62 -0.22 74.21 13.77
N LYS S 63 -0.47 73.11 13.04
CA LYS S 63 -1.73 72.99 12.25
C LYS S 63 -2.92 73.15 13.20
N PHE S 64 -2.85 72.53 14.38
CA PHE S 64 -4.00 72.55 15.32
C PHE S 64 -3.86 73.74 16.28
N GLN S 65 -2.78 74.50 16.16
CA GLN S 65 -2.56 75.67 17.05
C GLN S 65 -3.57 76.77 16.70
N GLY S 66 -3.91 77.61 17.69
CA GLY S 66 -4.87 78.67 17.49
C GLY S 66 -6.31 78.27 17.74
N ARG S 67 -6.62 76.98 17.68
CA ARG S 67 -7.96 76.49 17.94
C ARG S 67 -8.05 75.49 19.07
N VAL S 68 -7.04 74.62 19.21
CA VAL S 68 -7.08 73.59 20.23
C VAL S 68 -6.64 74.16 21.57
N SER S 69 -7.39 73.86 22.61
CA SER S 69 -7.07 74.26 23.98
C SER S 69 -7.18 73.05 24.89
N PHE S 70 -6.15 72.79 25.67
CA PHE S 70 -6.10 71.62 26.55
C PHE S 70 -6.46 72.06 27.96
N SER S 71 -7.76 72.06 28.25
CA SER S 71 -8.24 72.30 29.60
C SER S 71 -8.40 70.98 30.35
N ALA S 72 -8.49 71.07 31.67
CA ALA S 72 -8.63 69.87 32.49
C ALA S 72 -9.11 70.24 33.89
N ASP S 73 -10.15 69.56 34.35
CA ASP S 73 -10.62 69.70 35.72
C ASP S 73 -9.76 68.81 36.62
N LYS S 74 -8.96 69.44 37.49
CA LYS S 74 -8.09 68.68 38.39
C LYS S 74 -8.90 67.75 39.28
N SER S 75 -10.01 68.25 39.84
CA SER S 75 -10.93 67.37 40.57
C SER S 75 -11.52 66.36 39.59
N THR S 76 -11.56 65.10 40.01
CA THR S 76 -11.98 63.93 39.23
C THR S 76 -11.06 63.64 38.04
N THR S 77 -9.97 64.41 37.87
CA THR S 77 -9.00 64.24 36.80
C THR S 77 -9.63 63.95 35.45
N ILE S 78 -10.36 64.94 34.92
CA ILE S 78 -10.96 64.86 33.59
C ILE S 78 -10.35 65.96 32.73
N VAL S 79 -9.69 65.56 31.65
CA VAL S 79 -9.05 66.49 30.72
C VAL S 79 -10.00 66.72 29.55
N TYR S 80 -10.06 67.96 29.08
CA TYR S 80 -10.94 68.37 27.99
C TYR S 80 -10.12 69.00 26.88
N MET S 81 -10.43 68.65 25.64
CA MET S 81 -9.80 69.29 24.48
C MET S 81 -10.87 70.05 23.72
N GLU S 82 -10.67 71.36 23.55
CA GLU S 82 -11.64 72.20 22.87
C GLU S 82 -11.05 72.68 21.55
N LEU S 83 -11.68 72.27 20.46
CA LEU S 83 -11.33 72.75 19.13
C LEU S 83 -12.23 73.93 18.80
N SER S 84 -11.66 75.13 18.79
CA SER S 84 -12.42 76.35 18.57
C SER S 84 -12.50 76.70 17.08
N SER S 85 -13.42 77.60 16.75
CA SER S 85 -13.66 78.08 15.39
C SER S 85 -13.81 76.90 14.42
N LEU S 86 -14.82 76.09 14.71
CA LEU S 86 -15.03 74.86 13.96
C LEU S 86 -15.33 75.15 12.49
N ARG S 87 -14.86 74.27 11.61
CA ARG S 87 -15.07 74.38 10.18
C ARG S 87 -15.34 73.00 9.60
N SER S 88 -15.89 72.97 8.37
CA SER S 88 -16.29 71.72 7.75
C SER S 88 -15.15 70.70 7.72
N GLU S 89 -13.92 71.17 7.48
CA GLU S 89 -12.77 70.27 7.44
C GLU S 89 -12.55 69.59 8.79
N ASP S 90 -12.95 70.24 9.89
CA ASP S 90 -12.72 69.70 11.23
C ASP S 90 -13.49 68.41 11.49
N THR S 91 -14.50 68.08 10.67
CA THR S 91 -15.30 66.88 10.88
C THR S 91 -14.40 65.64 10.96
N ALA S 92 -14.35 65.03 12.14
CA ALA S 92 -13.49 63.87 12.39
C ALA S 92 -13.88 63.25 13.72
N VAL S 93 -13.29 62.08 13.99
CA VAL S 93 -13.39 61.43 15.29
C VAL S 93 -12.12 61.73 16.07
N TYR S 94 -12.28 62.15 17.31
CA TYR S 94 -11.15 62.60 18.13
C TYR S 94 -10.95 61.62 19.29
N PHE S 95 -9.73 61.11 19.40
CA PHE S 95 -9.37 60.12 20.40
C PHE S 95 -8.38 60.71 21.39
N CYS S 96 -8.58 60.41 22.66
CA CYS S 96 -7.57 60.69 23.69
C CYS S 96 -6.96 59.37 24.11
N ALA S 97 -5.63 59.33 24.18
CA ALA S 97 -4.90 58.11 24.49
C ALA S 97 -3.78 58.41 25.46
N ARG S 98 -3.43 57.41 26.26
CA ARG S 98 -2.37 57.55 27.24
C ARG S 98 -1.03 57.33 26.55
N GLU S 99 -0.28 58.41 26.35
CA GLU S 99 1.04 58.32 25.73
C GLU S 99 2.08 57.96 26.77
N ILE S 100 2.86 56.92 26.49
CA ILE S 100 3.94 56.50 27.36
C ILE S 100 5.26 57.06 26.81
N LEU S 101 5.41 58.39 26.90
CA LEU S 101 6.63 59.04 26.45
C LEU S 101 7.86 58.47 27.15
N GLN S 102 7.88 58.53 28.49
CA GLN S 102 8.85 57.79 29.26
C GLN S 102 8.50 56.32 29.26
N SER S 103 9.37 55.50 29.86
CA SER S 103 9.13 54.07 30.05
C SER S 103 9.20 53.30 28.73
N PRO S 104 9.40 51.98 28.79
CA PRO S 104 9.71 51.19 27.58
C PRO S 104 8.64 51.23 26.49
N PRO S 105 7.33 51.27 26.83
CA PRO S 105 6.32 51.24 25.74
C PRO S 105 6.60 52.18 24.58
N PHE S 106 6.92 53.45 24.85
CA PHE S 106 7.21 54.45 23.80
C PHE S 106 6.11 54.48 22.74
N ALA S 107 4.87 54.45 23.20
CA ALA S 107 3.72 54.35 22.31
C ALA S 107 2.47 54.69 23.11
N VAL S 108 1.37 54.88 22.38
CA VAL S 108 0.06 55.10 22.98
C VAL S 108 -0.61 53.73 23.16
N ASP S 109 -0.67 53.25 24.41
CA ASP S 109 -1.21 51.93 24.69
C ASP S 109 -2.71 51.92 24.93
N VAL S 110 -3.18 52.75 25.87
CA VAL S 110 -4.60 52.79 26.23
C VAL S 110 -5.27 53.90 25.42
N TRP S 111 -6.19 53.52 24.54
CA TRP S 111 -6.97 54.45 23.75
C TRP S 111 -8.36 54.66 24.36
N GLY S 112 -9.01 55.74 23.95
CA GLY S 112 -10.34 56.06 24.39
C GLY S 112 -11.39 55.67 23.35
N GLN S 113 -12.66 55.82 23.75
CA GLN S 113 -13.76 55.45 22.88
C GLN S 113 -13.73 56.22 21.57
N GLY S 114 -13.54 57.53 21.64
CA GLY S 114 -13.52 58.34 20.45
C GLY S 114 -14.81 59.12 20.25
N THR S 115 -14.74 60.43 20.44
CA THR S 115 -15.91 61.29 20.28
C THR S 115 -15.95 61.83 18.86
N MET S 116 -16.97 61.45 18.11
CA MET S 116 -17.13 61.91 16.74
C MET S 116 -17.68 63.32 16.72
N VAL S 117 -17.03 64.20 15.98
CA VAL S 117 -17.47 65.58 15.82
C VAL S 117 -17.83 65.76 14.36
N ALA S 118 -19.07 66.16 14.10
CA ALA S 118 -19.54 66.42 12.74
C ALA S 118 -19.85 67.90 12.63
N VAL S 119 -19.20 68.56 11.67
CA VAL S 119 -19.36 70.00 11.44
C VAL S 119 -20.01 70.18 10.08
N SER S 120 -21.25 70.64 10.06
CA SER S 120 -21.95 70.80 8.80
C SER S 120 -22.95 71.93 8.96
N SER S 121 -23.30 72.53 7.83
CA SER S 121 -24.24 73.65 7.82
C SER S 121 -25.63 73.21 7.41
N ALA S 122 -25.79 71.91 7.15
CA ALA S 122 -27.08 71.40 6.62
C ALA S 122 -28.18 71.39 7.69
N SER S 123 -29.32 72.03 7.42
CA SER S 123 -30.49 71.94 8.33
C SER S 123 -31.13 70.56 8.19
N THR S 124 -31.83 70.09 9.22
CA THR S 124 -32.39 68.72 9.17
C THR S 124 -33.41 68.65 8.02
N LYS S 125 -33.38 67.56 7.24
CA LYS S 125 -34.29 67.44 6.06
C LYS S 125 -34.94 66.05 6.02
N GLY S 126 -36.21 65.97 5.62
CA GLY S 126 -36.89 64.67 5.47
C GLY S 126 -36.37 63.89 4.28
N PRO S 127 -36.34 62.54 4.33
CA PRO S 127 -35.85 61.72 3.22
C PRO S 127 -36.76 61.74 2.00
N SER S 128 -36.18 61.66 0.80
CA SER S 128 -37.01 61.60 -0.44
C SER S 128 -36.86 60.21 -1.05
N VAL S 129 -37.85 59.33 -0.83
CA VAL S 129 -37.75 57.96 -1.33
C VAL S 129 -38.20 57.92 -2.78
N PHE S 130 -37.38 57.31 -3.64
CA PHE S 130 -37.69 57.16 -5.05
C PHE S 130 -37.52 55.71 -5.49
N PRO S 131 -38.44 55.18 -6.29
CA PRO S 131 -38.41 53.75 -6.65
C PRO S 131 -37.35 53.41 -7.67
N LEU S 132 -36.74 52.23 -7.49
CA LEU S 132 -35.80 51.64 -8.44
C LEU S 132 -36.49 50.46 -9.12
N ALA S 133 -37.02 50.71 -10.33
CA ALA S 133 -37.82 49.71 -11.03
C ALA S 133 -36.99 48.46 -11.35
N PRO S 134 -37.56 47.25 -11.14
CA PRO S 134 -36.85 46.00 -11.45
C PRO S 134 -36.88 45.61 -12.94
N SER S 135 -36.47 46.54 -13.79
CA SER S 135 -36.45 46.34 -15.25
C SER S 135 -37.82 45.91 -15.76
N GLY S 142 -34.88 33.75 -12.13
CA GLY S 142 -33.91 34.72 -12.59
C GLY S 142 -33.76 35.89 -11.64
N THR S 143 -32.52 36.19 -11.27
CA THR S 143 -32.24 37.25 -10.33
C THR S 143 -32.70 38.60 -10.88
N ALA S 144 -33.75 39.17 -10.28
CA ALA S 144 -34.24 40.50 -10.63
C ALA S 144 -33.99 41.44 -9.45
N ALA S 145 -33.43 42.61 -9.73
CA ALA S 145 -33.02 43.54 -8.69
C ALA S 145 -33.97 44.73 -8.67
N LEU S 146 -34.49 45.04 -7.49
CA LEU S 146 -35.35 46.21 -7.27
C LEU S 146 -34.98 46.86 -5.94
N GLY S 147 -35.40 48.09 -5.75
CA GLY S 147 -35.04 48.78 -4.52
C GLY S 147 -35.59 50.18 -4.43
N CYS S 148 -35.11 50.90 -3.42
CA CYS S 148 -35.53 52.27 -3.12
C CYS S 148 -34.30 53.14 -2.98
N LEU S 149 -34.42 54.40 -3.42
CA LEU S 149 -33.35 55.37 -3.33
C LEU S 149 -33.76 56.44 -2.31
N VAL S 150 -33.24 56.32 -1.09
CA VAL S 150 -33.43 57.34 -0.07
C VAL S 150 -32.43 58.47 -0.34
N LYS S 151 -32.94 59.67 -0.59
CA LYS S 151 -32.10 60.76 -1.04
C LYS S 151 -32.45 62.04 -0.30
N ASP S 152 -31.42 62.88 -0.10
CA ASP S 152 -31.57 64.22 0.45
C ASP S 152 -32.23 64.21 1.83
N TYR S 153 -31.54 63.60 2.79
CA TYR S 153 -32.01 63.59 4.17
C TYR S 153 -30.88 64.03 5.09
N PHE S 154 -31.26 64.66 6.21
CA PHE S 154 -30.31 65.10 7.22
C PHE S 154 -30.98 65.08 8.59
N PRO S 155 -30.28 64.61 9.62
CA PRO S 155 -29.00 63.89 9.58
C PRO S 155 -29.18 62.38 9.65
N GLU S 156 -28.07 61.62 9.58
CA GLU S 156 -28.13 60.18 9.78
C GLU S 156 -28.69 59.85 11.16
N PRO S 157 -29.28 58.65 11.33
CA PRO S 157 -29.45 57.53 10.39
C PRO S 157 -30.90 57.44 9.86
N VAL S 158 -31.13 56.67 8.79
CA VAL S 158 -32.48 56.32 8.35
C VAL S 158 -32.55 54.80 8.32
N THR S 159 -33.73 54.26 8.59
CA THR S 159 -33.90 52.83 8.72
C THR S 159 -34.88 52.36 7.67
N VAL S 160 -34.45 51.43 6.84
CA VAL S 160 -35.23 50.93 5.72
C VAL S 160 -35.43 49.44 5.88
N SER S 161 -36.68 49.01 5.79
CA SER S 161 -37.06 47.60 5.81
C SER S 161 -37.87 47.30 4.56
N TRP S 162 -38.02 46.01 4.26
CA TRP S 162 -38.74 45.57 3.08
C TRP S 162 -39.93 44.74 3.51
N ASN S 163 -41.12 45.09 3.01
CA ASN S 163 -42.37 44.42 3.40
C ASN S 163 -42.51 44.39 4.92
N SER S 164 -42.11 45.49 5.56
CA SER S 164 -42.18 45.66 7.02
C SER S 164 -41.43 44.55 7.74
N GLY S 165 -40.24 44.19 7.24
CA GLY S 165 -39.42 43.19 7.86
C GLY S 165 -39.62 41.77 7.36
N ALA S 166 -40.67 41.49 6.58
CA ALA S 166 -40.90 40.13 6.11
C ALA S 166 -39.77 39.66 5.18
N LEU S 167 -39.34 40.52 4.27
CA LEU S 167 -38.28 40.18 3.31
C LEU S 167 -36.93 40.54 3.91
N THR S 168 -36.10 39.54 4.18
CA THR S 168 -34.78 39.75 4.77
C THR S 168 -33.65 39.31 3.85
N SER S 169 -33.69 38.10 3.31
CA SER S 169 -32.60 37.62 2.47
C SER S 169 -32.59 38.34 1.13
N GLY S 170 -31.39 38.70 0.68
CA GLY S 170 -31.22 39.45 -0.55
C GLY S 170 -31.25 40.96 -0.37
N VAL S 171 -31.82 41.44 0.73
CA VAL S 171 -31.87 42.88 0.99
C VAL S 171 -30.48 43.37 1.38
N HIS S 172 -29.92 44.27 0.58
CA HIS S 172 -28.61 44.84 0.84
C HIS S 172 -28.74 46.36 0.97
N THR S 173 -28.92 46.83 2.21
CA THR S 173 -28.95 48.26 2.48
C THR S 173 -27.52 48.80 2.47
N PHE S 174 -27.25 49.80 1.56
CA PHE S 174 -25.90 50.34 1.33
C PHE S 174 -25.60 51.49 2.28
N PRO S 175 -24.33 51.64 2.67
CA PRO S 175 -23.97 52.72 3.59
C PRO S 175 -24.27 54.09 3.00
N ALA S 176 -24.69 55.01 3.87
CA ALA S 176 -25.03 56.35 3.44
C ALA S 176 -23.82 57.10 2.90
N VAL S 177 -24.05 57.89 1.87
CA VAL S 177 -22.99 58.69 1.25
C VAL S 177 -23.37 60.15 1.36
N LEU S 178 -22.48 60.95 1.93
CA LEU S 178 -22.71 62.39 2.03
C LEU S 178 -22.66 63.01 0.64
N GLN S 179 -23.70 63.75 0.29
CA GLN S 179 -23.77 64.37 -1.02
C GLN S 179 -23.05 65.71 -1.01
N SER S 180 -22.68 66.16 -2.21
CA SER S 180 -22.01 67.46 -2.35
C SER S 180 -22.86 68.59 -1.80
N SER S 181 -24.19 68.44 -1.84
CA SER S 181 -25.08 69.43 -1.28
C SER S 181 -24.93 69.55 0.24
N GLY S 182 -24.43 68.52 0.90
CA GLY S 182 -24.35 68.49 2.34
C GLY S 182 -25.37 67.60 3.01
N LEU S 183 -26.23 66.93 2.23
CA LEU S 183 -27.24 66.02 2.72
C LEU S 183 -26.80 64.58 2.47
N TYR S 184 -27.46 63.64 3.15
CA TYR S 184 -27.16 62.23 3.01
C TYR S 184 -28.14 61.54 2.07
N SER S 185 -27.71 60.40 1.54
CA SER S 185 -28.50 59.61 0.62
C SER S 185 -28.06 58.15 0.69
N LEU S 186 -29.01 57.23 0.67
CA LEU S 186 -28.68 55.82 0.67
C LEU S 186 -29.59 55.10 -0.32
N SER S 187 -29.14 53.93 -0.76
CA SER S 187 -29.90 53.07 -1.67
C SER S 187 -30.00 51.67 -1.08
N SER S 188 -31.21 51.12 -1.08
CA SER S 188 -31.48 49.75 -0.67
C SER S 188 -31.91 48.93 -1.87
N VAL S 189 -31.26 47.79 -2.10
CA VAL S 189 -31.60 46.87 -3.17
C VAL S 189 -31.92 45.52 -2.56
N VAL S 190 -32.65 44.71 -3.33
CA VAL S 190 -32.99 43.34 -2.91
C VAL S 190 -33.08 42.47 -4.16
N THR S 191 -32.52 41.27 -4.08
CA THR S 191 -32.57 40.31 -5.16
C THR S 191 -33.77 39.39 -4.97
N VAL S 192 -34.65 39.34 -5.98
CA VAL S 192 -35.85 38.52 -5.94
C VAL S 192 -35.95 37.73 -7.23
N PRO S 193 -36.74 36.65 -7.23
CA PRO S 193 -37.02 35.95 -8.50
C PRO S 193 -37.85 36.81 -9.43
N SER S 194 -37.44 36.88 -10.70
CA SER S 194 -38.16 37.71 -11.66
C SER S 194 -39.55 37.19 -11.98
N SER S 195 -39.81 35.91 -11.71
CA SER S 195 -41.16 35.37 -11.90
C SER S 195 -42.15 36.00 -10.94
N SER S 196 -41.73 36.31 -9.73
CA SER S 196 -42.60 36.87 -8.70
C SER S 196 -42.80 38.37 -8.85
N LEU S 197 -42.14 39.02 -9.83
CA LEU S 197 -42.24 40.46 -9.99
C LEU S 197 -43.70 40.93 -10.08
N GLY S 198 -44.50 40.24 -10.88
CA GLY S 198 -45.89 40.63 -11.01
C GLY S 198 -46.76 40.21 -9.85
N THR S 199 -46.60 38.97 -9.39
CA THR S 199 -47.47 38.44 -8.34
C THR S 199 -47.10 39.03 -6.98
N GLN S 200 -45.83 38.95 -6.60
CA GLN S 200 -45.40 39.39 -5.28
C GLN S 200 -45.35 40.91 -5.18
N THR S 201 -45.71 41.42 -4.00
CA THR S 201 -45.72 42.85 -3.72
C THR S 201 -44.53 43.20 -2.85
N TYR S 202 -43.67 44.06 -3.35
CA TYR S 202 -42.47 44.48 -2.64
C TYR S 202 -42.60 45.95 -2.28
N ILE S 203 -42.52 46.24 -0.97
CA ILE S 203 -42.68 47.58 -0.45
C ILE S 203 -41.54 47.84 0.54
N CYS S 204 -40.85 48.97 0.39
CA CYS S 204 -39.78 49.37 1.29
C CYS S 204 -40.31 50.37 2.30
N ASN S 205 -40.00 50.15 3.58
CA ASN S 205 -40.43 51.00 4.67
C ASN S 205 -39.23 51.78 5.19
N VAL S 206 -39.17 53.07 4.89
CA VAL S 206 -38.07 53.94 5.29
C VAL S 206 -38.56 54.84 6.40
N ASN S 207 -37.75 54.97 7.46
CA ASN S 207 -38.09 55.80 8.62
C ASN S 207 -36.92 56.68 8.97
N HIS S 208 -37.13 57.99 8.95
CA HIS S 208 -36.14 58.98 9.33
C HIS S 208 -36.58 59.57 10.66
N LYS S 209 -36.20 58.90 11.75
CA LYS S 209 -36.64 59.33 13.08
C LYS S 209 -36.25 60.77 13.42
N PRO S 210 -35.05 61.26 13.09
CA PRO S 210 -34.78 62.70 13.30
C PRO S 210 -35.84 63.62 12.72
N SER S 211 -36.26 63.39 11.47
CA SER S 211 -37.32 64.19 10.86
C SER S 211 -38.71 63.59 11.09
N ASN S 212 -38.78 62.45 11.77
CA ASN S 212 -40.03 61.75 12.04
C ASN S 212 -40.83 61.52 10.75
N THR S 213 -40.13 61.11 9.69
CA THR S 213 -40.71 60.87 8.38
C THR S 213 -40.65 59.37 8.10
N LYS S 214 -41.81 58.72 8.11
CA LYS S 214 -41.93 57.29 7.83
C LYS S 214 -42.66 57.13 6.49
N VAL S 215 -41.93 56.70 5.46
CA VAL S 215 -42.46 56.56 4.11
C VAL S 215 -42.46 55.08 3.73
N ASP S 216 -43.60 54.60 3.23
CA ASP S 216 -43.74 53.21 2.78
C ASP S 216 -43.94 53.21 1.26
N LYS S 217 -42.84 53.41 0.54
CA LYS S 217 -42.89 53.40 -0.92
C LYS S 217 -43.05 51.97 -1.42
N LYS S 218 -43.69 51.82 -2.58
CA LYS S 218 -43.92 50.50 -3.16
C LYS S 218 -43.19 50.39 -4.49
N VAL S 219 -42.64 49.20 -4.78
CA VAL S 219 -41.84 49.04 -6.02
C VAL S 219 -42.53 48.02 -6.95
N GLU S 220 -42.90 48.46 -8.16
CA GLU S 220 -43.59 47.57 -9.13
C GLU S 220 -42.80 47.54 -10.44
N PRO S 221 -42.97 46.52 -11.30
CA PRO S 221 -42.20 46.41 -12.55
C PRO S 221 -42.29 47.64 -13.46
N LYS S 222 -41.23 47.92 -14.23
CA LYS S 222 -41.20 49.12 -15.12
C LYS S 222 -42.09 48.90 -16.35
N SER S 223 -42.60 49.98 -16.95
CA SER S 223 -43.44 49.89 -18.18
C SER S 223 -43.10 51.04 -19.12
N CYS S 224 -42.07 50.88 -19.95
CA CYS S 224 -41.61 51.97 -20.86
C CYS S 224 -40.56 51.43 -21.83
N LEU T 4 24.61 -8.68 -16.79
CA LEU T 4 24.84 -9.99 -17.40
C LEU T 4 23.93 -10.23 -18.62
N THR T 5 24.54 -10.64 -19.72
CA THR T 5 23.83 -10.88 -20.97
C THR T 5 23.89 -12.35 -21.34
N GLN T 6 22.75 -12.89 -21.74
CA GLN T 6 22.61 -14.28 -22.15
C GLN T 6 22.08 -14.37 -23.58
N PRO T 7 22.35 -15.46 -24.28
CA PRO T 7 21.70 -15.66 -25.58
C PRO T 7 20.19 -15.71 -25.39
N ALA T 8 19.47 -15.12 -26.35
CA ALA T 8 18.02 -15.04 -26.23
C ALA T 8 17.40 -16.43 -26.18
N SER T 9 17.81 -17.33 -27.07
CA SER T 9 17.27 -18.68 -27.12
C SER T 9 18.37 -19.63 -27.57
N VAL T 10 18.31 -20.86 -27.06
CA VAL T 10 19.25 -21.92 -27.41
C VAL T 10 18.44 -23.18 -27.66
N SER T 11 18.36 -23.60 -28.92
CA SER T 11 17.63 -24.80 -29.29
C SER T 11 18.56 -25.99 -29.39
N GLY T 12 18.02 -27.18 -29.10
CA GLY T 12 18.80 -28.40 -29.08
C GLY T 12 17.95 -29.62 -29.33
N SER T 13 18.55 -30.66 -29.90
CA SER T 13 17.91 -31.95 -30.09
C SER T 13 17.95 -32.78 -28.81
N PRO T 14 16.97 -33.65 -28.60
CA PRO T 14 16.94 -34.46 -27.37
C PRO T 14 18.18 -35.35 -27.27
N GLY T 15 18.82 -35.29 -26.09
CA GLY T 15 20.00 -36.08 -25.79
C GLY T 15 21.32 -35.34 -25.89
N GLN T 16 21.39 -34.25 -26.64
CA GLN T 16 22.64 -33.52 -26.81
C GLN T 16 22.85 -32.54 -25.65
N SER T 17 23.96 -31.80 -25.70
CA SER T 17 24.33 -30.88 -24.64
C SER T 17 24.36 -29.46 -25.22
N ILE T 18 23.57 -28.58 -24.62
CA ILE T 18 23.57 -27.18 -24.99
C ILE T 18 24.32 -26.40 -23.91
N THR T 19 24.78 -25.21 -24.27
CA THR T 19 25.49 -24.34 -23.36
C THR T 19 24.93 -22.94 -23.47
N ILE T 20 24.81 -22.26 -22.33
CA ILE T 20 24.29 -20.90 -22.25
C ILE T 20 25.38 -19.99 -21.72
N SER T 21 25.66 -18.93 -22.46
CA SER T 21 26.69 -17.99 -22.05
C SER T 21 26.12 -16.89 -21.15
N CYS T 22 26.98 -16.36 -20.28
CA CYS T 22 26.60 -15.31 -19.32
C CYS T 22 27.75 -14.31 -19.28
N THR T 23 27.82 -13.44 -20.29
CA THR T 23 28.94 -12.52 -20.39
C THR T 23 28.72 -11.30 -19.49
N GLY T 24 29.77 -10.94 -18.76
CA GLY T 24 29.76 -9.80 -17.88
C GLY T 24 30.46 -8.62 -18.54
N SER T 25 29.79 -7.46 -18.52
CA SER T 25 30.20 -6.17 -19.10
C SER T 25 31.65 -6.02 -19.53
N VAL T 29 31.19 -10.23 -11.31
CA VAL T 29 32.12 -9.21 -10.77
C VAL T 29 32.46 -9.58 -9.31
N GLY T 30 31.65 -10.41 -8.67
CA GLY T 30 31.92 -10.70 -7.25
C GLY T 30 32.95 -11.81 -7.08
N GLY T 31 34.21 -11.57 -7.44
CA GLY T 31 35.23 -12.63 -7.41
C GLY T 31 35.06 -13.53 -8.62
N TYR T 32 34.06 -13.24 -9.45
CA TYR T 32 33.72 -14.03 -10.66
C TYR T 32 33.55 -15.50 -10.27
N SER T 33 33.12 -15.73 -9.04
CA SER T 33 32.83 -17.12 -8.59
C SER T 33 31.43 -17.14 -7.96
N HIS T 34 30.76 -15.99 -7.96
CA HIS T 34 29.42 -15.88 -7.32
C HIS T 34 28.32 -16.12 -8.36
N VAL T 35 28.69 -16.31 -9.62
CA VAL T 35 27.64 -16.44 -10.66
C VAL T 35 26.86 -17.70 -10.35
N SER T 36 25.54 -17.61 -10.44
CA SER T 36 24.67 -18.79 -10.16
C SER T 36 23.70 -18.94 -11.33
N TRP T 37 23.00 -20.06 -11.41
CA TRP T 37 22.10 -20.30 -12.57
C TRP T 37 20.69 -20.61 -12.08
N TYR T 38 19.69 -20.00 -12.73
CA TYR T 38 18.30 -20.14 -12.31
C TYR T 38 17.45 -20.65 -13.45
N GLN T 39 16.48 -21.51 -13.13
CA GLN T 39 15.53 -22.02 -14.10
C GLN T 39 14.12 -21.58 -13.72
N GLN T 40 13.42 -20.93 -14.65
CA GLN T 40 12.05 -20.48 -14.43
C GLN T 40 11.16 -21.10 -15.50
N HIS T 41 10.45 -22.16 -15.13
CA HIS T 41 9.46 -22.75 -16.03
C HIS T 41 8.23 -21.86 -16.12
N PRO T 42 7.53 -21.89 -17.26
CA PRO T 42 6.37 -21.01 -17.44
C PRO T 42 5.33 -21.18 -16.34
N GLY T 43 4.93 -20.06 -15.74
CA GLY T 43 3.93 -20.07 -14.68
C GLY T 43 4.43 -20.50 -13.32
N LYS T 44 5.75 -20.66 -13.14
CA LYS T 44 6.31 -21.09 -11.87
C LYS T 44 7.39 -20.10 -11.45
N VAL T 45 7.75 -20.17 -10.17
CA VAL T 45 8.73 -19.26 -9.60
C VAL T 45 10.14 -19.71 -10.02
N PRO T 46 11.10 -18.80 -10.08
CA PRO T 46 12.48 -19.21 -10.42
C PRO T 46 13.05 -20.15 -9.36
N LYS T 47 13.89 -21.06 -9.83
CA LYS T 47 14.50 -22.08 -8.97
C LYS T 47 16.01 -22.05 -9.17
N LEU T 48 16.74 -22.06 -8.06
CA LEU T 48 18.20 -22.11 -8.12
C LEU T 48 18.66 -23.50 -8.56
N ILE T 49 19.38 -23.56 -9.66
CA ILE T 49 19.81 -24.82 -10.26
C ILE T 49 21.30 -25.06 -10.05
N ILE T 50 22.12 -24.03 -10.24
CA ILE T 50 23.56 -24.11 -10.06
C ILE T 50 24.01 -22.89 -9.27
N SER T 51 24.90 -23.08 -8.31
CA SER T 51 25.45 -22.01 -7.51
C SER T 51 26.97 -22.05 -7.57
N GLU T 52 27.61 -20.96 -7.14
CA GLU T 52 29.07 -20.85 -7.06
C GLU T 52 29.73 -21.39 -8.33
N VAL T 53 29.32 -20.82 -9.47
CA VAL T 53 29.83 -21.16 -10.80
C VAL T 53 29.37 -22.56 -11.19
N SER T 54 29.78 -23.57 -10.41
CA SER T 54 29.47 -24.95 -10.74
C SER T 54 28.81 -25.75 -9.62
N ASN T 55 28.84 -25.28 -8.37
CA ASN T 55 28.23 -26.02 -7.28
C ASN T 55 26.74 -26.24 -7.52
N ARG T 56 26.31 -27.48 -7.36
CA ARG T 56 24.94 -27.86 -7.67
C ARG T 56 24.16 -28.05 -6.38
N PRO T 57 23.17 -27.21 -6.10
CA PRO T 57 22.33 -27.43 -4.91
C PRO T 57 21.76 -28.83 -4.86
N SER T 58 21.57 -29.33 -3.65
CA SER T 58 21.04 -30.68 -3.45
C SER T 58 19.64 -30.79 -4.04
N GLY T 59 19.38 -31.90 -4.73
CA GLY T 59 18.12 -32.12 -5.38
C GLY T 59 18.07 -31.74 -6.84
N ILE T 60 19.16 -31.22 -7.39
CA ILE T 60 19.23 -30.81 -8.79
C ILE T 60 19.88 -31.93 -9.60
N SER T 61 19.39 -32.14 -10.82
CA SER T 61 19.91 -33.20 -11.67
C SER T 61 21.36 -32.93 -12.04
N ASN T 62 22.12 -34.02 -12.21
CA ASN T 62 23.54 -33.95 -12.55
C ASN T 62 23.79 -33.47 -13.97
N ARG T 63 22.74 -33.41 -14.80
CA ARG T 63 22.88 -32.92 -16.16
C ARG T 63 23.27 -31.46 -16.26
N PHE T 64 23.18 -30.70 -15.16
CA PHE T 64 23.48 -29.28 -15.15
C PHE T 64 24.86 -29.03 -14.56
N SER T 65 25.70 -28.31 -15.30
CA SER T 65 27.03 -27.94 -14.82
C SER T 65 27.25 -26.46 -15.08
N GLY T 66 28.34 -25.95 -14.51
CA GLY T 66 28.67 -24.55 -14.63
C GLY T 66 30.15 -24.34 -14.89
N SER T 67 30.47 -23.39 -15.76
CA SER T 67 31.84 -23.10 -16.13
C SER T 67 32.05 -21.59 -16.20
N LYS T 68 33.30 -21.17 -16.09
CA LYS T 68 33.65 -19.75 -16.03
C LYS T 68 34.88 -19.49 -16.89
N SER T 69 34.71 -18.68 -17.94
CA SER T 69 35.79 -18.27 -18.82
C SER T 69 35.85 -16.75 -18.88
N ALA T 70 37.02 -16.18 -18.61
CA ALA T 70 37.17 -14.74 -18.60
C ALA T 70 36.08 -14.10 -17.74
N ASN T 71 35.18 -13.35 -18.38
CA ASN T 71 34.00 -12.81 -17.72
C ASN T 71 32.71 -13.48 -18.21
N THR T 72 32.83 -14.64 -18.88
CA THR T 72 31.67 -15.37 -19.40
C THR T 72 31.44 -16.63 -18.58
N ALA T 73 30.25 -16.76 -18.01
CA ALA T 73 29.82 -17.95 -17.30
C ALA T 73 28.96 -18.82 -18.21
N SER T 74 29.19 -20.12 -18.18
CA SER T 74 28.53 -21.07 -19.07
C SER T 74 27.77 -22.12 -18.27
N LEU T 75 26.53 -22.36 -18.65
CA LEU T 75 25.71 -23.43 -18.08
C LEU T 75 25.48 -24.48 -19.16
N THR T 76 25.97 -25.69 -18.91
CA THR T 76 25.87 -26.80 -19.87
C THR T 76 24.91 -27.85 -19.34
N ILE T 77 23.89 -28.17 -20.13
CA ILE T 77 22.88 -29.19 -19.80
C ILE T 77 23.15 -30.43 -20.63
N SER T 78 23.61 -31.50 -19.96
CA SER T 78 23.77 -32.74 -20.70
C SER T 78 22.44 -33.47 -20.81
N GLY T 79 22.39 -34.38 -21.78
CA GLY T 79 21.22 -35.19 -22.02
C GLY T 79 19.96 -34.37 -22.07
N LEU T 80 19.92 -33.37 -22.95
CA LEU T 80 18.80 -32.45 -23.02
C LEU T 80 17.49 -33.19 -23.23
N GLN T 81 16.53 -32.97 -22.34
CA GLN T 81 15.21 -33.58 -22.43
C GLN T 81 14.11 -32.54 -22.57
N PRO T 82 12.97 -32.92 -23.15
CA PRO T 82 11.86 -31.97 -23.25
C PRO T 82 11.39 -31.41 -21.92
N GLU T 83 11.70 -32.06 -20.80
CA GLU T 83 11.36 -31.47 -19.51
C GLU T 83 12.37 -30.43 -19.05
N ASP T 84 13.57 -30.40 -19.67
CA ASP T 84 14.62 -29.47 -19.26
C ASP T 84 14.33 -28.02 -19.66
N GLU T 85 13.61 -27.83 -20.78
CA GLU T 85 13.37 -26.50 -21.33
C GLU T 85 12.68 -25.57 -20.36
N ALA T 86 13.27 -24.40 -20.17
CA ALA T 86 12.71 -23.35 -19.34
C ALA T 86 13.49 -22.08 -19.65
N ASP T 87 13.10 -21.01 -18.99
CA ASP T 87 13.84 -19.76 -19.11
C ASP T 87 14.93 -19.73 -18.05
N TYR T 88 16.18 -19.67 -18.49
CA TYR T 88 17.33 -19.77 -17.61
C TYR T 88 17.96 -18.40 -17.45
N TYR T 89 18.21 -18.02 -16.20
CA TYR T 89 18.77 -16.73 -15.84
C TYR T 89 20.02 -16.94 -14.98
N CYS T 90 21.07 -16.18 -15.27
CA CYS T 90 22.27 -16.18 -14.44
C CYS T 90 22.29 -14.91 -13.61
N GLY T 91 22.73 -15.05 -12.36
CA GLY T 91 22.75 -13.92 -11.47
C GLY T 91 23.96 -13.88 -10.57
N SER T 92 24.47 -12.68 -10.30
CA SER T 92 25.60 -12.51 -9.41
C SER T 92 25.56 -11.11 -8.82
N TYR T 93 26.27 -10.93 -7.72
CA TYR T 93 26.38 -9.61 -7.12
C TYR T 93 27.24 -8.71 -7.98
N ALA T 94 26.99 -7.41 -7.89
CA ALA T 94 27.60 -6.44 -8.79
C ALA T 94 28.64 -5.57 -8.09
N SER T 95 28.98 -5.88 -6.84
CA SER T 95 30.01 -5.14 -6.10
C SER T 95 29.77 -3.64 -6.18
N THR T 96 28.53 -3.24 -5.90
CA THR T 96 28.12 -1.85 -5.91
C THR T 96 27.88 -1.38 -4.48
N ASN T 97 27.54 -0.10 -4.34
CA ASN T 97 27.33 0.50 -3.03
C ASN T 97 26.33 -0.31 -2.20
N ILE T 98 25.22 -0.69 -2.81
CA ILE T 98 24.21 -1.52 -2.15
C ILE T 98 24.31 -2.97 -2.59
N LEU T 99 25.42 -3.35 -3.22
CA LEU T 99 25.65 -4.72 -3.67
C LEU T 99 24.46 -5.24 -4.49
N HIS T 100 24.26 -4.61 -5.65
CA HIS T 100 23.20 -5.04 -6.54
C HIS T 100 23.38 -6.51 -6.89
N TYR T 101 22.28 -7.27 -6.86
CA TYR T 101 22.25 -8.62 -7.40
C TYR T 101 21.69 -8.51 -8.80
N VAL T 102 22.57 -8.61 -9.78
CA VAL T 102 22.18 -8.45 -11.18
C VAL T 102 21.82 -9.80 -11.75
N PHE T 103 20.67 -9.85 -12.42
CA PHE T 103 20.18 -11.05 -13.09
C PHE T 103 20.45 -10.93 -14.59
N GLY T 104 20.59 -12.08 -15.24
CA GLY T 104 20.84 -12.09 -16.66
C GLY T 104 19.61 -11.79 -17.48
N THR T 105 19.83 -11.57 -18.78
CA THR T 105 18.72 -11.24 -19.67
C THR T 105 17.74 -12.40 -19.76
N GLY T 106 18.25 -13.63 -19.87
CA GLY T 106 17.41 -14.79 -19.97
C GLY T 106 17.68 -15.58 -21.23
N THR T 107 17.64 -16.91 -21.12
CA THR T 107 17.84 -17.81 -22.25
C THR T 107 16.73 -18.85 -22.23
N LYS T 108 15.95 -18.90 -23.31
CA LYS T 108 14.86 -19.86 -23.44
C LYS T 108 15.41 -21.11 -24.10
N VAL T 109 15.82 -22.09 -23.29
CA VAL T 109 16.25 -23.35 -23.87
C VAL T 109 15.02 -24.05 -24.43
N THR T 110 15.17 -24.62 -25.63
CA THR T 110 14.10 -25.31 -26.32
C THR T 110 14.64 -26.63 -26.86
N VAL T 111 13.97 -27.73 -26.55
CA VAL T 111 14.29 -29.01 -27.17
C VAL T 111 13.34 -29.13 -28.35
N LEU T 112 13.91 -29.25 -29.54
CA LEU T 112 13.15 -29.10 -30.78
C LEU T 112 13.87 -29.85 -31.88
N SER T 113 13.31 -30.98 -32.29
CA SER T 113 13.90 -31.82 -33.33
C SER T 113 12.97 -33.02 -33.60
N ARG T 114 13.35 -33.83 -34.59
CA ARG T 114 12.76 -35.11 -34.97
C ARG T 114 11.37 -35.04 -35.60
N THR T 115 10.75 -33.87 -35.76
CA THR T 115 9.43 -33.87 -36.39
C THR T 115 9.16 -32.54 -37.05
N VAL T 116 8.18 -32.54 -37.95
CA VAL T 116 7.73 -31.36 -38.66
C VAL T 116 6.25 -31.54 -38.93
N ALA T 117 5.47 -30.50 -38.66
CA ALA T 117 4.04 -30.55 -38.89
C ALA T 117 3.62 -29.33 -39.70
N ALA T 118 2.59 -29.54 -40.52
CA ALA T 118 2.08 -28.46 -41.33
C ALA T 118 0.87 -27.84 -40.66
N PRO T 119 0.70 -26.52 -40.68
CA PRO T 119 -0.44 -25.91 -40.00
C PRO T 119 -1.74 -26.24 -40.73
N SER T 120 -2.76 -26.61 -39.97
CA SER T 120 -4.10 -26.82 -40.48
C SER T 120 -4.81 -25.46 -40.50
N VAL T 121 -4.96 -24.88 -41.70
CA VAL T 121 -5.49 -23.52 -41.83
C VAL T 121 -7.01 -23.57 -41.95
N PHE T 122 -7.67 -22.79 -41.09
CA PHE T 122 -9.13 -22.65 -41.12
C PHE T 122 -9.45 -21.18 -40.92
N ILE T 123 -10.26 -20.60 -41.80
CA ILE T 123 -10.63 -19.20 -41.73
C ILE T 123 -12.07 -19.10 -41.24
N PHE T 124 -12.34 -18.12 -40.40
CA PHE T 124 -13.65 -17.93 -39.80
C PHE T 124 -14.19 -16.55 -40.16
N PRO T 125 -15.28 -16.45 -40.92
CA PRO T 125 -15.85 -15.14 -41.23
C PRO T 125 -16.38 -14.50 -39.96
N PRO T 126 -16.46 -13.17 -39.93
CA PRO T 126 -16.97 -12.51 -38.72
C PRO T 126 -18.40 -12.89 -38.43
N SER T 127 -18.69 -13.14 -37.15
CA SER T 127 -20.05 -13.48 -36.77
C SER T 127 -20.95 -12.25 -36.95
N ASP T 128 -22.10 -12.45 -37.59
CA ASP T 128 -23.01 -11.34 -37.86
C ASP T 128 -23.46 -10.65 -36.59
N GLU T 129 -23.53 -11.39 -35.48
CA GLU T 129 -23.84 -10.76 -34.19
C GLU T 129 -22.79 -9.71 -33.83
N GLN T 130 -21.50 -10.07 -33.97
CA GLN T 130 -20.43 -9.11 -33.74
C GLN T 130 -20.46 -7.97 -34.75
N LEU T 131 -20.82 -8.29 -36.00
CA LEU T 131 -21.02 -7.24 -37.02
C LEU T 131 -22.05 -6.24 -36.57
N LYS T 132 -23.07 -6.71 -35.87
CA LYS T 132 -24.08 -5.77 -35.33
C LYS T 132 -23.40 -4.83 -34.36
N SER T 133 -22.58 -5.39 -33.47
CA SER T 133 -21.91 -4.55 -32.49
C SER T 133 -21.09 -3.44 -33.15
N GLY T 134 -20.61 -3.67 -34.37
CA GLY T 134 -19.84 -2.69 -35.11
C GLY T 134 -18.43 -3.12 -35.47
N THR T 135 -17.95 -4.25 -34.94
CA THR T 135 -16.62 -4.73 -35.22
C THR T 135 -16.68 -6.04 -36.00
N ALA T 136 -15.68 -6.25 -36.85
CA ALA T 136 -15.59 -7.43 -37.69
C ALA T 136 -14.27 -8.13 -37.40
N SER T 137 -14.35 -9.32 -36.81
CA SER T 137 -13.17 -10.10 -36.45
C SER T 137 -13.08 -11.32 -37.36
N VAL T 138 -12.18 -11.25 -38.34
CA VAL T 138 -11.87 -12.39 -39.20
C VAL T 138 -10.76 -13.19 -38.52
N VAL T 139 -11.03 -14.46 -38.22
CA VAL T 139 -10.10 -15.30 -37.48
C VAL T 139 -9.53 -16.35 -38.42
N CYS T 140 -8.20 -16.37 -38.53
CA CYS T 140 -7.47 -17.38 -39.28
C CYS T 140 -6.78 -18.29 -38.28
N LEU T 141 -7.06 -19.59 -38.34
CA LEU T 141 -6.59 -20.56 -37.36
C LEU T 141 -5.56 -21.49 -37.98
N LEU T 142 -4.36 -21.52 -37.39
CA LEU T 142 -3.31 -22.47 -37.73
C LEU T 142 -3.14 -23.43 -36.56
N ASN T 143 -3.35 -24.71 -36.80
CA ASN T 143 -3.37 -25.69 -35.73
C ASN T 143 -2.39 -26.82 -36.01
N ASN T 144 -1.77 -27.33 -34.95
CA ASN T 144 -0.89 -28.49 -35.01
C ASN T 144 0.23 -28.30 -36.04
N PHE T 145 1.04 -27.26 -35.83
CA PHE T 145 2.21 -27.02 -36.65
C PHE T 145 3.44 -26.91 -35.76
N TYR T 146 4.59 -27.30 -36.30
CA TYR T 146 5.84 -27.27 -35.56
C TYR T 146 7.00 -27.07 -36.53
N PRO T 147 7.82 -26.03 -36.36
CA PRO T 147 7.82 -25.07 -35.26
C PRO T 147 7.01 -23.82 -35.59
N ARG T 148 7.17 -22.76 -34.79
CA ARG T 148 6.42 -21.52 -35.00
C ARG T 148 7.29 -20.46 -35.68
N GLU T 149 7.66 -20.77 -36.92
CA GLU T 149 8.25 -19.76 -37.80
C GLU T 149 7.35 -19.60 -39.02
N ALA T 150 6.06 -19.40 -38.78
CA ALA T 150 5.05 -19.37 -39.83
C ALA T 150 4.64 -17.93 -40.13
N LYS T 151 4.32 -17.68 -41.41
CA LYS T 151 3.95 -16.36 -41.89
C LYS T 151 2.50 -16.38 -42.34
N VAL T 152 1.72 -15.42 -41.86
CA VAL T 152 0.31 -15.29 -42.24
C VAL T 152 0.12 -13.92 -42.88
N GLN T 153 -0.38 -13.91 -44.11
CA GLN T 153 -0.61 -12.68 -44.87
C GLN T 153 -2.11 -12.49 -45.07
N TRP T 154 -2.63 -11.37 -44.58
CA TRP T 154 -4.05 -11.04 -44.73
C TRP T 154 -4.25 -10.33 -46.07
N LYS T 155 -4.98 -10.96 -46.97
CA LYS T 155 -5.24 -10.43 -48.31
C LYS T 155 -6.72 -10.11 -48.44
N VAL T 156 -7.05 -8.82 -48.44
CA VAL T 156 -8.42 -8.35 -48.62
C VAL T 156 -8.54 -7.78 -50.03
N ASP T 157 -9.36 -8.42 -50.85
CA ASP T 157 -9.52 -8.05 -52.27
C ASP T 157 -8.16 -7.94 -52.95
N ASN T 158 -7.32 -8.96 -52.72
CA ASN T 158 -5.97 -9.02 -53.27
C ASN T 158 -5.12 -7.84 -52.81
N ALA T 159 -5.24 -7.49 -51.53
CA ALA T 159 -4.44 -6.42 -50.94
C ALA T 159 -4.03 -6.83 -49.54
N LEU T 160 -2.72 -6.76 -49.26
CA LEU T 160 -2.21 -7.14 -47.96
C LEU T 160 -2.64 -6.14 -46.89
N GLN T 161 -3.00 -6.66 -45.71
CA GLN T 161 -3.39 -5.82 -44.58
C GLN T 161 -2.37 -6.02 -43.46
N SER T 162 -1.83 -4.91 -42.95
CA SER T 162 -0.82 -4.95 -41.91
C SER T 162 -1.15 -3.94 -40.83
N GLY T 163 -0.74 -4.24 -39.61
CA GLY T 163 -1.04 -3.42 -38.45
C GLY T 163 -2.38 -3.69 -37.81
N ASN T 164 -3.24 -4.49 -38.43
CA ASN T 164 -4.57 -4.78 -37.91
C ASN T 164 -4.74 -6.23 -37.52
N SER T 165 -3.65 -6.98 -37.39
CA SER T 165 -3.67 -8.40 -37.09
C SER T 165 -2.97 -8.65 -35.76
N GLN T 166 -3.65 -9.37 -34.86
CA GLN T 166 -3.10 -9.77 -33.56
C GLN T 166 -3.09 -11.29 -33.48
N GLU T 167 -1.97 -11.85 -33.01
CA GLU T 167 -1.75 -13.28 -33.01
C GLU T 167 -1.45 -13.78 -31.59
N SER T 168 -1.81 -15.04 -31.35
CA SER T 168 -1.51 -15.72 -30.08
C SER T 168 -1.12 -17.15 -30.37
N VAL T 169 -0.14 -17.66 -29.61
CA VAL T 169 0.41 -19.00 -29.82
C VAL T 169 0.36 -19.79 -28.51
N THR T 170 0.02 -21.08 -28.62
CA THR T 170 0.03 -21.99 -27.49
C THR T 170 0.78 -23.28 -27.82
N GLU T 171 1.45 -23.85 -26.82
CA GLU T 171 2.10 -25.16 -26.94
C GLU T 171 1.08 -26.24 -26.57
N GLN T 172 0.92 -27.25 -27.44
CA GLN T 172 -0.03 -28.34 -27.18
C GLN T 172 0.62 -29.45 -26.37
N ASP T 173 0.92 -29.12 -25.11
CA ASP T 173 1.43 -30.08 -24.11
C ASP T 173 2.57 -30.88 -24.74
N SER T 174 2.56 -32.22 -24.68
CA SER T 174 3.41 -33.06 -25.50
C SER T 174 2.62 -34.02 -26.38
N LYS T 175 1.29 -34.03 -26.27
CA LYS T 175 0.43 -34.91 -27.07
C LYS T 175 0.82 -34.86 -28.54
N ASP T 176 0.97 -33.66 -29.09
CA ASP T 176 1.54 -33.47 -30.42
C ASP T 176 2.81 -32.65 -30.42
N SER T 177 3.11 -31.96 -29.30
CA SER T 177 4.27 -31.06 -29.19
C SER T 177 4.32 -30.07 -30.35
N THR T 178 3.15 -29.68 -30.82
CA THR T 178 2.98 -28.73 -31.91
C THR T 178 2.58 -27.35 -31.38
N TYR T 179 2.12 -26.50 -32.27
CA TYR T 179 1.77 -25.12 -31.97
C TYR T 179 0.41 -24.80 -32.56
N SER T 180 -0.21 -23.73 -32.04
CA SER T 180 -1.51 -23.27 -32.55
C SER T 180 -1.52 -21.74 -32.57
N LEU T 181 -1.98 -21.20 -33.69
CA LEU T 181 -1.97 -19.75 -33.91
C LEU T 181 -3.36 -19.27 -34.28
N SER T 182 -3.74 -18.09 -33.79
CA SER T 182 -5.03 -17.47 -34.11
C SER T 182 -4.78 -16.03 -34.55
N SER T 183 -4.66 -15.83 -35.86
CA SER T 183 -4.51 -14.49 -36.42
C SER T 183 -5.88 -13.84 -36.57
N THR T 184 -6.09 -12.72 -35.88
CA THR T 184 -7.38 -12.03 -35.85
C THR T 184 -7.26 -10.70 -36.60
N LEU T 185 -7.98 -10.59 -37.72
CA LEU T 185 -8.04 -9.37 -38.51
C LEU T 185 -9.30 -8.61 -38.12
N THR T 186 -9.13 -7.49 -37.42
CA THR T 186 -10.25 -6.72 -36.93
C THR T 186 -10.47 -5.50 -37.84
N LEU T 187 -11.67 -5.42 -38.42
CA LEU T 187 -12.07 -4.30 -39.26
C LEU T 187 -13.41 -3.77 -38.77
N SER T 188 -13.72 -2.54 -39.15
CA SER T 188 -15.01 -1.95 -38.83
C SER T 188 -16.09 -2.55 -39.73
N LYS T 189 -17.32 -2.55 -39.23
CA LYS T 189 -18.45 -3.05 -40.02
C LYS T 189 -18.52 -2.37 -41.38
N ALA T 190 -18.36 -1.04 -41.40
CA ALA T 190 -18.39 -0.31 -42.66
C ALA T 190 -17.27 -0.78 -43.59
N ASP T 191 -16.03 -0.76 -43.11
CA ASP T 191 -14.91 -1.20 -43.94
C ASP T 191 -15.04 -2.65 -44.34
N TYR T 192 -15.54 -3.49 -43.44
CA TYR T 192 -15.76 -4.91 -43.77
C TYR T 192 -16.70 -5.05 -44.96
N GLU T 193 -17.84 -4.35 -44.92
CA GLU T 193 -18.79 -4.42 -46.02
C GLU T 193 -18.27 -3.74 -47.28
N LYS T 194 -17.32 -2.80 -47.15
CA LYS T 194 -16.75 -2.14 -48.32
C LYS T 194 -16.00 -3.11 -49.23
N HIS T 195 -15.54 -4.24 -48.69
CA HIS T 195 -14.75 -5.21 -49.44
C HIS T 195 -15.54 -6.51 -49.60
N LYS T 196 -15.05 -7.36 -50.51
CA LYS T 196 -15.72 -8.62 -50.81
C LYS T 196 -14.92 -9.83 -50.35
N VAL T 197 -13.72 -10.03 -50.89
CA VAL T 197 -12.95 -11.24 -50.68
C VAL T 197 -12.01 -11.04 -49.49
N TYR T 198 -12.05 -11.99 -48.55
CA TYR T 198 -11.17 -11.99 -47.38
C TYR T 198 -10.46 -13.33 -47.30
N ALA T 199 -9.13 -13.30 -47.30
CA ALA T 199 -8.31 -14.51 -47.29
C ALA T 199 -7.09 -14.29 -46.42
N CYS T 200 -6.54 -15.39 -45.92
CA CYS T 200 -5.30 -15.38 -45.13
C CYS T 200 -4.35 -16.43 -45.71
N GLU T 201 -3.45 -15.98 -46.58
CA GLU T 201 -2.39 -16.85 -47.10
C GLU T 201 -1.45 -17.24 -45.98
N VAL T 202 -1.10 -18.52 -45.91
CA VAL T 202 -0.26 -19.06 -44.85
C VAL T 202 0.93 -19.77 -45.48
N THR T 203 2.14 -19.44 -45.02
CA THR T 203 3.36 -20.09 -45.48
C THR T 203 4.11 -20.63 -44.28
N HIS T 204 4.42 -21.93 -44.31
CA HIS T 204 5.14 -22.59 -43.22
C HIS T 204 6.05 -23.65 -43.81
N GLN T 205 6.94 -24.17 -42.95
CA GLN T 205 7.91 -25.17 -43.40
C GLN T 205 7.21 -26.47 -43.82
N GLY T 206 6.20 -26.89 -43.06
CA GLY T 206 5.50 -28.12 -43.40
C GLY T 206 4.89 -28.09 -44.78
N LEU T 207 4.20 -27.00 -45.10
CA LEU T 207 3.58 -26.80 -46.41
C LEU T 207 4.39 -25.74 -47.15
N SER T 208 5.41 -26.20 -47.91
CA SER T 208 6.24 -25.29 -48.67
C SER T 208 5.41 -24.46 -49.64
N SER T 209 4.45 -25.09 -50.32
CA SER T 209 3.57 -24.37 -51.22
C SER T 209 2.57 -23.53 -50.44
N PRO T 210 2.39 -22.25 -50.79
CA PRO T 210 1.51 -21.38 -49.97
C PRO T 210 0.07 -21.88 -49.93
N VAL T 211 -0.48 -21.93 -48.72
CA VAL T 211 -1.85 -22.39 -48.49
C VAL T 211 -2.68 -21.18 -48.09
N THR T 212 -3.76 -20.94 -48.82
CA THR T 212 -4.64 -19.79 -48.56
C THR T 212 -6.07 -20.27 -48.37
N LYS T 213 -6.74 -19.72 -47.35
CA LYS T 213 -8.15 -19.96 -47.09
C LYS T 213 -8.91 -18.66 -47.27
N SER T 214 -9.87 -18.66 -48.18
CA SER T 214 -10.61 -17.46 -48.55
C SER T 214 -12.10 -17.66 -48.29
N PHE T 215 -12.77 -16.56 -47.97
CA PHE T 215 -14.23 -16.56 -47.86
C PHE T 215 -14.75 -15.30 -48.53
N ASN T 216 -15.87 -15.43 -49.22
CA ASN T 216 -16.52 -14.30 -49.86
C ASN T 216 -17.84 -14.01 -49.14
N ARG T 217 -18.08 -12.74 -48.86
CA ARG T 217 -19.28 -12.34 -48.14
C ARG T 217 -20.26 -11.59 -49.07
N GLN U 1 10.55 -26.20 5.38
CA GLN U 1 10.97 -25.24 6.40
C GLN U 1 10.50 -23.84 6.09
N VAL U 2 11.39 -23.09 5.45
CA VAL U 2 11.21 -21.68 5.16
C VAL U 2 10.54 -21.56 3.79
N GLN U 3 9.39 -20.92 3.75
CA GLN U 3 8.65 -20.69 2.52
C GLN U 3 8.00 -19.32 2.62
N LEU U 4 7.94 -18.61 1.49
CA LEU U 4 7.43 -17.25 1.47
C LEU U 4 6.04 -17.23 0.85
N VAL U 5 5.13 -16.49 1.49
CA VAL U 5 3.74 -16.42 1.08
C VAL U 5 3.46 -15.03 0.55
N GLN U 6 2.89 -14.94 -0.65
CA GLN U 6 2.50 -13.68 -1.23
C GLN U 6 1.02 -13.70 -1.54
N SER U 7 0.42 -12.52 -1.63
CA SER U 7 -1.00 -12.41 -1.90
C SER U 7 -1.27 -12.64 -3.39
N GLY U 8 -2.56 -12.67 -3.73
CA GLY U 8 -2.96 -12.89 -5.11
C GLY U 8 -2.81 -11.66 -5.97
N ALA U 9 -3.04 -11.86 -7.27
CA ALA U 9 -2.92 -10.76 -8.23
C ALA U 9 -3.85 -9.61 -7.86
N GLU U 10 -3.38 -8.38 -8.07
CA GLU U 10 -4.11 -7.17 -7.70
C GLU U 10 -4.06 -6.18 -8.85
N VAL U 11 -5.20 -5.89 -9.45
CA VAL U 11 -5.31 -4.88 -10.49
C VAL U 11 -5.52 -3.51 -9.83
N LYS U 12 -4.73 -2.53 -10.25
CA LYS U 12 -4.73 -1.22 -9.62
C LYS U 12 -4.99 -0.14 -10.65
N LYS U 13 -5.52 0.98 -10.17
CA LYS U 13 -5.83 2.14 -11.00
C LYS U 13 -4.55 2.96 -11.21
N PRO U 14 -4.38 3.53 -12.40
CA PRO U 14 -3.20 4.36 -12.67
C PRO U 14 -3.09 5.52 -11.68
N GLY U 15 -1.93 5.63 -11.04
CA GLY U 15 -1.68 6.66 -10.06
C GLY U 15 -1.90 6.25 -8.61
N SER U 16 -2.31 5.01 -8.36
CA SER U 16 -2.61 4.54 -7.02
C SER U 16 -1.35 3.92 -6.41
N SER U 17 -1.51 3.11 -5.37
CA SER U 17 -0.38 2.47 -4.72
C SER U 17 -0.80 1.11 -4.22
N VAL U 18 0.08 0.12 -4.41
CA VAL U 18 -0.16 -1.26 -3.99
C VAL U 18 0.95 -1.64 -3.02
N LYS U 19 0.58 -2.36 -1.96
CA LYS U 19 1.51 -2.82 -0.93
C LYS U 19 1.51 -4.36 -0.93
N VAL U 20 2.40 -4.94 -1.72
CA VAL U 20 2.46 -6.41 -1.82
C VAL U 20 3.06 -6.98 -0.53
N PRO U 21 2.43 -8.00 0.07
CA PRO U 21 2.94 -8.53 1.34
C PRO U 21 3.84 -9.74 1.16
N CYS U 22 4.63 -10.07 2.19
CA CYS U 22 5.51 -11.23 2.18
C CYS U 22 5.57 -11.81 3.59
N LYS U 23 5.08 -13.04 3.77
CA LYS U 23 5.04 -13.70 5.06
C LYS U 23 6.04 -14.86 5.09
N ALA U 24 6.65 -15.05 6.26
CA ALA U 24 7.64 -16.11 6.45
C ALA U 24 6.97 -17.29 7.15
N SER U 25 6.55 -18.28 6.37
CA SER U 25 6.00 -19.51 6.92
C SER U 25 7.15 -20.43 7.28
N GLY U 26 7.42 -20.56 8.58
CA GLY U 26 8.58 -21.28 9.06
C GLY U 26 9.83 -20.45 9.21
N GLY U 27 9.90 -19.29 8.55
CA GLY U 27 11.01 -18.38 8.71
C GLY U 27 10.76 -17.38 9.82
N THR U 28 11.82 -16.65 10.16
CA THR U 28 11.75 -15.66 11.22
C THR U 28 11.95 -14.22 10.75
N PHE U 29 12.46 -14.02 9.52
CA PHE U 29 12.74 -12.69 9.01
C PHE U 29 13.60 -11.89 9.98
N SER U 30 14.66 -12.52 10.46
CA SER U 30 15.53 -11.91 11.46
C SER U 30 17.02 -12.15 11.21
N THR U 31 17.39 -12.82 10.12
CA THR U 31 18.78 -13.12 9.85
C THR U 31 19.16 -12.81 8.41
N TYR U 32 18.51 -13.47 7.45
CA TYR U 32 18.87 -13.34 6.03
C TYR U 32 18.03 -12.25 5.38
N PRO U 33 18.67 -11.39 4.57
CA PRO U 33 17.92 -10.33 3.90
C PRO U 33 16.89 -10.89 2.94
N ILE U 34 15.82 -10.13 2.75
CA ILE U 34 14.71 -10.52 1.90
C ILE U 34 14.74 -9.60 0.68
N SER U 35 15.19 -10.13 -0.45
CA SER U 35 15.27 -9.36 -1.67
C SER U 35 13.93 -9.38 -2.40
N TRP U 36 13.66 -8.32 -3.16
CA TRP U 36 12.46 -8.17 -3.96
C TRP U 36 12.84 -8.08 -5.42
N VAL U 37 12.31 -9.00 -6.23
CA VAL U 37 12.62 -9.06 -7.66
C VAL U 37 11.34 -8.76 -8.44
N ARG U 38 11.44 -7.90 -9.45
CA ARG U 38 10.31 -7.51 -10.28
C ARG U 38 10.47 -8.18 -11.63
N GLN U 39 9.38 -8.78 -12.12
CA GLN U 39 9.37 -9.45 -13.41
C GLN U 39 8.06 -9.21 -14.14
N ALA U 40 8.13 -8.65 -15.33
CA ALA U 40 6.97 -8.57 -16.17
C ALA U 40 6.64 -10.00 -16.62
N PRO U 41 5.42 -10.26 -17.12
CA PRO U 41 5.09 -11.66 -17.46
C PRO U 41 6.17 -12.33 -18.30
N GLY U 42 6.62 -11.66 -19.36
CA GLY U 42 7.77 -12.05 -20.15
C GLY U 42 8.88 -11.03 -19.98
N GLN U 43 9.73 -11.22 -18.98
CA GLN U 43 10.83 -10.30 -18.75
C GLN U 43 12.03 -11.05 -18.21
N GLY U 44 13.15 -10.35 -18.09
CA GLY U 44 14.29 -10.87 -17.38
C GLY U 44 14.12 -10.45 -15.93
N LEU U 45 14.60 -11.31 -15.03
CA LEU U 45 14.44 -10.99 -13.62
C LEU U 45 15.17 -9.69 -13.32
N GLU U 46 14.57 -8.86 -12.49
CA GLU U 46 15.08 -7.53 -12.21
C GLU U 46 15.00 -7.30 -10.71
N TRP U 47 16.16 -7.29 -10.07
CA TRP U 47 16.25 -7.05 -8.64
C TRP U 47 15.86 -5.62 -8.32
N MET U 48 14.88 -5.45 -7.43
CA MET U 48 14.47 -4.12 -7.03
C MET U 48 15.30 -3.62 -5.86
N GLY U 49 15.45 -4.43 -4.83
CA GLY U 49 16.18 -4.03 -3.66
C GLY U 49 16.13 -5.12 -2.60
N ARG U 50 16.53 -4.77 -1.39
CA ARG U 50 16.55 -5.77 -0.28
C ARG U 50 16.24 -5.10 1.05
N ILE U 51 15.74 -5.87 2.01
CA ILE U 51 15.53 -5.33 3.39
C ILE U 51 16.31 -6.26 4.32
N ILE U 52 17.07 -5.72 5.28
CA ILE U 52 17.89 -6.66 6.10
C ILE U 52 17.33 -6.68 7.53
N PRO U 53 16.99 -7.85 8.09
CA PRO U 53 16.54 -7.95 9.49
C PRO U 53 17.46 -7.59 10.67
N ASP U 54 18.74 -7.99 10.63
CA ASP U 54 19.62 -7.77 11.81
C ASP U 54 19.61 -6.26 12.06
N PRO U 55 20.05 -5.43 11.08
CA PRO U 55 19.97 -3.98 11.16
C PRO U 55 18.77 -3.50 10.34
N PRO U 56 17.92 -2.58 10.82
CA PRO U 56 16.72 -2.28 10.05
C PRO U 56 17.14 -1.29 8.98
N MET U 57 17.82 -1.82 7.96
CA MET U 57 18.33 -1.02 6.82
C MET U 57 17.68 -1.56 5.54
N ALA U 58 17.16 -0.68 4.69
CA ALA U 58 16.58 -1.13 3.40
C ALA U 58 17.41 -0.56 2.24
N ASN U 59 17.82 -1.42 1.30
CA ASN U 59 18.58 -0.95 0.12
C ASN U 59 17.66 -1.02 -1.11
N ILE U 60 17.55 0.09 -1.85
CA ILE U 60 16.63 0.14 -3.03
C ILE U 60 17.39 0.70 -4.24
N ALA U 61 17.14 0.15 -5.43
CA ALA U 61 17.82 0.62 -6.67
C ALA U 61 17.34 2.03 -7.03
N GLN U 62 18.20 2.82 -7.67
CA GLN U 62 17.87 4.23 -8.00
C GLN U 62 16.65 4.27 -8.93
N LYS U 63 16.57 3.34 -9.88
CA LYS U 63 15.44 3.31 -10.84
C LYS U 63 14.14 3.12 -10.05
N PHE U 64 14.15 2.25 -9.05
CA PHE U 64 12.95 1.99 -8.22
C PHE U 64 12.87 2.98 -7.06
N GLN U 65 13.90 3.80 -6.87
CA GLN U 65 13.94 4.73 -5.70
C GLN U 65 12.87 5.81 -5.85
N GLY U 66 12.40 6.37 -4.73
CA GLY U 66 11.39 7.38 -4.74
C GLY U 66 9.97 6.85 -4.66
N ARG U 67 9.74 5.60 -5.04
CA ARG U 67 8.41 5.01 -4.98
C ARG U 67 8.33 3.78 -4.10
N VAL U 68 9.38 2.99 -4.03
CA VAL U 68 9.38 1.75 -3.26
C VAL U 68 9.65 2.06 -1.79
N SER U 69 8.85 1.49 -0.91
CA SER U 69 9.02 1.64 0.54
C SER U 69 8.96 0.25 1.16
N PHE U 70 9.96 -0.08 1.97
CA PHE U 70 10.07 -1.39 2.60
C PHE U 70 9.53 -1.29 4.02
N SER U 71 8.23 -1.47 4.18
CA SER U 71 7.63 -1.55 5.50
C SER U 71 7.57 -3.01 5.95
N ALA U 72 7.37 -3.21 7.26
CA ALA U 72 7.31 -4.57 7.79
C ALA U 72 6.68 -4.54 9.18
N ASP U 73 5.67 -5.39 9.38
CA ASP U 73 5.09 -5.59 10.69
C ASP U 73 5.97 -6.56 11.47
N LYS U 74 6.63 -6.07 12.52
CA LYS U 74 7.52 -6.91 13.31
C LYS U 74 6.78 -8.09 13.93
N SER U 75 5.59 -7.84 14.48
CA SER U 75 4.73 -8.91 14.95
C SER U 75 4.31 -9.76 13.75
N THR U 76 4.37 -11.07 13.91
CA THR U 76 4.13 -12.09 12.88
C THR U 76 5.15 -12.02 11.75
N THR U 77 6.15 -11.14 11.83
CA THR U 77 7.22 -10.96 10.85
C THR U 77 6.71 -11.01 9.40
N ILE U 78 5.91 -10.02 9.03
CA ILE U 78 5.41 -9.87 7.66
C ILE U 78 5.95 -8.57 7.11
N VAL U 79 6.73 -8.66 6.05
CA VAL U 79 7.32 -7.50 5.39
C VAL U 79 6.45 -7.11 4.21
N TYR U 80 6.31 -5.80 4.00
CA TYR U 80 5.48 -5.26 2.93
C TYR U 80 6.30 -4.34 2.05
N MET U 81 6.10 -4.44 0.73
CA MET U 81 6.71 -3.52 -0.22
C MET U 81 5.61 -2.73 -0.90
N GLU U 82 5.67 -1.41 -0.80
CA GLU U 82 4.65 -0.55 -1.38
C GLU U 82 5.25 0.25 -2.51
N LEU U 83 4.75 0.01 -3.73
CA LEU U 83 5.16 0.77 -4.89
C LEU U 83 4.18 1.93 -5.07
N SER U 84 4.65 3.14 -4.80
CA SER U 84 3.80 4.32 -4.84
C SER U 84 3.78 4.92 -6.24
N SER U 85 2.81 5.80 -6.46
CA SER U 85 2.63 6.51 -7.73
C SER U 85 2.64 5.55 -8.92
N LEU U 86 1.69 4.62 -8.90
CA LEU U 86 1.65 3.57 -9.92
C LEU U 86 1.42 4.15 -11.31
N ARG U 87 2.05 3.52 -12.29
CA ARG U 87 1.95 3.92 -13.68
C ARG U 87 1.87 2.67 -14.54
N SER U 88 1.46 2.85 -15.79
CA SER U 88 1.28 1.72 -16.70
C SER U 88 2.52 0.85 -16.80
N GLU U 89 3.70 1.48 -16.82
CA GLU U 89 4.95 0.72 -16.91
C GLU U 89 5.13 -0.21 -15.72
N ASP U 90 4.57 0.14 -14.57
CA ASP U 90 4.74 -0.63 -13.35
C ASP U 90 4.13 -2.02 -13.44
N THR U 91 3.25 -2.27 -14.42
CA THR U 91 2.60 -3.57 -14.55
C THR U 91 3.63 -4.70 -14.65
N ALA U 92 3.67 -5.56 -13.63
CA ALA U 92 4.63 -6.66 -13.58
C ALA U 92 4.25 -7.56 -12.42
N VAL U 93 4.92 -8.71 -12.33
CA VAL U 93 4.80 -9.63 -11.21
C VAL U 93 5.96 -9.37 -10.25
N TYR U 94 5.65 -9.26 -8.97
CA TYR U 94 6.63 -8.90 -7.95
C TYR U 94 6.84 -10.09 -7.01
N PHE U 95 8.09 -10.51 -6.85
CA PHE U 95 8.47 -11.66 -6.05
C PHE U 95 9.32 -11.20 -4.86
N CYS U 96 9.06 -11.80 -3.69
CA CYS U 96 9.95 -11.64 -2.56
C CYS U 96 10.69 -12.94 -2.33
N ALA U 97 12.01 -12.85 -2.15
CA ALA U 97 12.87 -14.03 -2.00
C ALA U 97 13.87 -13.80 -0.89
N ARG U 98 14.29 -14.88 -0.26
CA ARG U 98 15.26 -14.84 0.83
C ARG U 98 16.66 -14.77 0.24
N GLU U 99 17.29 -13.61 0.34
CA GLU U 99 18.65 -13.43 -0.16
C GLU U 99 19.65 -13.94 0.87
N ILE U 100 20.55 -14.80 0.43
CA ILE U 100 21.60 -15.31 1.30
C ILE U 100 22.89 -14.52 1.01
N LEU U 101 22.90 -13.24 1.37
CA LEU U 101 24.08 -12.39 1.19
C LEU U 101 25.30 -12.97 1.90
N GLN U 102 25.18 -13.19 3.21
CA GLN U 102 26.17 -13.97 3.94
C GLN U 102 25.99 -15.45 3.56
N SER U 103 26.88 -16.30 4.09
CA SER U 103 26.77 -17.75 3.97
C SER U 103 27.07 -18.24 2.55
N PRO U 104 27.38 -19.52 2.36
CA PRO U 104 27.86 -20.01 1.04
C PRO U 104 26.87 -19.85 -0.09
N PRO U 105 25.53 -20.00 0.12
CA PRO U 105 24.62 -19.92 -1.03
C PRO U 105 24.84 -18.76 -1.98
N PHE U 106 25.02 -17.54 -1.45
CA PHE U 106 25.30 -16.35 -2.28
C PHE U 106 24.31 -16.22 -3.44
N ALA U 107 23.04 -16.44 -3.13
CA ALA U 107 21.99 -16.44 -4.14
C ALA U 107 20.66 -16.38 -3.41
N VAL U 108 19.59 -16.13 -4.18
CA VAL U 108 18.23 -16.16 -3.66
C VAL U 108 17.70 -17.58 -3.82
N ASP U 109 17.60 -18.31 -2.71
CA ASP U 109 17.19 -19.71 -2.75
C ASP U 109 15.67 -19.87 -2.65
N VAL U 110 15.05 -19.31 -1.62
CA VAL U 110 13.62 -19.48 -1.39
C VAL U 110 12.87 -18.30 -2.03
N TRP U 111 12.06 -18.59 -3.04
CA TRP U 111 11.24 -17.57 -3.69
C TRP U 111 9.82 -17.62 -3.18
N GLY U 112 9.09 -16.54 -3.42
CA GLY U 112 7.71 -16.44 -3.06
C GLY U 112 6.78 -16.73 -4.23
N GLN U 113 5.48 -16.78 -3.91
CA GLN U 113 4.48 -17.09 -4.94
C GLN U 113 4.52 -16.08 -6.07
N GLY U 114 4.55 -14.80 -5.74
CA GLY U 114 4.58 -13.76 -6.74
C GLY U 114 3.24 -13.08 -6.91
N THR U 115 3.14 -11.83 -6.49
CA THR U 115 1.91 -11.06 -6.58
C THR U 115 1.94 -10.24 -7.86
N MET U 116 1.02 -10.55 -8.78
CA MET U 116 0.95 -9.81 -10.04
C MET U 116 0.28 -8.47 -9.83
N VAL U 117 0.95 -7.40 -10.27
CA VAL U 117 0.39 -6.05 -10.18
C VAL U 117 0.21 -5.51 -11.59
N ALA U 118 -1.05 -5.19 -11.92
CA ALA U 118 -1.45 -4.62 -13.20
C ALA U 118 -2.11 -3.27 -13.01
N VAL U 119 -1.77 -2.32 -13.88
CA VAL U 119 -2.36 -0.99 -13.88
C VAL U 119 -3.44 -1.03 -14.96
N SER U 120 -4.69 -0.92 -14.50
CA SER U 120 -5.85 -1.24 -15.32
C SER U 120 -5.99 -0.31 -16.51
N SER U 121 -6.22 0.98 -16.24
CA SER U 121 -6.55 1.94 -17.29
C SER U 121 -7.82 1.48 -18.01
N ALA U 122 -8.71 0.83 -17.26
CA ALA U 122 -9.96 0.30 -17.87
C ALA U 122 -10.91 -0.16 -16.75
N SER U 123 -12.21 -0.19 -17.01
CA SER U 123 -13.19 -0.67 -16.02
C SER U 123 -13.53 -2.14 -16.30
N THR U 124 -13.92 -2.88 -15.28
CA THR U 124 -14.30 -4.31 -15.47
C THR U 124 -15.47 -4.38 -16.45
N LYS U 125 -15.41 -5.32 -17.41
CA LYS U 125 -16.50 -5.46 -18.41
C LYS U 125 -16.80 -6.94 -18.64
N GLY U 126 -18.08 -7.30 -18.74
CA GLY U 126 -18.48 -8.70 -19.00
C GLY U 126 -18.04 -9.13 -20.39
N PRO U 127 -17.78 -10.43 -20.63
CA PRO U 127 -17.28 -10.89 -21.92
C PRO U 127 -18.38 -11.01 -22.98
N SER U 128 -18.05 -10.70 -24.24
CA SER U 128 -19.00 -10.84 -25.35
C SER U 128 -18.58 -12.04 -26.19
N VAL U 129 -19.30 -13.15 -26.02
CA VAL U 129 -18.97 -14.40 -26.72
C VAL U 129 -19.60 -14.38 -28.11
N PHE U 130 -18.80 -14.71 -29.11
CA PHE U 130 -19.26 -14.76 -30.50
C PHE U 130 -18.94 -16.13 -31.10
N PRO U 131 -19.87 -16.75 -31.81
CA PRO U 131 -19.63 -18.11 -32.31
C PRO U 131 -18.72 -18.10 -33.54
N LEU U 132 -17.89 -19.14 -33.63
CA LEU U 132 -17.01 -19.36 -34.78
C LEU U 132 -17.59 -20.54 -35.56
N ALA U 133 -18.32 -20.23 -36.63
CA ALA U 133 -19.03 -21.23 -37.39
C ALA U 133 -18.05 -22.25 -38.01
N PRO U 134 -18.35 -23.54 -37.93
CA PRO U 134 -17.50 -24.57 -38.53
C PRO U 134 -17.73 -24.77 -40.03
N SER U 135 -17.69 -23.67 -40.78
CA SER U 135 -17.90 -23.67 -42.24
C SER U 135 -19.26 -24.34 -42.52
N SER U 136 -19.38 -25.10 -43.61
CA SER U 136 -20.62 -25.79 -43.94
C SER U 136 -20.33 -26.97 -44.86
N LYS U 137 -19.69 -28.02 -44.33
CA LYS U 137 -19.28 -29.17 -45.13
C LYS U 137 -19.55 -30.46 -44.38
N SER U 138 -20.19 -31.42 -45.06
CA SER U 138 -20.49 -32.74 -44.49
C SER U 138 -19.43 -33.73 -44.96
N THR U 139 -18.52 -34.09 -44.06
CA THR U 139 -17.38 -34.94 -44.40
C THR U 139 -17.16 -35.93 -43.26
N GLY U 142 -13.63 -35.75 -41.28
CA GLY U 142 -12.85 -34.60 -41.69
C GLY U 142 -12.74 -33.52 -40.64
N THR U 143 -11.53 -33.07 -40.38
CA THR U 143 -11.29 -32.07 -39.35
C THR U 143 -12.06 -30.79 -39.62
N ALA U 144 -13.07 -30.53 -38.81
CA ALA U 144 -13.86 -29.31 -38.87
C ALA U 144 -13.59 -28.49 -37.62
N ALA U 145 -13.31 -27.20 -37.79
CA ALA U 145 -12.92 -26.33 -36.69
C ALA U 145 -14.06 -25.39 -36.35
N LEU U 146 -14.42 -25.35 -35.06
CA LEU U 146 -15.44 -24.45 -34.55
C LEU U 146 -14.98 -23.93 -33.20
N GLY U 147 -15.61 -22.85 -32.73
CA GLY U 147 -15.18 -22.30 -31.47
C GLY U 147 -15.98 -21.06 -31.08
N CYS U 148 -15.47 -20.39 -30.05
CA CYS U 148 -16.07 -19.19 -29.49
C CYS U 148 -15.01 -18.09 -29.41
N LEU U 149 -15.44 -16.85 -29.66
CA LEU U 149 -14.57 -15.69 -29.59
C LEU U 149 -15.01 -14.87 -28.38
N VAL U 150 -14.28 -15.01 -27.29
CA VAL U 150 -14.50 -14.20 -26.10
C VAL U 150 -13.80 -12.87 -26.30
N LYS U 151 -14.57 -11.77 -26.30
CA LYS U 151 -14.05 -10.45 -26.63
C LYS U 151 -14.55 -9.42 -25.65
N ASP U 152 -13.74 -8.37 -25.46
CA ASP U 152 -14.08 -7.19 -24.67
C ASP U 152 -14.43 -7.54 -23.23
N TYR U 153 -13.45 -8.11 -22.53
CA TYR U 153 -13.57 -8.41 -21.10
C TYR U 153 -12.37 -7.88 -20.34
N PHE U 154 -12.62 -7.49 -19.08
CA PHE U 154 -11.58 -6.98 -18.21
C PHE U 154 -11.89 -7.26 -16.74
N PRO U 155 -10.91 -7.68 -15.94
CA PRO U 155 -9.59 -8.21 -16.35
C PRO U 155 -9.61 -9.74 -16.30
N GLU U 156 -8.52 -10.41 -16.64
CA GLU U 156 -8.45 -11.86 -16.48
C GLU U 156 -8.68 -12.23 -15.02
N PRO U 157 -9.12 -13.48 -14.75
CA PRO U 157 -9.25 -14.60 -15.69
C PRO U 157 -10.65 -14.85 -16.23
N VAL U 158 -10.69 -15.52 -17.37
CA VAL U 158 -11.91 -16.07 -17.94
C VAL U 158 -11.64 -17.54 -18.21
N THR U 159 -12.65 -18.38 -18.03
CA THR U 159 -12.49 -19.81 -18.19
C THR U 159 -13.51 -20.35 -19.18
N VAL U 160 -13.02 -21.03 -20.23
CA VAL U 160 -13.86 -21.55 -21.31
C VAL U 160 -13.73 -23.06 -21.32
N SER U 161 -14.87 -23.75 -21.28
CA SER U 161 -14.94 -25.19 -21.39
C SER U 161 -15.87 -25.56 -22.54
N TRP U 162 -15.75 -26.81 -23.00
CA TRP U 162 -16.52 -27.29 -24.14
C TRP U 162 -17.36 -28.51 -23.73
N ASN U 163 -18.64 -28.46 -24.07
CA ASN U 163 -19.61 -29.50 -23.72
C ASN U 163 -19.59 -29.79 -22.22
N SER U 164 -19.48 -28.71 -21.44
CA SER U 164 -19.49 -28.78 -19.97
C SER U 164 -18.38 -29.70 -19.45
N GLY U 165 -17.20 -29.61 -20.08
CA GLY U 165 -16.06 -30.40 -19.68
C GLY U 165 -15.93 -31.74 -20.37
N ALA U 166 -16.99 -32.21 -21.03
CA ALA U 166 -16.92 -33.49 -21.73
C ALA U 166 -15.95 -33.43 -22.91
N LEU U 167 -15.97 -32.33 -23.65
CA LEU U 167 -15.11 -32.16 -24.82
C LEU U 167 -13.77 -31.60 -24.35
N THR U 168 -12.72 -32.42 -24.43
CA THR U 168 -11.38 -32.05 -23.98
C THR U 168 -10.35 -32.09 -25.11
N SER U 169 -10.26 -33.21 -25.84
CA SER U 169 -9.26 -33.31 -26.88
C SER U 169 -9.63 -32.43 -28.07
N GLY U 170 -8.63 -31.75 -28.63
CA GLY U 170 -8.84 -30.81 -29.70
C GLY U 170 -9.11 -29.39 -29.23
N VAL U 171 -9.52 -29.21 -27.98
CA VAL U 171 -9.80 -27.87 -27.46
C VAL U 171 -8.48 -27.13 -27.27
N HIS U 172 -8.32 -26.03 -28.01
CA HIS U 172 -7.14 -25.17 -27.92
C HIS U 172 -7.56 -23.76 -27.54
N THR U 173 -7.55 -23.48 -26.23
CA THR U 173 -7.83 -22.14 -25.75
C THR U 173 -6.58 -21.29 -25.94
N PHE U 174 -6.70 -20.20 -26.68
CA PHE U 174 -5.54 -19.37 -27.02
C PHE U 174 -5.29 -18.32 -25.96
N PRO U 175 -4.02 -17.94 -25.78
CA PRO U 175 -3.68 -16.94 -24.74
C PRO U 175 -4.41 -15.64 -24.97
N ALA U 176 -4.83 -15.01 -23.88
CA ALA U 176 -5.54 -13.74 -23.97
C ALA U 176 -4.59 -12.67 -24.50
N VAL U 177 -5.13 -11.80 -25.35
CA VAL U 177 -4.36 -10.72 -25.96
C VAL U 177 -5.00 -9.40 -25.56
N LEU U 178 -4.21 -8.51 -24.99
CA LEU U 178 -4.69 -7.18 -24.65
C LEU U 178 -5.00 -6.42 -25.93
N GLN U 179 -6.22 -5.92 -26.05
CA GLN U 179 -6.63 -5.21 -27.26
C GLN U 179 -6.22 -3.75 -27.16
N SER U 180 -6.15 -3.09 -28.31
CA SER U 180 -5.80 -1.67 -28.34
C SER U 180 -6.75 -0.83 -27.50
N SER U 181 -8.00 -1.25 -27.39
CA SER U 181 -8.98 -0.55 -26.55
C SER U 181 -8.60 -0.58 -25.07
N GLY U 182 -7.80 -1.56 -24.65
CA GLY U 182 -7.50 -1.75 -23.25
C GLY U 182 -8.21 -2.92 -22.59
N LEU U 183 -9.03 -3.65 -23.33
CA LEU U 183 -9.72 -4.83 -22.83
C LEU U 183 -9.03 -6.07 -23.37
N TYR U 184 -9.35 -7.21 -22.78
CA TYR U 184 -8.76 -8.48 -23.21
C TYR U 184 -9.72 -9.26 -24.10
N SER U 185 -9.15 -10.16 -24.90
CA SER U 185 -9.91 -11.00 -25.82
C SER U 185 -9.14 -12.28 -26.11
N LEU U 186 -9.85 -13.40 -26.18
CA LEU U 186 -9.24 -14.68 -26.54
C LEU U 186 -10.17 -15.42 -27.49
N SER U 187 -9.60 -16.39 -28.20
CA SER U 187 -10.36 -17.27 -29.08
C SER U 187 -10.07 -18.71 -28.69
N SER U 188 -11.12 -19.50 -28.54
CA SER U 188 -11.02 -20.93 -28.25
C SER U 188 -11.56 -21.72 -29.43
N VAL U 189 -10.76 -22.66 -29.94
CA VAL U 189 -11.16 -23.51 -31.06
C VAL U 189 -11.11 -24.96 -30.62
N VAL U 190 -11.84 -25.80 -31.35
CA VAL U 190 -11.84 -27.25 -31.11
C VAL U 190 -12.03 -27.97 -32.44
N THR U 191 -11.25 -29.02 -32.65
CA THR U 191 -11.32 -29.82 -33.87
C THR U 191 -12.24 -31.01 -33.66
N VAL U 192 -13.28 -31.12 -34.49
CA VAL U 192 -14.26 -32.19 -34.38
C VAL U 192 -14.43 -32.83 -35.75
N PRO U 193 -14.97 -34.05 -35.80
CA PRO U 193 -15.34 -34.63 -37.11
C PRO U 193 -16.47 -33.84 -37.74
N SER U 194 -16.30 -33.50 -39.02
CA SER U 194 -17.32 -32.72 -39.73
C SER U 194 -18.62 -33.49 -39.96
N SER U 195 -18.59 -34.83 -39.90
CA SER U 195 -19.82 -35.59 -40.02
C SER U 195 -20.74 -35.32 -38.84
N SER U 196 -20.18 -35.07 -37.67
CA SER U 196 -20.97 -34.85 -36.48
C SER U 196 -21.52 -33.42 -36.38
N LEU U 197 -21.15 -32.54 -37.31
CA LEU U 197 -21.55 -31.14 -37.22
C LEU U 197 -23.05 -30.99 -36.99
N GLY U 198 -23.86 -31.73 -37.73
CA GLY U 198 -25.31 -31.67 -37.58
C GLY U 198 -25.84 -32.44 -36.39
N THR U 199 -25.31 -33.65 -36.17
CA THR U 199 -25.82 -34.51 -35.10
C THR U 199 -25.36 -34.02 -33.73
N GLN U 200 -24.05 -33.80 -33.56
CA GLN U 200 -23.49 -33.40 -32.28
C GLN U 200 -23.81 -31.94 -31.96
N THR U 201 -24.02 -31.68 -30.67
CA THR U 201 -24.27 -30.34 -30.17
C THR U 201 -23.01 -29.85 -29.45
N TYR U 202 -22.44 -28.77 -29.95
CA TYR U 202 -21.23 -28.20 -29.39
C TYR U 202 -21.60 -26.89 -28.71
N ILE U 203 -21.28 -26.79 -27.42
CA ILE U 203 -21.59 -25.62 -26.60
C ILE U 203 -20.35 -25.23 -25.82
N CYS U 204 -19.98 -23.95 -25.88
CA CYS U 204 -18.83 -23.42 -25.14
C CYS U 204 -19.35 -22.72 -23.88
N ASN U 205 -18.74 -23.03 -22.74
CA ASN U 205 -19.12 -22.45 -21.46
C ASN U 205 -18.02 -21.47 -21.03
N VAL U 206 -18.30 -20.18 -21.12
CA VAL U 206 -17.35 -19.13 -20.76
C VAL U 206 -17.80 -18.52 -19.44
N ASN U 207 -16.86 -18.35 -18.51
CA ASN U 207 -17.14 -17.79 -17.19
C ASN U 207 -16.11 -16.70 -16.89
N HIS U 208 -16.59 -15.49 -16.68
CA HIS U 208 -15.75 -14.35 -16.28
C HIS U 208 -16.07 -14.02 -14.83
N LYS U 209 -15.39 -14.74 -13.93
CA LYS U 209 -15.64 -14.58 -12.50
C LYS U 209 -15.45 -13.15 -11.99
N PRO U 210 -14.43 -12.38 -12.43
CA PRO U 210 -14.38 -10.96 -12.04
C PRO U 210 -15.68 -10.21 -12.27
N SER U 211 -16.27 -10.36 -13.46
CA SER U 211 -17.55 -9.75 -13.73
C SER U 211 -18.72 -10.67 -13.39
N ASN U 212 -18.43 -11.88 -12.89
CA ASN U 212 -19.44 -12.87 -12.54
C ASN U 212 -20.42 -13.11 -13.68
N THR U 213 -19.87 -13.21 -14.90
CA THR U 213 -20.64 -13.41 -16.13
C THR U 213 -20.38 -14.83 -16.64
N LYS U 214 -21.40 -15.69 -16.56
CA LYS U 214 -21.31 -17.07 -17.03
C LYS U 214 -22.21 -17.19 -18.24
N VAL U 215 -21.61 -17.33 -19.42
CA VAL U 215 -22.33 -17.40 -20.68
C VAL U 215 -22.13 -18.78 -21.27
N ASP U 216 -23.23 -19.41 -21.66
CA ASP U 216 -23.18 -20.72 -22.29
C ASP U 216 -23.62 -20.57 -23.75
N LYS U 217 -22.71 -20.01 -24.55
CA LYS U 217 -22.98 -19.85 -25.97
C LYS U 217 -22.93 -21.21 -26.65
N LYS U 218 -23.71 -21.37 -27.70
CA LYS U 218 -23.76 -22.62 -28.43
C LYS U 218 -23.32 -22.38 -29.86
N VAL U 219 -22.53 -23.30 -30.41
CA VAL U 219 -21.98 -23.16 -31.75
C VAL U 219 -22.32 -24.44 -32.50
N GLU U 220 -23.45 -24.41 -33.24
CA GLU U 220 -23.85 -25.55 -34.06
C GLU U 220 -24.37 -25.10 -35.42
N PRO U 221 -23.68 -24.16 -36.13
CA PRO U 221 -24.22 -23.77 -37.44
C PRO U 221 -24.23 -24.92 -38.43
N LEU V 4 42.24 -36.75 35.90
CA LEU V 4 42.81 -36.28 34.63
C LEU V 4 41.72 -35.97 33.61
N THR V 5 41.82 -34.79 33.01
CA THR V 5 40.84 -34.30 32.04
C THR V 5 41.51 -34.21 30.67
N GLN V 6 40.82 -34.69 29.64
CA GLN V 6 41.27 -34.67 28.27
C GLN V 6 40.26 -33.92 27.41
N PRO V 7 40.69 -33.38 26.27
CA PRO V 7 39.71 -32.83 25.32
C PRO V 7 38.77 -33.94 24.85
N ALA V 8 37.50 -33.58 24.66
CA ALA V 8 36.49 -34.58 24.30
C ALA V 8 36.81 -35.21 22.96
N SER V 9 37.13 -34.41 21.96
CA SER V 9 37.43 -34.91 20.63
C SER V 9 38.47 -34.02 19.99
N VAL V 10 39.33 -34.64 19.17
CA VAL V 10 40.37 -33.92 18.44
C VAL V 10 40.35 -34.45 17.02
N SER V 11 39.91 -33.63 16.07
CA SER V 11 39.87 -34.02 14.68
C SER V 11 41.14 -33.54 13.99
N GLY V 12 41.57 -34.28 12.97
CA GLY V 12 42.81 -33.99 12.28
C GLY V 12 42.80 -34.52 10.87
N SER V 13 43.53 -33.84 9.99
CA SER V 13 43.71 -34.26 8.62
C SER V 13 44.78 -35.36 8.51
N PRO V 14 44.63 -36.26 7.54
CA PRO V 14 45.63 -37.31 7.36
C PRO V 14 47.01 -36.75 7.04
N GLY V 15 48.01 -37.20 7.78
CA GLY V 15 49.39 -36.78 7.61
C GLY V 15 49.87 -35.76 8.61
N GLN V 16 48.96 -35.00 9.23
CA GLN V 16 49.33 -33.97 10.19
C GLN V 16 49.54 -34.60 11.57
N SER V 17 49.89 -33.78 12.55
CA SER V 17 50.14 -34.24 13.92
C SER V 17 49.16 -33.56 14.86
N ILE V 18 48.37 -34.36 15.58
CA ILE V 18 47.44 -33.86 16.57
C ILE V 18 48.03 -34.11 17.95
N THR V 19 47.57 -33.34 18.93
CA THR V 19 48.07 -33.47 20.30
C THR V 19 46.90 -33.53 21.27
N ILE V 20 47.03 -34.39 22.28
CA ILE V 20 46.01 -34.59 23.29
C ILE V 20 46.58 -34.16 24.64
N SER V 21 45.87 -33.26 25.31
CA SER V 21 46.27 -32.79 26.62
C SER V 21 45.69 -33.69 27.70
N CYS V 22 46.37 -33.73 28.84
CA CYS V 22 45.96 -34.53 29.98
C CYS V 22 46.18 -33.64 31.20
N THR V 23 45.29 -32.66 31.36
CA THR V 23 45.41 -31.68 32.43
C THR V 23 44.79 -32.23 33.71
N GLY V 24 45.44 -32.00 34.83
CA GLY V 24 44.96 -32.48 36.11
C GLY V 24 44.18 -31.44 36.86
N SER V 25 44.26 -31.50 38.20
CA SER V 25 43.52 -30.57 39.04
C SER V 25 44.45 -29.65 39.84
N SER V 26 45.25 -28.84 39.14
CA SER V 26 46.10 -27.80 39.75
C SER V 26 47.02 -28.37 40.83
N SER V 27 47.46 -29.62 40.65
CA SER V 27 48.30 -30.30 41.62
C SER V 27 49.04 -31.42 40.93
N ASP V 28 50.15 -31.84 41.54
CA ASP V 28 50.96 -32.95 41.04
C ASP V 28 50.56 -34.23 41.78
N VAL V 29 50.35 -35.30 41.02
CA VAL V 29 49.96 -36.59 41.57
C VAL V 29 50.87 -37.65 40.97
N GLY V 30 51.63 -38.32 41.80
CA GLY V 30 52.51 -39.37 41.36
C GLY V 30 54.01 -39.08 41.44
N GLY V 31 54.43 -38.06 42.19
CA GLY V 31 55.83 -37.69 42.18
C GLY V 31 56.23 -37.28 40.79
N SER V 33 56.00 -37.81 37.05
CA SER V 33 54.78 -38.21 36.37
C SER V 33 54.84 -39.64 35.84
N HIS V 34 54.05 -40.51 36.45
CA HIS V 34 53.83 -41.86 35.95
C HIS V 34 52.70 -41.87 34.95
N VAL V 35 52.62 -40.94 34.01
CA VAL V 35 51.43 -40.84 33.19
C VAL V 35 51.64 -41.66 31.93
N SER V 36 50.65 -42.49 31.60
CA SER V 36 50.73 -43.35 30.44
C SER V 36 49.48 -43.12 29.58
N TRP V 37 49.59 -43.48 28.31
CA TRP V 37 48.54 -43.24 27.33
C TRP V 37 48.00 -44.56 26.81
N TYR V 38 46.67 -44.66 26.77
CA TYR V 38 45.98 -45.87 26.35
C TYR V 38 45.12 -45.58 25.12
N GLN V 39 45.11 -46.52 24.19
CA GLN V 39 44.28 -46.44 23.00
C GLN V 39 43.28 -47.58 23.01
N GLN V 40 42.00 -47.24 22.91
CA GLN V 40 40.91 -48.23 22.91
C GLN V 40 40.12 -48.05 21.63
N HIS V 41 40.36 -48.94 20.67
CA HIS V 41 39.58 -48.94 19.45
C HIS V 41 38.18 -49.48 19.74
N PRO V 42 37.17 -49.04 18.99
CA PRO V 42 35.79 -49.45 19.28
C PRO V 42 35.65 -50.97 19.24
N GLY V 43 35.07 -51.53 20.30
CA GLY V 43 34.87 -52.96 20.38
C GLY V 43 36.10 -53.75 20.76
N LYS V 44 37.18 -53.07 21.15
CA LYS V 44 38.41 -53.75 21.54
C LYS V 44 38.85 -53.25 22.92
N VAL V 45 39.77 -53.99 23.52
CA VAL V 45 40.27 -53.71 24.87
C VAL V 45 41.24 -52.53 24.79
N PRO V 46 41.41 -51.77 25.87
CA PRO V 46 42.40 -50.69 25.85
C PRO V 46 43.81 -51.25 25.69
N LYS V 47 44.64 -50.47 25.01
CA LYS V 47 46.02 -50.89 24.73
C LYS V 47 46.97 -49.78 25.17
N LEU V 48 48.02 -50.17 25.89
CA LEU V 48 49.03 -49.22 26.31
C LEU V 48 49.86 -48.78 25.11
N ILE V 49 49.87 -47.48 24.84
CA ILE V 49 50.57 -46.91 23.70
C ILE V 49 51.83 -46.17 24.12
N ILE V 50 51.75 -45.38 25.18
CA ILE V 50 52.89 -44.65 25.71
C ILE V 50 52.90 -44.78 27.21
N SER V 51 54.09 -45.00 27.78
CA SER V 51 54.29 -45.11 29.21
C SER V 51 55.38 -44.13 29.64
N GLU V 52 55.46 -43.89 30.95
CA GLU V 52 56.46 -43.03 31.54
C GLU V 52 56.62 -41.72 30.77
N VAL V 53 55.49 -41.03 30.62
CA VAL V 53 55.41 -39.75 29.92
C VAL V 53 55.69 -39.92 28.43
N SER V 54 56.86 -40.42 28.07
CA SER V 54 57.24 -40.55 26.66
C SER V 54 57.74 -41.93 26.25
N ASN V 55 58.09 -42.80 27.20
CA ASN V 55 58.60 -44.13 26.85
C ASN V 55 57.55 -44.91 26.08
N ARG V 56 57.98 -45.50 24.97
CA ARG V 56 57.08 -46.19 24.06
C ARG V 56 57.24 -47.69 24.22
N PRO V 57 56.21 -48.41 24.68
CA PRO V 57 56.32 -49.88 24.76
C PRO V 57 56.72 -50.47 23.42
N SER V 58 57.43 -51.59 23.48
CA SER V 58 57.87 -52.24 22.26
C SER V 58 56.67 -52.68 21.43
N GLY V 59 56.73 -52.43 20.12
CA GLY V 59 55.64 -52.74 19.24
C GLY V 59 54.69 -51.59 18.97
N ILE V 60 54.91 -50.43 19.58
CA ILE V 60 54.06 -49.26 19.35
C ILE V 60 54.73 -48.36 18.33
N SER V 61 53.93 -47.78 17.44
CA SER V 61 54.46 -46.97 16.35
C SER V 61 55.14 -45.72 16.89
N ASN V 62 56.18 -45.29 16.16
CA ASN V 62 56.94 -44.10 16.56
C ASN V 62 56.15 -42.81 16.37
N ARG V 63 55.01 -42.86 15.67
CA ARG V 63 54.17 -41.68 15.52
C ARG V 63 53.63 -41.18 16.85
N PHE V 64 53.69 -42.01 17.89
CA PHE V 64 53.15 -41.67 19.20
C PHE V 64 54.29 -41.18 20.08
N SER V 65 54.13 -39.98 20.63
CA SER V 65 55.13 -39.36 21.48
C SER V 65 54.47 -38.80 22.73
N GLY V 66 55.30 -38.42 23.71
CA GLY V 66 54.79 -37.90 24.96
C GLY V 66 55.58 -36.73 25.49
N SER V 67 54.89 -35.73 26.04
CA SER V 67 55.50 -34.55 26.61
C SER V 67 54.77 -34.21 27.91
N LYS V 68 55.45 -33.44 28.76
CA LYS V 68 54.91 -33.08 30.07
C LYS V 68 55.26 -31.63 30.35
N SER V 69 54.25 -30.78 30.45
CA SER V 69 54.41 -29.37 30.83
C SER V 69 53.50 -29.07 32.00
N ALA V 70 54.06 -28.50 33.06
CA ALA V 70 53.34 -28.23 34.31
C ALA V 70 52.63 -29.49 34.80
N ASN V 71 51.30 -29.45 34.85
CA ASN V 71 50.51 -30.64 35.18
C ASN V 71 49.76 -31.17 33.98
N THR V 72 50.14 -30.75 32.78
CA THR V 72 49.50 -31.18 31.54
C THR V 72 50.42 -32.13 30.80
N ALA V 73 49.94 -33.35 30.57
CA ALA V 73 50.65 -34.34 29.78
C ALA V 73 50.11 -34.31 28.36
N SER V 74 51.01 -34.39 27.38
CA SER V 74 50.63 -34.23 25.99
C SER V 74 51.00 -35.49 25.21
N LEU V 75 50.03 -36.00 24.45
CA LEU V 75 50.23 -37.13 23.54
C LEU V 75 50.09 -36.61 22.12
N THR V 76 51.16 -36.70 21.33
CA THR V 76 51.17 -36.22 19.96
C THR V 76 51.22 -37.43 19.03
N ILE V 77 50.21 -37.52 18.15
CA ILE V 77 50.16 -38.56 17.13
C ILE V 77 50.55 -37.89 15.83
N SER V 78 51.79 -38.16 15.38
CA SER V 78 52.30 -37.63 14.14
C SER V 78 51.88 -38.50 12.96
N GLY V 79 51.97 -37.94 11.76
CA GLY V 79 51.64 -38.65 10.54
C GLY V 79 50.30 -39.36 10.64
N LEU V 80 49.25 -38.60 10.92
CA LEU V 80 47.93 -39.17 11.17
C LEU V 80 47.51 -40.16 10.10
N GLN V 81 47.10 -41.33 10.54
CA GLN V 81 46.59 -42.38 9.68
C GLN V 81 45.10 -42.55 9.95
N PRO V 82 44.32 -42.96 8.94
CA PRO V 82 42.88 -43.19 9.17
C PRO V 82 42.61 -44.24 10.24
N GLU V 83 43.62 -45.07 10.54
CA GLU V 83 43.55 -46.11 11.54
C GLU V 83 43.74 -45.59 12.95
N ASP V 84 44.27 -44.38 13.08
CA ASP V 84 44.54 -43.81 14.39
C ASP V 84 43.24 -43.46 15.13
N GLU V 85 42.15 -43.24 14.40
CA GLU V 85 40.90 -42.83 15.02
C GLU V 85 40.50 -43.83 16.09
N ALA V 86 40.43 -43.36 17.33
CA ALA V 86 40.02 -44.19 18.46
C ALA V 86 39.84 -43.27 19.66
N ASP V 87 39.42 -43.85 20.78
CA ASP V 87 39.34 -43.13 22.05
C ASP V 87 40.65 -43.29 22.81
N TYR V 88 41.30 -42.17 23.11
CA TYR V 88 42.60 -42.17 23.78
C TYR V 88 42.45 -41.69 25.22
N TYR V 89 43.02 -42.44 26.16
CA TYR V 89 42.94 -42.18 27.59
C TYR V 89 44.34 -42.07 28.21
N CYS V 90 44.52 -41.12 29.11
CA CYS V 90 45.75 -41.01 29.88
C CYS V 90 45.51 -41.47 31.32
N GLY V 91 46.49 -42.17 31.89
CA GLY V 91 46.36 -42.71 33.22
C GLY V 91 47.60 -42.64 34.07
N SER V 92 47.42 -42.39 35.37
CA SER V 92 48.53 -42.36 36.30
C SER V 92 48.01 -42.63 37.71
N TYR V 93 48.92 -42.99 38.60
CA TYR V 93 48.56 -43.16 40.00
C TYR V 93 48.30 -41.81 40.65
N ALA V 94 47.46 -41.83 41.70
CA ALA V 94 46.99 -40.59 42.31
C ALA V 94 47.55 -40.37 43.70
N SER V 95 48.52 -41.18 44.14
CA SER V 95 49.17 -41.00 45.45
C SER V 95 48.13 -40.90 46.57
N THR V 96 47.18 -41.82 46.56
CA THR V 96 46.11 -41.87 47.54
C THR V 96 46.32 -43.06 48.48
N ASN V 97 45.41 -43.20 49.45
CA ASN V 97 45.54 -44.23 50.48
C ASN V 97 45.72 -45.62 49.90
N ILE V 98 44.90 -45.99 48.91
CA ILE V 98 45.02 -47.28 48.25
C ILE V 98 45.65 -47.14 46.86
N LEU V 99 46.31 -46.02 46.59
CA LEU V 99 46.97 -45.74 45.32
C LEU V 99 46.01 -45.99 44.15
N HIS V 100 44.99 -45.15 44.08
CA HIS V 100 44.06 -45.20 42.96
C HIS V 100 44.83 -44.97 41.66
N TYR V 101 44.48 -45.73 40.64
CA TYR V 101 44.95 -45.46 39.28
C TYR V 101 43.87 -44.66 38.57
N VAL V 102 44.13 -43.38 38.37
CA VAL V 102 43.14 -42.47 37.77
C VAL V 102 43.31 -42.48 36.27
N PHE V 103 42.19 -42.65 35.56
CA PHE V 103 42.14 -42.63 34.11
C PHE V 103 41.59 -41.29 33.63
N GLY V 104 42.01 -40.89 32.43
CA GLY V 104 41.54 -39.64 31.87
C GLY V 104 40.12 -39.72 31.34
N THR V 105 39.56 -38.56 31.02
CA THR V 105 38.18 -38.52 30.53
C THR V 105 38.05 -39.24 29.19
N GLY V 106 39.00 -39.03 28.28
CA GLY V 106 38.92 -39.66 26.98
C GLY V 106 38.90 -38.65 25.85
N THR V 107 39.56 -38.99 24.75
CA THR V 107 39.60 -38.13 23.56
C THR V 107 39.27 -38.97 22.34
N LYS V 108 38.20 -38.60 21.63
CA LYS V 108 37.81 -39.29 20.41
C LYS V 108 38.52 -38.61 19.25
N VAL V 109 39.71 -39.09 18.92
CA VAL V 109 40.44 -38.56 17.78
C VAL V 109 39.77 -39.00 16.50
N THR V 110 39.71 -38.09 15.53
CA THR V 110 39.09 -38.38 14.24
C THR V 110 40.02 -37.93 13.13
N VAL V 111 40.34 -38.84 12.21
CA VAL V 111 41.07 -38.50 11.01
C VAL V 111 40.05 -38.36 9.89
N LEU V 112 40.14 -37.25 9.16
CA LEU V 112 39.14 -36.93 8.15
C LEU V 112 39.70 -37.48 6.85
N SER V 113 39.42 -38.76 6.62
CA SER V 113 40.05 -39.49 5.53
C SER V 113 39.37 -39.11 4.22
N ARG V 114 38.03 -39.16 4.22
CA ARG V 114 37.28 -38.90 2.95
C ARG V 114 36.92 -37.42 2.87
N THR V 115 36.26 -37.03 1.77
CA THR V 115 35.88 -35.60 1.59
C THR V 115 34.60 -35.45 2.41
N VAL V 116 34.12 -34.22 2.54
CA VAL V 116 32.90 -33.96 3.35
C VAL V 116 31.67 -34.28 2.52
N ALA V 117 30.63 -34.82 3.13
CA ALA V 117 29.36 -35.12 2.49
C ALA V 117 28.20 -34.63 3.36
N ALA V 118 27.10 -34.26 2.72
CA ALA V 118 25.89 -33.74 3.37
C ALA V 118 24.87 -34.85 3.57
N PRO V 119 24.17 -34.88 4.71
CA PRO V 119 23.21 -35.96 4.95
C PRO V 119 21.96 -35.82 4.08
N SER V 120 21.50 -36.95 3.54
CA SER V 120 20.24 -37.02 2.81
C SER V 120 19.13 -37.21 3.83
N VAL V 121 18.37 -36.14 4.11
CA VAL V 121 17.38 -36.14 5.17
C VAL V 121 16.05 -36.63 4.62
N PHE V 122 15.48 -37.65 5.27
CA PHE V 122 14.19 -38.21 4.90
C PHE V 122 13.39 -38.47 6.18
N ILE V 123 12.15 -37.98 6.23
CA ILE V 123 11.29 -38.14 7.39
C ILE V 123 10.23 -39.19 7.10
N PHE V 124 9.92 -40.02 8.10
CA PHE V 124 8.96 -41.10 7.96
C PHE V 124 7.82 -40.92 8.95
N PRO V 125 6.59 -40.65 8.52
CA PRO V 125 5.48 -40.54 9.46
C PRO V 125 5.20 -41.89 10.12
N PRO V 126 4.61 -41.89 11.30
CA PRO V 126 4.35 -43.17 11.98
C PRO V 126 3.37 -44.01 11.17
N SER V 127 3.65 -45.31 11.11
CA SER V 127 2.77 -46.23 10.41
C SER V 127 1.46 -46.41 11.18
N ASP V 128 0.33 -46.34 10.47
CA ASP V 128 -0.96 -46.48 11.12
C ASP V 128 -1.08 -47.80 11.87
N GLU V 129 -0.41 -48.85 11.39
CA GLU V 129 -0.40 -50.12 12.11
C GLU V 129 0.21 -49.94 13.50
N GLN V 130 1.36 -49.26 13.59
CA GLN V 130 1.94 -48.98 14.90
C GLN V 130 1.05 -48.04 15.70
N LEU V 131 0.40 -47.09 15.01
CA LEU V 131 -0.57 -46.22 15.69
C LEU V 131 -1.66 -47.04 16.37
N LYS V 132 -2.10 -48.13 15.73
CA LYS V 132 -3.09 -49.00 16.34
C LYS V 132 -2.54 -49.66 17.61
N SER V 133 -1.27 -50.05 17.61
CA SER V 133 -0.65 -50.61 18.81
C SER V 133 -0.64 -49.62 19.95
N GLY V 134 -0.60 -48.32 19.65
CA GLY V 134 -0.63 -47.27 20.66
C GLY V 134 0.60 -46.38 20.68
N THR V 135 1.65 -46.69 19.93
CA THR V 135 2.87 -45.90 19.89
C THR V 135 3.06 -45.27 18.51
N ALA V 136 3.65 -44.07 18.49
CA ALA V 136 3.91 -43.35 17.25
C ALA V 136 5.40 -43.06 17.17
N SER V 137 6.07 -43.69 16.20
CA SER V 137 7.52 -43.55 16.03
C SER V 137 7.77 -42.76 14.76
N VAL V 138 8.13 -41.49 14.92
CA VAL V 138 8.54 -40.64 13.80
C VAL V 138 10.04 -40.83 13.60
N VAL V 139 10.42 -41.28 12.42
CA VAL V 139 11.81 -41.61 12.13
C VAL V 139 12.35 -40.57 11.16
N CYS V 140 13.44 -39.91 11.56
CA CYS V 140 14.16 -38.98 10.70
C CYS V 140 15.47 -39.66 10.29
N LEU V 141 15.68 -39.78 8.99
CA LEU V 141 16.81 -40.53 8.47
C LEU V 141 17.84 -39.57 7.86
N LEU V 142 19.07 -39.65 8.36
CA LEU V 142 20.20 -38.93 7.78
C LEU V 142 21.14 -39.96 7.18
N ASN V 143 21.39 -39.88 5.87
CA ASN V 143 22.13 -40.89 5.15
C ASN V 143 23.29 -40.28 4.37
N ASN V 144 24.41 -41.01 4.34
CA ASN V 144 25.61 -40.67 3.57
C ASN V 144 26.12 -39.27 3.91
N PHE V 145 26.47 -39.09 5.19
CA PHE V 145 27.12 -37.87 5.65
C PHE V 145 28.43 -38.21 6.34
N TYR V 146 29.37 -37.28 6.29
CA TYR V 146 30.69 -37.43 6.90
C TYR V 146 31.21 -36.06 7.29
N PRO V 147 31.56 -35.81 8.55
CA PRO V 147 31.67 -36.73 9.71
C PRO V 147 30.43 -36.83 10.62
N ARG V 148 30.62 -37.28 11.86
CA ARG V 148 29.55 -37.49 12.85
C ARG V 148 29.37 -36.30 13.78
N GLU V 149 29.16 -35.10 13.26
CA GLU V 149 28.88 -33.95 14.13
C GLU V 149 27.63 -33.23 13.66
N ALA V 150 26.56 -34.00 13.46
CA ALA V 150 25.29 -33.49 12.95
C ALA V 150 24.30 -33.32 14.09
N LYS V 151 23.50 -32.26 14.01
CA LYS V 151 22.50 -31.94 15.01
C LYS V 151 21.11 -32.10 14.40
N VAL V 152 20.24 -32.85 15.07
CA VAL V 152 18.87 -33.08 14.64
C VAL V 152 17.93 -32.56 15.72
N TRP V 154 13.98 -32.05 16.85
CA TRP V 154 12.60 -32.47 16.63
C TRP V 154 11.67 -31.30 16.97
N LYS V 155 10.97 -30.79 15.96
CA LYS V 155 10.08 -29.65 16.10
C LYS V 155 8.66 -30.12 15.86
N VAL V 156 7.88 -30.19 16.94
CA VAL V 156 6.46 -30.56 16.87
C VAL V 156 5.63 -29.31 17.12
N ASP V 157 4.87 -28.89 16.12
CA ASP V 157 4.09 -27.66 16.17
C ASP V 157 4.96 -26.48 16.58
N ASN V 158 6.13 -26.39 15.93
CA ASN V 158 7.10 -25.33 16.22
C ASN V 158 7.55 -25.35 17.67
N ALA V 159 7.79 -26.54 18.21
CA ALA V 159 8.26 -26.71 19.59
C ALA V 159 9.28 -27.82 19.64
N LEU V 160 10.45 -27.53 20.22
CA LEU V 160 11.52 -28.52 20.30
C LEU V 160 11.15 -29.62 21.30
N GLN V 161 11.43 -30.87 20.91
CA GLN V 161 11.17 -32.04 21.73
C GLN V 161 12.49 -32.67 22.13
N SER V 162 12.70 -32.84 23.43
CA SER V 162 13.94 -33.40 23.95
C SER V 162 13.62 -34.49 24.97
N GLY V 163 14.51 -35.47 25.06
CA GLY V 163 14.33 -36.60 25.94
C GLY V 163 13.52 -37.74 25.37
N ASN V 164 12.96 -37.56 24.17
CA ASN V 164 12.13 -38.58 23.52
C ASN V 164 12.72 -39.04 22.20
N SER V 165 13.99 -38.73 21.92
CA SER V 165 14.63 -39.06 20.66
C SER V 165 15.81 -39.99 20.91
N GLN V 166 15.85 -41.11 20.19
CA GLN V 166 16.96 -42.05 20.25
C GLN V 166 17.56 -42.18 18.87
N GLU V 167 18.90 -42.16 18.79
CA GLU V 167 19.64 -42.14 17.53
C GLU V 167 20.60 -43.31 17.46
N SER V 168 20.88 -43.75 16.24
CA SER V 168 21.86 -44.80 15.99
C SER V 168 22.66 -44.45 14.74
N VAL V 169 23.94 -44.78 14.75
CA VAL V 169 24.86 -44.43 13.67
C VAL V 169 25.60 -45.68 13.19
N THR V 170 25.78 -45.79 11.87
CA THR V 170 26.55 -46.86 11.25
C THR V 170 27.55 -46.30 10.25
N GLU V 171 28.71 -46.95 10.13
CA GLU V 171 29.75 -46.61 9.16
C GLU V 171 29.45 -47.30 7.82
N GLN V 172 29.49 -46.56 6.72
CA GLN V 172 29.24 -47.15 5.40
C GLN V 172 30.50 -47.75 4.79
N ASP V 173 30.94 -48.84 5.41
CA ASP V 173 32.02 -49.71 4.92
C ASP V 173 33.16 -48.83 4.41
N SER V 174 33.70 -49.10 3.22
CA SER V 174 34.55 -48.16 2.50
C SER V 174 33.91 -47.70 1.20
N LYS V 175 32.62 -48.02 1.00
CA LYS V 175 31.95 -47.66 -0.25
C LYS V 175 31.79 -46.16 -0.37
N ASP V 176 31.21 -45.53 0.65
CA ASP V 176 31.19 -44.09 0.78
C ASP V 176 31.98 -43.60 1.98
N SER V 177 32.35 -44.50 2.90
CA SER V 177 32.98 -44.15 4.18
C SER V 177 32.25 -42.99 4.85
N THR V 178 30.93 -42.94 4.67
CA THR V 178 30.06 -41.94 5.24
C THR V 178 29.36 -42.53 6.46
N TYR V 179 28.32 -41.85 6.92
CA TYR V 179 27.61 -42.21 8.14
C TYR V 179 26.12 -42.22 7.87
N SER V 180 25.36 -42.88 8.73
CA SER V 180 23.92 -42.92 8.61
C SER V 180 23.32 -42.81 9.99
N LEU V 181 22.30 -41.96 10.14
CA LEU V 181 21.70 -41.67 11.42
C LEU V 181 20.19 -41.89 11.34
N SER V 182 19.61 -42.43 12.40
CA SER V 182 18.17 -42.66 12.47
C SER V 182 17.65 -42.06 13.78
N SER V 183 17.15 -40.83 13.69
CA SER V 183 16.52 -40.18 14.83
C SER V 183 15.06 -40.61 14.93
N THR V 184 14.70 -41.26 16.04
CA THR V 184 13.36 -41.80 16.24
C THR V 184 12.67 -41.03 17.35
N LEU V 185 11.61 -40.30 17.01
CA LEU V 185 10.79 -39.57 17.97
C LEU V 185 9.57 -40.41 18.30
N THR V 186 9.52 -40.94 19.53
CA THR V 186 8.44 -41.83 19.95
C THR V 186 7.46 -41.06 20.85
N LEU V 187 6.21 -40.99 20.41
CA LEU V 187 5.14 -40.35 21.17
C LEU V 187 3.96 -41.31 21.27
N SER V 188 3.08 -41.06 22.24
CA SER V 188 1.88 -41.87 22.37
C SER V 188 0.89 -41.50 21.27
N LYS V 189 0.02 -42.46 20.92
CA LYS V 189 -0.99 -42.21 19.91
C LYS V 189 -1.82 -40.98 20.25
N ALA V 190 -2.24 -40.87 21.51
CA ALA V 190 -3.02 -39.71 21.95
C ALA V 190 -2.22 -38.42 21.73
N ASP V 191 -1.01 -38.35 22.29
CA ASP V 191 -0.20 -37.16 22.12
C ASP V 191 0.11 -36.90 20.65
N TYR V 192 0.34 -37.97 19.88
CA TYR V 192 0.60 -37.80 18.45
C TYR V 192 -0.57 -37.10 17.77
N GLU V 193 -1.79 -37.57 18.03
CA GLU V 193 -2.98 -36.95 17.45
C GLU V 193 -3.24 -35.55 18.00
N LYS V 194 -2.73 -35.25 19.20
CA LYS V 194 -2.91 -33.92 19.79
C LYS V 194 -2.24 -32.83 18.96
N HIS V 195 -1.23 -33.18 18.18
CA HIS V 195 -0.44 -32.22 17.41
C HIS V 195 -0.64 -32.45 15.92
N LYS V 196 -0.24 -31.45 15.13
CA LYS V 196 -0.41 -31.50 13.69
C LYS V 196 0.91 -31.64 12.94
N VAL V 197 1.81 -30.65 13.06
CA VAL V 197 3.03 -30.57 12.27
C VAL V 197 4.19 -31.25 13.00
N TYR V 198 4.87 -32.16 12.30
CA TYR V 198 6.03 -32.86 12.84
C TYR V 198 7.19 -32.69 11.87
N ALA V 199 8.30 -32.14 12.35
CA ALA V 199 9.47 -31.87 11.54
C ALA V 199 10.74 -32.18 12.31
N CYS V 200 11.81 -32.48 11.57
CA CYS V 200 13.13 -32.72 12.14
C CYS V 200 14.15 -31.84 11.40
N GLU V 201 14.47 -30.70 12.00
CA GLU V 201 15.52 -29.83 11.47
C GLU V 201 16.88 -30.50 11.64
N VAL V 202 17.69 -30.45 10.59
CA VAL V 202 19.01 -31.08 10.57
C VAL V 202 20.04 -30.03 10.20
N THR V 203 21.10 -29.93 11.00
CA THR V 203 22.21 -29.01 10.74
C THR V 203 23.50 -29.80 10.74
N HIS V 204 24.25 -29.69 9.65
CA HIS V 204 25.50 -30.41 9.47
C HIS V 204 26.48 -29.53 8.71
N GLN V 205 27.74 -29.95 8.70
CA GLN V 205 28.79 -29.20 8.02
C GLN V 205 28.57 -29.18 6.51
N GLY V 206 28.16 -30.32 5.94
CA GLY V 206 27.92 -30.37 4.51
C GLY V 206 26.85 -29.40 4.05
N LEU V 207 25.73 -29.35 4.76
CA LEU V 207 24.63 -28.43 4.48
C LEU V 207 24.63 -27.35 5.56
N SER V 208 25.38 -26.28 5.32
CA SER V 208 25.47 -25.20 6.29
C SER V 208 24.09 -24.61 6.59
N SER V 209 23.27 -24.42 5.58
CA SER V 209 21.91 -23.94 5.80
C SER V 209 21.09 -25.06 6.43
N PRO V 210 20.31 -24.78 7.48
CA PRO V 210 19.52 -25.85 8.12
C PRO V 210 18.52 -26.47 7.17
N VAL V 211 18.41 -27.80 7.22
CA VAL V 211 17.54 -28.57 6.34
C VAL V 211 16.61 -29.39 7.21
N THR V 212 15.30 -29.22 7.03
CA THR V 212 14.29 -29.95 7.80
C THR V 212 13.31 -30.62 6.86
N LYS V 213 12.85 -31.80 7.24
CA LYS V 213 11.81 -32.52 6.53
C LYS V 213 10.58 -32.56 7.44
N SER V 214 9.45 -32.04 6.96
CA SER V 214 8.24 -31.91 7.75
C SER V 214 7.11 -32.69 7.11
N PHE V 215 6.20 -33.18 7.95
CA PHE V 215 4.98 -33.84 7.49
C PHE V 215 3.82 -33.39 8.36
N ASN V 216 2.65 -33.21 7.72
CA ASN V 216 1.43 -32.84 8.42
C ASN V 216 0.46 -34.00 8.37
N ARG V 217 -0.14 -34.31 9.52
CA ARG V 217 -1.06 -35.43 9.62
C ARG V 217 -2.50 -34.95 9.78
N VAL W 2 52.27 -63.65 28.34
CA VAL W 2 51.25 -63.41 29.36
C VAL W 2 50.02 -62.77 28.74
N GLN W 3 48.87 -63.43 28.90
CA GLN W 3 47.61 -62.93 28.38
C GLN W 3 46.48 -63.29 29.35
N LEU W 4 45.49 -62.42 29.45
CA LEU W 4 44.38 -62.60 30.38
C LEU W 4 43.11 -63.01 29.62
N VAL W 5 42.40 -63.99 30.17
CA VAL W 5 41.22 -64.57 29.55
C VAL W 5 40.00 -64.23 30.42
N GLN W 6 38.96 -63.70 29.79
CA GLN W 6 37.70 -63.41 30.45
C GLN W 6 36.57 -64.14 29.74
N SER W 7 35.48 -64.35 30.46
CA SER W 7 34.33 -65.06 29.91
C SER W 7 33.53 -64.13 29.01
N GLY W 8 32.50 -64.71 28.36
CA GLY W 8 31.65 -63.93 27.48
C GLY W 8 30.61 -63.12 28.23
N ALA W 9 29.90 -62.28 27.48
CA ALA W 9 28.90 -61.41 28.05
C ALA W 9 27.85 -62.21 28.81
N GLU W 10 27.36 -61.65 29.92
CA GLU W 10 26.41 -62.32 30.80
C GLU W 10 25.31 -61.34 31.16
N VAL W 11 24.08 -61.61 30.70
CA VAL W 11 22.92 -60.81 31.08
C VAL W 11 22.38 -61.34 32.40
N LYS W 12 22.15 -60.43 33.34
CA LYS W 12 21.78 -60.79 34.69
C LYS W 12 20.50 -60.09 35.10
N LYS W 13 19.80 -60.69 36.06
CA LYS W 13 18.56 -60.14 36.62
C LYS W 13 18.90 -59.12 37.70
N PRO W 14 18.15 -58.02 37.77
CA PRO W 14 18.41 -57.02 38.82
C PRO W 14 18.26 -57.62 40.20
N GLY W 15 19.28 -57.39 41.04
CA GLY W 15 19.33 -57.92 42.38
C GLY W 15 20.12 -59.20 42.52
N SER W 16 20.69 -59.72 41.44
CA SER W 16 21.44 -60.97 41.47
C SER W 16 22.91 -60.65 41.71
N SER W 17 23.79 -61.58 41.37
CA SER W 17 25.22 -61.38 41.53
C SER W 17 25.96 -62.12 40.42
N VAL W 18 26.96 -61.47 39.83
CA VAL W 18 27.75 -62.03 38.75
C VAL W 18 29.20 -62.07 39.18
N LYS W 19 29.87 -63.18 38.88
CA LYS W 19 31.28 -63.42 39.22
C LYS W 19 32.07 -63.55 37.93
N VAL W 20 32.57 -62.43 37.42
CA VAL W 20 33.35 -62.44 36.17
C VAL W 20 34.71 -63.08 36.44
N PRO W 21 35.15 -64.03 35.62
CA PRO W 21 36.43 -64.69 35.88
C PRO W 21 37.60 -64.08 35.12
N CYS W 22 38.82 -64.37 35.57
CA CYS W 22 40.03 -63.88 34.92
C CYS W 22 41.12 -64.94 35.05
N LYS W 23 41.56 -65.48 33.91
CA LYS W 23 42.57 -66.54 33.87
C LYS W 23 43.88 -66.01 33.31
N ALA W 24 44.99 -66.50 33.85
CA ALA W 24 46.33 -66.08 33.43
C ALA W 24 46.90 -67.14 32.49
N SER W 25 46.77 -66.91 31.18
CA SER W 25 47.38 -67.78 30.18
C SER W 25 48.84 -67.37 30.01
N GLY W 26 49.75 -68.19 30.51
CA GLY W 26 51.16 -67.87 30.52
C GLY W 26 51.62 -67.10 31.75
N GLY W 27 50.69 -66.45 32.46
CA GLY W 27 51.02 -65.80 33.70
C GLY W 27 50.85 -66.71 34.90
N THR W 28 51.27 -66.24 36.07
CA THR W 28 51.04 -67.06 37.29
C THR W 28 50.49 -66.22 38.44
N PHE W 29 49.96 -65.03 38.16
CA PHE W 29 49.34 -64.21 39.23
C PHE W 29 50.08 -64.48 40.53
N SER W 30 51.40 -64.29 40.55
CA SER W 30 52.10 -64.47 41.84
C SER W 30 53.02 -63.28 42.09
N THR W 31 52.93 -62.24 41.25
CA THR W 31 53.88 -61.15 41.42
C THR W 31 53.22 -59.79 41.22
N TYR W 32 52.66 -59.55 40.04
CA TYR W 32 52.09 -58.25 39.71
C TYR W 32 50.60 -58.22 40.05
N PRO W 33 50.15 -57.13 40.68
CA PRO W 33 48.72 -57.00 41.02
C PRO W 33 47.85 -57.04 39.78
N ILE W 34 46.62 -57.52 39.96
CA ILE W 34 45.64 -57.62 38.88
C ILE W 34 44.55 -56.61 39.17
N SER W 35 44.55 -55.50 38.42
CA SER W 35 43.56 -54.46 38.61
C SER W 35 42.32 -54.77 37.78
N TRP W 36 41.19 -54.26 38.26
CA TRP W 36 39.90 -54.42 37.62
C TRP W 36 39.36 -53.04 37.25
N VAL W 37 39.08 -52.84 35.96
CA VAL W 37 38.56 -51.58 35.46
C VAL W 37 37.16 -51.81 34.91
N ARG W 38 36.22 -50.93 35.26
CA ARG W 38 34.84 -50.99 34.81
C ARG W 38 34.57 -49.87 33.82
N GLN W 39 33.90 -50.19 32.71
CA GLN W 39 33.55 -49.19 31.72
C GLN W 39 32.14 -49.46 31.18
N ALA W 40 31.25 -48.50 31.35
CA ALA W 40 29.95 -48.61 30.72
C ALA W 40 30.12 -48.38 29.22
N PRO W 41 29.18 -48.88 28.40
CA PRO W 41 29.36 -48.76 26.94
C PRO W 41 29.58 -47.33 26.45
N GLY W 42 28.83 -46.36 26.98
CA GLY W 42 29.05 -44.97 26.60
C GLY W 42 29.73 -44.21 27.71
N GLN W 43 30.81 -44.76 28.24
CA GLN W 43 31.53 -44.17 29.36
C GLN W 43 33.04 -44.31 29.15
N GLY W 44 33.80 -43.63 30.00
CA GLY W 44 35.24 -43.80 30.02
C GLY W 44 35.69 -44.84 31.04
N LEU W 45 36.97 -45.20 30.95
CA LEU W 45 37.55 -46.20 31.83
C LEU W 45 37.47 -45.74 33.29
N GLU W 46 37.18 -46.67 34.18
CA GLU W 46 37.02 -46.39 35.61
C GLU W 46 37.65 -47.51 36.43
N TRP W 47 38.73 -47.20 37.14
CA TRP W 47 39.41 -48.19 37.98
C TRP W 47 38.54 -48.58 39.18
N MET W 48 38.29 -49.89 39.32
CA MET W 48 37.50 -50.41 40.43
C MET W 48 38.37 -50.74 41.64
N GLY W 49 39.44 -51.49 41.41
CA GLY W 49 40.30 -51.90 42.50
C GLY W 49 41.41 -52.79 42.01
N ARG W 50 42.10 -53.43 42.96
CA ARG W 50 43.24 -54.32 42.59
C ARG W 50 43.35 -55.48 43.57
N ILE W 51 43.91 -56.61 43.13
CA ILE W 51 44.16 -57.76 44.04
C ILE W 51 45.67 -57.97 44.07
N ILE W 52 46.30 -58.06 45.25
CA ILE W 52 47.79 -58.16 45.34
C ILE W 52 48.21 -59.61 45.57
N PRO W 53 48.82 -60.30 44.58
CA PRO W 53 49.22 -61.70 44.72
C PRO W 53 50.30 -62.06 45.76
N ASP W 54 51.38 -61.27 45.86
CA ASP W 54 52.51 -61.68 46.76
C ASP W 54 51.94 -61.81 48.16
N PRO W 55 51.38 -60.74 48.78
CA PRO W 55 50.67 -60.88 50.05
C PRO W 55 49.17 -60.92 49.76
N PRO W 56 48.40 -61.94 50.19
CA PRO W 56 47.01 -61.98 49.78
C PRO W 56 46.43 -60.66 50.28
N MET W 57 45.84 -59.87 49.39
CA MET W 57 45.30 -58.54 49.76
C MET W 57 44.34 -58.07 48.67
N ALA W 58 43.52 -57.07 48.97
CA ALA W 58 42.63 -56.49 47.94
C ALA W 58 42.44 -55.00 48.22
N ASN W 59 42.42 -54.17 47.19
CA ASN W 59 42.14 -52.73 47.39
C ASN W 59 40.94 -52.37 46.51
N ILE W 60 39.89 -51.79 47.08
CA ILE W 60 38.66 -51.50 46.29
C ILE W 60 38.25 -50.04 46.54
N ALA W 61 37.75 -49.36 45.49
CA ALA W 61 37.28 -47.96 45.63
C ALA W 61 36.06 -47.95 46.54
N GLN W 62 35.86 -46.87 47.30
CA GLN W 62 34.75 -46.86 48.30
C GLN W 62 33.40 -47.01 47.59
N LYS W 63 33.20 -46.35 46.45
CA LYS W 63 31.88 -46.43 45.76
C LYS W 63 31.62 -47.89 45.39
N PHE W 64 32.62 -48.57 44.84
CA PHE W 64 32.50 -50.02 44.51
C PHE W 64 32.34 -50.83 45.79
N GLN W 65 32.99 -50.40 46.88
CA GLN W 65 33.02 -51.20 48.13
C GLN W 65 31.63 -51.64 48.60
N GLY W 66 31.57 -52.74 49.35
CA GLY W 66 30.32 -53.29 49.84
C GLY W 66 29.67 -54.29 48.92
N ARG W 67 30.00 -54.27 47.64
CA ARG W 67 29.45 -55.20 46.67
C ARG W 67 30.51 -56.03 45.96
N VAL W 68 31.68 -55.46 45.70
CA VAL W 68 32.73 -56.16 44.98
C VAL W 68 33.49 -57.06 45.95
N SER W 69 33.74 -58.30 45.55
CA SER W 69 34.52 -59.24 46.34
C SER W 69 35.57 -59.88 45.43
N PHE W 70 36.83 -59.85 45.85
CA PHE W 70 37.95 -60.35 45.05
C PHE W 70 38.31 -61.76 45.52
N SER W 71 37.64 -62.76 44.95
CA SER W 71 37.98 -64.16 45.18
C SER W 71 38.95 -64.66 44.11
N ALA W 72 39.59 -65.78 44.39
CA ALA W 72 40.55 -66.34 43.44
C ALA W 72 40.84 -67.79 43.81
N ASP W 73 40.73 -68.67 42.83
CA ASP W 73 41.12 -70.07 43.00
C ASP W 73 42.63 -70.17 42.85
N LYS W 74 43.33 -70.48 43.93
CA LYS W 74 44.78 -70.59 43.88
C LYS W 74 45.22 -71.65 42.86
N SER W 75 44.54 -72.79 42.83
CA SER W 75 44.78 -73.77 41.78
C SER W 75 44.38 -73.21 40.43
N THR W 76 45.26 -73.39 39.43
CA THR W 76 45.11 -72.85 38.08
C THR W 76 45.18 -71.32 38.06
N THR W 77 45.39 -70.72 39.24
CA THR W 77 45.51 -69.27 39.39
C THR W 77 44.45 -68.52 38.57
N ILE W 78 43.17 -68.67 38.92
CA ILE W 78 42.10 -67.95 38.27
C ILE W 78 41.45 -67.04 39.32
N VAL W 79 41.46 -65.73 39.06
CA VAL W 79 40.89 -64.75 39.97
C VAL W 79 39.48 -64.41 39.50
N TYR W 80 38.56 -64.24 40.46
CA TYR W 80 37.17 -63.92 40.19
C TYR W 80 36.77 -62.65 40.91
N MET W 81 36.02 -61.79 40.23
CA MET W 81 35.43 -60.59 40.84
C MET W 81 33.92 -60.74 40.83
N GLU W 82 33.30 -60.66 42.00
CA GLU W 82 31.87 -60.79 42.14
C GLU W 82 31.26 -59.46 42.55
N LEU W 83 30.43 -58.90 41.68
CA LEU W 83 29.69 -57.69 42.01
C LEU W 83 28.32 -58.10 42.55
N SER W 84 28.12 -57.91 43.84
CA SER W 84 26.89 -58.33 44.49
C SER W 84 25.84 -57.22 44.42
N SER W 85 24.59 -57.61 44.70
CA SER W 85 23.44 -56.72 44.71
C SER W 85 23.38 -55.90 43.42
N LEU W 86 23.25 -56.61 42.30
CA LEU W 86 23.28 -55.97 41.00
C LEU W 86 22.13 -54.98 40.85
N ARG W 87 22.39 -53.88 40.15
CA ARG W 87 21.41 -52.85 39.87
C ARG W 87 21.60 -52.35 38.45
N SER W 88 20.57 -51.67 37.93
CA SER W 88 20.59 -51.22 36.54
C SER W 88 21.83 -50.40 36.22
N GLU W 89 22.26 -49.55 37.15
CA GLU W 89 23.46 -48.74 36.93
C GLU W 89 24.70 -49.60 36.71
N ASP W 90 24.71 -50.79 37.28
CA ASP W 90 25.88 -51.66 37.21
C ASP W 90 26.19 -52.11 35.77
N THR W 91 25.22 -51.98 34.85
CA THR W 91 25.44 -52.43 33.48
C THR W 91 26.67 -51.78 32.86
N ALA W 92 27.69 -52.58 32.57
CA ALA W 92 28.96 -52.10 32.05
C ALA W 92 29.80 -53.29 31.61
N VAL W 93 30.93 -52.99 30.98
CA VAL W 93 31.93 -53.99 30.64
C VAL W 93 33.04 -53.95 31.69
N TYR W 94 33.42 -55.12 32.20
CA TYR W 94 34.39 -55.24 33.28
C TYR W 94 35.66 -55.90 32.76
N PHE W 95 36.80 -55.23 32.95
CA PHE W 95 38.08 -55.70 32.46
C PHE W 95 38.99 -56.05 33.63
N CYS W 96 39.74 -57.13 33.50
CA CYS W 96 40.83 -57.44 34.42
C CYS W 96 42.14 -57.21 33.69
N ALA W 97 43.06 -56.50 34.32
CA ALA W 97 44.32 -56.14 33.71
C ALA W 97 45.46 -56.34 34.70
N ARG W 98 46.64 -56.62 34.18
CA ARG W 98 47.83 -56.81 35.01
C ARG W 98 48.42 -55.45 35.34
N GLU W 99 48.27 -55.02 36.58
CA GLU W 99 48.83 -53.75 37.03
C GLU W 99 50.30 -53.93 37.39
N ILE W 100 51.15 -53.07 36.82
CA ILE W 100 52.57 -53.09 37.14
C ILE W 100 52.84 -51.98 38.15
N LEU W 101 52.33 -52.17 39.38
CA LEU W 101 52.54 -51.19 40.44
C LEU W 101 54.03 -50.94 40.68
N GLN W 102 54.77 -52.01 41.00
CA GLN W 102 56.21 -51.96 41.00
C GLN W 102 56.70 -51.95 39.55
N SER W 103 58.02 -51.83 39.38
CA SER W 103 58.68 -51.94 38.08
C SER W 103 58.40 -50.71 37.21
N PRO W 104 59.21 -50.46 36.19
CA PRO W 104 59.13 -49.20 35.43
C PRO W 104 57.81 -48.97 34.73
N PRO W 105 57.13 -50.01 34.17
CA PRO W 105 55.90 -49.72 33.41
C PRO W 105 54.93 -48.77 34.12
N PHE W 106 54.68 -48.96 35.42
CA PHE W 106 53.81 -48.09 36.21
C PHE W 106 52.47 -47.85 35.51
N ALA W 107 51.90 -48.93 34.97
CA ALA W 107 50.68 -48.87 34.17
C ALA W 107 50.16 -50.28 34.03
N VAL W 108 48.93 -50.38 33.53
CA VAL W 108 48.31 -51.67 33.20
C VAL W 108 48.62 -52.00 31.75
N ASP W 109 49.48 -52.99 31.53
CA ASP W 109 49.93 -53.38 30.20
C ASP W 109 49.00 -54.40 29.55
N VAL W 110 48.76 -55.52 30.22
CA VAL W 110 47.96 -56.61 29.68
C VAL W 110 46.52 -56.45 30.15
N TRP W 111 45.62 -56.21 29.22
CA TRP W 111 44.19 -56.12 29.50
C TRP W 111 43.53 -57.44 29.13
N GLY W 112 42.33 -57.65 29.67
CA GLY W 112 41.56 -58.83 29.37
C GLY W 112 40.49 -58.56 28.32
N GLN W 113 39.84 -59.63 27.87
CA GLN W 113 38.83 -59.50 26.83
C GLN W 113 37.71 -58.57 27.26
N GLY W 114 37.19 -58.76 28.46
CA GLY W 114 36.12 -57.92 28.96
C GLY W 114 34.77 -58.59 28.95
N THR W 115 34.24 -58.88 30.14
CA THR W 115 32.94 -59.54 30.29
C THR W 115 31.86 -58.47 30.49
N MET W 116 30.94 -58.38 29.52
CA MET W 116 29.83 -57.43 29.59
C MET W 116 28.73 -57.97 30.50
N VAL W 117 28.30 -57.15 31.45
CA VAL W 117 27.21 -57.56 32.39
C VAL W 117 26.03 -56.61 32.18
N ALA W 118 24.82 -57.15 32.08
CA ALA W 118 23.62 -56.32 31.79
C ALA W 118 22.49 -56.66 32.76
N VAL W 119 21.99 -55.67 33.50
CA VAL W 119 20.87 -55.88 34.46
C VAL W 119 19.66 -55.08 33.95
N SER W 120 18.52 -55.72 33.71
CA SER W 120 17.38 -55.01 33.06
C SER W 120 16.03 -55.29 33.72
N SER W 121 15.77 -56.52 34.16
CA SER W 121 14.45 -56.91 34.72
C SER W 121 13.46 -57.00 33.57
N ALA W 122 13.97 -56.88 32.35
CA ALA W 122 13.08 -56.92 31.19
C ALA W 122 12.82 -58.38 30.83
N SER W 123 11.56 -58.76 30.78
CA SER W 123 11.23 -60.13 30.34
C SER W 123 11.42 -60.22 28.82
N THR W 124 11.83 -61.38 28.30
CA THR W 124 12.10 -61.50 26.85
C THR W 124 10.81 -61.26 26.07
N LYS W 125 10.88 -60.50 24.97
CA LYS W 125 9.67 -60.19 24.17
C LYS W 125 9.94 -60.34 22.67
N GLY W 126 8.95 -60.81 21.91
CA GLY W 126 9.10 -60.90 20.45
C GLY W 126 9.09 -59.53 19.79
N PRO W 127 9.76 -59.33 18.64
CA PRO W 127 9.83 -58.01 18.00
C PRO W 127 8.56 -57.62 17.24
N SER W 128 8.24 -56.33 17.21
CA SER W 128 7.08 -55.83 16.48
C SER W 128 7.58 -55.04 15.27
N VAL W 129 7.49 -55.63 14.09
CA VAL W 129 8.01 -55.02 12.87
C VAL W 129 6.96 -54.08 12.29
N PHE W 130 7.38 -52.87 11.95
CA PHE W 130 6.50 -51.87 11.36
C PHE W 130 7.11 -51.33 10.07
N PRO W 131 6.33 -51.18 9.02
CA PRO W 131 6.90 -50.75 7.73
C PRO W 131 7.20 -49.26 7.71
N LEU W 132 8.28 -48.91 7.01
CA LEU W 132 8.69 -47.53 6.78
C LEU W 132 8.39 -47.21 5.31
N ALA W 133 7.26 -46.54 5.08
CA ALA W 133 6.81 -46.28 3.72
C ALA W 133 7.81 -45.42 2.95
N PRO W 134 8.15 -45.78 1.70
CA PRO W 134 9.08 -44.98 0.89
C PRO W 134 8.41 -43.78 0.22
N SER W 135 7.71 -42.97 1.01
CA SER W 135 7.00 -41.78 0.52
C SER W 135 6.03 -42.11 -0.60
N GLY W 142 15.64 -41.79 -8.83
CA GLY W 142 15.56 -40.98 -7.64
C GLY W 142 15.67 -41.82 -6.37
N THR W 143 16.60 -41.41 -5.50
CA THR W 143 16.85 -42.14 -4.26
C THR W 143 15.61 -42.18 -3.38
N ALA W 144 14.99 -43.36 -3.26
CA ALA W 144 13.85 -43.56 -2.39
C ALA W 144 14.24 -44.45 -1.22
N ALA W 145 13.90 -44.04 0.00
CA ALA W 145 14.29 -44.73 1.22
C ALA W 145 13.09 -45.44 1.83
N LEU W 146 13.24 -46.73 2.08
CA LEU W 146 12.22 -47.55 2.73
C LEU W 146 12.88 -48.49 3.72
N GLY W 147 12.08 -49.04 4.62
CA GLY W 147 12.66 -49.93 5.61
C GLY W 147 11.64 -50.48 6.57
N CYS W 148 12.15 -51.12 7.62
CA CYS W 148 11.34 -51.76 8.64
C CYS W 148 11.80 -51.27 10.01
N LEU W 149 10.84 -51.11 10.92
CA LEU W 149 11.11 -50.67 12.28
C LEU W 149 10.86 -51.84 13.24
N VAL W 150 11.95 -52.51 13.63
CA VAL W 150 11.87 -53.58 14.61
C VAL W 150 11.84 -52.95 16.00
N LYS W 151 10.75 -53.18 16.74
CA LYS W 151 10.55 -52.49 18.00
C LYS W 151 10.09 -53.46 19.08
N ASP W 152 10.42 -53.12 20.32
CA ASP W 152 9.96 -53.81 21.52
C ASP W 152 10.34 -55.29 21.50
N TYR W 153 11.65 -55.54 21.48
CA TYR W 153 12.18 -56.90 21.53
C TYR W 153 13.28 -57.00 22.59
N PHE W 154 13.38 -58.19 23.19
CA PHE W 154 14.37 -58.45 24.20
C PHE W 154 14.76 -59.93 24.24
N PRO W 155 16.04 -60.24 24.38
CA PRO W 155 17.21 -59.36 24.23
C PRO W 155 17.84 -59.57 22.85
N GLU W 156 18.92 -58.87 22.51
CA GLU W 156 19.64 -59.15 21.28
C GLU W 156 20.10 -60.60 21.26
N PRO W 157 20.35 -61.17 20.06
CA PRO W 157 20.37 -60.51 18.76
C PRO W 157 19.11 -60.67 17.92
N VAL W 158 18.93 -59.72 17.00
CA VAL W 158 17.93 -59.80 15.95
C VAL W 158 18.65 -59.59 14.63
N THR W 159 18.21 -60.28 13.58
CA THR W 159 18.86 -60.21 12.28
C THR W 159 17.85 -59.83 11.21
N VAL W 160 18.16 -58.76 10.47
CA VAL W 160 17.27 -58.24 9.44
C VAL W 160 17.97 -58.34 8.09
N SER W 161 17.31 -58.98 7.13
CA SER W 161 17.78 -59.08 5.76
C SER W 161 16.73 -58.51 4.83
N TRP W 162 17.15 -58.19 3.61
CA TRP W 162 16.27 -57.58 2.61
C TRP W 162 16.20 -58.45 1.38
N ASN W 163 14.98 -58.74 0.93
CA ASN W 163 14.73 -59.60 -0.23
C ASN W 163 15.44 -60.95 -0.08
N SER W 164 15.39 -61.49 1.14
CA SER W 164 15.99 -62.79 1.45
C SER W 164 17.48 -62.81 1.10
N GLY W 165 18.17 -61.72 1.40
CA GLY W 165 19.59 -61.63 1.16
C GLY W 165 19.97 -61.11 -0.21
N ALA W 166 19.03 -61.07 -1.16
CA ALA W 166 19.34 -60.57 -2.50
C ALA W 166 19.71 -59.10 -2.47
N LEU W 167 19.00 -58.30 -1.68
CA LEU W 167 19.25 -56.86 -1.58
C LEU W 167 20.32 -56.62 -0.51
N THR W 168 21.50 -56.18 -0.96
CA THR W 168 22.63 -55.93 -0.08
C THR W 168 23.08 -54.47 -0.10
N SER W 169 23.30 -53.91 -1.28
CA SER W 169 23.78 -52.53 -1.37
C SER W 169 22.67 -51.56 -0.98
N GLY W 170 23.03 -50.56 -0.19
CA GLY W 170 22.08 -49.61 0.33
C GLY W 170 21.48 -49.99 1.67
N VAL W 171 21.55 -51.27 2.03
CA VAL W 171 20.99 -51.75 3.29
C VAL W 171 21.83 -51.24 4.44
N HIS W 172 21.22 -50.45 5.32
CA HIS W 172 21.88 -49.90 6.50
C HIS W 172 21.11 -50.38 7.74
N THR W 173 21.57 -51.48 8.32
CA THR W 173 21.01 -51.95 9.58
C THR W 173 21.57 -51.11 10.72
N PHE W 174 20.70 -50.45 11.45
CA PHE W 174 21.17 -49.54 12.49
C PHE W 174 21.34 -50.25 13.83
N PRO W 175 22.29 -49.78 14.64
CA PRO W 175 22.53 -50.41 15.94
C PRO W 175 21.30 -50.36 16.84
N ALA W 176 21.12 -51.43 17.61
CA ALA W 176 19.99 -51.49 18.52
C ALA W 176 20.14 -50.44 19.61
N VAL W 177 19.02 -49.83 19.98
CA VAL W 177 18.99 -48.80 21.02
C VAL W 177 18.06 -49.28 22.12
N LEU W 178 18.56 -49.29 23.36
CA LEU W 178 17.73 -49.65 24.49
C LEU W 178 16.68 -48.59 24.73
N GLN W 179 15.42 -49.00 24.80
CA GLN W 179 14.34 -48.04 25.01
C GLN W 179 14.18 -47.78 26.51
N SER W 180 13.53 -46.67 26.84
CA SER W 180 13.26 -46.34 28.23
C SER W 180 12.45 -47.43 28.91
N SER W 181 11.60 -48.12 28.16
CA SER W 181 10.82 -49.22 28.70
C SER W 181 11.69 -50.37 29.18
N GLY W 182 12.91 -50.49 28.67
CA GLY W 182 13.76 -51.62 28.96
C GLY W 182 13.88 -52.63 27.85
N LEU W 183 13.22 -52.41 26.73
CA LEU W 183 13.30 -53.26 25.55
C LEU W 183 14.17 -52.59 24.49
N TYR W 184 14.59 -53.38 23.51
CA TYR W 184 15.41 -52.88 22.42
C TYR W 184 14.59 -52.61 21.17
N SER W 185 15.13 -51.75 20.30
CA SER W 185 14.48 -51.39 19.05
C SER W 185 15.53 -50.92 18.05
N LEU W 186 15.36 -51.32 16.79
CA LEU W 186 16.26 -50.87 15.73
C LEU W 186 15.44 -50.53 14.49
N SER W 187 16.05 -49.78 13.58
CA SER W 187 15.45 -49.44 12.30
C SER W 187 16.42 -49.86 11.20
N SER W 188 15.90 -50.56 10.19
CA SER W 188 16.68 -50.95 9.03
C SER W 188 16.12 -50.23 7.81
N VAL W 189 17.00 -49.51 7.09
CA VAL W 189 16.59 -48.77 5.90
C VAL W 189 17.39 -49.24 4.70
N VAL W 190 16.86 -48.97 3.51
CA VAL W 190 17.53 -49.32 2.26
C VAL W 190 17.19 -48.25 1.22
N THR W 191 18.21 -47.82 0.47
CA THR W 191 18.05 -46.84 -0.59
C THR W 191 17.85 -47.56 -1.92
N VAL W 192 16.72 -47.28 -2.58
CA VAL W 192 16.39 -47.93 -3.85
C VAL W 192 15.97 -46.86 -4.85
N PRO W 193 16.01 -47.17 -6.14
CA PRO W 193 15.47 -46.23 -7.14
C PRO W 193 13.96 -46.10 -6.98
N SER W 194 13.48 -44.85 -7.00
CA SER W 194 12.05 -44.60 -6.84
C SER W 194 11.23 -45.11 -8.02
N SER W 195 11.86 -45.34 -9.17
CA SER W 195 11.15 -45.90 -10.31
C SER W 195 10.70 -47.34 -10.04
N SER W 196 11.50 -48.10 -9.30
CA SER W 196 11.21 -49.50 -9.01
C SER W 196 10.24 -49.68 -7.84
N LEU W 197 9.82 -48.60 -7.18
CA LEU W 197 8.94 -48.71 -6.01
C LEU W 197 7.71 -49.57 -6.30
N GLY W 198 7.03 -49.29 -7.42
CA GLY W 198 5.86 -50.06 -7.77
C GLY W 198 6.18 -51.42 -8.35
N THR W 199 7.14 -51.47 -9.27
CA THR W 199 7.46 -52.71 -9.95
C THR W 199 8.21 -53.67 -9.03
N GLN W 200 9.30 -53.21 -8.42
CA GLN W 200 10.07 -54.06 -7.52
C GLN W 200 9.38 -54.22 -6.18
N THR W 201 9.44 -55.43 -5.65
CA THR W 201 8.85 -55.78 -4.35
C THR W 201 9.97 -55.99 -3.34
N TYR W 202 9.95 -55.20 -2.26
CA TYR W 202 10.96 -55.25 -1.23
C TYR W 202 10.35 -55.83 0.04
N ILE W 203 10.98 -56.88 0.57
CA ILE W 203 10.50 -57.57 1.77
C ILE W 203 11.67 -57.71 2.74
N CYS W 204 11.46 -57.31 3.99
CA CYS W 204 12.47 -57.40 5.03
C CYS W 204 12.22 -58.64 5.88
N ASN W 205 13.29 -59.41 6.11
CA ASN W 205 13.22 -60.65 6.88
C ASN W 205 13.89 -60.43 8.22
N VAL W 206 13.10 -60.34 9.29
CA VAL W 206 13.59 -60.12 10.65
C VAL W 206 13.45 -61.42 11.42
N ASN W 207 14.50 -61.79 12.14
CA ASN W 207 14.52 -63.03 12.92
C ASN W 207 15.03 -62.73 14.32
N HIS W 208 14.21 -63.01 15.33
CA HIS W 208 14.57 -62.87 16.74
C HIS W 208 14.74 -64.28 17.32
N LYS W 209 15.93 -64.83 17.14
CA LYS W 209 16.19 -66.20 17.59
C LYS W 209 15.94 -66.41 19.08
N PRO W 210 16.31 -65.50 19.99
CA PRO W 210 15.93 -65.67 21.40
C PRO W 210 14.44 -65.96 21.60
N SER W 211 13.56 -65.22 20.96
CA SER W 211 12.13 -65.46 21.04
C SER W 211 11.64 -66.38 19.92
N ASN W 212 12.55 -66.84 19.05
CA ASN W 212 12.23 -67.71 17.93
C ASN W 212 11.09 -67.13 17.10
N THR W 213 11.16 -65.82 16.85
CA THR W 213 10.16 -65.08 16.09
C THR W 213 10.78 -64.64 14.76
N LYS W 214 10.33 -65.25 13.66
CA LYS W 214 10.80 -64.91 12.32
C LYS W 214 9.66 -64.26 11.56
N VAL W 215 9.77 -62.96 11.31
CA VAL W 215 8.73 -62.18 10.64
C VAL W 215 9.28 -61.69 9.31
N ASP W 216 8.52 -61.89 8.23
CA ASP W 216 8.90 -61.42 6.90
C ASP W 216 7.94 -60.32 6.49
N LYS W 217 8.16 -59.14 7.07
CA LYS W 217 7.32 -57.98 6.76
C LYS W 217 7.64 -57.45 5.37
N LYS W 218 6.61 -56.84 4.76
CA LYS W 218 6.70 -56.29 3.41
C LYS W 218 6.43 -54.79 3.44
N VAL W 219 7.11 -54.06 2.55
CA VAL W 219 7.09 -52.60 2.54
C VAL W 219 6.61 -52.13 1.17
N GLU W 220 5.62 -51.25 1.18
CA GLU W 220 5.02 -50.71 -0.02
C GLU W 220 4.93 -49.20 0.08
N PRO W 221 4.73 -48.51 -1.06
CA PRO W 221 4.71 -47.03 -1.03
C PRO W 221 3.60 -46.46 -0.18
N LYS W 222 2.35 -46.74 -0.52
CA LYS W 222 1.20 -46.26 0.26
C LYS W 222 1.22 -44.74 0.42
N GLN X 1 9.66 -52.15 -24.37
CA GLN X 1 9.71 -53.08 -23.25
C GLN X 1 10.18 -54.45 -23.70
N VAL X 2 9.51 -55.01 -24.71
CA VAL X 2 9.86 -56.32 -25.27
C VAL X 2 10.22 -56.13 -26.73
N GLN X 3 10.89 -57.14 -27.29
CA GLN X 3 11.41 -57.03 -28.64
C GLN X 3 11.70 -58.43 -29.17
N LEU X 4 11.64 -58.56 -30.49
CA LEU X 4 11.86 -59.83 -31.17
C LEU X 4 13.07 -59.72 -32.09
N VAL X 5 13.92 -60.75 -32.07
CA VAL X 5 15.17 -60.76 -32.80
C VAL X 5 15.13 -61.89 -33.82
N GLN X 6 15.63 -61.62 -35.02
CA GLN X 6 15.69 -62.59 -36.09
C GLN X 6 17.09 -62.69 -36.64
N SER X 7 17.32 -63.69 -37.49
CA SER X 7 18.63 -63.91 -38.09
C SER X 7 18.80 -62.98 -39.29
N GLY X 8 19.85 -63.23 -40.08
CA GLY X 8 20.13 -62.42 -41.25
C GLY X 8 19.66 -63.07 -42.55
N ALA X 9 19.83 -62.33 -43.64
CA ALA X 9 19.45 -62.82 -44.96
C ALA X 9 20.22 -64.09 -45.31
N GLU X 10 19.51 -65.08 -45.83
CA GLU X 10 20.06 -66.41 -46.09
C GLU X 10 19.63 -66.87 -47.47
N VAL X 11 20.61 -67.12 -48.34
CA VAL X 11 20.35 -67.72 -49.65
C VAL X 11 20.30 -69.23 -49.48
N LYS X 12 19.19 -69.85 -49.87
CA LYS X 12 18.97 -71.27 -49.68
C LYS X 12 18.90 -71.98 -51.03
N LYS X 13 19.42 -73.21 -51.06
CA LYS X 13 19.42 -73.98 -52.29
C LYS X 13 17.99 -74.38 -52.66
N PRO X 14 17.66 -74.42 -53.94
CA PRO X 14 16.33 -74.90 -54.35
C PRO X 14 16.10 -76.32 -53.86
N GLY X 15 14.96 -76.52 -53.21
CA GLY X 15 14.60 -77.82 -52.67
C GLY X 15 15.09 -78.10 -51.27
N SER X 16 15.70 -77.11 -50.61
CA SER X 16 16.22 -77.29 -49.26
C SER X 16 15.15 -76.89 -48.26
N SER X 17 15.54 -76.67 -47.00
CA SER X 17 14.60 -76.32 -45.95
C SER X 17 15.29 -75.33 -45.02
N VAL X 18 14.75 -74.12 -44.94
CA VAL X 18 15.27 -73.06 -44.07
C VAL X 18 14.41 -72.99 -42.82
N LYS X 19 15.06 -72.88 -41.66
CA LYS X 19 14.39 -72.76 -40.37
C LYS X 19 14.74 -71.39 -39.80
N VAL X 20 13.87 -70.41 -40.02
CA VAL X 20 14.14 -69.04 -39.57
C VAL X 20 13.83 -68.95 -38.07
N PRO X 21 14.74 -68.38 -37.28
CA PRO X 21 14.52 -68.31 -35.83
C PRO X 21 13.89 -67.00 -35.39
N CYS X 22 13.50 -66.93 -34.12
CA CYS X 22 12.89 -65.72 -33.57
C CYS X 22 13.20 -65.68 -32.08
N LYS X 23 14.09 -64.77 -31.68
CA LYS X 23 14.50 -64.62 -30.29
C LYS X 23 13.59 -63.65 -29.55
N ALA X 24 13.36 -63.92 -28.28
CA ALA X 24 12.45 -63.12 -27.45
C ALA X 24 13.26 -62.38 -26.39
N SER X 25 13.57 -61.11 -26.66
CA SER X 25 14.25 -60.26 -25.68
C SER X 25 13.20 -59.49 -24.89
N GLY X 26 13.17 -59.72 -23.58
CA GLY X 26 12.16 -59.13 -22.73
C GLY X 26 10.98 -60.01 -22.41
N GLY X 27 10.98 -61.26 -22.85
CA GLY X 27 9.90 -62.19 -22.57
C GLY X 27 10.13 -63.58 -23.11
N SER X 30 5.09 -66.99 -23.91
CA SER X 30 4.26 -67.86 -23.08
C SER X 30 2.87 -67.26 -22.81
N THR X 31 2.51 -66.14 -23.43
CA THR X 31 1.22 -65.52 -23.19
C THR X 31 0.49 -65.23 -24.50
N PRO X 33 0.13 -65.20 -28.77
CA PRO X 33 0.55 -65.99 -29.94
C PRO X 33 1.54 -65.23 -30.80
N ILE X 34 2.36 -65.98 -31.52
CA ILE X 34 3.39 -65.43 -32.39
C ILE X 34 2.99 -65.72 -33.82
N SER X 35 2.61 -64.67 -34.55
CA SER X 35 2.23 -64.78 -35.95
C SER X 35 3.44 -64.53 -36.84
N TRP X 36 3.49 -65.25 -37.95
CA TRP X 36 4.55 -65.13 -38.94
C TRP X 36 3.97 -64.58 -40.23
N VAL X 37 4.56 -63.51 -40.73
CA VAL X 37 4.07 -62.82 -41.92
C VAL X 37 5.17 -62.84 -42.98
N ARG X 38 4.80 -63.16 -44.22
CA ARG X 38 5.72 -63.26 -45.33
C ARG X 38 5.40 -62.21 -46.39
N GLN X 39 6.43 -61.52 -46.88
CA GLN X 39 6.28 -60.52 -47.92
C GLN X 39 7.30 -60.77 -49.02
N ALA X 40 6.83 -61.12 -50.20
CA ALA X 40 7.71 -61.35 -51.33
C ALA X 40 8.15 -60.02 -51.94
N PRO X 41 9.35 -59.98 -52.56
CA PRO X 41 9.86 -58.78 -53.22
C PRO X 41 8.92 -58.22 -54.28
N GLN X 43 5.93 -56.94 -52.39
CA GLN X 43 4.50 -57.07 -52.72
C GLN X 43 3.61 -56.60 -51.57
N GLY X 44 3.17 -57.54 -50.75
CA GLY X 44 2.29 -57.22 -49.63
C GLY X 44 2.42 -58.21 -48.51
N LEU X 45 2.06 -57.76 -47.31
CA LEU X 45 2.11 -58.61 -46.13
C LEU X 45 1.11 -59.76 -46.26
N GLU X 46 1.53 -60.95 -45.83
CA GLU X 46 0.72 -62.16 -45.96
C GLU X 46 0.87 -63.00 -44.71
N TRP X 47 -0.22 -63.13 -43.94
CA TRP X 47 -0.18 -63.91 -42.67
C TRP X 47 0.02 -65.40 -42.96
N MET X 48 1.25 -65.89 -42.83
CA MET X 48 1.55 -67.33 -43.06
C MET X 48 0.80 -68.21 -42.06
N GLY X 49 0.79 -67.82 -40.78
CA GLY X 49 0.13 -68.63 -39.74
C GLY X 49 0.45 -68.10 -38.35
N ARG X 50 0.04 -68.85 -37.31
CA ARG X 50 0.29 -68.40 -35.92
C ARG X 50 0.57 -69.61 -35.01
N ILE X 51 1.35 -69.40 -33.94
CA ILE X 51 1.59 -70.49 -32.94
C ILE X 51 1.19 -69.91 -31.58
N ILE X 52 0.36 -70.62 -30.80
CA ILE X 52 -0.18 -70.06 -29.52
C ILE X 52 0.50 -70.72 -28.32
N PRO X 53 1.33 -70.00 -27.54
CA PRO X 53 2.08 -70.60 -26.42
C PRO X 53 1.37 -71.21 -25.19
N ASP X 54 0.30 -70.59 -24.65
CA ASP X 54 -0.27 -71.13 -23.38
C ASP X 54 -0.67 -72.58 -23.65
N PRO X 55 -1.57 -72.88 -24.61
CA PRO X 55 -1.82 -74.25 -25.05
C PRO X 55 -1.09 -74.39 -26.39
N PRO X 56 -0.26 -75.42 -26.64
CA PRO X 56 0.49 -75.37 -27.88
C PRO X 56 -0.56 -75.39 -28.99
N MET X 57 -0.42 -74.52 -29.98
CA MET X 57 -1.32 -74.57 -31.17
C MET X 57 -0.54 -74.18 -32.41
N ALA X 58 -0.90 -74.70 -33.58
CA ALA X 58 -0.31 -74.19 -34.84
C ALA X 58 -1.46 -73.79 -35.76
N ASN X 59 -1.44 -72.62 -36.39
CA ASN X 59 -2.52 -72.33 -37.37
C ASN X 59 -1.89 -71.82 -38.67
N ILE X 60 -1.24 -72.71 -39.42
CA ILE X 60 -0.66 -72.34 -40.75
C ILE X 60 -1.78 -72.08 -41.76
N ALA X 61 -1.60 -71.13 -42.68
CA ALA X 61 -2.61 -70.95 -43.76
C ALA X 61 -2.48 -72.15 -44.69
N GLN X 62 -3.59 -72.63 -45.27
CA GLN X 62 -3.52 -73.87 -46.09
C GLN X 62 -2.53 -73.66 -47.23
N LYS X 63 -2.53 -72.48 -47.85
CA LYS X 63 -1.53 -72.18 -48.91
C LYS X 63 -0.13 -72.51 -48.37
N PHE X 64 0.09 -72.37 -47.07
CA PHE X 64 1.43 -72.59 -46.47
C PHE X 64 1.51 -73.98 -45.81
N GLN X 65 0.36 -74.61 -45.55
CA GLN X 65 0.36 -75.91 -44.89
C GLN X 65 1.08 -76.95 -45.75
N GLY X 66 1.70 -77.92 -45.07
CA GLY X 66 2.45 -78.96 -45.72
C GLY X 66 3.93 -78.71 -45.82
N ARG X 67 4.36 -77.44 -45.77
CA ARG X 67 5.77 -77.09 -45.78
C ARG X 67 6.19 -76.34 -44.52
N VAL X 68 5.34 -75.43 -44.03
CA VAL X 68 5.65 -74.70 -42.81
C VAL X 68 5.54 -75.64 -41.62
N SER X 69 6.47 -75.52 -40.68
CA SER X 69 6.47 -76.32 -39.46
C SER X 69 6.94 -75.44 -38.31
N PHE X 70 6.00 -75.03 -37.47
CA PHE X 70 6.31 -74.15 -36.35
C PHE X 70 6.91 -74.96 -35.20
N SER X 71 8.16 -74.65 -34.84
CA SER X 71 8.87 -75.28 -33.74
C SER X 71 9.36 -74.21 -32.78
N ALA X 72 9.68 -74.65 -31.55
CA ALA X 72 10.15 -73.73 -30.53
C ALA X 72 11.14 -74.42 -29.61
N ASP X 73 12.17 -73.68 -29.22
CA ASP X 73 13.15 -74.19 -28.28
C ASP X 73 12.53 -74.41 -26.91
N LYS X 74 12.92 -75.51 -26.26
CA LYS X 74 12.32 -75.84 -24.98
C LYS X 74 12.67 -74.78 -23.93
N SER X 75 13.88 -74.25 -23.99
CA SER X 75 14.29 -73.18 -23.10
C SER X 75 14.84 -72.02 -23.91
N THR X 76 14.99 -70.88 -23.25
CA THR X 76 15.52 -69.60 -23.75
C THR X 76 14.54 -68.88 -24.67
N THR X 77 13.31 -69.38 -24.82
CA THR X 77 12.23 -68.66 -25.52
C THR X 77 12.64 -68.26 -26.94
N ILE X 78 13.04 -69.25 -27.73
CA ILE X 78 13.34 -69.05 -29.14
C ILE X 78 12.42 -69.95 -29.95
N VAL X 79 11.69 -69.36 -30.90
CA VAL X 79 10.76 -70.08 -31.75
C VAL X 79 11.30 -70.11 -33.18
N TYR X 80 11.06 -71.22 -33.87
CA TYR X 80 11.60 -71.46 -35.20
C TYR X 80 10.48 -71.88 -36.14
N MET X 81 10.44 -71.26 -37.32
CA MET X 81 9.57 -71.68 -38.40
C MET X 81 10.43 -72.27 -39.51
N GLU X 82 10.11 -73.49 -39.95
CA GLU X 82 10.84 -74.16 -41.00
C GLU X 82 9.93 -74.34 -42.22
N LEU X 83 10.37 -73.79 -43.36
CA LEU X 83 9.64 -73.92 -44.61
C LEU X 83 10.35 -74.99 -45.46
N SER X 84 9.73 -76.16 -45.56
CA SER X 84 10.29 -77.28 -46.30
C SER X 84 9.99 -77.14 -47.79
N SER X 85 10.70 -77.94 -48.59
CA SER X 85 10.50 -78.00 -50.04
C SER X 85 10.58 -76.62 -50.68
N LEU X 86 11.72 -75.96 -50.46
CA LEU X 86 11.89 -74.60 -50.94
C LEU X 86 11.84 -74.54 -52.45
N ARG X 87 11.05 -73.62 -52.99
CA ARG X 87 10.91 -73.41 -54.42
C ARG X 87 11.17 -71.94 -54.74
N SER X 88 11.25 -71.63 -56.03
CA SER X 88 11.54 -70.26 -56.45
C SER X 88 10.47 -69.29 -55.97
N GLU X 89 9.23 -69.76 -55.80
CA GLU X 89 8.17 -68.90 -55.26
C GLU X 89 8.38 -68.58 -53.80
N ASP X 90 9.10 -69.43 -53.06
CA ASP X 90 9.36 -69.21 -51.65
C ASP X 90 10.33 -68.06 -51.38
N THR X 91 10.88 -67.42 -52.41
CA THR X 91 11.80 -66.30 -52.22
C THR X 91 11.04 -65.10 -51.66
N ALA X 92 11.25 -64.81 -50.38
CA ALA X 92 10.53 -63.75 -49.70
C ALA X 92 11.24 -63.42 -48.38
N VAL X 93 10.76 -62.38 -47.72
CA VAL X 93 11.24 -61.96 -46.41
C VAL X 93 10.22 -62.38 -45.38
N TYR X 94 10.68 -62.98 -44.29
CA TYR X 94 9.79 -63.60 -43.30
C TYR X 94 9.96 -62.88 -41.96
N PHE X 95 8.87 -62.37 -41.42
CA PHE X 95 8.85 -61.64 -40.16
C PHE X 95 8.12 -62.45 -39.10
N CYS X 96 8.67 -62.48 -37.89
CA CYS X 96 7.96 -63.03 -36.75
C CYS X 96 7.47 -61.88 -35.88
N ALA X 97 6.21 -61.95 -35.46
CA ALA X 97 5.60 -60.86 -34.73
C ALA X 97 4.79 -61.40 -33.57
N ARG X 98 4.73 -60.62 -32.48
CA ARG X 98 3.91 -60.98 -31.33
C ARG X 98 2.47 -60.59 -31.62
N GLU X 99 1.62 -61.59 -31.81
CA GLU X 99 0.20 -61.36 -32.06
C GLU X 99 -0.54 -61.19 -30.75
N ILE X 100 -1.25 -60.09 -30.60
CA ILE X 100 -2.09 -59.87 -29.44
C ILE X 100 -3.51 -60.31 -29.78
N LEU X 101 -3.72 -61.62 -29.87
CA LEU X 101 -5.02 -62.15 -30.28
C LEU X 101 -6.11 -61.73 -29.29
N GLN X 102 -5.96 -62.07 -28.03
CA GLN X 102 -6.80 -61.51 -26.98
C GLN X 102 -6.29 -60.10 -26.69
N SER X 103 -6.86 -59.43 -25.67
CA SER X 103 -6.39 -58.11 -25.23
C SER X 103 -6.67 -57.03 -26.27
N PRO X 104 -6.71 -55.76 -25.87
CA PRO X 104 -7.24 -54.70 -26.74
C PRO X 104 -6.49 -54.54 -28.06
N PRO X 105 -5.16 -54.64 -28.09
CA PRO X 105 -4.45 -54.38 -29.37
C PRO X 105 -5.06 -55.09 -30.57
N PHE X 106 -5.40 -56.37 -30.45
CA PHE X 106 -6.01 -57.13 -31.56
C PHE X 106 -5.20 -56.98 -32.84
N ALA X 107 -3.88 -57.05 -32.70
CA ALA X 107 -2.96 -56.77 -33.80
C ALA X 107 -1.60 -57.36 -33.47
N VAL X 108 -0.71 -57.32 -34.45
CA VAL X 108 0.68 -57.75 -34.29
C VAL X 108 1.49 -56.48 -33.99
N ASP X 109 1.64 -56.18 -32.69
CA ASP X 109 2.24 -54.90 -32.30
C ASP X 109 3.74 -54.89 -32.50
N VAL X 110 4.44 -55.96 -32.13
CA VAL X 110 5.89 -56.02 -32.16
C VAL X 110 6.31 -56.92 -33.31
N TRP X 111 7.10 -56.39 -34.23
CA TRP X 111 7.57 -57.12 -35.40
C TRP X 111 9.06 -57.39 -35.29
N GLY X 112 9.46 -58.60 -35.65
CA GLY X 112 10.86 -58.96 -35.70
C GLY X 112 11.58 -58.25 -36.83
N GLN X 113 12.89 -58.51 -36.91
CA GLN X 113 13.72 -57.87 -37.93
C GLN X 113 13.27 -58.29 -39.33
N GLY X 114 13.20 -59.60 -39.57
CA GLY X 114 12.82 -60.12 -40.87
C GLY X 114 13.96 -60.78 -41.62
N THR X 115 13.83 -62.07 -41.92
CA THR X 115 14.87 -62.84 -42.58
C THR X 115 14.51 -63.00 -44.05
N MET X 116 15.39 -62.55 -44.94
CA MET X 116 15.20 -62.72 -46.37
C MET X 116 15.73 -64.09 -46.79
N VAL X 117 14.87 -64.90 -47.40
CA VAL X 117 15.24 -66.21 -47.92
C VAL X 117 15.13 -66.15 -49.44
N ALA X 118 16.22 -66.47 -50.12
CA ALA X 118 16.27 -66.46 -51.59
C ALA X 118 16.43 -67.88 -52.09
N VAL X 119 15.49 -68.32 -52.93
CA VAL X 119 15.52 -69.68 -53.47
C VAL X 119 15.55 -69.64 -54.99
#